data_5W1V
#
_entry.id   5W1V
#
_cell.length_a   71.646
_cell.length_b   228.246
_cell.length_c   276.872
_cell.angle_alpha   90.00
_cell.angle_beta   90.00
_cell.angle_gamma   90.00
#
_symmetry.space_group_name_H-M   'P 21 21 21'
#
loop_
_entity.id
_entity.type
_entity.pdbx_description
1 polymer 'HLA class I histocompatibility antigen, alpha chain E'
2 polymer Beta-2-microglobulin
3 polymer 'VMAPRTLIL peptide from CMV gpUL40'
4 polymer 'GF4 T cell receptor alpha chain'
5 polymer 'GF4 T cell receptor beta chain'
#
loop_
_entity_poly.entity_id
_entity_poly.type
_entity_poly.pdbx_seq_one_letter_code
_entity_poly.pdbx_strand_id
1 'polypeptide(L)'
;GSHSLKYFHTSVSRPGRGEPRFISVGYVDDTQFVRFDNDAASPRMVPRAPWMEQEGSEYWDRETRSARDTAQIFRVNLRT
LRGYYNQSEAGSHTLQWMHGCELGPDRRFLRGYEQFAYDGKDYLTLNEDLRSWTAVDTAAQISEQKSNDASEAEHQRAYL
EDTCVEWLHKYLEKGKETLLHLEPPKTHVTHHPISDHEATLRCWALGFYPAEITLTWQQDGEGHTQDTELVETRPAGDGT
FQKWAAVVVPSGEEQRYTCHVQHEGLPEPVTLRWKPAS
;
A,F,K,P
2 'polypeptide(L)'
;MIQRTPKIQVYSRHPAENGKSNFLNCYVSGFHPSDIEVDLLKNGERIEKVEHSDLSFSKDWSFYLLYYTEFTPTEKDEYA
CRVNHVTLSQPKIVKWDRDM
;
B,G,L,Q
3 'polypeptide(L)' VMAPRTLIL C,H,M,R
4 'polypeptide(L)'
;GQQLNQSPQSMFIQEGEDVSMNCTSSSIFNTWLWYKQDPGEGPVLLIALYKAGELTSNGRLTAQFGITRKDSFLNISASI
PSDVGIYFCAGQPLGGSNYKLTFGKGTLLTVNPNIQNPDPAVYQLRDSKSSDKSVCLFTDFDSQTNVSQSKDSDVYITDK
CVLDMRSMDFKSNSAVAWSNKSDFACANAFNNSIIPEDTFFPSPESS
;
D,I,N,S
5 'polypeptide(L)'
;DSGVTQTPKHLITATGQRVTLRCSPRSGDLSVYWYQQSLDQGLQFLIQYYNGEERAKGNILERFSAQQFPDLHSELNLSS
LELGDSALYFCASSANPGDSSNEKLFFGSGTQLSVLEDLNKVFPPEVAVFEPSEAEISHTQKATLVCLATGFYPDHVELS
WWVNGKEVHSGVCTDPQPLKEQPALNDSRYALSSRLRVSATFWQNPRNHFRCQVQFYGLSENDEWTQDRAKPVTQIVSAE
AWGRAD
;
E,J,O,T
#
# COMPACT_ATOMS: atom_id res chain seq x y z
N SER A 2 -41.13 17.63 -8.66
CA SER A 2 -39.94 17.71 -7.79
C SER A 2 -38.80 16.82 -8.30
N HIS A 3 -37.57 17.33 -8.18
CA HIS A 3 -36.36 16.62 -8.58
C HIS A 3 -35.36 16.68 -7.44
N SER A 4 -34.48 15.68 -7.34
CA SER A 4 -33.50 15.64 -6.25
C SER A 4 -32.15 15.11 -6.68
N LEU A 5 -31.07 15.74 -6.17
CA LEU A 5 -29.69 15.30 -6.41
C LEU A 5 -29.18 14.59 -5.14
N LYS A 6 -29.06 13.26 -5.22
CA LYS A 6 -28.63 12.43 -4.09
C LYS A 6 -27.28 11.76 -4.36
N TYR A 7 -26.53 11.45 -3.30
CA TYR A 7 -25.24 10.77 -3.39
C TYR A 7 -25.10 9.70 -2.32
N PHE A 8 -24.73 8.47 -2.72
CA PHE A 8 -24.63 7.33 -1.82
C PHE A 8 -23.18 6.81 -1.74
N HIS A 9 -22.43 7.29 -0.73
CA HIS A 9 -21.02 6.96 -0.50
C HIS A 9 -20.89 5.79 0.46
N THR A 10 -20.00 4.84 0.16
CA THR A 10 -19.77 3.63 0.96
C THR A 10 -18.30 3.29 1.12
N SER A 11 -17.87 3.02 2.36
CA SER A 11 -16.51 2.59 2.66
C SER A 11 -16.57 1.31 3.48
N VAL A 12 -15.78 0.29 3.10
CA VAL A 12 -15.75 -1.01 3.81
C VAL A 12 -14.31 -1.42 4.13
N SER A 13 -14.01 -1.60 5.43
CA SER A 13 -12.68 -2.02 5.89
C SER A 13 -12.40 -3.45 5.45
N ARG A 14 -11.15 -3.74 5.03
CA ARG A 14 -10.81 -5.05 4.51
C ARG A 14 -9.58 -5.65 5.22
N PRO A 15 -9.81 -6.48 6.27
CA PRO A 15 -8.67 -7.06 7.00
C PRO A 15 -7.86 -8.02 6.14
N GLY A 16 -6.60 -7.66 5.91
CA GLY A 16 -5.67 -8.46 5.11
C GLY A 16 -5.74 -8.23 3.62
N ARG A 17 -6.89 -7.74 3.10
CA ARG A 17 -7.08 -7.47 1.67
C ARG A 17 -6.42 -6.15 1.23
N GLY A 18 -5.95 -5.37 2.19
CA GLY A 18 -5.28 -4.09 1.93
C GLY A 18 -6.06 -2.88 2.42
N GLU A 19 -6.09 -1.82 1.60
CA GLU A 19 -6.80 -0.57 1.89
C GLU A 19 -8.34 -0.78 1.81
N PRO A 20 -9.18 0.03 2.52
CA PRO A 20 -10.64 -0.19 2.46
C PRO A 20 -11.24 0.20 1.11
N ARG A 21 -12.42 -0.34 0.79
CA ARG A 21 -13.08 -0.09 -0.49
C ARG A 21 -14.12 1.06 -0.43
N PHE A 22 -13.85 2.16 -1.17
CA PHE A 22 -14.74 3.33 -1.27
C PHE A 22 -15.50 3.32 -2.60
N ILE A 23 -16.84 3.45 -2.54
CA ILE A 23 -17.73 3.46 -3.70
C ILE A 23 -18.81 4.50 -3.47
N SER A 24 -18.90 5.51 -4.34
CA SER A 24 -19.95 6.53 -4.27
C SER A 24 -20.72 6.61 -5.57
N VAL A 25 -22.06 6.75 -5.49
CA VAL A 25 -22.91 6.81 -6.68
C VAL A 25 -23.83 8.04 -6.67
N GLY A 26 -23.90 8.72 -7.81
CA GLY A 26 -24.73 9.90 -7.98
C GLY A 26 -26.07 9.60 -8.61
N TYR A 27 -27.12 10.26 -8.14
CA TYR A 27 -28.48 10.05 -8.64
C TYR A 27 -29.21 11.35 -8.89
N VAL A 28 -29.55 11.62 -10.16
CA VAL A 28 -30.41 12.75 -10.52
C VAL A 28 -31.79 12.09 -10.66
N ASP A 29 -32.69 12.34 -9.71
CA ASP A 29 -34.02 11.71 -9.63
C ASP A 29 -33.87 10.18 -9.42
N ASP A 30 -34.54 9.36 -10.24
CA ASP A 30 -34.45 7.90 -10.16
C ASP A 30 -33.40 7.36 -11.15
N THR A 31 -32.44 8.21 -11.55
CA THR A 31 -31.40 7.88 -12.54
C THR A 31 -29.98 8.02 -11.97
N GLN A 32 -29.20 6.93 -12.01
CA GLN A 32 -27.79 6.95 -11.60
C GLN A 32 -27.00 7.61 -12.73
N PHE A 33 -26.30 8.70 -12.43
CA PHE A 33 -25.61 9.44 -13.48
C PHE A 33 -24.08 9.39 -13.39
N VAL A 34 -23.52 9.14 -12.21
CA VAL A 34 -22.07 9.06 -12.00
C VAL A 34 -21.73 8.00 -10.96
N ARG A 35 -20.45 7.58 -10.91
CA ARG A 35 -19.94 6.64 -9.91
C ARG A 35 -18.45 6.82 -9.67
N PHE A 36 -17.99 6.39 -8.51
CA PHE A 36 -16.59 6.39 -8.15
C PHE A 36 -16.27 5.07 -7.48
N ASP A 37 -15.09 4.52 -7.77
CA ASP A 37 -14.65 3.26 -7.18
C ASP A 37 -13.13 3.27 -7.02
N ASN A 38 -12.64 2.91 -5.84
CA ASN A 38 -11.21 2.86 -5.54
C ASN A 38 -10.61 1.49 -5.87
N ASP A 39 -11.48 0.45 -6.02
CA ASP A 39 -11.04 -0.92 -6.31
C ASP A 39 -10.33 -1.06 -7.66
N ALA A 40 -10.63 -0.14 -8.60
CA ALA A 40 -9.99 -0.12 -9.92
C ALA A 40 -8.64 0.63 -9.87
N ALA A 41 -7.71 0.28 -10.79
CA ALA A 41 -6.42 0.96 -10.94
C ALA A 41 -6.70 2.35 -11.52
N SER A 42 -7.84 2.48 -12.23
CA SER A 42 -8.40 3.70 -12.79
C SER A 42 -9.37 4.26 -11.69
N PRO A 43 -8.86 5.07 -10.72
CA PRO A 43 -9.72 5.51 -9.62
C PRO A 43 -10.23 6.93 -9.88
N ARG A 44 -11.22 7.07 -10.78
CA ARG A 44 -11.78 8.37 -11.14
C ARG A 44 -13.30 8.34 -11.14
N MET A 45 -13.91 9.54 -11.08
CA MET A 45 -15.36 9.69 -11.19
C MET A 45 -15.69 9.49 -12.67
N VAL A 46 -16.53 8.53 -12.97
CA VAL A 46 -16.85 8.18 -14.36
C VAL A 46 -18.33 8.42 -14.70
N PRO A 47 -18.67 8.72 -15.98
CA PRO A 47 -20.09 8.94 -16.33
C PRO A 47 -20.88 7.63 -16.41
N ARG A 48 -22.06 7.62 -15.78
CA ARG A 48 -22.92 6.44 -15.74
C ARG A 48 -24.24 6.67 -16.47
N ALA A 49 -24.40 7.87 -17.04
CA ALA A 49 -25.54 8.28 -17.86
C ALA A 49 -24.98 8.84 -19.18
N PRO A 50 -25.63 8.59 -20.34
CA PRO A 50 -25.08 9.08 -21.62
C PRO A 50 -24.95 10.61 -21.72
N TRP A 51 -25.80 11.37 -21.00
CA TRP A 51 -25.75 12.83 -21.01
C TRP A 51 -24.53 13.39 -20.26
N MET A 52 -23.86 12.55 -19.44
CA MET A 52 -22.66 12.93 -18.70
C MET A 52 -21.40 12.61 -19.50
N GLU A 53 -21.51 11.66 -20.48
CA GLU A 53 -20.39 11.20 -21.33
C GLU A 53 -19.58 12.38 -21.90
N GLN A 54 -20.28 13.43 -22.36
CA GLN A 54 -19.62 14.64 -22.86
C GLN A 54 -19.82 15.78 -21.86
N GLU A 55 -18.80 16.03 -21.00
CA GLU A 55 -18.88 17.04 -19.94
C GLU A 55 -17.59 17.87 -19.76
N GLY A 56 -16.46 17.32 -20.18
CA GLY A 56 -15.17 18.00 -20.04
C GLY A 56 -14.38 17.47 -18.85
N SER A 57 -13.06 17.70 -18.85
CA SER A 57 -12.20 17.14 -17.81
C SER A 57 -12.06 17.98 -16.53
N GLU A 58 -12.54 19.25 -16.50
CA GLU A 58 -12.47 20.04 -15.25
C GLU A 58 -13.39 19.37 -14.23
N TYR A 59 -14.64 19.09 -14.68
CA TYR A 59 -15.67 18.43 -13.88
C TYR A 59 -15.17 17.08 -13.36
N TRP A 60 -14.59 16.25 -14.27
CA TRP A 60 -14.08 14.93 -13.88
C TRP A 60 -12.85 15.03 -12.98
N ASP A 61 -12.08 16.14 -13.07
CA ASP A 61 -10.91 16.36 -12.21
C ASP A 61 -11.34 16.74 -10.80
N ARG A 62 -12.33 17.66 -10.68
CA ARG A 62 -12.89 18.14 -9.40
C ARG A 62 -13.45 16.98 -8.61
N GLU A 63 -14.42 16.26 -9.20
CA GLU A 63 -15.12 15.14 -8.58
C GLU A 63 -14.21 14.00 -8.18
N THR A 64 -13.10 13.78 -8.93
CA THR A 64 -12.13 12.74 -8.56
C THR A 64 -11.40 13.18 -7.31
N ARG A 65 -10.81 14.42 -7.30
CA ARG A 65 -10.12 14.96 -6.13
C ARG A 65 -11.05 15.04 -4.90
N SER A 66 -12.35 15.33 -5.13
CA SER A 66 -13.35 15.37 -4.05
C SER A 66 -13.52 13.99 -3.45
N ALA A 67 -13.83 12.97 -4.29
CA ALA A 67 -14.00 11.57 -3.89
C ALA A 67 -12.72 10.96 -3.30
N ARG A 68 -11.55 11.32 -3.87
CA ARG A 68 -10.24 10.86 -3.41
C ARG A 68 -10.04 11.27 -1.96
N ASP A 69 -10.33 12.56 -1.65
CA ASP A 69 -10.19 13.14 -0.31
C ASP A 69 -11.14 12.51 0.67
N THR A 70 -12.40 12.27 0.27
CA THR A 70 -13.42 11.64 1.12
C THR A 70 -12.97 10.23 1.50
N ALA A 71 -12.42 9.48 0.52
CA ALA A 71 -11.92 8.13 0.73
C ALA A 71 -10.79 8.08 1.77
N GLN A 72 -9.87 9.08 1.74
CA GLN A 72 -8.76 9.20 2.69
C GLN A 72 -9.29 9.36 4.12
N ILE A 73 -10.27 10.26 4.29
CA ILE A 73 -10.89 10.56 5.58
C ILE A 73 -11.68 9.36 6.08
N PHE A 74 -12.52 8.75 5.20
CA PHE A 74 -13.33 7.58 5.57
C PHE A 74 -12.48 6.41 6.05
N ARG A 75 -11.28 6.23 5.44
CA ARG A 75 -10.30 5.21 5.85
C ARG A 75 -9.90 5.43 7.31
N VAL A 76 -9.56 6.69 7.66
CA VAL A 76 -9.19 7.07 9.02
C VAL A 76 -10.40 6.98 9.94
N ASN A 77 -11.57 7.52 9.50
CA ASN A 77 -12.84 7.46 10.23
C ASN A 77 -13.13 6.03 10.65
N LEU A 78 -12.76 5.05 9.80
CA LEU A 78 -12.97 3.63 10.08
C LEU A 78 -12.11 3.15 11.25
N ARG A 79 -10.79 3.47 11.25
CA ARG A 79 -9.91 3.07 12.35
C ARG A 79 -10.30 3.79 13.65
N THR A 80 -10.84 5.02 13.50
CA THR A 80 -11.32 5.85 14.61
C THR A 80 -12.58 5.22 15.21
N LEU A 81 -13.58 4.87 14.34
CA LEU A 81 -14.86 4.25 14.74
C LEU A 81 -14.69 2.94 15.52
N ARG A 82 -13.51 2.31 15.41
CA ARG A 82 -13.17 1.09 16.16
C ARG A 82 -13.03 1.42 17.65
N GLY A 83 -12.28 2.50 17.95
CA GLY A 83 -12.04 2.97 19.31
C GLY A 83 -13.32 3.20 20.10
N TYR A 84 -14.34 3.77 19.43
CA TYR A 84 -15.65 4.06 20.02
C TYR A 84 -16.41 2.78 20.41
N TYR A 85 -16.58 1.85 19.44
CA TYR A 85 -17.34 0.61 19.61
C TYR A 85 -16.49 -0.58 20.13
N ASN A 86 -15.20 -0.30 20.50
CA ASN A 86 -14.24 -1.29 21.04
C ASN A 86 -14.05 -2.49 20.10
N GLN A 87 -13.56 -2.22 18.88
CA GLN A 87 -13.36 -3.23 17.85
C GLN A 87 -11.89 -3.59 17.59
N SER A 88 -11.66 -4.64 16.79
CA SER A 88 -10.33 -5.16 16.44
C SER A 88 -10.10 -5.12 14.93
N GLU A 89 -8.83 -5.32 14.51
CA GLU A 89 -8.41 -5.35 13.11
C GLU A 89 -8.90 -6.63 12.38
N ALA A 90 -9.69 -7.48 13.06
CA ALA A 90 -10.18 -8.76 12.54
C ALA A 90 -11.48 -8.67 11.74
N GLY A 91 -12.42 -7.85 12.19
CA GLY A 91 -13.72 -7.70 11.56
C GLY A 91 -13.79 -6.63 10.49
N SER A 92 -14.53 -6.92 9.40
CA SER A 92 -14.78 -5.98 8.31
C SER A 92 -16.03 -5.18 8.65
N HIS A 93 -15.89 -3.84 8.78
CA HIS A 93 -17.00 -2.96 9.12
C HIS A 93 -17.35 -1.97 8.00
N THR A 94 -18.59 -1.42 8.04
CA THR A 94 -19.13 -0.53 7.01
C THR A 94 -19.34 0.92 7.49
N LEU A 95 -18.96 1.90 6.65
CA LEU A 95 -19.20 3.31 6.91
C LEU A 95 -19.91 3.91 5.69
N GLN A 96 -21.18 4.34 5.88
CA GLN A 96 -22.00 4.89 4.79
C GLN A 96 -22.40 6.33 5.03
N TRP A 97 -22.33 7.14 3.99
CA TRP A 97 -22.67 8.55 4.03
C TRP A 97 -23.61 8.88 2.90
N MET A 98 -24.74 9.48 3.22
CA MET A 98 -25.71 9.88 2.20
C MET A 98 -26.09 11.35 2.34
N HIS A 99 -26.18 12.05 1.21
CA HIS A 99 -26.55 13.46 1.19
C HIS A 99 -27.36 13.79 -0.05
N GLY A 100 -28.18 14.82 0.04
CA GLY A 100 -29.00 15.24 -1.07
C GLY A 100 -29.96 16.38 -0.80
N CYS A 101 -30.30 17.10 -1.87
CA CYS A 101 -31.24 18.22 -1.82
C CYS A 101 -32.46 17.88 -2.65
N GLU A 102 -33.62 18.38 -2.26
CA GLU A 102 -34.86 18.15 -2.98
C GLU A 102 -35.44 19.49 -3.39
N LEU A 103 -35.78 19.64 -4.68
CA LEU A 103 -36.38 20.87 -5.17
C LEU A 103 -37.88 20.87 -4.87
N GLY A 104 -38.50 22.04 -4.99
CA GLY A 104 -39.92 22.22 -4.74
C GLY A 104 -40.77 22.11 -6.00
N PRO A 105 -42.11 22.20 -5.87
CA PRO A 105 -42.96 22.18 -7.07
C PRO A 105 -42.88 23.51 -7.84
N ASP A 106 -42.24 24.51 -7.22
CA ASP A 106 -42.01 25.84 -7.79
C ASP A 106 -40.75 25.86 -8.68
N ARG A 107 -39.69 25.15 -8.23
CA ARG A 107 -38.43 25.07 -8.94
C ARG A 107 -37.20 25.36 -8.10
N ARG A 108 -37.40 25.89 -6.87
CA ARG A 108 -36.31 26.24 -5.95
C ARG A 108 -36.25 25.25 -4.77
N PHE A 109 -35.16 25.31 -3.97
CA PHE A 109 -34.89 24.43 -2.81
C PHE A 109 -36.10 24.22 -1.91
N LEU A 110 -36.40 22.94 -1.60
CA LEU A 110 -37.51 22.56 -0.71
C LEU A 110 -36.91 22.06 0.60
N ARG A 111 -36.11 20.96 0.53
CA ARG A 111 -35.46 20.37 1.70
C ARG A 111 -34.08 19.77 1.36
N GLY A 112 -33.32 19.45 2.40
CA GLY A 112 -32.00 18.85 2.30
C GLY A 112 -31.75 17.86 3.42
N TYR A 113 -30.83 16.91 3.21
CA TYR A 113 -30.51 15.90 4.22
C TYR A 113 -29.05 15.45 4.16
N GLU A 114 -28.55 14.94 5.30
CA GLU A 114 -27.19 14.42 5.41
C GLU A 114 -27.05 13.50 6.63
N GLN A 115 -26.88 12.20 6.38
CA GLN A 115 -26.78 11.17 7.41
C GLN A 115 -25.54 10.31 7.25
N PHE A 116 -24.93 9.94 8.37
CA PHE A 116 -23.78 9.03 8.43
C PHE A 116 -24.25 7.78 9.19
N ALA A 117 -23.62 6.62 8.92
CA ALA A 117 -23.97 5.37 9.58
C ALA A 117 -22.80 4.41 9.73
N TYR A 118 -22.71 3.78 10.91
CA TYR A 118 -21.72 2.75 11.16
C TYR A 118 -22.41 1.41 11.15
N ASP A 119 -21.84 0.44 10.40
CA ASP A 119 -22.35 -0.93 10.23
C ASP A 119 -23.87 -0.96 9.93
N GLY A 120 -24.29 -0.12 8.99
CA GLY A 120 -25.68 -0.01 8.55
C GLY A 120 -26.66 0.38 9.63
N LYS A 121 -26.22 1.23 10.57
CA LYS A 121 -27.05 1.70 11.69
C LYS A 121 -26.81 3.20 11.92
N ASP A 122 -27.92 4.00 11.98
CA ASP A 122 -27.90 5.46 12.17
C ASP A 122 -26.84 5.88 13.19
N TYR A 123 -25.89 6.71 12.76
CA TYR A 123 -24.79 7.16 13.61
C TYR A 123 -24.94 8.64 13.97
N LEU A 124 -24.74 9.53 12.99
CA LEU A 124 -24.82 10.97 13.18
C LEU A 124 -25.65 11.59 12.08
N THR A 125 -26.59 12.47 12.46
CA THR A 125 -27.52 13.08 11.50
C THR A 125 -27.53 14.60 11.60
N LEU A 126 -27.50 15.27 10.44
CA LEU A 126 -27.60 16.72 10.34
C LEU A 126 -29.05 17.09 10.64
N ASN A 127 -29.26 18.05 11.57
CA ASN A 127 -30.60 18.50 11.99
C ASN A 127 -31.40 19.08 10.83
N GLU A 128 -32.75 19.04 10.91
CA GLU A 128 -33.65 19.56 9.87
C GLU A 128 -33.27 20.99 9.43
N ASP A 129 -33.02 21.88 10.42
CA ASP A 129 -32.61 23.27 10.23
C ASP A 129 -31.29 23.43 9.45
N LEU A 130 -30.45 22.36 9.42
CA LEU A 130 -29.13 22.30 8.78
C LEU A 130 -28.10 23.22 9.49
N ARG A 131 -28.32 23.48 10.80
CA ARG A 131 -27.45 24.35 11.60
C ARG A 131 -26.49 23.58 12.51
N SER A 132 -26.87 22.34 12.94
CA SER A 132 -26.04 21.50 13.81
C SER A 132 -26.21 19.99 13.57
N TRP A 133 -25.55 19.15 14.38
CA TRP A 133 -25.60 17.68 14.26
C TRP A 133 -26.20 17.03 15.49
N THR A 134 -26.97 15.92 15.29
CA THR A 134 -27.59 15.14 16.36
C THR A 134 -27.09 13.70 16.32
N ALA A 135 -26.57 13.22 17.45
CA ALA A 135 -26.09 11.84 17.57
C ALA A 135 -27.28 10.88 17.77
N VAL A 136 -27.33 9.81 16.95
CA VAL A 136 -28.39 8.80 17.04
C VAL A 136 -27.86 7.55 17.80
N ASP A 137 -26.62 7.65 18.31
CA ASP A 137 -25.99 6.61 19.11
C ASP A 137 -25.09 7.22 20.18
N THR A 138 -25.04 6.58 21.36
CA THR A 138 -24.25 7.01 22.51
C THR A 138 -22.73 7.07 22.22
N ALA A 139 -22.28 6.40 21.15
CA ALA A 139 -20.88 6.39 20.73
C ALA A 139 -20.59 7.52 19.74
N ALA A 140 -21.65 8.10 19.14
CA ALA A 140 -21.52 9.22 18.21
C ALA A 140 -21.33 10.56 18.94
N GLN A 141 -21.66 10.59 20.25
CA GLN A 141 -21.57 11.76 21.14
C GLN A 141 -20.22 12.50 21.04
N ILE A 142 -19.10 11.76 20.96
CA ILE A 142 -17.77 12.35 20.85
C ILE A 142 -17.60 13.02 19.48
N SER A 143 -18.03 12.33 18.40
CA SER A 143 -17.96 12.83 17.01
C SER A 143 -18.89 14.05 16.81
N GLU A 144 -20.04 14.05 17.51
CA GLU A 144 -21.03 15.13 17.45
C GLU A 144 -20.49 16.41 18.09
N GLN A 145 -20.17 16.35 19.41
CA GLN A 145 -19.64 17.51 20.15
C GLN A 145 -18.16 17.75 19.83
N LYS A 146 -17.84 17.60 18.55
CA LYS A 146 -16.55 17.79 17.91
C LYS A 146 -16.90 18.60 16.66
N SER A 147 -17.93 18.13 15.90
CA SER A 147 -18.46 18.73 14.68
C SER A 147 -19.18 20.04 15.00
N ASN A 148 -20.10 20.02 16.00
CA ASN A 148 -20.89 21.17 16.44
C ASN A 148 -20.01 22.34 16.88
N ASP A 149 -18.85 22.03 17.47
CA ASP A 149 -17.92 23.04 17.95
C ASP A 149 -17.05 23.63 16.84
N ALA A 150 -16.79 22.86 15.77
CA ALA A 150 -15.96 23.33 14.65
C ALA A 150 -16.79 23.96 13.52
N SER A 151 -18.12 24.18 13.78
CA SER A 151 -19.09 24.75 12.83
C SER A 151 -19.13 23.97 11.50
N GLU A 152 -19.09 22.63 11.58
CA GLU A 152 -19.08 21.79 10.40
C GLU A 152 -20.36 21.87 9.57
N ALA A 153 -21.51 21.95 10.26
CA ALA A 153 -22.83 22.05 9.64
C ALA A 153 -22.96 23.20 8.65
N GLU A 154 -22.14 24.25 8.81
CA GLU A 154 -22.14 25.42 7.92
C GLU A 154 -21.68 25.05 6.51
N HIS A 155 -20.66 24.19 6.41
CA HIS A 155 -20.13 23.73 5.12
C HIS A 155 -21.17 22.93 4.38
N GLN A 156 -21.84 22.02 5.10
CA GLN A 156 -22.88 21.17 4.54
C GLN A 156 -24.13 21.98 4.17
N ARG A 157 -24.40 23.06 4.92
CA ARG A 157 -25.54 23.94 4.68
C ARG A 157 -25.40 24.66 3.33
N ALA A 158 -24.19 25.16 3.02
CA ALA A 158 -23.89 25.85 1.75
C ALA A 158 -24.08 24.91 0.56
N TYR A 159 -23.54 23.66 0.66
CA TYR A 159 -23.68 22.66 -0.41
C TYR A 159 -25.16 22.32 -0.62
N LEU A 160 -25.86 21.90 0.46
CA LEU A 160 -27.26 21.49 0.38
C LEU A 160 -28.21 22.57 -0.13
N GLU A 161 -28.06 23.82 0.34
CA GLU A 161 -28.92 24.94 -0.08
C GLU A 161 -28.51 25.55 -1.43
N ASP A 162 -27.20 25.74 -1.68
CA ASP A 162 -26.73 26.38 -2.90
C ASP A 162 -26.21 25.41 -3.98
N THR A 163 -24.97 24.87 -3.80
CA THR A 163 -24.28 24.00 -4.75
C THR A 163 -25.15 22.86 -5.32
N CYS A 164 -25.67 21.97 -4.43
CA CYS A 164 -26.51 20.83 -4.77
C CYS A 164 -27.64 21.26 -5.70
N VAL A 165 -28.41 22.29 -5.28
CA VAL A 165 -29.55 22.85 -6.04
C VAL A 165 -29.08 23.40 -7.38
N GLU A 166 -28.06 24.28 -7.36
CA GLU A 166 -27.48 24.90 -8.56
C GLU A 166 -27.15 23.83 -9.60
N TRP A 167 -26.34 22.84 -9.21
CA TRP A 167 -25.91 21.75 -10.09
C TRP A 167 -27.05 20.84 -10.54
N LEU A 168 -28.07 20.63 -9.68
CA LEU A 168 -29.22 19.79 -10.02
C LEU A 168 -29.95 20.33 -11.25
N HIS A 169 -30.19 21.67 -11.29
CA HIS A 169 -30.82 22.35 -12.43
C HIS A 169 -29.97 22.09 -13.67
N LYS A 170 -28.63 22.27 -13.54
CA LYS A 170 -27.65 22.05 -14.61
C LYS A 170 -27.82 20.65 -15.20
N TYR A 171 -27.79 19.58 -14.35
CA TYR A 171 -27.96 18.18 -14.78
C TYR A 171 -29.33 17.92 -15.43
N LEU A 172 -30.41 18.50 -14.85
CA LEU A 172 -31.77 18.34 -15.37
C LEU A 172 -31.86 18.91 -16.78
N GLU A 173 -31.20 20.07 -17.00
CA GLU A 173 -31.13 20.69 -18.31
C GLU A 173 -30.25 19.82 -19.23
N LYS A 174 -29.09 19.31 -18.71
CA LYS A 174 -28.16 18.47 -19.47
C LYS A 174 -28.85 17.29 -20.16
N GLY A 175 -29.80 16.67 -19.45
CA GLY A 175 -30.56 15.55 -19.98
C GLY A 175 -32.07 15.75 -19.89
N LYS A 176 -32.59 16.83 -20.52
CA LYS A 176 -34.03 17.12 -20.56
C LYS A 176 -34.79 16.01 -21.30
N GLU A 177 -34.25 15.60 -22.49
CA GLU A 177 -34.80 14.57 -23.37
C GLU A 177 -34.88 13.19 -22.72
N THR A 178 -34.23 13.02 -21.55
CA THR A 178 -34.21 11.75 -20.82
C THR A 178 -34.91 11.87 -19.45
N LEU A 179 -34.38 12.74 -18.57
CA LEU A 179 -34.88 12.92 -17.19
C LEU A 179 -36.29 13.50 -17.14
N LEU A 180 -36.52 14.64 -17.81
CA LEU A 180 -37.82 15.31 -17.78
C LEU A 180 -38.88 14.62 -18.64
N HIS A 181 -38.46 13.78 -19.61
CA HIS A 181 -39.39 12.99 -20.42
C HIS A 181 -40.01 11.89 -19.56
N LEU A 182 -41.34 11.77 -19.60
CA LEU A 182 -42.05 10.79 -18.79
C LEU A 182 -42.50 9.60 -19.62
N GLU A 183 -42.06 8.40 -19.21
CA GLU A 183 -42.44 7.15 -19.90
C GLU A 183 -43.61 6.50 -19.13
N PRO A 184 -44.83 6.48 -19.71
CA PRO A 184 -45.98 5.89 -19.00
C PRO A 184 -45.91 4.36 -18.98
N PRO A 185 -46.56 3.67 -18.00
CA PRO A 185 -46.44 2.21 -17.94
C PRO A 185 -47.32 1.44 -18.92
N LYS A 186 -46.75 0.37 -19.53
CA LYS A 186 -47.49 -0.55 -20.40
C LYS A 186 -48.20 -1.50 -19.46
N THR A 187 -49.54 -1.50 -19.49
CA THR A 187 -50.31 -2.31 -18.55
C THR A 187 -51.11 -3.43 -19.21
N HIS A 188 -51.05 -4.64 -18.63
CA HIS A 188 -51.81 -5.81 -19.07
C HIS A 188 -52.08 -6.78 -17.91
N VAL A 189 -53.23 -7.48 -17.98
CA VAL A 189 -53.64 -8.44 -16.95
C VAL A 189 -53.50 -9.88 -17.48
N THR A 190 -52.66 -10.69 -16.81
CA THR A 190 -52.42 -12.09 -17.20
C THR A 190 -53.03 -13.06 -16.18
N HIS A 191 -53.61 -14.18 -16.67
CA HIS A 191 -54.24 -15.17 -15.82
C HIS A 191 -53.45 -16.47 -15.71
N HIS A 192 -53.22 -16.93 -14.47
CA HIS A 192 -52.51 -18.15 -14.16
C HIS A 192 -53.36 -18.99 -13.18
N PRO A 193 -54.09 -20.00 -13.71
CA PRO A 193 -55.00 -20.78 -12.84
C PRO A 193 -54.29 -21.66 -11.81
N ILE A 194 -55.03 -22.05 -10.74
CA ILE A 194 -54.53 -22.91 -9.67
C ILE A 194 -55.26 -24.26 -9.68
N SER A 195 -56.52 -24.28 -9.19
CA SER A 195 -57.33 -25.50 -9.09
C SER A 195 -58.80 -25.21 -9.47
N ASP A 196 -59.73 -26.07 -9.02
CA ASP A 196 -61.17 -25.96 -9.28
C ASP A 196 -61.76 -24.65 -8.73
N HIS A 197 -61.26 -24.19 -7.55
CA HIS A 197 -61.73 -22.97 -6.90
C HIS A 197 -60.77 -21.81 -7.09
N GLU A 198 -59.51 -22.00 -6.66
CA GLU A 198 -58.49 -20.96 -6.70
C GLU A 198 -57.98 -20.66 -8.10
N ALA A 199 -57.52 -19.40 -8.29
CA ALA A 199 -56.95 -18.86 -9.53
C ALA A 199 -56.18 -17.57 -9.18
N THR A 200 -55.15 -17.22 -9.98
CA THR A 200 -54.34 -16.01 -9.73
C THR A 200 -54.43 -15.02 -10.89
N LEU A 201 -54.81 -13.77 -10.60
CA LEU A 201 -54.87 -12.68 -11.58
C LEU A 201 -53.83 -11.62 -11.26
N ARG A 202 -52.97 -11.28 -12.25
CA ARG A 202 -51.84 -10.37 -12.08
C ARG A 202 -51.95 -9.11 -12.94
N CYS A 203 -51.65 -7.94 -12.34
CA CYS A 203 -51.65 -6.65 -13.02
C CYS A 203 -50.20 -6.24 -13.31
N TRP A 204 -49.78 -6.32 -14.59
CA TRP A 204 -48.41 -5.99 -15.00
C TRP A 204 -48.25 -4.53 -15.39
N ALA A 205 -47.39 -3.79 -14.66
CA ALA A 205 -47.05 -2.40 -14.99
C ALA A 205 -45.59 -2.40 -15.42
N LEU A 206 -45.35 -2.34 -16.74
CA LEU A 206 -44.01 -2.48 -17.30
C LEU A 206 -43.54 -1.30 -18.14
N GLY A 207 -42.30 -0.89 -17.92
CA GLY A 207 -41.65 0.20 -18.65
C GLY A 207 -42.11 1.58 -18.24
N PHE A 208 -41.92 1.92 -16.96
CA PHE A 208 -42.32 3.22 -16.43
C PHE A 208 -41.17 3.95 -15.73
N TYR A 209 -41.18 5.29 -15.81
CA TYR A 209 -40.21 6.16 -15.15
C TYR A 209 -40.88 7.48 -14.74
N PRO A 210 -40.72 7.96 -13.47
CA PRO A 210 -39.94 7.38 -12.37
C PRO A 210 -40.59 6.16 -11.71
N ALA A 211 -39.86 5.50 -10.78
CA ALA A 211 -40.31 4.29 -10.08
C ALA A 211 -41.56 4.48 -9.21
N GLU A 212 -41.87 5.72 -8.79
CA GLU A 212 -43.04 6.00 -7.95
C GLU A 212 -44.35 5.66 -8.68
N ILE A 213 -44.94 4.51 -8.33
CA ILE A 213 -46.18 4.03 -8.93
C ILE A 213 -47.14 3.45 -7.87
N THR A 214 -48.42 3.27 -8.24
CA THR A 214 -49.47 2.71 -7.39
C THR A 214 -50.28 1.68 -8.18
N LEU A 215 -50.40 0.46 -7.62
CA LEU A 215 -51.16 -0.64 -8.22
C LEU A 215 -51.94 -1.35 -7.12
N THR A 216 -53.28 -1.34 -7.21
CA THR A 216 -54.15 -1.98 -6.22
C THR A 216 -55.35 -2.69 -6.85
N TRP A 217 -55.78 -3.81 -6.23
CA TRP A 217 -56.94 -4.60 -6.67
C TRP A 217 -58.18 -4.21 -5.84
N GLN A 218 -59.34 -4.05 -6.51
CA GLN A 218 -60.60 -3.65 -5.88
C GLN A 218 -61.59 -4.82 -5.77
N GLN A 219 -62.29 -4.91 -4.60
CA GLN A 219 -63.32 -5.89 -4.23
C GLN A 219 -63.09 -7.30 -4.81
N GLY A 223 -63.10 -2.34 -2.45
CA GLY A 223 -61.74 -2.17 -1.97
C GLY A 223 -61.17 -3.43 -1.33
N HIS A 224 -60.52 -4.27 -2.14
CA HIS A 224 -59.94 -5.53 -1.68
C HIS A 224 -58.63 -5.30 -0.91
N THR A 225 -58.68 -5.47 0.42
CA THR A 225 -57.55 -5.28 1.33
C THR A 225 -56.95 -6.61 1.80
N GLN A 226 -57.81 -7.62 2.05
CA GLN A 226 -57.41 -8.92 2.60
C GLN A 226 -56.50 -9.78 1.70
N ASP A 227 -55.22 -9.93 2.13
CA ASP A 227 -54.15 -10.75 1.53
C ASP A 227 -53.84 -10.45 0.04
N THR A 228 -53.19 -9.29 -0.23
CA THR A 228 -52.78 -8.92 -1.59
C THR A 228 -51.28 -9.13 -1.75
N GLU A 229 -50.87 -9.88 -2.80
CA GLU A 229 -49.45 -10.13 -3.08
C GLU A 229 -48.89 -9.03 -4.00
N LEU A 230 -47.98 -8.20 -3.45
CA LEU A 230 -47.37 -7.09 -4.17
C LEU A 230 -45.84 -7.22 -4.14
N VAL A 231 -45.18 -7.06 -5.30
CA VAL A 231 -43.72 -7.13 -5.41
C VAL A 231 -43.06 -5.76 -5.31
N GLU A 232 -41.80 -5.72 -4.88
CA GLU A 232 -40.99 -4.49 -4.80
C GLU A 232 -40.77 -3.95 -6.23
N THR A 233 -40.70 -2.61 -6.38
CA THR A 233 -40.46 -2.00 -7.69
C THR A 233 -39.04 -2.37 -8.13
N ARG A 234 -38.95 -3.20 -9.17
CA ARG A 234 -37.69 -3.72 -9.67
C ARG A 234 -37.19 -2.96 -10.90
N PRO A 235 -35.86 -2.73 -11.02
CA PRO A 235 -35.34 -2.06 -12.22
C PRO A 235 -35.40 -3.00 -13.42
N ALA A 236 -35.94 -2.53 -14.54
CA ALA A 236 -36.06 -3.33 -15.76
C ALA A 236 -34.68 -3.69 -16.32
N GLY A 237 -33.72 -2.79 -16.11
CA GLY A 237 -32.35 -2.96 -16.58
C GLY A 237 -32.00 -1.99 -17.69
N ASP A 238 -33.02 -1.37 -18.31
CA ASP A 238 -32.86 -0.42 -19.41
C ASP A 238 -33.00 1.05 -18.96
N GLY A 239 -33.32 1.26 -17.70
CA GLY A 239 -33.53 2.60 -17.14
C GLY A 239 -34.93 2.80 -16.61
N THR A 240 -35.89 1.98 -17.09
CA THR A 240 -37.28 2.02 -16.66
C THR A 240 -37.48 1.05 -15.48
N PHE A 241 -38.72 0.91 -15.01
CA PHE A 241 -39.04 0.04 -13.87
C PHE A 241 -40.19 -0.93 -14.16
N GLN A 242 -40.37 -1.90 -13.25
CA GLN A 242 -41.42 -2.92 -13.34
C GLN A 242 -42.07 -3.14 -11.98
N LYS A 243 -43.38 -3.45 -11.97
CA LYS A 243 -44.13 -3.78 -10.75
C LYS A 243 -45.41 -4.56 -11.07
N TRP A 244 -45.84 -5.44 -10.15
CA TRP A 244 -47.08 -6.21 -10.30
C TRP A 244 -47.74 -6.56 -8.98
N ALA A 245 -49.09 -6.68 -9.01
CA ALA A 245 -49.91 -7.06 -7.87
C ALA A 245 -50.82 -8.23 -8.27
N ALA A 246 -50.84 -9.29 -7.44
CA ALA A 246 -51.62 -10.50 -7.69
C ALA A 246 -52.76 -10.66 -6.69
N VAL A 247 -53.84 -11.36 -7.11
CA VAL A 247 -55.03 -11.58 -6.27
C VAL A 247 -55.61 -13.01 -6.46
N VAL A 248 -56.10 -13.61 -5.34
CA VAL A 248 -56.74 -14.93 -5.31
C VAL A 248 -58.17 -14.76 -5.81
N VAL A 249 -58.48 -15.31 -7.00
CA VAL A 249 -59.80 -15.16 -7.63
C VAL A 249 -60.60 -16.47 -7.60
N PRO A 250 -61.84 -16.45 -7.03
CA PRO A 250 -62.69 -17.65 -7.09
C PRO A 250 -63.13 -17.89 -8.54
N SER A 251 -62.70 -19.04 -9.10
CA SER A 251 -62.90 -19.46 -10.49
C SER A 251 -64.26 -19.09 -11.10
N GLY A 252 -64.21 -18.60 -12.34
CA GLY A 252 -65.39 -18.20 -13.10
C GLY A 252 -65.75 -16.73 -12.96
N GLU A 253 -65.89 -16.24 -11.71
CA GLU A 253 -66.26 -14.86 -11.41
C GLU A 253 -65.02 -13.95 -11.37
N GLU A 254 -64.55 -13.52 -12.56
CA GLU A 254 -63.36 -12.69 -12.74
C GLU A 254 -63.67 -11.21 -12.77
N GLN A 255 -64.73 -10.80 -13.49
CA GLN A 255 -65.14 -9.40 -13.66
C GLN A 255 -65.48 -8.69 -12.34
N ARG A 256 -65.64 -9.47 -11.24
CA ARG A 256 -65.91 -8.96 -9.89
C ARG A 256 -64.72 -8.16 -9.33
N TYR A 257 -63.50 -8.40 -9.86
CA TYR A 257 -62.26 -7.74 -9.43
C TYR A 257 -61.76 -6.74 -10.49
N THR A 258 -61.22 -5.58 -10.04
CA THR A 258 -60.68 -4.52 -10.92
C THR A 258 -59.32 -4.02 -10.43
N CYS A 259 -58.38 -3.77 -11.37
CA CYS A 259 -57.04 -3.27 -11.05
C CYS A 259 -56.90 -1.79 -11.42
N HIS A 260 -56.30 -0.98 -10.50
CA HIS A 260 -56.12 0.46 -10.71
C HIS A 260 -54.64 0.86 -10.72
N VAL A 261 -54.23 1.56 -11.80
CA VAL A 261 -52.85 2.00 -12.02
C VAL A 261 -52.75 3.52 -11.88
N GLN A 262 -51.81 4.00 -11.03
CA GLN A 262 -51.60 5.43 -10.81
C GLN A 262 -50.12 5.81 -10.96
N HIS A 263 -49.82 6.61 -12.01
CA HIS A 263 -48.47 7.07 -12.36
C HIS A 263 -48.52 8.45 -13.03
N GLU A 264 -47.46 9.27 -12.85
CA GLU A 264 -47.35 10.63 -13.44
C GLU A 264 -47.40 10.64 -14.99
N GLY A 265 -46.98 9.54 -15.61
CA GLY A 265 -46.98 9.39 -17.06
C GLY A 265 -48.36 9.30 -17.68
N LEU A 266 -49.40 9.04 -16.85
CA LEU A 266 -50.79 8.91 -17.30
C LEU A 266 -51.56 10.21 -17.03
N PRO A 267 -52.39 10.70 -18.00
CA PRO A 267 -53.19 11.91 -17.74
C PRO A 267 -54.29 11.64 -16.72
N GLU A 268 -54.98 10.51 -16.86
CA GLU A 268 -56.06 10.08 -15.96
C GLU A 268 -55.73 8.68 -15.41
N PRO A 269 -56.03 8.39 -14.12
CA PRO A 269 -55.73 7.04 -13.58
C PRO A 269 -56.44 5.94 -14.38
N VAL A 270 -55.68 4.92 -14.81
CA VAL A 270 -56.19 3.83 -15.66
C VAL A 270 -56.64 2.61 -14.86
N THR A 271 -57.82 2.06 -15.21
CA THR A 271 -58.39 0.85 -14.61
C THR A 271 -58.32 -0.29 -15.65
N LEU A 272 -58.08 -1.54 -15.19
CA LEU A 272 -57.94 -2.68 -16.11
C LEU A 272 -58.60 -3.98 -15.61
N ARG A 273 -59.02 -4.83 -16.57
CA ARG A 273 -59.65 -6.14 -16.36
C ARG A 273 -59.01 -7.17 -17.33
N TRP A 274 -59.12 -8.48 -17.03
CA TRP A 274 -58.54 -9.53 -17.88
C TRP A 274 -59.36 -9.81 -19.14
N LYS A 275 -58.67 -9.87 -20.30
CA LYS A 275 -59.28 -10.18 -21.59
C LYS A 275 -59.14 -11.70 -21.88
N PRO A 276 -60.24 -12.47 -21.84
CA PRO A 276 -60.13 -13.90 -22.10
C PRO A 276 -60.26 -14.24 -23.61
N MET B 1 -25.00 -6.25 15.81
CA MET B 1 -24.68 -5.73 14.48
C MET B 1 -25.84 -5.93 13.50
N ILE B 2 -25.95 -5.04 12.50
CA ILE B 2 -27.00 -5.12 11.48
C ILE B 2 -26.70 -6.25 10.49
N GLN B 3 -27.56 -7.29 10.50
CA GLN B 3 -27.46 -8.43 9.60
C GLN B 3 -28.83 -8.60 8.93
N ARG B 4 -28.97 -8.08 7.70
CA ARG B 4 -30.22 -8.14 6.94
C ARG B 4 -30.10 -9.12 5.78
N THR B 5 -31.11 -10.00 5.63
CA THR B 5 -31.13 -11.03 4.58
C THR B 5 -31.59 -10.46 3.20
N PRO B 6 -31.05 -10.97 2.06
CA PRO B 6 -31.43 -10.38 0.76
C PRO B 6 -32.78 -10.80 0.21
N LYS B 7 -33.47 -9.84 -0.41
CA LYS B 7 -34.72 -10.04 -1.14
C LYS B 7 -34.28 -10.34 -2.57
N ILE B 8 -34.74 -11.47 -3.14
CA ILE B 8 -34.31 -11.86 -4.49
C ILE B 8 -35.47 -11.89 -5.48
N GLN B 9 -35.28 -11.23 -6.64
CA GLN B 9 -36.26 -11.21 -7.74
C GLN B 9 -35.58 -11.62 -9.05
N VAL B 10 -36.05 -12.73 -9.67
CA VAL B 10 -35.53 -13.23 -10.95
C VAL B 10 -36.57 -13.03 -12.01
N TYR B 11 -36.21 -12.26 -13.04
CA TYR B 11 -37.13 -11.87 -14.11
C TYR B 11 -36.37 -11.52 -15.39
N SER B 12 -37.12 -11.09 -16.41
CA SER B 12 -36.60 -10.65 -17.71
C SER B 12 -36.92 -9.17 -17.92
N ARG B 13 -36.18 -8.49 -18.82
CA ARG B 13 -36.39 -7.07 -19.13
C ARG B 13 -37.72 -6.83 -19.85
N HIS B 14 -38.01 -7.67 -20.86
CA HIS B 14 -39.23 -7.59 -21.67
C HIS B 14 -40.01 -8.91 -21.56
N PRO B 15 -41.23 -9.06 -22.17
CA PRO B 15 -41.92 -10.35 -22.12
C PRO B 15 -41.14 -11.46 -22.82
N ALA B 16 -41.00 -12.61 -22.15
CA ALA B 16 -40.24 -13.74 -22.68
C ALA B 16 -40.93 -14.39 -23.86
N GLU B 17 -40.18 -14.56 -24.96
CA GLU B 17 -40.63 -15.23 -26.19
C GLU B 17 -39.55 -16.22 -26.60
N ASN B 18 -39.95 -17.44 -26.95
CA ASN B 18 -39.00 -18.49 -27.33
C ASN B 18 -38.41 -18.21 -28.70
N GLY B 19 -37.08 -18.09 -28.75
CA GLY B 19 -36.33 -17.79 -29.97
C GLY B 19 -36.03 -16.31 -30.15
N LYS B 20 -36.57 -15.46 -29.25
CA LYS B 20 -36.38 -14.00 -29.26
C LYS B 20 -35.37 -13.59 -28.16
N SER B 21 -34.35 -12.78 -28.51
CA SER B 21 -33.32 -12.34 -27.57
C SER B 21 -33.87 -11.39 -26.50
N ASN B 22 -33.35 -11.51 -25.26
CA ASN B 22 -33.78 -10.75 -24.10
C ASN B 22 -32.63 -10.58 -23.08
N PHE B 23 -32.97 -10.20 -21.83
CA PHE B 23 -32.02 -10.01 -20.74
C PHE B 23 -32.56 -10.64 -19.45
N LEU B 24 -31.70 -11.32 -18.68
CA LEU B 24 -32.09 -11.97 -17.44
C LEU B 24 -31.56 -11.21 -16.23
N ASN B 25 -32.47 -10.74 -15.36
CA ASN B 25 -32.11 -9.98 -14.17
C ASN B 25 -32.35 -10.76 -12.88
N CYS B 26 -31.38 -10.70 -11.96
CA CYS B 26 -31.49 -11.26 -10.61
C CYS B 26 -31.19 -10.09 -9.68
N TYR B 27 -32.26 -9.35 -9.31
CA TYR B 27 -32.18 -8.14 -8.49
C TYR B 27 -32.16 -8.50 -7.01
N VAL B 28 -31.06 -8.15 -6.33
CA VAL B 28 -30.85 -8.43 -4.90
C VAL B 28 -30.88 -7.14 -4.08
N SER B 29 -31.79 -7.06 -3.10
CA SER B 29 -32.00 -5.87 -2.29
C SER B 29 -32.20 -6.17 -0.81
N GLY B 30 -32.27 -5.11 0.00
CA GLY B 30 -32.54 -5.18 1.43
C GLY B 30 -31.52 -5.90 2.29
N PHE B 31 -30.33 -6.18 1.74
CA PHE B 31 -29.28 -6.92 2.46
C PHE B 31 -28.22 -6.03 3.11
N HIS B 32 -27.55 -6.56 4.15
CA HIS B 32 -26.44 -5.92 4.87
C HIS B 32 -25.65 -6.98 5.66
N PRO B 33 -24.29 -7.00 5.61
CA PRO B 33 -23.36 -6.08 4.94
C PRO B 33 -23.29 -6.21 3.40
N SER B 34 -22.36 -5.44 2.79
CA SER B 34 -22.12 -5.32 1.35
C SER B 34 -21.81 -6.62 0.62
N ASP B 35 -20.96 -7.47 1.21
CA ASP B 35 -20.52 -8.73 0.60
C ASP B 35 -21.66 -9.65 0.20
N ILE B 36 -21.78 -9.93 -1.11
CA ILE B 36 -22.81 -10.83 -1.64
C ILE B 36 -22.28 -11.64 -2.82
N GLU B 37 -22.66 -12.92 -2.86
CA GLU B 37 -22.29 -13.82 -3.94
C GLU B 37 -23.54 -14.12 -4.75
N VAL B 38 -23.59 -13.64 -6.00
CA VAL B 38 -24.75 -13.86 -6.87
C VAL B 38 -24.28 -14.46 -8.20
N ASP B 39 -24.86 -15.62 -8.55
CA ASP B 39 -24.56 -16.32 -9.79
C ASP B 39 -25.84 -16.55 -10.56
N LEU B 40 -25.77 -16.60 -11.89
CA LEU B 40 -26.93 -16.89 -12.72
C LEU B 40 -26.72 -18.25 -13.39
N LEU B 41 -27.77 -19.10 -13.36
CA LEU B 41 -27.65 -20.49 -13.81
C LEU B 41 -28.59 -20.87 -14.94
N LYS B 42 -28.02 -21.53 -15.96
CA LYS B 42 -28.78 -22.13 -17.06
C LYS B 42 -28.67 -23.64 -16.89
N ASN B 43 -29.80 -24.29 -16.56
CA ASN B 43 -29.88 -25.75 -16.31
C ASN B 43 -28.85 -26.20 -15.25
N GLY B 44 -28.82 -25.50 -14.13
CA GLY B 44 -27.90 -25.78 -13.03
C GLY B 44 -26.50 -25.24 -13.22
N GLU B 45 -26.04 -25.16 -14.48
CA GLU B 45 -24.69 -24.67 -14.81
C GLU B 45 -24.60 -23.15 -14.76
N ARG B 46 -23.50 -22.63 -14.18
CA ARG B 46 -23.25 -21.18 -14.03
C ARG B 46 -23.12 -20.46 -15.38
N ILE B 47 -23.40 -19.14 -15.37
CA ILE B 47 -23.26 -18.26 -16.54
C ILE B 47 -22.10 -17.30 -16.24
N GLU B 48 -21.05 -17.36 -17.07
CA GLU B 48 -19.86 -16.53 -16.90
C GLU B 48 -20.02 -15.14 -17.53
N LYS B 49 -20.90 -15.02 -18.56
CA LYS B 49 -21.19 -13.77 -19.27
C LYS B 49 -21.87 -12.71 -18.37
N VAL B 50 -22.49 -13.15 -17.25
CA VAL B 50 -23.24 -12.29 -16.32
C VAL B 50 -22.45 -11.03 -15.88
N GLU B 51 -23.16 -9.89 -15.86
CA GLU B 51 -22.66 -8.56 -15.50
C GLU B 51 -23.45 -8.02 -14.29
N HIS B 52 -22.96 -6.93 -13.65
CA HIS B 52 -23.65 -6.37 -12.47
C HIS B 52 -23.61 -4.85 -12.40
N SER B 53 -24.53 -4.27 -11.61
CA SER B 53 -24.69 -2.82 -11.40
C SER B 53 -23.61 -2.24 -10.48
N ASP B 54 -23.86 -1.03 -9.95
CA ASP B 54 -22.97 -0.37 -8.99
C ASP B 54 -23.57 -0.48 -7.61
N LEU B 55 -22.76 -0.92 -6.64
CA LEU B 55 -23.18 -1.09 -5.25
C LEU B 55 -23.74 0.24 -4.72
N SER B 56 -24.98 0.20 -4.24
CA SER B 56 -25.70 1.36 -3.73
C SER B 56 -26.66 0.94 -2.61
N PHE B 57 -27.10 1.89 -1.78
CA PHE B 57 -27.99 1.60 -0.67
C PHE B 57 -29.24 2.47 -0.63
N SER B 58 -30.29 1.99 0.07
CA SER B 58 -31.55 2.72 0.27
C SER B 58 -31.40 3.67 1.47
N LYS B 59 -32.46 4.45 1.77
CA LYS B 59 -32.48 5.39 2.90
C LYS B 59 -32.41 4.64 4.24
N ASP B 60 -32.75 3.34 4.24
CA ASP B 60 -32.71 2.49 5.43
C ASP B 60 -31.33 1.82 5.62
N TRP B 61 -30.34 2.19 4.76
CA TRP B 61 -28.93 1.75 4.76
C TRP B 61 -28.68 0.36 4.13
N SER B 62 -29.75 -0.36 3.75
CA SER B 62 -29.61 -1.67 3.13
C SER B 62 -29.18 -1.55 1.67
N PHE B 63 -28.21 -2.37 1.25
CA PHE B 63 -27.69 -2.35 -0.10
C PHE B 63 -28.63 -2.95 -1.14
N TYR B 64 -28.36 -2.67 -2.44
CA TYR B 64 -29.13 -3.21 -3.57
C TYR B 64 -28.26 -3.29 -4.83
N LEU B 65 -28.31 -4.44 -5.53
CA LEU B 65 -27.53 -4.70 -6.74
C LEU B 65 -28.35 -5.46 -7.79
N LEU B 66 -27.99 -5.31 -9.06
CA LEU B 66 -28.64 -6.02 -10.16
C LEU B 66 -27.60 -6.85 -10.91
N TYR B 67 -27.94 -8.10 -11.23
CA TYR B 67 -27.09 -8.99 -11.98
C TYR B 67 -27.78 -9.35 -13.31
N TYR B 68 -27.23 -8.82 -14.41
CA TYR B 68 -27.83 -8.96 -15.75
C TYR B 68 -26.97 -9.70 -16.74
N THR B 69 -27.63 -10.48 -17.62
CA THR B 69 -26.97 -11.20 -18.70
C THR B 69 -27.87 -11.23 -19.95
N GLU B 70 -27.27 -11.03 -21.13
CA GLU B 70 -27.97 -11.10 -22.41
C GLU B 70 -28.34 -12.57 -22.61
N PHE B 71 -29.64 -12.87 -22.80
CA PHE B 71 -30.07 -14.27 -22.91
C PHE B 71 -31.22 -14.48 -23.89
N THR B 72 -31.24 -15.63 -24.59
CA THR B 72 -32.31 -15.99 -25.50
C THR B 72 -33.05 -17.21 -24.93
N PRO B 73 -34.32 -17.05 -24.47
CA PRO B 73 -35.02 -18.18 -23.85
C PRO B 73 -35.71 -19.14 -24.83
N THR B 74 -35.86 -20.40 -24.38
CA THR B 74 -36.53 -21.48 -25.11
C THR B 74 -37.49 -22.20 -24.13
N GLU B 75 -38.31 -23.13 -24.63
CA GLU B 75 -39.25 -23.86 -23.78
C GLU B 75 -38.54 -25.01 -23.02
N LYS B 76 -37.39 -25.47 -23.54
CA LYS B 76 -36.63 -26.59 -22.95
C LYS B 76 -35.56 -26.15 -21.94
N ASP B 77 -34.89 -25.00 -22.20
CA ASP B 77 -33.86 -24.47 -21.29
C ASP B 77 -34.50 -23.74 -20.12
N GLU B 78 -34.14 -24.12 -18.89
CA GLU B 78 -34.67 -23.51 -17.67
C GLU B 78 -33.57 -22.75 -16.91
N TYR B 79 -33.91 -21.55 -16.40
CA TYR B 79 -32.96 -20.66 -15.72
C TYR B 79 -33.36 -20.35 -14.26
N ALA B 80 -32.37 -19.91 -13.44
CA ALA B 80 -32.53 -19.55 -12.00
C ALA B 80 -31.27 -18.84 -11.50
N CYS B 81 -31.37 -18.00 -10.42
CA CYS B 81 -30.16 -17.36 -9.90
C CYS B 81 -29.81 -17.85 -8.47
N ARG B 82 -28.52 -18.15 -8.25
CA ARG B 82 -27.97 -18.65 -6.98
C ARG B 82 -27.39 -17.51 -6.16
N VAL B 83 -28.05 -17.16 -5.05
CA VAL B 83 -27.62 -16.07 -4.16
C VAL B 83 -27.11 -16.65 -2.83
N ASN B 84 -25.91 -16.21 -2.41
CA ASN B 84 -25.28 -16.61 -1.15
C ASN B 84 -24.86 -15.37 -0.37
N HIS B 85 -25.25 -15.32 0.92
CA HIS B 85 -24.98 -14.20 1.83
C HIS B 85 -24.54 -14.73 3.20
N VAL B 86 -24.01 -13.84 4.07
CA VAL B 86 -23.59 -14.19 5.44
C VAL B 86 -24.83 -14.54 6.31
N THR B 87 -25.99 -13.98 5.97
CA THR B 87 -27.26 -14.24 6.64
C THR B 87 -27.87 -15.57 6.15
N LEU B 88 -27.40 -16.06 4.99
CA LEU B 88 -27.92 -17.29 4.38
C LEU B 88 -27.20 -18.55 4.83
N SER B 89 -27.96 -19.47 5.46
CA SER B 89 -27.46 -20.77 5.92
C SER B 89 -27.18 -21.64 4.70
N GLN B 90 -28.12 -21.63 3.74
CA GLN B 90 -28.06 -22.36 2.48
C GLN B 90 -27.92 -21.36 1.34
N PRO B 91 -27.00 -21.56 0.36
CA PRO B 91 -26.97 -20.64 -0.80
C PRO B 91 -28.30 -20.76 -1.54
N LYS B 92 -29.19 -19.77 -1.32
CA LYS B 92 -30.55 -19.77 -1.85
C LYS B 92 -30.62 -19.74 -3.37
N ILE B 93 -31.48 -20.61 -3.93
CA ILE B 93 -31.68 -20.72 -5.36
C ILE B 93 -33.15 -20.53 -5.68
N VAL B 94 -33.46 -19.57 -6.56
CA VAL B 94 -34.83 -19.25 -6.95
C VAL B 94 -35.00 -19.38 -8.46
N LYS B 95 -35.96 -20.23 -8.89
CA LYS B 95 -36.27 -20.50 -10.29
C LYS B 95 -36.82 -19.27 -10.98
N TRP B 96 -36.53 -19.13 -12.28
CA TRP B 96 -37.09 -18.04 -13.06
C TRP B 96 -38.42 -18.49 -13.65
N ASP B 97 -39.44 -17.66 -13.46
CA ASP B 97 -40.77 -17.91 -14.01
C ASP B 97 -41.06 -16.79 -14.99
N ARG B 98 -41.40 -17.15 -16.24
CA ARG B 98 -41.71 -16.17 -17.28
C ARG B 98 -43.00 -15.39 -16.99
N ASP B 99 -43.91 -15.99 -16.20
CA ASP B 99 -45.20 -15.40 -15.84
C ASP B 99 -45.21 -14.72 -14.46
N MET B 100 -44.10 -14.82 -13.72
CA MET B 100 -43.94 -14.19 -12.40
C MET B 100 -42.88 -13.08 -12.46
N VAL C 1 -23.00 17.58 -8.21
CA VAL C 1 -21.67 17.37 -7.64
C VAL C 1 -21.76 16.88 -6.21
N MET C 2 -20.88 15.93 -5.82
CA MET C 2 -20.84 15.42 -4.45
C MET C 2 -20.27 16.50 -3.53
N ALA C 3 -20.62 16.45 -2.22
CA ALA C 3 -20.18 17.43 -1.21
C ALA C 3 -18.65 17.63 -1.23
N PRO C 4 -18.18 18.89 -1.23
CA PRO C 4 -16.72 19.12 -1.30
C PRO C 4 -15.97 18.79 -0.01
N ARG C 5 -16.68 18.82 1.13
CA ARG C 5 -16.12 18.51 2.46
C ARG C 5 -16.89 17.31 3.09
N THR C 6 -16.33 16.73 4.16
CA THR C 6 -16.95 15.63 4.90
C THR C 6 -16.65 15.75 6.41
N LEU C 7 -17.13 14.81 7.23
CA LEU C 7 -16.90 14.87 8.68
C LEU C 7 -15.72 14.03 9.13
N ILE C 8 -14.79 14.64 9.89
CA ILE C 8 -13.68 13.90 10.49
C ILE C 8 -14.19 13.45 11.86
N LEU C 9 -14.74 12.23 11.89
CA LEU C 9 -15.32 11.64 13.10
C LEU C 9 -14.26 11.37 14.16
N GLN D 3 -7.85 33.48 -0.94
CA GLN D 3 -6.91 34.59 -0.83
C GLN D 3 -7.32 35.53 0.29
N LEU D 4 -6.39 35.79 1.23
CA LEU D 4 -6.59 36.67 2.39
C LEU D 4 -5.76 37.93 2.25
N ASN D 5 -6.19 39.02 2.89
CA ASN D 5 -5.44 40.27 2.89
C ASN D 5 -5.49 40.95 4.23
N GLN D 6 -4.30 41.18 4.80
CA GLN D 6 -4.13 41.85 6.08
C GLN D 6 -3.56 43.24 5.84
N SER D 7 -4.25 44.25 6.35
CA SER D 7 -3.79 45.63 6.32
C SER D 7 -3.54 46.04 7.79
N PRO D 8 -2.55 46.93 8.09
CA PRO D 8 -1.78 47.77 7.19
C PRO D 8 -0.35 47.31 6.84
N GLN D 9 -0.03 46.00 6.98
CA GLN D 9 1.29 45.46 6.60
C GLN D 9 2.42 45.82 7.59
N SER D 10 2.33 46.99 8.25
CA SER D 10 3.32 47.49 9.21
C SER D 10 2.68 48.49 10.18
N MET D 11 3.06 48.41 11.47
CA MET D 11 2.53 49.30 12.50
C MET D 11 3.63 49.76 13.46
N PHE D 12 4.12 51.00 13.29
CA PHE D 12 5.14 51.57 14.18
C PHE D 12 4.40 52.23 15.35
N ILE D 13 4.39 51.52 16.50
CA ILE D 13 3.62 51.88 17.69
C ILE D 13 4.53 52.21 18.90
N GLN D 14 3.96 52.89 19.92
CA GLN D 14 4.63 53.26 21.17
C GLN D 14 4.09 52.37 22.31
N GLU D 15 5.00 51.82 23.15
CA GLU D 15 4.69 50.92 24.29
C GLU D 15 3.54 51.43 25.17
N GLY D 16 2.73 50.49 25.67
CA GLY D 16 1.58 50.80 26.52
C GLY D 16 0.29 51.00 25.75
N GLU D 17 0.41 51.42 24.46
CA GLU D 17 -0.71 51.64 23.54
C GLU D 17 -1.41 50.33 23.18
N ASP D 18 -2.56 50.45 22.51
CA ASP D 18 -3.34 49.31 22.04
C ASP D 18 -3.23 49.24 20.52
N VAL D 19 -3.23 48.02 19.95
CA VAL D 19 -3.14 47.85 18.50
C VAL D 19 -4.24 46.99 17.96
N SER D 20 -4.77 47.38 16.80
CA SER D 20 -5.81 46.67 16.09
C SER D 20 -5.22 46.14 14.80
N MET D 21 -5.62 44.94 14.40
CA MET D 21 -5.16 44.33 13.15
C MET D 21 -6.34 43.75 12.42
N ASN D 22 -6.45 44.04 11.12
CA ASN D 22 -7.58 43.58 10.30
C ASN D 22 -7.15 42.46 9.34
N CYS D 23 -8.09 41.56 9.03
CA CYS D 23 -7.90 40.51 8.04
C CYS D 23 -9.16 40.39 7.22
N THR D 24 -9.05 40.67 5.90
CA THR D 24 -10.18 40.64 4.98
C THR D 24 -9.95 39.60 3.90
N SER D 25 -11.01 38.84 3.56
CA SER D 25 -10.94 37.77 2.56
C SER D 25 -11.80 38.05 1.34
N SER D 26 -11.52 37.32 0.23
CA SER D 26 -12.27 37.41 -1.03
C SER D 26 -13.12 36.15 -1.22
N SER D 27 -13.87 35.76 -0.18
CA SER D 27 -14.75 34.57 -0.11
C SER D 27 -15.23 34.44 1.32
N ILE D 28 -16.37 33.74 1.52
CA ILE D 28 -16.91 33.49 2.84
C ILE D 28 -16.03 32.45 3.55
N PHE D 29 -15.71 32.69 4.82
CA PHE D 29 -14.87 31.79 5.59
C PHE D 29 -15.64 31.16 6.73
N ASN D 30 -15.09 30.09 7.34
CA ASN D 30 -15.78 29.43 8.44
C ASN D 30 -14.95 29.34 9.71
N THR D 31 -13.62 29.39 9.58
CA THR D 31 -12.73 29.34 10.72
C THR D 31 -11.58 30.33 10.52
N TRP D 32 -11.25 31.09 11.58
CA TRP D 32 -10.17 32.07 11.55
C TRP D 32 -9.09 31.68 12.57
N LEU D 33 -7.82 31.79 12.14
CA LEU D 33 -6.67 31.42 12.97
C LEU D 33 -5.68 32.59 13.02
N TRP D 34 -5.26 32.97 14.23
CA TRP D 34 -4.30 34.06 14.40
C TRP D 34 -2.97 33.53 14.94
N TYR D 35 -1.90 33.77 14.17
CA TYR D 35 -0.55 33.31 14.49
C TYR D 35 0.41 34.48 14.71
N LYS D 36 1.51 34.22 15.46
CA LYS D 36 2.61 35.16 15.65
C LYS D 36 3.89 34.42 15.32
N GLN D 37 4.77 35.08 14.58
CA GLN D 37 6.04 34.49 14.19
C GLN D 37 7.18 35.43 14.53
N ASP D 38 8.14 34.93 15.31
CA ASP D 38 9.32 35.69 15.72
C ASP D 38 10.44 35.38 14.73
N PRO D 39 11.36 36.35 14.43
CA PRO D 39 12.41 36.09 13.44
C PRO D 39 13.21 34.80 13.69
N GLY D 40 13.00 33.81 12.82
CA GLY D 40 13.63 32.50 12.91
C GLY D 40 12.71 31.44 13.47
N GLU D 41 11.95 31.79 14.53
CA GLU D 41 11.01 30.88 15.20
C GLU D 41 9.82 30.54 14.28
N GLY D 42 9.22 29.38 14.51
CA GLY D 42 8.06 28.92 13.75
C GLY D 42 6.77 29.56 14.21
N PRO D 43 5.77 29.77 13.30
CA PRO D 43 4.51 30.40 13.73
C PRO D 43 3.84 29.66 14.89
N VAL D 44 3.42 30.43 15.91
CA VAL D 44 2.77 29.90 17.10
C VAL D 44 1.33 30.44 17.20
N LEU D 45 0.36 29.57 17.53
CA LEU D 45 -1.06 29.93 17.58
C LEU D 45 -1.41 30.81 18.74
N LEU D 46 -2.15 31.89 18.46
CA LEU D 46 -2.66 32.82 19.44
C LEU D 46 -4.14 32.51 19.66
N ILE D 47 -5.03 32.92 18.73
CA ILE D 47 -6.47 32.67 18.88
C ILE D 47 -7.05 31.89 17.67
N ALA D 48 -8.10 31.08 17.93
CA ALA D 48 -8.86 30.31 16.94
C ALA D 48 -10.36 30.62 17.06
N LEU D 49 -10.99 31.06 15.96
CA LEU D 49 -12.42 31.43 15.91
C LEU D 49 -13.20 30.45 15.04
N TYR D 50 -14.33 29.96 15.57
CA TYR D 50 -15.16 28.95 14.90
C TYR D 50 -16.57 29.45 14.60
N LYS D 51 -17.10 30.34 15.44
CA LYS D 51 -18.46 30.86 15.28
C LYS D 51 -18.49 32.35 14.84
N ALA D 52 -19.45 32.70 13.96
CA ALA D 52 -19.62 34.00 13.30
C ALA D 52 -19.57 35.26 14.20
N GLY D 53 -20.21 35.21 15.37
CA GLY D 53 -20.29 36.37 16.24
C GLY D 53 -19.25 36.47 17.34
N GLU D 54 -18.75 35.32 17.82
CA GLU D 54 -17.83 35.24 18.96
C GLU D 54 -16.54 36.04 18.83
N LEU D 55 -16.11 36.62 19.98
CA LEU D 55 -14.83 37.29 20.17
C LEU D 55 -14.09 36.53 21.28
N THR D 56 -12.87 36.05 20.98
CA THR D 56 -12.11 35.20 21.90
C THR D 56 -10.76 35.83 22.24
N SER D 57 -10.25 35.58 23.46
CA SER D 57 -9.03 36.23 23.94
C SER D 57 -8.03 35.31 24.68
N ASN D 58 -6.76 35.79 24.78
CA ASN D 58 -5.63 35.17 25.48
C ASN D 58 -4.86 36.28 26.21
N GLY D 59 -5.48 36.82 27.26
CA GLY D 59 -4.92 37.92 28.02
C GLY D 59 -5.03 39.23 27.28
N ARG D 60 -3.89 39.79 26.85
CA ARG D 60 -3.84 41.06 26.12
C ARG D 60 -4.32 40.94 24.67
N LEU D 61 -4.42 39.70 24.15
CA LEU D 61 -4.83 39.45 22.77
C LEU D 61 -6.31 39.08 22.65
N THR D 62 -7.05 39.78 21.77
CA THR D 62 -8.47 39.50 21.51
C THR D 62 -8.75 39.49 20.00
N ALA D 63 -9.46 38.46 19.51
CA ALA D 63 -9.80 38.32 18.10
C ALA D 63 -11.30 38.22 17.91
N GLN D 64 -11.80 38.75 16.78
CA GLN D 64 -13.24 38.73 16.46
C GLN D 64 -13.51 38.04 15.12
N PHE D 65 -14.67 37.38 15.00
CA PHE D 65 -15.03 36.66 13.77
C PHE D 65 -15.67 37.55 12.71
N GLY D 66 -16.61 38.39 13.10
CA GLY D 66 -17.27 39.27 12.14
C GLY D 66 -18.41 38.60 11.42
N ILE D 67 -19.64 39.09 11.67
CA ILE D 67 -20.90 38.57 11.13
C ILE D 67 -20.90 38.51 9.58
N THR D 68 -20.05 39.32 8.94
CA THR D 68 -19.83 39.40 7.48
C THR D 68 -19.33 38.07 6.89
N ARG D 69 -18.44 37.36 7.65
CA ARG D 69 -17.77 36.09 7.29
C ARG D 69 -16.62 36.30 6.28
N LYS D 70 -16.17 37.56 6.15
CA LYS D 70 -15.06 37.91 5.26
C LYS D 70 -14.06 38.82 5.99
N ASP D 71 -14.28 39.06 7.30
CA ASP D 71 -13.42 39.93 8.11
C ASP D 71 -13.13 39.36 9.50
N SER D 72 -11.92 39.63 10.03
CA SER D 72 -11.49 39.21 11.37
C SER D 72 -10.53 40.26 11.94
N PHE D 73 -10.59 40.49 13.26
CA PHE D 73 -9.75 41.50 13.90
C PHE D 73 -8.89 40.95 15.03
N LEU D 74 -7.73 41.58 15.28
CA LEU D 74 -6.80 41.19 16.35
C LEU D 74 -6.32 42.41 17.15
N ASN D 75 -6.69 42.47 18.43
CA ASN D 75 -6.32 43.57 19.32
C ASN D 75 -5.38 43.16 20.43
N ILE D 76 -4.34 43.98 20.67
CA ILE D 76 -3.37 43.78 21.76
C ILE D 76 -3.52 44.95 22.75
N SER D 77 -4.00 44.65 23.98
CA SER D 77 -4.26 45.61 25.06
C SER D 77 -3.02 46.48 25.44
N ALA D 78 -2.13 45.95 26.30
CA ALA D 78 -0.91 46.65 26.68
C ALA D 78 0.20 46.14 25.77
N SER D 79 0.95 47.03 25.12
CA SER D 79 1.96 46.55 24.18
C SER D 79 3.39 46.65 24.71
N ILE D 80 3.87 45.59 25.41
CA ILE D 80 5.26 45.48 25.87
C ILE D 80 6.13 45.22 24.60
N PRO D 81 7.42 45.68 24.52
CA PRO D 81 8.20 45.42 23.27
C PRO D 81 8.41 43.94 22.90
N SER D 82 7.86 43.02 23.73
CA SER D 82 7.90 41.57 23.50
C SER D 82 7.07 41.18 22.28
N ASP D 83 5.98 41.94 22.01
CA ASP D 83 5.05 41.71 20.90
C ASP D 83 5.66 41.94 19.51
N VAL D 84 6.92 42.44 19.44
CA VAL D 84 7.60 42.66 18.16
C VAL D 84 7.69 41.32 17.42
N GLY D 85 6.87 41.19 16.38
CA GLY D 85 6.77 39.99 15.57
C GLY D 85 5.78 40.11 14.42
N ILE D 86 5.78 39.13 13.52
CA ILE D 86 4.90 39.10 12.35
C ILE D 86 3.62 38.36 12.70
N TYR D 87 2.47 38.99 12.48
CA TYR D 87 1.18 38.39 12.82
C TYR D 87 0.44 37.86 11.58
N PHE D 88 0.42 36.52 11.43
CA PHE D 88 -0.23 35.86 10.31
C PHE D 88 -1.68 35.50 10.60
N CYS D 89 -2.57 35.84 9.65
CA CYS D 89 -3.98 35.51 9.72
C CYS D 89 -4.25 34.36 8.78
N ALA D 90 -4.91 33.33 9.29
CA ALA D 90 -5.25 32.13 8.52
C ALA D 90 -6.75 31.88 8.58
N GLY D 91 -7.26 31.08 7.65
CA GLY D 91 -8.68 30.79 7.61
C GLY D 91 -9.07 29.55 6.85
N GLN D 92 -10.26 29.02 7.16
CA GLN D 92 -10.84 27.84 6.54
C GLN D 92 -11.92 28.31 5.54
N PRO D 93 -11.59 28.44 4.22
CA PRO D 93 -12.60 28.92 3.26
C PRO D 93 -13.82 28.00 3.20
N LEU D 94 -15.03 28.60 3.23
CA LEU D 94 -16.28 27.86 3.21
C LEU D 94 -16.44 27.04 1.94
N GLY D 95 -16.61 25.74 2.12
CA GLY D 95 -16.77 24.79 1.01
C GLY D 95 -15.49 24.06 0.65
N GLY D 96 -14.39 24.42 1.31
CA GLY D 96 -13.11 23.76 1.08
C GLY D 96 -13.06 22.39 1.72
N SER D 97 -12.33 21.45 1.08
CA SER D 97 -12.14 20.09 1.59
C SER D 97 -11.43 20.11 2.96
N ASN D 98 -11.38 18.96 3.64
CA ASN D 98 -10.77 18.85 4.96
C ASN D 98 -9.27 19.12 4.95
N TYR D 99 -8.82 19.96 5.91
CA TYR D 99 -7.42 20.36 6.13
C TYR D 99 -6.86 21.29 5.06
N LYS D 100 -7.68 22.26 4.63
CA LYS D 100 -7.29 23.27 3.66
C LYS D 100 -7.44 24.65 4.31
N LEU D 101 -6.32 25.33 4.57
CA LEU D 101 -6.38 26.66 5.16
C LEU D 101 -5.35 27.61 4.56
N THR D 102 -5.82 28.81 4.23
CA THR D 102 -5.07 29.90 3.60
C THR D 102 -4.44 30.80 4.67
N PHE D 103 -3.29 31.42 4.32
CA PHE D 103 -2.57 32.36 5.18
C PHE D 103 -2.42 33.69 4.44
N GLY D 104 -2.09 34.75 5.17
CA GLY D 104 -1.83 36.07 4.62
C GLY D 104 -0.35 36.38 4.66
N LYS D 105 0.06 37.55 4.12
CA LYS D 105 1.48 37.96 4.15
C LYS D 105 1.89 38.41 5.57
N GLY D 106 0.90 38.64 6.43
CA GLY D 106 1.12 39.04 7.82
C GLY D 106 1.28 40.52 8.04
N THR D 107 1.09 40.98 9.28
CA THR D 107 1.26 42.38 9.66
C THR D 107 2.40 42.49 10.66
N LEU D 108 3.44 43.26 10.28
CA LEU D 108 4.61 43.47 11.12
C LEU D 108 4.33 44.56 12.16
N LEU D 109 4.48 44.21 13.45
CA LEU D 109 4.27 45.16 14.54
C LEU D 109 5.60 45.60 15.14
N THR D 110 5.81 46.91 15.23
CA THR D 110 7.02 47.51 15.80
C THR D 110 6.63 48.26 17.08
N VAL D 111 7.19 47.84 18.23
CA VAL D 111 6.90 48.50 19.49
C VAL D 111 8.11 49.33 19.93
N ASN D 112 7.94 50.66 19.96
CA ASN D 112 9.00 51.60 20.35
C ASN D 112 9.10 51.70 21.87
N PRO D 113 10.33 51.79 22.43
CA PRO D 113 10.47 51.84 23.91
C PRO D 113 9.93 53.11 24.55
N ASN D 114 9.47 53.00 25.80
CA ASN D 114 8.96 54.13 26.56
C ASN D 114 10.14 54.86 27.21
N ILE D 115 10.75 55.81 26.45
CA ILE D 115 11.93 56.59 26.87
C ILE D 115 11.58 57.59 27.99
N GLN D 116 12.39 57.59 29.07
CA GLN D 116 12.21 58.49 30.22
C GLN D 116 13.10 59.74 30.12
N ASN D 117 14.42 59.58 30.37
CA ASN D 117 15.39 60.69 30.34
C ASN D 117 16.20 60.68 29.03
N PRO D 118 15.92 61.62 28.09
CA PRO D 118 16.63 61.60 26.80
C PRO D 118 18.06 62.19 26.81
N ASP D 119 18.85 61.93 27.88
CA ASP D 119 20.24 62.40 28.04
C ASP D 119 21.24 61.59 27.19
N PRO D 120 21.72 62.11 26.03
CA PRO D 120 22.65 61.33 25.20
C PRO D 120 24.12 61.55 25.56
N ALA D 121 25.02 60.70 24.99
CA ALA D 121 26.49 60.75 25.20
C ALA D 121 27.24 59.75 24.30
N VAL D 122 28.43 60.13 23.81
CA VAL D 122 29.28 59.27 22.97
C VAL D 122 30.58 58.95 23.75
N TYR D 123 30.86 57.65 23.99
CA TYR D 123 32.02 57.25 24.80
C TYR D 123 33.15 56.53 24.03
N GLN D 124 34.22 56.15 24.75
CA GLN D 124 35.42 55.51 24.20
C GLN D 124 35.62 54.10 24.77
N LEU D 125 34.99 53.09 24.17
CA LEU D 125 35.12 51.71 24.64
C LEU D 125 36.37 51.04 24.06
N ARG D 126 37.44 50.99 24.87
CA ARG D 126 38.77 50.50 24.47
C ARG D 126 38.86 49.00 24.25
N ASP D 127 39.60 48.63 23.20
CA ASP D 127 39.85 47.27 22.73
C ASP D 127 40.71 46.47 23.72
N SER D 128 40.62 45.11 23.65
CA SER D 128 41.41 44.18 24.46
C SER D 128 42.79 43.92 23.80
N LYS D 129 43.08 44.65 22.70
CA LYS D 129 44.33 44.59 21.94
C LYS D 129 44.89 46.01 21.84
N SER D 130 46.21 46.19 22.11
CA SER D 130 46.85 47.51 22.05
C SER D 130 47.10 48.00 20.60
N SER D 131 45.98 48.23 19.87
CA SER D 131 46.00 48.71 18.48
C SER D 131 45.04 49.92 18.33
N ASP D 132 44.50 50.16 17.11
CA ASP D 132 43.62 51.30 16.83
C ASP D 132 42.14 50.89 16.60
N LYS D 133 41.85 49.58 16.43
CA LYS D 133 40.48 49.09 16.20
C LYS D 133 39.61 49.23 17.46
N SER D 134 38.85 50.34 17.55
CA SER D 134 37.98 50.64 18.69
C SER D 134 36.53 50.98 18.30
N VAL D 135 35.62 51.05 19.29
CA VAL D 135 34.20 51.33 19.11
C VAL D 135 33.74 52.57 19.92
N CYS D 136 32.72 53.32 19.39
CA CYS D 136 32.14 54.49 20.09
C CYS D 136 30.69 54.20 20.42
N LEU D 137 30.38 54.06 21.72
CA LEU D 137 29.02 53.74 22.19
C LEU D 137 28.16 54.97 22.45
N PHE D 138 27.02 55.07 21.74
CA PHE D 138 26.02 56.13 21.89
C PHE D 138 24.84 55.53 22.65
N THR D 139 24.64 55.96 23.91
CA THR D 139 23.61 55.39 24.78
C THR D 139 22.66 56.43 25.42
N ASP D 140 21.48 55.94 25.87
CA ASP D 140 20.42 56.69 26.57
C ASP D 140 19.85 57.89 25.79
N PHE D 141 19.54 57.69 24.50
CA PHE D 141 18.97 58.76 23.66
C PHE D 141 17.41 58.80 23.72
N ASP D 142 16.79 59.67 22.87
CA ASP D 142 15.33 59.90 22.83
C ASP D 142 14.53 58.86 22.00
N SER D 143 13.18 58.91 22.14
CA SER D 143 12.23 58.02 21.46
C SER D 143 11.78 58.58 20.10
N GLN D 144 11.66 59.92 20.00
CA GLN D 144 11.19 60.64 18.80
C GLN D 144 12.05 60.43 17.54
N THR D 145 13.36 60.15 17.71
CA THR D 145 14.36 60.00 16.64
C THR D 145 14.02 58.94 15.56
N ASN D 146 14.61 59.12 14.36
CA ASN D 146 14.49 58.23 13.20
C ASN D 146 15.88 58.14 12.54
N VAL D 147 16.84 57.51 13.25
CA VAL D 147 18.25 57.36 12.85
C VAL D 147 18.41 56.51 11.57
N SER D 148 19.37 56.90 10.70
CA SER D 148 19.71 56.21 9.45
C SER D 148 21.05 55.45 9.57
N GLN D 149 21.34 54.55 8.61
CA GLN D 149 22.55 53.70 8.60
C GLN D 149 23.85 54.47 8.24
N SER D 150 24.94 53.71 7.94
CA SER D 150 26.26 54.25 7.58
C SER D 150 26.24 55.13 6.32
N LYS D 151 26.41 56.46 6.49
CA LYS D 151 26.41 57.42 5.38
C LYS D 151 27.68 57.27 4.54
N ASP D 152 28.86 57.17 5.20
CA ASP D 152 30.14 56.99 4.53
C ASP D 152 30.56 55.51 4.53
N SER D 153 31.53 55.13 3.68
CA SER D 153 31.95 53.74 3.49
C SER D 153 32.70 53.08 4.67
N ASP D 154 33.84 53.65 5.12
CA ASP D 154 34.65 53.05 6.19
C ASP D 154 34.01 53.12 7.59
N VAL D 155 33.14 54.12 7.83
CA VAL D 155 32.46 54.28 9.12
C VAL D 155 31.12 53.53 9.09
N TYR D 156 30.83 52.76 10.15
CA TYR D 156 29.57 51.99 10.26
C TYR D 156 28.73 52.42 11.47
N ILE D 157 27.39 52.43 11.29
CA ILE D 157 26.41 52.81 12.34
C ILE D 157 25.23 51.83 12.29
N THR D 158 24.77 51.34 13.47
CA THR D 158 23.62 50.42 13.57
C THR D 158 22.37 51.12 14.12
N ASP D 159 21.18 50.50 13.95
CA ASP D 159 19.89 51.03 14.45
C ASP D 159 19.78 51.01 15.99
N LYS D 160 18.61 51.41 16.51
CA LYS D 160 18.36 51.47 17.95
C LYS D 160 18.04 50.09 18.55
N CYS D 161 18.41 49.91 19.84
CA CYS D 161 18.17 48.66 20.58
C CYS D 161 17.80 48.98 22.03
N VAL D 162 16.81 48.25 22.56
CA VAL D 162 16.30 48.46 23.92
C VAL D 162 16.91 47.47 24.93
N LEU D 163 17.53 48.00 26.00
CA LEU D 163 18.10 47.19 27.07
C LEU D 163 17.34 47.40 28.38
N ASP D 164 17.38 46.41 29.29
CA ASP D 164 16.71 46.51 30.58
C ASP D 164 17.59 45.93 31.69
N MET D 165 17.78 46.71 32.76
CA MET D 165 18.55 46.28 33.92
C MET D 165 17.58 45.71 34.96
N ARG D 166 16.91 44.59 34.61
CA ARG D 166 15.89 43.87 35.41
C ARG D 166 16.17 43.83 36.92
N SER D 167 17.45 43.65 37.32
CA SER D 167 17.85 43.61 38.72
C SER D 167 17.65 44.97 39.40
N MET D 168 18.06 46.07 38.73
CA MET D 168 17.92 47.45 39.21
C MET D 168 16.75 48.18 38.48
N ASP D 169 15.81 47.37 37.92
CA ASP D 169 14.57 47.73 37.17
C ASP D 169 14.62 49.08 36.39
N PHE D 170 15.73 49.32 35.67
CA PHE D 170 15.93 50.55 34.88
C PHE D 170 16.18 50.27 33.39
N LYS D 171 15.40 50.93 32.50
CA LYS D 171 15.47 50.77 31.04
C LYS D 171 16.23 51.93 30.35
N SER D 172 16.71 51.69 29.09
CA SER D 172 17.46 52.68 28.29
C SER D 172 17.42 52.37 26.77
N ASN D 173 18.33 53.02 25.98
CA ASN D 173 18.49 52.84 24.53
C ASN D 173 19.99 52.83 24.15
N SER D 174 20.34 52.33 22.93
CA SER D 174 21.75 52.24 22.49
C SER D 174 21.96 52.22 20.95
N ALA D 175 23.21 52.55 20.51
CA ALA D 175 23.68 52.55 19.10
C ALA D 175 25.23 52.59 19.09
N VAL D 176 25.86 51.76 18.23
CA VAL D 176 27.34 51.64 18.15
C VAL D 176 27.91 52.19 16.83
N ALA D 177 29.08 52.87 16.90
CA ALA D 177 29.79 53.42 15.74
C ALA D 177 31.25 52.96 15.71
N TRP D 178 31.71 52.46 14.53
CA TRP D 178 33.08 51.96 14.38
C TRP D 178 33.66 52.17 12.97
N SER D 179 34.99 52.35 12.88
CA SER D 179 35.73 52.56 11.62
C SER D 179 37.20 52.10 11.77
N ASN D 180 38.10 52.57 10.87
CA ASN D 180 39.53 52.20 10.88
C ASN D 180 40.47 53.40 10.81
N LYS D 181 40.06 54.46 10.11
CA LYS D 181 40.83 55.69 9.84
C LYS D 181 41.22 56.53 11.08
N SER D 182 42.18 57.47 10.92
CA SER D 182 42.61 58.45 11.93
C SER D 182 41.57 59.56 11.93
N ASP D 183 40.97 59.79 10.73
CA ASP D 183 39.82 60.66 10.51
C ASP D 183 38.65 59.94 11.18
N PHE D 184 38.76 59.77 12.47
CA PHE D 184 37.89 58.99 13.29
C PHE D 184 38.33 59.12 14.71
N ALA D 185 37.35 59.21 15.61
CA ALA D 185 37.49 59.29 17.07
C ALA D 185 36.17 59.90 17.56
N CYS D 186 35.08 59.10 17.52
CA CYS D 186 33.71 59.54 17.82
C CYS D 186 33.40 60.90 17.17
N ALA D 187 32.51 61.75 17.81
CA ALA D 187 32.06 63.07 17.33
C ALA D 187 31.82 62.85 15.85
N ASN D 188 32.15 63.77 14.88
CA ASN D 188 32.03 63.59 13.39
C ASN D 188 31.56 62.15 12.85
N ALA D 189 31.08 61.29 13.73
CA ALA D 189 30.58 59.94 13.51
C ALA D 189 29.14 60.08 13.09
N PHE D 190 28.24 60.41 14.04
CA PHE D 190 26.82 60.62 13.74
C PHE D 190 26.62 62.06 13.23
N ASN D 191 26.41 62.22 11.90
CA ASN D 191 26.24 63.53 11.30
C ASN D 191 24.98 63.67 10.44
N ASN D 192 24.69 62.66 9.58
CA ASN D 192 23.51 62.67 8.69
C ASN D 192 22.21 62.68 9.50
N SER D 193 22.19 61.97 10.64
CA SER D 193 21.04 61.90 11.55
C SER D 193 20.96 63.14 12.44
N ILE D 194 19.75 63.69 12.61
CA ILE D 194 19.50 64.91 13.39
C ILE D 194 19.23 64.60 14.87
N ILE D 195 19.99 65.25 15.78
CA ILE D 195 19.84 65.11 17.23
C ILE D 195 19.76 66.51 17.90
N PRO D 196 18.97 66.68 18.99
CA PRO D 196 18.86 68.02 19.63
C PRO D 196 20.19 68.61 20.12
N GLU D 197 20.20 69.95 20.37
CA GLU D 197 21.38 70.74 20.75
C GLU D 197 22.13 70.26 22.02
N ASP D 198 21.46 69.59 22.97
CA ASP D 198 22.14 69.15 24.20
C ASP D 198 22.53 67.66 24.17
N THR D 199 23.85 67.40 24.00
CA THR D 199 24.46 66.06 23.96
C THR D 199 25.86 66.15 24.63
N PHE D 200 26.13 65.27 25.60
CA PHE D 200 27.39 65.23 26.34
C PHE D 200 28.53 64.64 25.49
N PHE D 201 29.64 65.40 25.33
CA PHE D 201 30.81 64.97 24.56
C PHE D 201 32.10 65.03 25.42
N PRO D 202 32.58 63.87 25.96
CA PRO D 202 33.78 63.89 26.81
C PRO D 202 35.11 63.85 26.03
N SER D 203 36.23 63.66 26.75
CA SER D 203 37.58 63.58 26.16
C SER D 203 38.17 62.19 26.35
N GLY E 3 5.98 19.68 19.37
CA GLY E 3 5.98 18.29 18.92
C GLY E 3 6.65 18.08 17.58
N VAL E 4 6.51 19.06 16.67
CA VAL E 4 7.11 19.03 15.33
C VAL E 4 8.62 19.25 15.46
N THR E 5 9.41 18.38 14.80
CA THR E 5 10.88 18.45 14.82
C THR E 5 11.43 18.36 13.40
N GLN E 6 12.31 19.29 13.03
CA GLN E 6 12.88 19.36 11.67
C GLN E 6 14.38 19.05 11.62
N THR E 7 14.82 18.44 10.51
CA THR E 7 16.22 18.09 10.28
C THR E 7 16.65 18.45 8.85
N PRO E 8 17.75 19.22 8.65
CA PRO E 8 18.64 19.79 9.67
C PRO E 8 18.14 21.16 10.14
N LYS E 9 18.97 21.90 10.91
CA LYS E 9 18.61 23.24 11.34
C LYS E 9 19.13 24.22 10.29
N HIS E 10 20.46 24.32 10.14
CA HIS E 10 21.08 25.19 9.14
C HIS E 10 21.72 24.33 8.07
N LEU E 11 21.43 24.64 6.80
CA LEU E 11 21.94 23.91 5.65
C LEU E 11 22.49 24.87 4.60
N ILE E 12 23.67 24.56 4.04
CA ILE E 12 24.32 25.36 2.99
C ILE E 12 24.95 24.50 1.91
N THR E 13 24.50 24.69 0.65
CA THR E 13 25.03 23.97 -0.51
C THR E 13 25.32 24.92 -1.67
N ALA E 14 25.64 24.36 -2.85
CA ALA E 14 25.93 25.13 -4.05
C ALA E 14 24.90 24.90 -5.16
N THR E 15 24.87 25.82 -6.15
CA THR E 15 23.95 25.80 -7.29
C THR E 15 24.12 24.54 -8.15
N GLY E 16 23.00 23.86 -8.41
CA GLY E 16 22.96 22.66 -9.25
C GLY E 16 22.87 21.35 -8.47
N GLN E 17 23.16 21.38 -7.17
CA GLN E 17 23.12 20.19 -6.31
C GLN E 17 21.69 19.83 -5.84
N ARG E 18 21.55 18.79 -5.00
CA ARG E 18 20.29 18.32 -4.45
C ARG E 18 20.39 18.24 -2.92
N VAL E 19 19.21 18.36 -2.22
CA VAL E 19 19.13 18.30 -0.76
C VAL E 19 17.87 17.53 -0.32
N THR E 20 17.88 17.01 0.93
CA THR E 20 16.76 16.30 1.54
C THR E 20 16.50 16.88 2.95
N LEU E 21 15.23 17.23 3.24
CA LEU E 21 14.85 17.82 4.53
C LEU E 21 13.81 16.94 5.24
N ARG E 22 14.08 16.61 6.51
CA ARG E 22 13.26 15.70 7.33
C ARG E 22 12.24 16.42 8.20
N CYS E 23 11.14 15.69 8.52
CA CYS E 23 10.10 16.14 9.43
C CYS E 23 9.66 15.01 10.34
N SER E 24 9.56 15.30 11.64
CA SER E 24 9.07 14.35 12.63
C SER E 24 7.85 14.98 13.30
N PRO E 25 6.65 14.81 12.67
CA PRO E 25 5.44 15.47 13.19
C PRO E 25 5.01 15.06 14.59
N ARG E 26 4.02 15.78 15.15
CA ARG E 26 3.46 15.49 16.48
C ARG E 26 2.90 14.07 16.49
N SER E 27 2.95 13.41 17.66
CA SER E 27 2.46 12.04 17.79
C SER E 27 0.93 12.01 17.72
N GLY E 28 0.42 11.38 16.67
CA GLY E 28 -1.02 11.25 16.43
C GLY E 28 -1.51 12.08 15.27
N ASP E 29 -0.74 13.11 14.88
CA ASP E 29 -1.09 13.99 13.76
C ASP E 29 -0.79 13.30 12.44
N LEU E 30 -1.83 13.07 11.62
CA LEU E 30 -1.71 12.37 10.35
C LEU E 30 -1.24 13.26 9.18
N SER E 31 -1.59 14.55 9.20
CA SER E 31 -1.23 15.46 8.11
C SER E 31 0.12 16.13 8.30
N VAL E 32 0.79 16.42 7.16
CA VAL E 32 2.10 17.10 7.10
C VAL E 32 2.03 18.13 5.98
N TYR E 33 2.45 19.37 6.26
CA TYR E 33 2.47 20.43 5.25
C TYR E 33 3.88 20.98 5.12
N TRP E 34 4.25 21.42 3.91
CA TRP E 34 5.56 22.03 3.66
C TRP E 34 5.39 23.45 3.12
N TYR E 35 6.00 24.42 3.79
CA TYR E 35 5.91 25.84 3.44
C TYR E 35 7.27 26.45 3.14
N GLN E 36 7.31 27.40 2.20
CA GLN E 36 8.54 28.11 1.83
C GLN E 36 8.44 29.59 2.21
N GLN E 37 8.80 29.93 3.45
CA GLN E 37 8.82 31.32 3.85
C GLN E 37 10.14 31.91 3.39
N SER E 38 10.08 32.82 2.41
CA SER E 38 11.28 33.48 1.91
C SER E 38 11.79 34.51 2.94
N LEU E 39 12.68 35.43 2.55
CA LEU E 39 13.27 36.38 3.49
C LEU E 39 12.26 37.40 4.06
N ASP E 40 11.35 37.91 3.22
CA ASP E 40 10.25 38.78 3.66
C ASP E 40 8.94 38.32 3.02
N GLN E 41 9.06 37.75 1.81
CA GLN E 41 8.00 37.16 1.00
C GLN E 41 7.38 36.02 1.83
N GLY E 42 6.15 36.27 2.31
CA GLY E 42 5.38 35.38 3.18
C GLY E 42 5.39 33.90 2.84
N LEU E 43 5.10 33.06 3.85
CA LEU E 43 5.10 31.60 3.70
C LEU E 43 4.16 31.12 2.59
N GLN E 44 4.71 30.40 1.62
CA GLN E 44 3.92 29.87 0.52
C GLN E 44 3.86 28.37 0.60
N PHE E 45 2.64 27.82 0.48
CA PHE E 45 2.38 26.39 0.56
C PHE E 45 3.06 25.65 -0.58
N LEU E 46 3.55 24.43 -0.31
CA LEU E 46 4.20 23.60 -1.31
C LEU E 46 3.46 22.29 -1.52
N ILE E 47 3.45 21.40 -0.50
CA ILE E 47 2.76 20.12 -0.58
C ILE E 47 2.23 19.65 0.78
N GLN E 48 1.13 18.90 0.76
CA GLN E 48 0.51 18.35 1.96
C GLN E 48 0.19 16.89 1.76
N TYR E 49 0.60 16.08 2.72
CA TYR E 49 0.33 14.65 2.74
C TYR E 49 -0.61 14.36 3.89
N TYR E 50 -1.38 13.30 3.79
CA TYR E 50 -2.31 12.90 4.83
C TYR E 50 -2.33 11.40 4.96
N ASN E 51 -1.81 10.89 6.09
CA ASN E 51 -1.77 9.46 6.42
C ASN E 51 -1.04 8.63 5.33
N GLY E 52 0.08 9.16 4.85
CA GLY E 52 0.90 8.50 3.85
C GLY E 52 0.75 8.98 2.43
N GLU E 53 -0.50 9.27 1.99
CA GLU E 53 -0.76 9.69 0.61
C GLU E 53 -0.72 11.20 0.45
N GLU E 54 -0.47 11.66 -0.79
CA GLU E 54 -0.49 13.08 -1.13
C GLU E 54 -1.94 13.56 -1.12
N ARG E 55 -2.24 14.61 -0.34
CA ARG E 55 -3.59 15.15 -0.26
C ARG E 55 -3.74 16.36 -1.20
N ALA E 56 -2.95 17.42 -0.95
CA ALA E 56 -3.01 18.62 -1.77
C ALA E 56 -1.63 19.11 -2.15
N LYS E 57 -1.51 19.60 -3.37
CA LYS E 57 -0.28 20.19 -3.89
C LYS E 57 -0.53 21.69 -4.03
N GLY E 58 0.55 22.48 -4.05
CA GLY E 58 0.44 23.93 -4.15
C GLY E 58 1.56 24.56 -4.95
N ASN E 59 1.47 24.47 -6.29
CA ASN E 59 2.42 25.05 -7.25
C ASN E 59 3.90 24.66 -6.98
N ILE E 60 4.21 23.35 -7.03
CA ILE E 60 5.60 22.92 -6.85
C ILE E 60 6.29 22.79 -8.21
N LEU E 61 7.52 23.29 -8.26
CA LEU E 61 8.38 23.47 -9.44
C LEU E 61 8.72 22.20 -10.26
N GLU E 62 8.28 20.99 -9.82
CA GLU E 62 8.57 19.68 -10.46
C GLU E 62 9.95 19.17 -10.03
N ARG E 63 10.90 20.09 -9.83
CA ARG E 63 12.24 19.76 -9.34
C ARG E 63 12.21 19.53 -7.83
N PHE E 64 11.08 19.88 -7.19
CA PHE E 64 10.88 19.67 -5.77
C PHE E 64 10.06 18.40 -5.55
N SER E 65 10.65 17.41 -4.89
CA SER E 65 10.03 16.13 -4.58
C SER E 65 9.69 16.06 -3.08
N ALA E 66 8.81 15.12 -2.70
CA ALA E 66 8.38 14.90 -1.31
C ALA E 66 7.65 13.58 -1.16
N GLN E 67 7.44 13.14 0.10
CA GLN E 67 6.74 11.89 0.44
C GLN E 67 6.55 11.71 1.95
N GLN E 68 5.50 10.97 2.32
CA GLN E 68 5.22 10.60 3.71
C GLN E 68 5.28 9.07 3.80
N PHE E 69 5.93 8.56 4.85
CA PHE E 69 6.20 7.13 5.06
C PHE E 69 5.08 6.35 5.81
N PRO E 70 5.22 5.00 6.08
CA PRO E 70 4.17 4.30 6.85
C PRO E 70 3.96 4.95 8.21
N ASP E 71 5.08 5.30 8.91
CA ASP E 71 5.00 6.15 10.10
C ASP E 71 4.82 7.55 9.53
N LEU E 72 4.20 8.46 10.25
CA LEU E 72 3.83 9.73 9.63
C LEU E 72 5.00 10.72 9.33
N HIS E 73 6.26 10.22 9.35
CA HIS E 73 7.46 11.02 8.98
C HIS E 73 7.43 11.42 7.52
N SER E 74 8.07 12.56 7.19
CA SER E 74 8.12 13.04 5.81
C SER E 74 9.49 13.59 5.42
N GLU E 75 9.71 13.78 4.10
CA GLU E 75 10.96 14.31 3.55
C GLU E 75 10.65 15.25 2.38
N LEU E 76 11.42 16.35 2.27
CA LEU E 76 11.28 17.30 1.16
C LEU E 76 12.61 17.33 0.39
N ASN E 77 12.57 16.87 -0.87
CA ASN E 77 13.74 16.79 -1.76
C ASN E 77 13.79 17.97 -2.73
N LEU E 78 14.95 18.64 -2.79
CA LEU E 78 15.16 19.84 -3.59
C LEU E 78 16.33 19.65 -4.58
N SER E 79 16.01 19.51 -5.90
CA SER E 79 16.98 19.25 -6.96
C SER E 79 17.33 20.50 -7.74
N SER E 80 18.57 20.51 -8.34
CA SER E 80 19.06 21.62 -9.12
C SER E 80 18.86 22.87 -8.32
N LEU E 81 19.28 22.80 -7.03
CA LEU E 81 19.11 23.89 -6.11
C LEU E 81 19.55 25.16 -6.77
N GLU E 82 18.60 26.11 -6.88
CA GLU E 82 18.88 27.38 -7.52
C GLU E 82 19.01 28.48 -6.49
N LEU E 83 19.79 29.51 -6.81
CA LEU E 83 20.06 30.66 -5.95
C LEU E 83 18.82 31.30 -5.31
N GLY E 84 17.70 31.26 -6.04
CA GLY E 84 16.43 31.83 -5.61
C GLY E 84 15.72 31.06 -4.52
N ASP E 85 15.99 29.74 -4.43
CA ASP E 85 15.35 28.84 -3.46
C ASP E 85 15.81 29.05 -2.00
N SER E 86 16.79 29.95 -1.76
CA SER E 86 17.30 30.23 -0.41
C SER E 86 16.19 30.74 0.51
N ALA E 87 15.61 29.85 1.35
CA ALA E 87 14.50 30.19 2.24
C ALA E 87 14.46 29.39 3.54
N LEU E 88 13.52 29.76 4.44
CA LEU E 88 13.27 29.10 5.72
C LEU E 88 12.12 28.11 5.50
N TYR E 89 12.45 26.83 5.35
CA TYR E 89 11.44 25.81 5.11
C TYR E 89 10.86 25.31 6.39
N PHE E 90 9.53 25.38 6.53
CA PHE E 90 8.85 24.96 7.75
C PHE E 90 8.05 23.71 7.56
N CYS E 91 7.84 22.98 8.65
CA CYS E 91 7.01 21.79 8.64
C CYS E 91 5.82 22.00 9.56
N ALA E 92 4.64 21.59 9.09
CA ALA E 92 3.42 21.73 9.87
C ALA E 92 2.79 20.38 10.16
N SER E 93 2.05 20.29 11.26
CA SER E 93 1.40 19.05 11.66
C SER E 93 -0.02 19.31 12.15
N SER E 94 -0.95 18.42 11.77
CA SER E 94 -2.36 18.46 12.19
C SER E 94 -3.02 17.13 11.84
N ALA E 95 -4.35 17.05 12.04
CA ALA E 95 -5.21 15.91 11.73
C ALA E 95 -5.09 14.74 12.70
N ASN E 96 -5.20 15.02 14.01
CA ASN E 96 -5.20 13.97 15.03
C ASN E 96 -6.68 13.71 15.39
N PRO E 97 -7.31 12.62 14.88
CA PRO E 97 -8.73 12.36 15.23
C PRO E 97 -8.95 12.11 16.72
N GLY E 98 -7.85 12.07 17.48
CA GLY E 98 -7.86 11.96 18.93
C GLY E 98 -8.16 13.32 19.54
N ASP E 99 -7.51 14.37 18.99
CA ASP E 99 -7.72 15.77 19.39
C ASP E 99 -9.11 16.26 18.95
N SER E 100 -9.66 17.29 19.62
CA SER E 100 -10.95 17.91 19.26
C SER E 100 -10.69 19.13 18.38
N SER E 101 -9.58 19.82 18.66
CA SER E 101 -9.05 20.89 17.83
C SER E 101 -8.31 20.07 16.79
N ASN E 102 -8.83 20.07 15.57
CA ASN E 102 -8.24 19.22 14.55
C ASN E 102 -7.56 20.05 13.50
N GLU E 103 -8.32 20.94 12.84
CA GLU E 103 -7.87 21.87 11.79
C GLU E 103 -6.66 22.74 12.21
N LYS E 104 -6.51 22.98 13.53
CA LYS E 104 -5.42 23.74 14.14
C LYS E 104 -4.06 23.20 13.66
N LEU E 105 -3.20 24.09 13.11
CA LEU E 105 -1.88 23.68 12.62
C LEU E 105 -0.78 23.95 13.63
N PHE E 106 0.28 23.14 13.59
CA PHE E 106 1.43 23.28 14.49
C PHE E 106 2.70 23.28 13.68
N PHE E 107 3.61 24.22 13.97
CA PHE E 107 4.85 24.37 13.23
C PHE E 107 6.09 23.96 14.01
N GLY E 108 7.13 23.58 13.27
CA GLY E 108 8.44 23.28 13.82
C GLY E 108 9.41 24.38 13.43
N SER E 109 10.48 24.59 14.22
CA SER E 109 11.45 25.66 13.89
C SER E 109 12.23 25.31 12.62
N GLY E 110 11.84 25.97 11.53
CA GLY E 110 12.31 25.77 10.17
C GLY E 110 13.77 25.50 9.88
N THR E 111 14.03 24.97 8.67
CA THR E 111 15.36 24.68 8.15
C THR E 111 15.85 25.87 7.34
N GLN E 112 16.95 26.48 7.79
CA GLN E 112 17.55 27.62 7.11
C GLN E 112 18.43 27.10 5.95
N LEU E 113 17.91 27.20 4.71
CA LEU E 113 18.59 26.76 3.49
C LEU E 113 19.14 27.95 2.70
N SER E 114 20.41 27.86 2.27
CA SER E 114 21.07 28.90 1.48
C SER E 114 21.75 28.29 0.26
N VAL E 115 21.50 28.85 -0.93
CA VAL E 115 22.07 28.35 -2.18
C VAL E 115 23.03 29.36 -2.79
N LEU E 116 24.34 29.12 -2.58
CA LEU E 116 25.40 29.96 -3.13
C LEU E 116 25.91 29.39 -4.46
N GLU E 117 26.72 30.17 -5.19
CA GLU E 117 27.32 29.71 -6.45
C GLU E 117 28.69 29.10 -6.12
N ASP E 118 29.50 29.81 -5.33
CA ASP E 118 30.82 29.36 -4.92
C ASP E 118 30.90 29.22 -3.40
N LEU E 119 31.20 27.98 -2.93
CA LEU E 119 31.29 27.64 -1.50
C LEU E 119 32.45 28.32 -0.79
N ASN E 120 33.40 28.90 -1.56
CA ASN E 120 34.56 29.61 -1.01
C ASN E 120 34.17 31.01 -0.46
N LYS E 121 32.88 31.40 -0.63
CA LYS E 121 32.35 32.67 -0.16
C LYS E 121 31.82 32.59 1.29
N VAL E 122 31.94 31.40 1.92
CA VAL E 122 31.53 31.16 3.30
C VAL E 122 32.68 31.60 4.23
N PHE E 123 32.38 32.44 5.25
CA PHE E 123 33.40 32.94 6.17
C PHE E 123 32.99 32.87 7.65
N PRO E 124 33.94 32.53 8.57
CA PRO E 124 33.59 32.47 10.00
C PRO E 124 33.46 33.87 10.64
N PRO E 125 32.95 34.02 11.89
CA PRO E 125 32.80 35.37 12.46
C PRO E 125 34.04 35.93 13.16
N GLU E 126 34.13 37.27 13.20
CA GLU E 126 35.22 37.98 13.88
C GLU E 126 34.66 38.57 15.18
N VAL E 127 34.96 37.91 16.30
CA VAL E 127 34.46 38.34 17.61
C VAL E 127 35.61 38.86 18.50
N ALA E 128 35.52 40.15 18.86
CA ALA E 128 36.50 40.82 19.71
C ALA E 128 35.77 41.58 20.82
N VAL E 129 36.19 41.36 22.08
CA VAL E 129 35.58 41.97 23.25
C VAL E 129 36.18 43.36 23.56
N PHE E 130 35.33 44.35 23.92
CA PHE E 130 35.73 45.72 24.22
C PHE E 130 35.43 46.11 25.67
N GLU E 131 36.43 46.72 26.36
CA GLU E 131 36.36 47.17 27.76
C GLU E 131 35.64 48.52 27.94
N PRO E 132 34.89 48.72 29.06
CA PRO E 132 34.15 49.98 29.22
C PRO E 132 34.97 51.26 29.30
N SER E 133 34.30 52.40 29.02
CA SER E 133 34.86 53.76 28.99
C SER E 133 34.80 54.41 30.37
N GLU E 134 35.95 54.97 30.85
CA GLU E 134 36.07 55.64 32.15
C GLU E 134 35.14 56.87 32.31
N ALA E 135 34.81 57.53 31.18
CA ALA E 135 33.90 58.68 31.17
C ALA E 135 32.44 58.26 31.38
N GLU E 136 32.10 56.99 31.09
CA GLU E 136 30.75 56.43 31.25
C GLU E 136 30.47 55.99 32.69
N ILE E 137 31.40 55.21 33.30
CA ILE E 137 31.27 54.67 34.66
C ILE E 137 31.23 55.76 35.76
N SER E 138 31.26 57.04 35.36
CA SER E 138 31.19 58.18 36.28
C SER E 138 30.01 59.09 35.93
N HIS E 139 29.91 59.53 34.64
CA HIS E 139 28.83 60.38 34.14
C HIS E 139 27.49 59.65 34.24
N THR E 140 27.47 58.36 33.84
CA THR E 140 26.26 57.54 33.94
C THR E 140 26.30 56.72 35.22
N GLN E 141 27.52 56.45 35.76
CA GLN E 141 27.77 55.66 36.98
C GLN E 141 27.41 54.18 36.81
N LYS E 142 27.47 53.67 35.55
CA LYS E 142 27.14 52.28 35.21
C LYS E 142 28.15 51.70 34.21
N ALA E 143 28.02 50.41 33.89
CA ALA E 143 28.89 49.74 32.94
C ALA E 143 28.18 49.48 31.63
N THR E 144 28.95 49.04 30.61
CA THR E 144 28.54 48.61 29.27
C THR E 144 29.77 47.99 28.58
N LEU E 145 29.70 46.68 28.26
CA LEU E 145 30.75 45.97 27.53
C LEU E 145 30.17 45.67 26.15
N VAL E 146 30.73 46.28 25.10
CA VAL E 146 30.20 46.15 23.74
C VAL E 146 30.93 45.07 22.92
N CYS E 147 30.15 44.19 22.27
CA CYS E 147 30.67 43.15 21.37
C CYS E 147 30.19 43.38 19.96
N LEU E 148 31.06 43.10 18.98
CA LEU E 148 30.75 43.25 17.57
C LEU E 148 31.02 41.95 16.82
N ALA E 149 30.27 41.71 15.74
CA ALA E 149 30.44 40.55 14.87
C ALA E 149 30.58 41.03 13.43
N THR E 150 31.73 40.73 12.80
CA THR E 150 32.01 41.16 11.43
C THR E 150 32.78 40.07 10.64
N GLY E 151 32.91 40.28 9.33
CA GLY E 151 33.62 39.39 8.41
C GLY E 151 33.16 37.95 8.43
N PHE E 152 31.84 37.72 8.27
CA PHE E 152 31.25 36.38 8.26
C PHE E 152 30.22 36.20 7.14
N TYR E 153 29.94 34.94 6.74
CA TYR E 153 28.93 34.62 5.73
C TYR E 153 28.41 33.17 5.80
N PRO E 154 27.07 32.94 5.73
CA PRO E 154 25.97 33.90 5.65
C PRO E 154 25.40 34.31 7.02
N ASP E 155 24.10 34.74 7.06
CA ASP E 155 23.37 35.18 8.27
C ASP E 155 23.46 34.21 9.47
N HIS E 156 23.91 32.96 9.23
CA HIS E 156 24.05 31.93 10.25
C HIS E 156 25.00 32.40 11.35
N VAL E 157 24.44 32.89 12.48
CA VAL E 157 25.17 33.37 13.67
C VAL E 157 24.23 33.48 14.86
N GLU E 158 24.75 33.20 16.08
CA GLU E 158 24.00 33.32 17.32
C GLU E 158 24.88 33.95 18.41
N LEU E 159 24.83 35.29 18.54
CA LEU E 159 25.62 36.03 19.52
C LEU E 159 25.00 35.96 20.93
N SER E 160 25.85 35.73 21.95
CA SER E 160 25.43 35.62 23.36
C SER E 160 26.46 36.23 24.32
N TRP E 161 26.14 36.23 25.64
CA TRP E 161 27.00 36.76 26.71
C TRP E 161 27.02 35.81 27.91
N TRP E 162 28.20 35.63 28.52
CA TRP E 162 28.40 34.74 29.66
C TRP E 162 29.11 35.46 30.82
N VAL E 163 28.63 35.24 32.06
CA VAL E 163 29.17 35.86 33.28
C VAL E 163 29.43 34.80 34.36
N ASN E 164 30.70 34.71 34.83
CA ASN E 164 31.19 33.78 35.87
C ASN E 164 30.89 32.29 35.56
N GLY E 165 30.93 31.93 34.28
CA GLY E 165 30.71 30.57 33.82
C GLY E 165 29.30 30.25 33.37
N LYS E 166 28.33 31.17 33.61
CA LYS E 166 26.94 30.93 33.22
C LYS E 166 26.33 32.09 32.41
N GLU E 167 25.26 31.78 31.63
CA GLU E 167 24.53 32.70 30.73
C GLU E 167 23.99 33.96 31.43
N VAL E 168 23.80 35.03 30.64
CA VAL E 168 23.27 36.32 31.11
C VAL E 168 22.46 37.02 30.00
N HIS E 169 21.29 37.59 30.35
CA HIS E 169 20.41 38.26 29.38
C HIS E 169 20.05 39.70 29.77
N SER E 170 20.28 40.08 31.05
CA SER E 170 19.99 41.43 31.54
C SER E 170 20.94 42.46 30.91
N GLY E 171 20.38 43.57 30.44
CA GLY E 171 21.13 44.64 29.80
C GLY E 171 21.65 44.30 28.42
N VAL E 172 21.52 43.02 28.00
CA VAL E 172 21.97 42.51 26.69
C VAL E 172 21.17 43.17 25.57
N CYS E 173 21.85 43.56 24.48
CA CYS E 173 21.20 44.22 23.36
C CYS E 173 21.72 43.74 22.00
N THR E 174 21.45 42.46 21.67
CA THR E 174 21.88 41.84 20.41
C THR E 174 21.13 42.47 19.22
N ASP E 175 21.86 42.80 18.15
CA ASP E 175 21.31 43.39 16.92
C ASP E 175 20.40 42.36 16.22
N PRO E 176 19.18 42.76 15.78
CA PRO E 176 18.28 41.76 15.16
C PRO E 176 18.53 41.49 13.68
N GLN E 177 18.84 42.53 12.88
CA GLN E 177 19.04 42.38 11.44
C GLN E 177 20.51 42.46 11.00
N PRO E 178 20.94 41.63 10.01
CA PRO E 178 22.35 41.71 9.57
C PRO E 178 22.59 42.83 8.56
N LEU E 179 23.75 43.51 8.66
CA LEU E 179 24.09 44.60 7.76
C LEU E 179 25.29 44.28 6.89
N LYS E 180 25.12 44.43 5.58
CA LYS E 180 26.15 44.18 4.58
C LYS E 180 27.31 45.17 4.77
N GLU E 181 28.53 44.64 5.04
CA GLU E 181 29.75 45.46 5.22
C GLU E 181 30.04 46.23 3.93
N GLN E 182 29.77 45.59 2.79
CA GLN E 182 29.92 46.17 1.47
C GLN E 182 28.53 46.16 0.80
N PRO E 183 27.68 47.18 1.06
CA PRO E 183 26.32 47.17 0.49
C PRO E 183 26.25 47.32 -1.03
N ALA E 184 27.36 47.77 -1.66
CA ALA E 184 27.47 47.91 -3.11
C ALA E 184 28.09 46.64 -3.71
N LEU E 185 27.90 45.48 -3.04
CA LEU E 185 28.47 44.19 -3.43
C LEU E 185 27.45 43.06 -3.27
N ASN E 186 27.53 42.04 -4.15
CA ASN E 186 26.69 40.84 -4.08
C ASN E 186 27.38 39.81 -3.17
N ASP E 187 26.58 39.05 -2.37
CA ASP E 187 27.06 38.05 -1.39
C ASP E 187 27.99 38.70 -0.35
N SER E 188 27.61 39.90 0.13
CA SER E 188 28.38 40.70 1.08
C SER E 188 28.50 40.06 2.46
N ARG E 189 29.67 40.25 3.10
CA ARG E 189 29.95 39.77 4.45
C ARG E 189 29.10 40.56 5.44
N TYR E 190 28.08 39.91 6.03
CA TYR E 190 27.14 40.55 6.95
C TYR E 190 27.79 40.98 8.29
N ALA E 191 27.08 41.82 9.07
CA ALA E 191 27.58 42.36 10.34
C ALA E 191 26.47 42.59 11.36
N LEU E 192 26.80 42.47 12.66
CA LEU E 192 25.88 42.65 13.80
C LEU E 192 26.58 43.43 14.94
N SER E 193 25.88 43.60 16.11
CA SER E 193 26.39 44.34 17.27
C SER E 193 25.62 44.00 18.56
N SER E 194 26.28 44.14 19.73
CA SER E 194 25.65 43.88 21.04
C SER E 194 26.32 44.64 22.18
N ARG E 195 25.59 44.91 23.28
CA ARG E 195 26.10 45.65 24.44
C ARG E 195 25.58 45.02 25.74
N LEU E 196 26.48 44.76 26.71
CA LEU E 196 26.12 44.19 28.02
C LEU E 196 26.35 45.21 29.14
N ARG E 197 25.26 45.88 29.56
CA ARG E 197 25.31 46.90 30.62
C ARG E 197 25.12 46.29 32.01
N VAL E 198 26.13 46.45 32.89
CA VAL E 198 26.10 45.98 34.28
C VAL E 198 26.33 47.17 35.24
N SER E 199 26.48 46.90 36.56
CA SER E 199 26.73 47.97 37.54
C SER E 199 28.20 48.42 37.51
N ALA E 200 28.48 49.61 38.05
CA ALA E 200 29.82 50.19 38.11
C ALA E 200 30.83 49.34 38.90
N THR E 201 30.37 48.67 39.97
CA THR E 201 31.22 47.86 40.86
C THR E 201 31.42 46.41 40.41
N PHE E 202 30.44 45.83 39.66
CA PHE E 202 30.48 44.43 39.21
C PHE E 202 31.74 44.10 38.40
N TRP E 203 32.08 44.95 37.44
CA TRP E 203 33.25 44.72 36.59
C TRP E 203 34.53 45.37 37.11
N GLN E 204 34.43 46.15 38.20
CA GLN E 204 35.61 46.73 38.84
C GLN E 204 36.30 45.67 39.69
N ASN E 205 35.55 44.58 40.03
CA ASN E 205 36.07 43.43 40.76
C ASN E 205 36.90 42.57 39.80
N PRO E 206 38.18 42.25 40.12
CA PRO E 206 39.00 41.46 39.21
C PRO E 206 38.60 40.00 39.06
N ARG E 207 37.83 39.45 40.03
CA ARG E 207 37.39 38.05 40.01
C ARG E 207 36.23 37.76 39.03
N ASN E 208 35.62 38.80 38.44
CA ASN E 208 34.48 38.65 37.51
C ASN E 208 34.89 38.47 36.04
N HIS E 209 34.17 37.58 35.32
CA HIS E 209 34.42 37.21 33.92
C HIS E 209 33.31 37.73 32.99
N PHE E 210 33.71 38.43 31.90
CA PHE E 210 32.80 39.03 30.91
C PHE E 210 33.15 38.55 29.50
N ARG E 211 32.41 37.56 28.98
CA ARG E 211 32.68 36.97 27.67
C ARG E 211 31.54 37.11 26.67
N CYS E 212 31.88 37.46 25.41
CA CYS E 212 30.96 37.51 24.28
C CYS E 212 31.18 36.22 23.47
N GLN E 213 30.09 35.59 22.99
CA GLN E 213 30.17 34.34 22.24
C GLN E 213 29.38 34.42 20.92
N VAL E 214 29.92 33.86 19.83
CA VAL E 214 29.26 33.83 18.52
C VAL E 214 29.28 32.41 17.93
N GLN E 215 28.14 31.69 18.01
CA GLN E 215 28.02 30.36 17.42
C GLN E 215 27.65 30.52 15.94
N PHE E 216 28.54 30.07 15.05
CA PHE E 216 28.34 30.19 13.62
C PHE E 216 28.09 28.82 13.00
N TYR E 217 27.17 28.76 12.02
CA TYR E 217 26.81 27.52 11.33
C TYR E 217 27.42 27.53 9.94
N GLY E 218 28.44 26.69 9.75
CA GLY E 218 29.20 26.63 8.51
C GLY E 218 29.04 25.38 7.68
N LEU E 219 29.98 25.17 6.74
CA LEU E 219 30.02 24.06 5.79
C LEU E 219 29.99 22.69 6.42
N SER E 220 29.48 21.70 5.67
CA SER E 220 29.37 20.31 6.13
C SER E 220 30.72 19.59 6.11
N GLU E 221 30.80 18.44 6.81
CA GLU E 221 32.00 17.60 6.87
C GLU E 221 32.22 16.92 5.51
N ASN E 222 31.12 16.44 4.91
CA ASN E 222 31.12 15.73 3.62
C ASN E 222 31.28 16.66 2.39
N ASP E 223 31.57 17.96 2.61
CA ASP E 223 31.76 18.94 1.54
C ASP E 223 33.25 19.12 1.20
N GLU E 224 33.56 19.11 -0.10
CA GLU E 224 34.94 19.25 -0.59
C GLU E 224 35.42 20.70 -0.55
N TRP E 225 36.62 20.92 -0.01
CA TRP E 225 37.25 22.24 0.09
C TRP E 225 38.58 22.26 -0.69
N THR E 226 38.50 22.63 -1.98
CA THR E 226 39.66 22.68 -2.88
C THR E 226 40.59 23.88 -2.62
N GLN E 227 40.09 24.90 -1.89
CA GLN E 227 40.86 26.11 -1.57
C GLN E 227 42.04 25.85 -0.62
N ASP E 228 43.08 26.71 -0.70
CA ASP E 228 44.32 26.61 0.08
C ASP E 228 44.11 26.88 1.58
N ARG E 229 43.22 27.84 1.92
CA ARG E 229 42.94 28.27 3.30
C ARG E 229 42.23 27.21 4.17
N ALA E 230 41.83 27.60 5.41
CA ALA E 230 41.15 26.73 6.37
C ALA E 230 39.71 26.41 5.93
N LYS E 231 39.08 25.41 6.60
CA LYS E 231 37.71 24.99 6.29
C LYS E 231 36.69 25.81 7.11
N PRO E 232 35.82 26.61 6.44
CA PRO E 232 34.83 27.40 7.20
C PRO E 232 33.63 26.56 7.66
N VAL E 233 33.86 25.71 8.66
CA VAL E 233 32.84 24.82 9.23
C VAL E 233 32.10 25.47 10.40
N THR E 234 31.17 24.71 11.02
CA THR E 234 30.42 25.15 12.20
C THR E 234 31.40 25.29 13.36
N GLN E 235 31.54 26.51 13.90
CA GLN E 235 32.49 26.79 14.97
C GLN E 235 32.01 27.81 15.99
N ILE E 236 32.24 27.52 17.28
CA ILE E 236 31.91 28.41 18.38
C ILE E 236 33.10 29.37 18.54
N VAL E 237 32.93 30.62 18.11
CA VAL E 237 34.00 31.63 18.18
C VAL E 237 33.67 32.61 19.33
N SER E 238 34.59 32.73 20.31
CA SER E 238 34.37 33.56 21.51
C SER E 238 35.41 34.68 21.69
N ALA E 239 35.15 35.58 22.68
CA ALA E 239 36.02 36.70 23.06
C ALA E 239 35.79 37.03 24.54
N GLU E 240 36.71 36.57 25.43
CA GLU E 240 36.61 36.74 26.89
C GLU E 240 37.37 37.96 27.42
N ALA E 241 36.84 38.58 28.49
CA ALA E 241 37.45 39.74 29.17
C ALA E 241 37.27 39.62 30.68
N TRP E 242 38.36 39.75 31.45
CA TRP E 242 38.31 39.68 32.91
C TRP E 242 38.06 41.05 33.56
N GLY E 243 37.84 41.05 34.88
CA GLY E 243 37.57 42.26 35.64
C GLY E 243 38.77 43.18 35.78
N ARG E 244 38.51 44.50 35.80
CA ARG E 244 39.54 45.55 35.90
C ARG E 244 39.02 46.72 36.74
N ALA E 245 39.82 47.16 37.74
CA ALA E 245 39.47 48.28 38.64
C ALA E 245 39.89 49.65 38.09
N SER F 2 5.39 63.69 39.81
CA SER F 2 4.75 64.43 40.89
C SER F 2 3.96 65.65 40.36
N HIS F 3 3.06 65.41 39.38
CA HIS F 3 2.24 66.45 38.76
C HIS F 3 0.82 65.98 38.48
N SER F 4 -0.18 66.88 38.65
CA SER F 4 -1.59 66.55 38.44
C SER F 4 -2.33 67.66 37.69
N LEU F 5 -3.12 67.28 36.67
CA LEU F 5 -3.96 68.22 35.91
C LEU F 5 -5.39 68.09 36.38
N LYS F 6 -5.87 69.11 37.13
CA LYS F 6 -7.22 69.10 37.71
C LYS F 6 -8.11 70.23 37.17
N TYR F 7 -9.42 70.01 37.17
CA TYR F 7 -10.42 70.98 36.72
C TYR F 7 -11.61 70.97 37.68
N PHE F 8 -12.09 72.16 38.08
CA PHE F 8 -13.21 72.30 39.02
C PHE F 8 -14.38 73.06 38.39
N HIS F 9 -15.52 72.37 38.26
CA HIS F 9 -16.73 72.90 37.62
C HIS F 9 -17.89 73.01 38.60
N THR F 10 -18.46 74.21 38.73
CA THR F 10 -19.58 74.49 39.65
C THR F 10 -20.75 75.14 38.92
N SER F 11 -21.97 74.61 39.16
CA SER F 11 -23.22 75.15 38.61
C SER F 11 -24.22 75.45 39.72
N VAL F 12 -24.80 76.66 39.72
CA VAL F 12 -25.77 77.11 40.75
C VAL F 12 -27.02 77.66 40.09
N SER F 13 -28.19 77.10 40.42
CA SER F 13 -29.47 77.57 39.89
C SER F 13 -29.92 78.80 40.68
N ARG F 14 -30.26 79.89 39.98
CA ARG F 14 -30.78 81.11 40.62
C ARG F 14 -32.22 81.33 40.15
N PRO F 15 -33.21 80.73 40.87
CA PRO F 15 -34.61 80.78 40.41
C PRO F 15 -35.17 82.17 40.15
N GLY F 16 -35.55 82.42 38.90
CA GLY F 16 -36.08 83.70 38.46
C GLY F 16 -35.01 84.71 38.06
N ARG F 17 -33.81 84.58 38.66
CA ARG F 17 -32.66 85.46 38.43
C ARG F 17 -31.90 85.14 37.10
N GLY F 18 -32.59 84.45 36.18
CA GLY F 18 -32.04 84.10 34.88
C GLY F 18 -31.38 82.74 34.81
N GLU F 19 -30.54 82.54 33.78
CA GLU F 19 -29.79 81.29 33.53
C GLU F 19 -28.89 80.93 34.72
N PRO F 20 -28.69 79.62 35.03
CA PRO F 20 -27.86 79.25 36.18
C PRO F 20 -26.39 79.66 36.04
N ARG F 21 -25.71 79.84 37.19
CA ARG F 21 -24.30 80.24 37.24
C ARG F 21 -23.37 79.04 37.10
N PHE F 22 -22.58 79.01 36.01
CA PHE F 22 -21.60 77.95 35.76
C PHE F 22 -20.18 78.52 35.72
N ILE F 23 -19.28 77.98 36.55
CA ILE F 23 -17.88 78.42 36.60
C ILE F 23 -16.92 77.23 36.42
N SER F 24 -15.93 77.39 35.52
CA SER F 24 -14.89 76.38 35.27
C SER F 24 -13.54 76.94 35.67
N VAL F 25 -12.74 76.15 36.42
CA VAL F 25 -11.39 76.54 36.86
C VAL F 25 -10.37 75.41 36.63
N GLY F 26 -9.20 75.74 36.07
CA GLY F 26 -8.16 74.77 35.76
C GLY F 26 -6.94 74.84 36.66
N TYR F 27 -6.28 73.69 36.90
CA TYR F 27 -5.09 73.61 37.77
C TYR F 27 -4.00 72.67 37.27
N VAL F 28 -2.73 73.09 37.45
CA VAL F 28 -1.54 72.27 37.23
C VAL F 28 -0.93 72.21 38.62
N ASP F 29 -1.12 71.07 39.33
CA ASP F 29 -0.74 70.89 40.74
C ASP F 29 -1.53 71.93 41.57
N ASP F 30 -0.83 72.82 42.30
CA ASP F 30 -1.48 73.86 43.10
C ASP F 30 -1.49 75.24 42.41
N THR F 31 -1.44 75.25 41.05
CA THR F 31 -1.42 76.50 40.28
C THR F 31 -2.57 76.59 39.27
N GLN F 32 -3.46 77.59 39.45
CA GLN F 32 -4.58 77.87 38.55
C GLN F 32 -4.05 78.47 37.25
N PHE F 33 -4.75 78.22 36.10
CA PHE F 33 -4.29 78.74 34.81
C PHE F 33 -5.41 79.17 33.83
N VAL F 34 -6.66 78.66 34.00
CA VAL F 34 -7.79 79.02 33.11
C VAL F 34 -9.09 79.33 33.86
N ARG F 35 -9.96 80.17 33.26
CA ARG F 35 -11.23 80.58 33.86
C ARG F 35 -12.39 80.59 32.84
N PHE F 36 -13.59 80.24 33.33
CA PHE F 36 -14.83 80.34 32.57
C PHE F 36 -15.97 80.75 33.50
N ASP F 37 -16.56 81.92 33.25
CA ASP F 37 -17.65 82.46 34.04
C ASP F 37 -18.75 82.98 33.10
N ASN F 38 -19.90 82.28 33.06
CA ASN F 38 -21.04 82.59 32.21
C ASN F 38 -21.74 83.91 32.60
N ASP F 39 -21.72 84.27 33.91
CA ASP F 39 -22.35 85.48 34.45
C ASP F 39 -21.79 86.74 33.83
N ALA F 40 -20.50 86.71 33.43
CA ALA F 40 -19.85 87.82 32.73
C ALA F 40 -20.41 87.89 31.30
N ALA F 41 -20.56 89.11 30.75
CA ALA F 41 -21.08 89.34 29.40
C ALA F 41 -20.31 88.54 28.34
N SER F 42 -19.00 88.34 28.58
CA SER F 42 -18.10 87.56 27.74
C SER F 42 -17.90 86.16 28.38
N PRO F 43 -18.72 85.15 28.00
CA PRO F 43 -18.54 83.82 28.59
C PRO F 43 -17.56 83.01 27.75
N ARG F 44 -16.26 83.38 27.84
CA ARG F 44 -15.19 82.75 27.06
C ARG F 44 -14.08 82.27 27.97
N MET F 45 -13.31 81.28 27.50
CA MET F 45 -12.17 80.76 28.23
C MET F 45 -11.04 81.77 28.18
N VAL F 46 -10.54 82.18 29.36
CA VAL F 46 -9.49 83.19 29.49
C VAL F 46 -8.34 82.69 30.40
N PRO F 47 -7.08 83.08 30.12
CA PRO F 47 -5.98 82.60 30.98
C PRO F 47 -5.82 83.37 32.27
N ARG F 48 -5.64 82.66 33.38
CA ARG F 48 -5.39 83.26 34.68
C ARG F 48 -3.95 82.91 35.14
N ALA F 49 -3.05 82.76 34.15
CA ALA F 49 -1.62 82.46 34.32
C ALA F 49 -0.80 83.26 33.30
N PRO F 50 0.50 83.57 33.59
CA PRO F 50 1.29 84.36 32.62
C PRO F 50 1.80 83.54 31.43
N TRP F 51 2.12 82.25 31.63
CA TRP F 51 2.63 81.34 30.61
C TRP F 51 1.55 80.90 29.59
N MET F 52 0.29 81.27 29.84
CA MET F 52 -0.84 80.92 28.98
C MET F 52 -1.32 82.11 28.12
N GLU F 53 -0.94 83.35 28.51
CA GLU F 53 -1.31 84.62 27.87
C GLU F 53 -1.41 84.55 26.32
N GLN F 54 -0.34 84.08 25.66
CA GLN F 54 -0.32 83.90 24.21
C GLN F 54 -0.35 82.40 23.89
N GLU F 55 -1.54 81.88 23.53
CA GLU F 55 -1.72 80.45 23.26
C GLU F 55 -2.39 80.12 21.90
N GLY F 56 -3.10 81.10 21.32
CA GLY F 56 -3.73 80.95 20.01
C GLY F 56 -5.23 80.75 20.04
N SER F 57 -5.93 81.33 19.04
CA SER F 57 -7.39 81.29 18.89
C SER F 57 -8.00 79.89 18.91
N GLU F 58 -7.40 78.94 18.16
N GLU F 58 -7.40 78.94 18.16
CA GLU F 58 -7.87 77.54 18.06
CA GLU F 58 -7.87 77.54 18.06
C GLU F 58 -7.99 76.87 19.44
C GLU F 58 -7.96 76.85 19.42
N TYR F 59 -7.08 77.20 20.38
CA TYR F 59 -7.09 76.65 21.74
C TYR F 59 -8.28 77.20 22.53
N TRP F 60 -8.46 78.54 22.53
CA TRP F 60 -9.54 79.19 23.27
C TRP F 60 -10.91 78.89 22.69
N ASP F 61 -11.02 78.83 21.34
CA ASP F 61 -12.27 78.49 20.63
C ASP F 61 -12.74 77.09 21.03
N ARG F 62 -11.78 76.14 21.14
CA ARG F 62 -12.02 74.75 21.55
C ARG F 62 -12.66 74.71 22.94
N GLU F 63 -11.95 75.26 23.94
CA GLU F 63 -12.35 75.24 25.35
C GLU F 63 -13.60 76.06 25.65
N THR F 64 -13.78 77.22 24.96
CA THR F 64 -15.00 78.05 25.14
C THR F 64 -16.23 77.18 24.85
N ARG F 65 -16.18 76.37 23.77
CA ARG F 65 -17.24 75.43 23.38
C ARG F 65 -17.32 74.30 24.39
N SER F 66 -16.16 73.71 24.76
CA SER F 66 -16.08 72.61 25.74
C SER F 66 -16.83 72.97 27.02
N ALA F 67 -16.60 74.21 27.52
CA ALA F 67 -17.23 74.74 28.72
C ALA F 67 -18.68 75.17 28.47
N ARG F 68 -18.95 75.85 27.31
CA ARG F 68 -20.31 76.31 26.96
C ARG F 68 -21.27 75.13 26.88
N ASP F 69 -20.82 74.03 26.24
CA ASP F 69 -21.61 72.80 26.11
C ASP F 69 -21.84 72.15 27.47
N THR F 70 -20.82 72.18 28.38
CA THR F 70 -20.93 71.65 29.75
C THR F 70 -21.97 72.47 30.52
N ALA F 71 -21.97 73.79 30.30
CA ALA F 71 -22.92 74.70 30.96
C ALA F 71 -24.36 74.33 30.56
N GLN F 72 -24.61 74.20 29.23
CA GLN F 72 -25.92 73.84 28.66
C GLN F 72 -26.47 72.56 29.29
N ILE F 73 -25.60 71.55 29.44
CA ILE F 73 -25.95 70.26 30.04
C ILE F 73 -26.26 70.43 31.53
N PHE F 74 -25.36 71.13 32.26
CA PHE F 74 -25.50 71.37 33.71
C PHE F 74 -26.81 72.10 34.03
N ARG F 75 -27.26 72.97 33.11
CA ARG F 75 -28.52 73.72 33.20
C ARG F 75 -29.70 72.74 33.29
N VAL F 76 -29.87 71.84 32.28
CA VAL F 76 -30.96 70.84 32.27
C VAL F 76 -30.76 69.75 33.32
N ASN F 77 -29.50 69.49 33.69
CA ASN F 77 -29.18 68.51 34.72
C ASN F 77 -29.76 68.96 36.02
N LEU F 78 -29.54 70.25 36.38
CA LEU F 78 -30.09 70.82 37.59
C LEU F 78 -31.61 70.63 37.65
N ARG F 79 -32.28 70.75 36.48
CA ARG F 79 -33.72 70.53 36.35
C ARG F 79 -34.07 69.05 36.59
N THR F 80 -33.27 68.12 36.01
CA THR F 80 -33.45 66.68 36.16
C THR F 80 -33.27 66.25 37.63
N LEU F 81 -32.17 66.72 38.28
CA LEU F 81 -31.82 66.42 39.67
C LEU F 81 -32.91 66.83 40.64
N ARG F 82 -33.58 67.98 40.37
CA ARG F 82 -34.68 68.49 41.19
C ARG F 82 -35.77 67.44 41.37
N GLY F 83 -36.18 66.82 40.26
CA GLY F 83 -37.21 65.79 40.23
C GLY F 83 -36.84 64.53 40.99
N TYR F 84 -35.55 64.13 40.96
CA TYR F 84 -35.06 62.93 41.66
C TYR F 84 -35.30 63.08 43.17
N TYR F 85 -34.86 64.22 43.74
CA TYR F 85 -34.99 64.55 45.15
C TYR F 85 -36.33 65.24 45.47
N ASN F 86 -37.22 65.35 44.45
CA ASN F 86 -38.55 65.96 44.54
C ASN F 86 -38.50 67.34 45.22
N GLN F 87 -37.83 68.30 44.55
CA GLN F 87 -37.64 69.67 45.03
C GLN F 87 -38.49 70.68 44.25
N SER F 88 -38.71 71.87 44.84
CA SER F 88 -39.51 72.94 44.23
C SER F 88 -38.68 73.85 43.34
N GLU F 89 -39.32 74.52 42.37
CA GLU F 89 -38.69 75.48 41.47
C GLU F 89 -38.11 76.66 42.24
N ALA F 90 -38.63 76.92 43.46
CA ALA F 90 -38.25 78.02 44.35
C ALA F 90 -36.81 77.99 44.86
N GLY F 91 -36.34 76.82 45.29
CA GLY F 91 -35.00 76.66 45.87
C GLY F 91 -33.85 76.67 44.88
N SER F 92 -32.69 77.19 45.34
CA SER F 92 -31.43 77.23 44.60
C SER F 92 -30.64 75.97 44.93
N HIS F 93 -29.97 75.37 43.93
CA HIS F 93 -29.19 74.15 44.15
C HIS F 93 -27.83 74.17 43.41
N THR F 94 -26.85 73.42 43.96
CA THR F 94 -25.48 73.38 43.42
C THR F 94 -25.10 72.01 42.84
N LEU F 95 -24.66 72.00 41.57
CA LEU F 95 -24.17 70.82 40.88
C LEU F 95 -22.65 70.98 40.74
N GLN F 96 -21.89 70.01 41.28
CA GLN F 96 -20.44 70.09 41.25
C GLN F 96 -19.80 68.93 40.53
N TRP F 97 -18.79 69.22 39.70
CA TRP F 97 -18.06 68.21 38.94
C TRP F 97 -16.58 68.50 38.91
N MET F 98 -15.77 67.49 39.24
CA MET F 98 -14.30 67.57 39.25
C MET F 98 -13.67 66.36 38.58
N HIS F 99 -12.63 66.61 37.76
CA HIS F 99 -11.90 65.55 37.07
C HIS F 99 -10.40 65.83 37.11
N GLY F 100 -9.61 64.77 37.14
CA GLY F 100 -8.16 64.89 37.18
C GLY F 100 -7.41 63.59 36.91
N CYS F 101 -6.11 63.73 36.61
CA CYS F 101 -5.19 62.62 36.34
C CYS F 101 -3.86 62.85 37.10
N GLU F 102 -3.01 61.80 37.20
CA GLU F 102 -1.75 61.88 37.91
C GLU F 102 -0.61 61.13 37.23
N LEU F 103 0.64 61.45 37.64
CA LEU F 103 1.91 60.85 37.20
C LEU F 103 2.99 61.14 38.28
N GLY F 104 3.11 60.24 39.24
CA GLY F 104 4.01 60.42 40.38
C GLY F 104 5.48 60.14 40.14
N PRO F 105 5.95 58.94 40.54
CA PRO F 105 7.38 58.63 40.42
C PRO F 105 7.85 58.35 38.99
N ASP F 106 7.11 57.50 38.26
CA ASP F 106 7.45 57.08 36.89
C ASP F 106 7.44 58.22 35.88
N ARG F 107 6.49 59.14 36.02
CA ARG F 107 6.29 60.24 35.10
C ARG F 107 5.22 59.92 34.07
N ARG F 108 4.88 58.62 33.98
CA ARG F 108 3.82 58.08 33.12
C ARG F 108 2.51 58.08 33.94
N PHE F 109 1.33 58.07 33.28
CA PHE F 109 0.02 58.08 33.94
C PHE F 109 -0.05 57.09 35.12
N LEU F 110 -0.34 57.62 36.32
CA LEU F 110 -0.47 56.85 37.54
C LEU F 110 -1.95 56.55 37.88
N ARG F 111 -2.70 57.58 38.35
CA ARG F 111 -4.10 57.43 38.77
C ARG F 111 -4.97 58.59 38.27
N GLY F 112 -6.23 58.29 37.96
CA GLY F 112 -7.21 59.28 37.51
C GLY F 112 -8.49 59.27 38.32
N TYR F 113 -9.14 60.43 38.43
CA TYR F 113 -10.40 60.56 39.18
C TYR F 113 -11.44 61.41 38.44
N GLU F 114 -12.72 61.21 38.79
CA GLU F 114 -13.86 61.93 38.24
C GLU F 114 -15.03 61.78 39.23
N GLN F 115 -15.59 62.92 39.71
CA GLN F 115 -16.66 62.89 40.70
C GLN F 115 -17.73 63.96 40.50
N PHE F 116 -18.96 63.64 40.95
CA PHE F 116 -20.13 64.53 40.91
C PHE F 116 -20.71 64.65 42.31
N ALA F 117 -21.34 65.81 42.61
CA ALA F 117 -21.98 66.05 43.91
C ALA F 117 -23.14 67.02 43.80
N TYR F 118 -24.30 66.65 44.34
CA TYR F 118 -25.47 67.50 44.37
C TYR F 118 -25.63 68.09 45.75
N ASP F 119 -25.50 69.42 45.84
CA ASP F 119 -25.61 70.20 47.08
C ASP F 119 -24.65 69.73 48.17
N GLY F 120 -23.35 69.84 47.89
CA GLY F 120 -22.28 69.49 48.82
C GLY F 120 -22.06 68.00 49.06
N LYS F 121 -23.15 67.21 49.04
CA LYS F 121 -23.11 65.76 49.25
C LYS F 121 -22.81 65.04 47.94
N ASP F 122 -21.92 64.01 47.99
CA ASP F 122 -21.52 63.19 46.84
C ASP F 122 -22.70 62.58 46.07
N TYR F 123 -22.56 62.49 44.74
CA TYR F 123 -23.61 61.94 43.87
C TYR F 123 -23.11 60.76 43.05
N LEU F 124 -22.18 61.01 42.10
CA LEU F 124 -21.65 59.96 41.21
C LEU F 124 -20.13 59.90 41.22
N THR F 125 -19.58 58.68 41.17
CA THR F 125 -18.12 58.45 41.16
C THR F 125 -17.74 57.53 40.00
N LEU F 126 -16.58 57.78 39.39
CA LEU F 126 -16.01 56.93 38.35
C LEU F 126 -15.06 55.94 39.01
N ASN F 127 -15.31 54.64 38.82
CA ASN F 127 -14.53 53.54 39.40
C ASN F 127 -13.04 53.64 39.04
N GLU F 128 -12.16 53.04 39.88
CA GLU F 128 -10.71 53.09 39.65
C GLU F 128 -10.27 52.35 38.37
N ASP F 129 -11.07 51.35 37.95
CA ASP F 129 -10.86 50.62 36.70
C ASP F 129 -11.14 51.53 35.50
N LEU F 130 -11.92 52.62 35.74
CA LEU F 130 -12.34 53.66 34.77
C LEU F 130 -13.24 53.09 33.66
N ARG F 131 -13.99 52.02 33.96
CA ARG F 131 -14.87 51.32 33.01
C ARG F 131 -16.34 51.43 33.42
N SER F 132 -16.61 51.65 34.72
CA SER F 132 -17.98 51.74 35.25
C SER F 132 -18.19 52.95 36.17
N TRP F 133 -19.45 53.21 36.53
CA TRP F 133 -19.84 54.30 37.44
C TRP F 133 -20.55 53.69 38.66
N THR F 134 -20.38 54.30 39.83
CA THR F 134 -21.01 53.82 41.05
C THR F 134 -21.80 54.96 41.74
N ALA F 135 -22.97 54.62 42.27
CA ALA F 135 -23.86 55.55 42.95
C ALA F 135 -23.49 55.72 44.43
N VAL F 136 -23.18 56.96 44.85
CA VAL F 136 -22.84 57.28 46.23
C VAL F 136 -24.15 57.42 47.03
N ASP F 137 -25.16 58.07 46.41
CA ASP F 137 -26.50 58.25 46.99
C ASP F 137 -27.47 57.22 46.36
N THR F 138 -28.77 57.34 46.68
CA THR F 138 -29.83 56.45 46.20
C THR F 138 -30.54 57.02 44.98
N ALA F 139 -30.55 58.36 44.84
CA ALA F 139 -31.16 59.06 43.70
C ALA F 139 -30.25 58.92 42.47
N ALA F 140 -28.96 58.67 42.71
CA ALA F 140 -27.93 58.50 41.68
C ALA F 140 -28.08 57.21 40.89
N GLN F 141 -28.72 56.15 41.48
CA GLN F 141 -28.92 54.84 40.86
C GLN F 141 -29.56 54.89 39.46
N ILE F 142 -30.48 55.85 39.22
CA ILE F 142 -31.12 56.02 37.91
C ILE F 142 -30.07 56.59 36.95
N SER F 143 -29.29 57.60 37.40
CA SER F 143 -28.22 58.24 36.62
C SER F 143 -26.98 57.31 36.49
N GLU F 144 -26.89 56.27 37.34
CA GLU F 144 -25.80 55.30 37.35
C GLU F 144 -25.98 54.33 36.19
N GLN F 145 -27.12 53.58 36.18
CA GLN F 145 -27.45 52.60 35.15
C GLN F 145 -27.47 53.28 33.77
N LYS F 146 -28.11 54.46 33.70
CA LYS F 146 -28.22 55.35 32.53
C LYS F 146 -26.84 55.60 31.89
N SER F 147 -25.84 56.02 32.70
CA SER F 147 -24.48 56.35 32.26
C SER F 147 -23.62 55.12 31.95
N ASN F 148 -24.00 53.96 32.52
CA ASN F 148 -23.28 52.70 32.33
C ASN F 148 -23.71 51.99 31.04
N ASP F 149 -25.03 51.95 30.77
CA ASP F 149 -25.59 51.32 29.57
C ASP F 149 -25.17 52.08 28.31
N ALA F 150 -25.13 53.42 28.40
CA ALA F 150 -24.75 54.29 27.30
C ALA F 150 -23.24 54.24 26.99
N SER F 151 -22.46 53.52 27.84
CA SER F 151 -21.00 53.36 27.71
C SER F 151 -20.26 54.72 27.76
N GLU F 152 -20.70 55.61 28.69
CA GLU F 152 -20.15 56.97 28.83
C GLU F 152 -18.74 57.04 29.41
N ALA F 153 -18.39 56.09 30.30
CA ALA F 153 -17.08 56.02 30.97
C ALA F 153 -15.92 56.06 29.97
N GLU F 154 -16.06 55.35 28.83
CA GLU F 154 -15.06 55.25 27.76
C GLU F 154 -14.55 56.61 27.29
N HIS F 155 -15.44 57.62 27.24
CA HIS F 155 -15.09 58.98 26.82
C HIS F 155 -14.16 59.65 27.84
N GLN F 156 -14.41 59.38 29.14
CA GLN F 156 -13.61 59.93 30.24
C GLN F 156 -12.30 59.18 30.35
N ARG F 157 -12.36 57.83 30.32
CA ARG F 157 -11.19 56.94 30.38
C ARG F 157 -10.15 57.30 29.31
N ALA F 158 -10.62 57.63 28.09
CA ALA F 158 -9.74 58.07 27.01
C ALA F 158 -9.18 59.45 27.33
N TYR F 159 -10.03 60.38 27.84
CA TYR F 159 -9.60 61.73 28.20
C TYR F 159 -8.53 61.70 29.29
N LEU F 160 -8.83 61.09 30.46
CA LEU F 160 -7.93 61.02 31.61
C LEU F 160 -6.54 60.45 31.26
N GLU F 161 -6.45 59.54 30.26
CA GLU F 161 -5.19 58.93 29.86
C GLU F 161 -4.52 59.57 28.62
N ASP F 162 -5.14 59.44 27.42
CA ASP F 162 -4.51 59.94 26.19
C ASP F 162 -4.62 61.47 25.99
N THR F 163 -5.38 62.18 26.85
CA THR F 163 -5.55 63.63 26.72
C THR F 163 -4.98 64.36 27.94
N CYS F 164 -5.61 64.19 29.13
CA CYS F 164 -5.24 64.80 30.42
C CYS F 164 -3.73 64.76 30.66
N VAL F 165 -3.09 63.60 30.36
CA VAL F 165 -1.66 63.40 30.54
C VAL F 165 -0.87 64.05 29.40
N GLU F 166 -1.34 63.88 28.14
CA GLU F 166 -0.70 64.47 26.95
C GLU F 166 -0.62 65.99 27.08
N TRP F 167 -1.65 66.61 27.66
CA TRP F 167 -1.73 68.05 27.87
C TRP F 167 -0.96 68.51 29.09
N LEU F 168 -0.94 67.70 30.16
CA LEU F 168 -0.20 68.04 31.37
C LEU F 168 1.29 68.23 31.05
N HIS F 169 1.86 67.30 30.25
CA HIS F 169 3.25 67.37 29.78
C HIS F 169 3.44 68.57 28.85
N LYS F 170 2.38 68.93 28.08
CA LYS F 170 2.39 70.09 27.18
C LYS F 170 2.48 71.38 28.02
N TYR F 171 1.69 71.45 29.11
CA TYR F 171 1.64 72.60 30.02
C TYR F 171 2.92 72.78 30.84
N LEU F 172 3.65 71.67 31.11
CA LEU F 172 4.91 71.72 31.87
C LEU F 172 6.02 72.42 31.08
N GLU F 173 6.00 72.31 29.74
CA GLU F 173 6.98 73.00 28.89
C GLU F 173 6.51 74.40 28.47
N LYS F 174 5.45 74.90 29.13
CA LYS F 174 4.90 76.24 28.92
C LYS F 174 5.22 77.09 30.14
N GLY F 175 4.97 76.53 31.33
CA GLY F 175 5.27 77.17 32.60
C GLY F 175 6.46 76.53 33.28
N LYS F 176 7.53 76.27 32.48
CA LYS F 176 8.79 75.63 32.88
C LYS F 176 9.36 76.21 34.19
N GLU F 177 9.83 77.47 34.14
CA GLU F 177 10.46 78.18 35.27
C GLU F 177 9.45 78.73 36.29
N THR F 178 8.14 78.54 36.06
CA THR F 178 7.10 79.04 36.96
C THR F 178 6.51 77.92 37.82
N LEU F 179 6.35 76.70 37.25
CA LEU F 179 5.75 75.56 37.95
C LEU F 179 6.80 74.60 38.50
N LEU F 180 7.75 74.17 37.65
CA LEU F 180 8.79 73.19 38.01
C LEU F 180 9.85 73.77 38.96
N HIS F 181 9.98 75.11 39.00
CA HIS F 181 10.89 75.79 39.93
C HIS F 181 10.24 75.77 41.30
N LEU F 182 10.71 74.89 42.19
CA LEU F 182 10.19 74.81 43.57
C LEU F 182 10.68 76.00 44.39
N GLU F 183 9.93 76.39 45.43
CA GLU F 183 10.28 77.51 46.27
C GLU F 183 10.29 77.12 47.75
N PRO F 184 11.47 77.14 48.42
CA PRO F 184 11.50 76.79 49.85
C PRO F 184 10.90 77.93 50.70
N PRO F 185 10.31 77.61 51.87
CA PRO F 185 9.67 78.67 52.68
C PRO F 185 10.64 79.62 53.38
N LYS F 186 10.17 80.85 53.64
CA LYS F 186 10.92 81.87 54.37
C LYS F 186 10.55 81.71 55.85
N THR F 187 11.34 80.92 56.58
CA THR F 187 11.08 80.54 57.96
C THR F 187 11.55 81.56 58.99
N HIS F 188 10.65 81.94 59.93
CA HIS F 188 10.92 82.82 61.06
C HIS F 188 9.95 82.53 62.24
N VAL F 189 10.23 83.07 63.45
CA VAL F 189 9.39 82.87 64.65
C VAL F 189 9.07 84.24 65.29
N THR F 190 7.80 84.46 65.72
CA THR F 190 7.38 85.70 66.37
C THR F 190 6.94 85.49 67.82
N HIS F 191 7.56 86.22 68.77
CA HIS F 191 7.27 86.15 70.20
C HIS F 191 6.26 87.22 70.63
N HIS F 192 5.26 86.82 71.45
CA HIS F 192 4.23 87.71 72.01
C HIS F 192 3.43 87.01 73.13
N PRO F 193 3.46 87.54 74.36
CA PRO F 193 2.73 86.88 75.45
C PRO F 193 1.24 87.26 75.52
N ILE F 194 0.37 86.25 75.57
CA ILE F 194 -1.09 86.43 75.68
C ILE F 194 -1.46 86.77 77.14
N SER F 195 -0.56 86.44 78.09
CA SER F 195 -0.73 86.74 79.51
C SER F 195 0.60 87.18 80.13
N ASP F 196 0.67 87.23 81.48
CA ASP F 196 1.88 87.64 82.20
C ASP F 196 2.95 86.55 82.25
N HIS F 197 2.53 85.28 82.07
CA HIS F 197 3.41 84.11 82.12
C HIS F 197 3.31 83.26 80.85
N GLU F 198 2.16 83.32 80.14
CA GLU F 198 1.94 82.55 78.92
C GLU F 198 2.44 83.29 77.67
N ALA F 199 3.69 83.00 77.25
CA ALA F 199 4.30 83.60 76.06
C ALA F 199 4.05 82.73 74.82
N THR F 200 3.05 83.12 74.01
CA THR F 200 2.68 82.36 72.81
C THR F 200 3.66 82.59 71.66
N LEU F 201 4.23 81.49 71.14
CA LEU F 201 5.14 81.53 70.00
C LEU F 201 4.38 81.19 68.71
N ARG F 202 4.92 81.63 67.56
CA ARG F 202 4.30 81.38 66.26
C ARG F 202 5.37 81.14 65.19
N CYS F 203 5.40 79.92 64.63
CA CYS F 203 6.33 79.54 63.58
C CYS F 203 5.78 79.95 62.24
N TRP F 204 6.49 80.82 61.52
CA TRP F 204 6.07 81.32 60.22
C TRP F 204 6.85 80.70 59.08
N ALA F 205 6.14 80.41 57.97
CA ALA F 205 6.70 79.88 56.73
C ALA F 205 5.95 80.58 55.59
N LEU F 206 6.64 81.46 54.84
CA LEU F 206 6.01 82.28 53.80
C LEU F 206 6.73 82.21 52.44
N GLY F 207 5.98 82.55 51.38
CA GLY F 207 6.48 82.59 50.01
C GLY F 207 6.99 81.26 49.48
N PHE F 208 6.20 80.19 49.63
CA PHE F 208 6.56 78.84 49.20
C PHE F 208 5.49 78.22 48.30
N TYR F 209 5.88 77.23 47.48
CA TYR F 209 5.02 76.50 46.55
C TYR F 209 5.67 75.14 46.24
N PRO F 210 4.95 73.97 46.35
CA PRO F 210 3.51 73.79 46.66
C PRO F 210 3.12 73.96 48.13
N ALA F 211 1.79 73.96 48.39
CA ALA F 211 1.18 74.14 49.71
C ALA F 211 1.45 73.00 50.72
N GLU F 212 2.01 71.87 50.25
CA GLU F 212 2.33 70.74 51.13
C GLU F 212 3.56 71.06 52.00
N ILE F 213 3.33 71.21 53.31
CA ILE F 213 4.35 71.53 54.30
C ILE F 213 3.93 70.99 55.69
N THR F 214 4.90 70.78 56.59
CA THR F 214 4.64 70.31 57.94
C THR F 214 5.35 71.20 58.96
N LEU F 215 4.60 71.65 59.99
CA LEU F 215 5.12 72.51 61.06
C LEU F 215 4.78 71.91 62.42
N THR F 216 5.81 71.54 63.21
CA THR F 216 5.61 70.90 64.52
C THR F 216 6.46 71.54 65.64
N TRP F 217 5.93 71.56 66.87
CA TRP F 217 6.58 72.12 68.06
C TRP F 217 6.92 71.01 69.06
N GLN F 218 8.16 70.55 69.03
CA GLN F 218 8.65 69.37 69.77
C GLN F 218 8.85 69.47 71.29
N GLN F 219 9.88 70.25 71.78
CA GLN F 219 10.21 70.35 73.23
C GLN F 219 10.72 68.97 73.78
N ASP F 220 11.50 68.22 72.99
CA ASP F 220 11.92 66.85 73.38
C ASP F 220 10.76 65.85 73.11
N GLY F 221 9.97 66.15 72.07
CA GLY F 221 8.94 65.28 71.51
C GLY F 221 7.54 65.17 72.10
N GLU F 222 7.22 65.91 73.19
CA GLU F 222 5.87 65.77 73.80
C GLU F 222 5.06 67.07 73.85
N GLY F 223 4.12 67.14 74.80
CA GLY F 223 3.29 68.32 75.01
C GLY F 223 1.81 68.05 74.96
N ASP F 227 -1.07 71.75 72.44
CA ASP F 227 -1.34 73.18 72.56
C ASP F 227 -0.90 73.96 71.31
N THR F 228 -0.89 73.27 70.15
CA THR F 228 -0.43 73.88 68.90
C THR F 228 -1.60 74.28 67.99
N GLU F 229 -1.92 75.60 67.95
CA GLU F 229 -2.97 76.12 67.06
C GLU F 229 -2.36 76.30 65.67
N LEU F 230 -2.86 75.53 64.69
CA LEU F 230 -2.37 75.54 63.32
C LEU F 230 -3.42 76.15 62.38
N VAL F 231 -2.97 77.00 61.42
CA VAL F 231 -3.88 77.62 60.45
C VAL F 231 -3.84 76.94 59.10
N GLU F 232 -4.97 77.02 58.37
CA GLU F 232 -5.11 76.48 57.02
C GLU F 232 -4.09 77.17 56.11
N THR F 233 -3.40 76.38 55.26
CA THR F 233 -2.43 76.92 54.32
C THR F 233 -3.16 77.90 53.40
N ARG F 234 -2.95 79.20 53.63
CA ARG F 234 -3.64 80.28 52.90
C ARG F 234 -2.85 80.79 51.68
N PRO F 235 -3.52 81.27 50.61
CA PRO F 235 -2.76 81.74 49.44
C PRO F 235 -2.20 83.14 49.60
N ALA F 236 -1.02 83.39 49.02
CA ALA F 236 -0.37 84.70 49.08
C ALA F 236 -0.94 85.64 47.99
N GLY F 237 -1.16 85.10 46.80
CA GLY F 237 -1.70 85.86 45.66
C GLY F 237 -0.64 86.26 44.67
N ASP F 238 0.42 85.44 44.54
CA ASP F 238 1.56 85.65 43.62
C ASP F 238 2.16 84.32 43.17
N GLY F 239 1.40 83.24 43.33
CA GLY F 239 1.82 81.89 43.00
C GLY F 239 2.19 81.08 44.23
N THR F 240 2.61 81.78 45.31
CA THR F 240 3.02 81.15 46.57
C THR F 240 1.90 81.12 47.61
N PHE F 241 2.19 80.56 48.81
CA PHE F 241 1.24 80.42 49.91
C PHE F 241 1.89 80.78 51.26
N GLN F 242 1.05 80.95 52.30
CA GLN F 242 1.47 81.24 53.68
C GLN F 242 0.89 80.16 54.58
N LYS F 243 1.49 79.96 55.76
CA LYS F 243 1.03 79.02 56.79
C LYS F 243 1.85 79.16 58.07
N TRP F 244 1.18 79.12 59.23
CA TRP F 244 1.89 79.17 60.52
C TRP F 244 1.34 78.19 61.56
N ALA F 245 2.16 77.89 62.59
CA ALA F 245 1.80 76.99 63.69
C ALA F 245 2.21 77.62 65.02
N ALA F 246 1.24 77.77 65.94
CA ALA F 246 1.45 78.40 67.24
C ALA F 246 1.72 77.38 68.37
N VAL F 247 1.94 77.87 69.63
CA VAL F 247 2.20 77.07 70.84
C VAL F 247 2.22 77.98 72.10
N VAL F 248 1.42 77.63 73.13
CA VAL F 248 1.38 78.39 74.39
C VAL F 248 2.53 77.93 75.31
N VAL F 249 3.65 78.66 75.23
CA VAL F 249 4.91 78.36 75.94
C VAL F 249 5.02 79.21 77.25
N PRO F 250 5.45 78.60 78.40
CA PRO F 250 5.63 79.41 79.62
C PRO F 250 6.87 80.31 79.52
N SER F 251 6.79 81.52 80.09
CA SER F 251 7.87 82.52 80.08
C SER F 251 9.14 81.98 80.71
N GLY F 252 10.18 81.83 79.90
CA GLY F 252 11.48 81.30 80.31
C GLY F 252 11.82 79.98 79.64
N GLU F 253 10.79 79.30 79.08
CA GLU F 253 10.95 78.01 78.39
C GLU F 253 11.14 78.19 76.86
N GLU F 254 11.25 79.46 76.39
CA GLU F 254 11.40 79.82 74.98
C GLU F 254 12.57 79.11 74.24
N GLN F 255 13.52 78.54 74.98
CA GLN F 255 14.67 77.83 74.39
C GLN F 255 14.49 76.30 74.42
N ARG F 256 13.43 75.81 75.10
CA ARG F 256 13.12 74.37 75.19
C ARG F 256 12.39 73.87 73.94
N TYR F 257 11.60 74.75 73.30
CA TYR F 257 10.77 74.42 72.13
C TYR F 257 11.46 74.75 70.81
N THR F 258 11.36 73.83 69.82
CA THR F 258 11.96 73.99 68.49
C THR F 258 10.92 73.68 67.41
N CYS F 259 10.77 74.60 66.42
CA CYS F 259 9.85 74.42 65.30
C CYS F 259 10.50 73.61 64.21
N HIS F 260 9.87 72.51 63.82
CA HIS F 260 10.36 71.66 62.74
C HIS F 260 9.59 71.94 61.48
N VAL F 261 10.32 72.34 60.43
CA VAL F 261 9.72 72.65 59.13
C VAL F 261 10.20 71.61 58.12
N GLN F 262 9.24 70.89 57.51
CA GLN F 262 9.53 69.86 56.50
C GLN F 262 8.86 70.24 55.19
N HIS F 263 9.67 70.50 54.15
CA HIS F 263 9.19 70.90 52.82
C HIS F 263 10.09 70.32 51.71
N GLU F 264 9.61 70.38 50.44
CA GLU F 264 10.31 69.88 49.25
C GLU F 264 11.56 70.72 48.94
N GLY F 265 11.46 72.03 49.18
CA GLY F 265 12.56 72.98 49.00
C GLY F 265 13.65 72.82 50.04
N LEU F 266 13.33 72.12 51.14
CA LEU F 266 14.25 71.85 52.25
C LEU F 266 14.77 70.42 52.16
N PRO F 267 16.04 70.20 51.73
CA PRO F 267 16.58 68.83 51.73
C PRO F 267 16.68 68.33 53.17
N GLU F 268 17.30 69.15 54.03
CA GLU F 268 17.41 68.88 55.46
C GLU F 268 16.26 69.62 56.16
N PRO F 269 15.36 68.90 56.88
CA PRO F 269 14.24 69.60 57.56
C PRO F 269 14.73 70.68 58.53
N VAL F 270 14.39 71.94 58.21
CA VAL F 270 14.83 73.14 58.94
C VAL F 270 14.21 73.24 60.34
N THR F 271 15.09 73.32 61.36
CA THR F 271 14.69 73.51 62.77
C THR F 271 14.87 74.97 63.12
N LEU F 272 13.84 75.57 63.73
CA LEU F 272 13.85 76.98 64.07
C LEU F 272 13.47 77.25 65.52
N ARG F 273 14.27 78.09 66.18
CA ARG F 273 14.05 78.49 67.57
C ARG F 273 13.94 80.01 67.63
N TRP F 274 13.33 80.56 68.70
CA TRP F 274 13.18 82.01 68.83
C TRP F 274 14.48 82.70 69.27
N LYS F 275 14.99 83.62 68.43
CA LYS F 275 16.19 84.40 68.70
C LYS F 275 15.80 85.78 69.22
N PRO F 276 16.26 86.19 70.44
CA PRO F 276 15.88 87.50 70.98
C PRO F 276 16.51 88.66 70.19
N MET G 1 -30.08 69.99 52.18
CA MET G 1 -28.90 70.70 51.68
C MET G 1 -27.76 70.71 52.70
N ILE G 2 -26.52 70.59 52.21
CA ILE G 2 -25.32 70.63 53.06
C ILE G 2 -24.90 72.09 53.23
N GLN G 3 -24.86 72.57 54.48
CA GLN G 3 -24.47 73.94 54.79
C GLN G 3 -23.28 74.01 55.72
N ARG G 4 -22.12 74.41 55.19
CA ARG G 4 -20.87 74.52 55.96
C ARG G 4 -20.51 75.98 56.22
N THR G 5 -20.07 76.27 57.47
CA THR G 5 -19.71 77.61 57.90
C THR G 5 -18.28 77.99 57.42
N PRO G 6 -18.06 79.25 56.95
CA PRO G 6 -16.74 79.61 56.40
C PRO G 6 -15.59 79.75 57.39
N LYS G 7 -14.35 79.78 56.85
CA LYS G 7 -13.12 79.97 57.59
C LYS G 7 -12.46 81.26 57.07
N ILE G 8 -12.66 82.37 57.80
CA ILE G 8 -12.16 83.69 57.43
C ILE G 8 -10.73 83.90 57.93
N GLN G 9 -9.87 84.45 57.05
CA GLN G 9 -8.48 84.76 57.38
C GLN G 9 -8.05 86.04 56.68
N VAL G 10 -7.76 87.08 57.48
CA VAL G 10 -7.26 88.38 56.99
C VAL G 10 -5.79 88.48 57.28
N TYR G 11 -5.02 88.89 56.28
CA TYR G 11 -3.56 88.99 56.37
C TYR G 11 -3.04 89.81 55.19
N SER G 12 -1.78 90.20 55.24
CA SER G 12 -1.15 90.90 54.13
C SER G 12 -0.43 89.86 53.26
N ARG G 13 0.00 90.24 52.05
CA ARG G 13 0.68 89.32 51.13
C ARG G 13 2.10 88.97 51.65
N HIS G 14 2.88 90.00 51.98
CA HIS G 14 4.25 89.87 52.49
C HIS G 14 4.23 90.37 53.95
N PRO G 15 5.37 90.37 54.72
CA PRO G 15 5.32 90.89 56.10
C PRO G 15 4.87 92.35 56.16
N ALA G 16 4.07 92.70 57.19
CA ALA G 16 3.54 94.04 57.37
C ALA G 16 4.66 95.06 57.61
N GLU G 17 5.06 95.75 56.53
CA GLU G 17 6.10 96.79 56.56
C GLU G 17 5.40 98.14 56.51
N ASN G 18 5.40 98.87 57.65
CA ASN G 18 4.73 100.16 57.77
C ASN G 18 5.32 101.22 56.84
N GLY G 19 4.46 101.81 56.02
CA GLY G 19 4.86 102.81 55.02
C GLY G 19 5.00 102.21 53.63
N LYS G 20 5.49 100.95 53.55
CA LYS G 20 5.67 100.22 52.30
C LYS G 20 4.31 99.69 51.77
N SER G 21 3.98 100.02 50.50
CA SER G 21 2.72 99.63 49.84
C SER G 21 2.59 98.10 49.64
N ASN G 22 1.53 97.49 50.25
CA ASN G 22 1.29 96.05 50.22
C ASN G 22 -0.12 95.68 49.66
N PHE G 23 -0.64 94.47 50.00
CA PHE G 23 -1.95 93.94 49.58
C PHE G 23 -2.66 93.34 50.77
N LEU G 24 -3.93 93.70 51.01
CA LEU G 24 -4.73 93.15 52.11
C LEU G 24 -5.61 92.02 51.58
N ASN G 25 -5.32 90.78 52.00
CA ASN G 25 -6.05 89.59 51.56
C ASN G 25 -7.02 89.07 52.61
N CYS G 26 -8.28 88.85 52.20
CA CYS G 26 -9.29 88.21 53.02
C CYS G 26 -9.67 86.94 52.29
N TYR G 27 -9.23 85.80 52.84
CA TYR G 27 -9.45 84.51 52.21
C TYR G 27 -10.46 83.68 52.99
N VAL G 28 -11.58 83.36 52.34
CA VAL G 28 -12.67 82.57 52.90
C VAL G 28 -12.63 81.15 52.29
N SER G 29 -12.89 80.11 53.10
CA SER G 29 -12.87 78.71 52.66
C SER G 29 -13.74 77.80 53.54
N GLY G 30 -13.90 76.54 53.14
CA GLY G 30 -14.65 75.52 53.87
C GLY G 30 -16.13 75.81 54.05
N PHE G 31 -16.77 76.42 53.06
CA PHE G 31 -18.18 76.80 53.14
C PHE G 31 -19.06 76.17 52.05
N HIS G 32 -20.40 76.18 52.28
CA HIS G 32 -21.44 75.68 51.37
C HIS G 32 -22.81 76.20 51.85
N PRO G 33 -23.67 76.83 51.00
CA PRO G 33 -23.52 77.06 49.54
C PRO G 33 -22.51 78.14 49.15
N SER G 34 -22.48 78.50 47.85
CA SER G 34 -21.54 79.44 47.25
C SER G 34 -21.88 80.93 47.40
N ASP G 35 -23.16 81.25 47.67
CA ASP G 35 -23.62 82.64 47.81
C ASP G 35 -23.11 83.24 49.12
N ILE G 36 -22.10 84.15 49.02
CA ILE G 36 -21.45 84.77 50.17
C ILE G 36 -21.12 86.27 49.93
N GLU G 37 -21.30 87.10 50.99
CA GLU G 37 -21.05 88.54 50.96
C GLU G 37 -19.74 88.87 51.72
N VAL G 38 -18.66 89.20 50.99
CA VAL G 38 -17.37 89.51 51.60
C VAL G 38 -16.86 90.91 51.19
N ASP G 39 -16.80 91.84 52.17
CA ASP G 39 -16.37 93.23 51.96
C ASP G 39 -15.16 93.56 52.83
N LEU G 40 -14.23 94.39 52.31
CA LEU G 40 -13.04 94.83 53.03
C LEU G 40 -13.25 96.25 53.57
N LEU G 41 -12.78 96.51 54.81
CA LEU G 41 -13.00 97.80 55.46
C LEU G 41 -11.75 98.57 55.82
N LYS G 42 -11.74 99.89 55.49
CA LYS G 42 -10.66 100.81 55.86
C LYS G 42 -11.23 101.74 56.94
N ASN G 43 -10.91 101.44 58.23
CA ASN G 43 -11.41 102.13 59.42
C ASN G 43 -12.95 101.96 59.58
N GLY G 44 -13.46 100.87 59.02
CA GLY G 44 -14.89 100.56 59.05
C GLY G 44 -15.65 101.14 57.87
N GLU G 45 -14.96 101.33 56.73
CA GLU G 45 -15.57 101.87 55.51
C GLU G 45 -15.30 100.94 54.33
N ARG G 46 -16.35 100.66 53.53
CA ARG G 46 -16.25 99.76 52.37
C ARG G 46 -15.28 100.28 51.31
N ILE G 47 -14.28 99.46 50.95
CA ILE G 47 -13.32 99.77 49.90
C ILE G 47 -14.03 99.54 48.57
N GLU G 48 -14.04 100.56 47.69
CA GLU G 48 -14.75 100.51 46.41
C GLU G 48 -14.26 99.40 45.47
N LYS G 49 -13.08 99.59 44.84
CA LYS G 49 -12.52 98.63 43.87
C LYS G 49 -11.82 97.47 44.58
N VAL G 50 -12.51 96.29 44.64
CA VAL G 50 -11.98 95.07 45.26
C VAL G 50 -12.10 93.89 44.28
N GLU G 51 -10.95 93.39 43.77
CA GLU G 51 -10.95 92.22 42.87
C GLU G 51 -10.75 90.92 43.67
N HIS G 52 -11.10 89.76 43.06
CA HIS G 52 -11.01 88.47 43.76
C HIS G 52 -10.73 87.26 42.83
N SER G 53 -10.60 86.06 43.44
CA SER G 53 -10.29 84.80 42.74
C SER G 53 -11.54 84.14 42.15
N ASP G 54 -11.32 83.08 41.35
CA ASP G 54 -12.39 82.32 40.69
C ASP G 54 -12.95 81.27 41.60
N LEU G 55 -14.27 81.30 41.84
CA LEU G 55 -14.95 80.34 42.71
C LEU G 55 -14.52 78.91 42.40
N SER G 56 -13.78 78.32 43.32
CA SER G 56 -13.31 76.96 43.22
C SER G 56 -13.69 76.22 44.49
N PHE G 57 -13.26 74.96 44.63
CA PHE G 57 -13.57 74.13 45.79
C PHE G 57 -12.52 73.07 45.98
N SER G 58 -12.22 72.72 47.25
CA SER G 58 -11.29 71.63 47.53
C SER G 58 -12.05 70.29 47.36
N LYS G 59 -11.33 69.15 47.45
CA LYS G 59 -11.91 67.82 47.22
C LYS G 59 -13.02 67.39 48.23
N ASP G 60 -13.29 68.20 49.27
CA ASP G 60 -14.38 67.90 50.22
C ASP G 60 -15.71 68.55 49.76
N TRP G 61 -15.71 69.16 48.54
CA TRP G 61 -16.83 69.86 47.87
C TRP G 61 -17.01 71.32 48.34
N SER G 62 -16.51 71.65 49.56
CA SER G 62 -16.59 73.00 50.13
C SER G 62 -15.74 74.00 49.33
N PHE G 63 -16.26 75.24 49.15
CA PHE G 63 -15.61 76.30 48.36
C PHE G 63 -14.48 77.05 49.05
N TYR G 64 -13.63 77.72 48.25
CA TYR G 64 -12.56 78.59 48.71
C TYR G 64 -12.41 79.80 47.78
N LEU G 65 -12.58 81.02 48.32
CA LEU G 65 -12.50 82.26 47.55
C LEU G 65 -11.54 83.27 48.20
N LEU G 66 -10.72 83.92 47.37
CA LEU G 66 -9.74 84.89 47.85
C LEU G 66 -10.08 86.30 47.39
N TYR G 67 -10.39 87.20 48.36
CA TYR G 67 -10.65 88.61 48.11
C TYR G 67 -9.38 89.38 48.46
N TYR G 68 -9.04 90.39 47.63
CA TYR G 68 -7.81 91.15 47.82
C TYR G 68 -7.87 92.54 47.18
N THR G 69 -7.13 93.51 47.77
CA THR G 69 -7.00 94.87 47.24
C THR G 69 -5.66 95.49 47.69
N GLU G 70 -4.95 96.15 46.74
CA GLU G 70 -3.65 96.78 47.01
C GLU G 70 -3.85 98.02 47.89
N PHE G 71 -3.06 98.14 48.98
CA PHE G 71 -3.17 99.23 49.95
C PHE G 71 -1.79 99.67 50.48
N THR G 72 -1.77 100.73 51.32
CA THR G 72 -0.56 101.21 51.98
C THR G 72 -0.82 101.30 53.50
N PRO G 73 -0.09 100.52 54.33
CA PRO G 73 -0.37 100.52 55.78
C PRO G 73 0.04 101.80 56.50
N THR G 74 -0.88 102.30 57.35
CA THR G 74 -0.69 103.50 58.16
C THR G 74 -1.02 103.17 59.62
N GLU G 75 -0.20 103.70 60.55
CA GLU G 75 -0.35 103.53 62.00
C GLU G 75 -1.73 104.01 62.48
N LYS G 76 -2.26 105.09 61.86
CA LYS G 76 -3.56 105.69 62.19
C LYS G 76 -4.72 105.08 61.36
N ASP G 77 -4.48 103.94 60.66
CA ASP G 77 -5.48 103.28 59.83
C ASP G 77 -5.77 101.83 60.27
N GLU G 78 -7.08 101.48 60.36
CA GLU G 78 -7.55 100.14 60.75
C GLU G 78 -8.07 99.36 59.52
N TYR G 79 -7.98 98.02 59.56
CA TYR G 79 -8.46 97.15 58.48
C TYR G 79 -9.23 95.95 58.99
N ALA G 80 -10.26 95.48 58.23
CA ALA G 80 -11.11 94.34 58.62
C ALA G 80 -11.74 93.60 57.41
N CYS G 81 -12.66 92.65 57.69
CA CYS G 81 -13.35 91.88 56.66
C CYS G 81 -14.79 91.53 57.09
N ARG G 82 -15.79 92.15 56.43
CA ARG G 82 -17.21 91.92 56.67
C ARG G 82 -17.65 90.67 55.87
N VAL G 83 -17.88 89.54 56.57
CA VAL G 83 -18.26 88.28 55.91
C VAL G 83 -19.66 87.83 56.33
N ASN G 84 -20.63 87.89 55.40
CA ASN G 84 -22.02 87.45 55.63
C ASN G 84 -22.34 86.19 54.83
N HIS G 85 -23.08 85.26 55.46
CA HIS G 85 -23.46 83.96 54.88
C HIS G 85 -24.69 83.40 55.62
N VAL G 86 -25.37 82.39 55.02
CA VAL G 86 -26.55 81.74 55.60
C VAL G 86 -26.24 81.09 56.98
N THR G 87 -25.03 80.51 57.12
CA THR G 87 -24.56 79.85 58.33
C THR G 87 -24.14 80.86 59.42
N LEU G 88 -23.97 82.15 59.03
CA LEU G 88 -23.57 83.21 59.94
C LEU G 88 -24.75 84.04 60.42
N SER G 89 -24.99 84.01 61.74
CA SER G 89 -26.06 84.73 62.45
C SER G 89 -25.94 86.25 62.32
N GLN G 90 -24.70 86.72 62.17
CA GLN G 90 -24.37 88.14 62.06
C GLN G 90 -23.03 88.25 61.31
N PRO G 91 -22.94 89.04 60.22
CA PRO G 91 -21.66 89.10 59.47
C PRO G 91 -20.41 89.27 60.34
N LYS G 92 -19.64 88.20 60.48
CA LYS G 92 -18.45 88.14 61.32
C LYS G 92 -17.33 89.06 60.80
N ILE G 93 -17.05 90.16 61.53
CA ILE G 93 -15.96 91.07 61.20
C ILE G 93 -14.68 90.54 61.85
N VAL G 94 -13.58 90.50 61.07
CA VAL G 94 -12.29 90.05 61.57
C VAL G 94 -11.25 91.14 61.32
N LYS G 95 -10.79 91.81 62.41
CA LYS G 95 -9.79 92.89 62.34
C LYS G 95 -8.47 92.36 61.81
N TRP G 96 -7.72 93.18 61.05
CA TRP G 96 -6.43 92.76 60.54
C TRP G 96 -5.36 92.88 61.60
N ASP G 97 -4.62 91.78 61.82
CA ASP G 97 -3.53 91.75 62.77
C ASP G 97 -2.23 91.53 62.03
N ARG G 98 -1.23 92.38 62.32
CA ARG G 98 0.09 92.28 61.73
C ARG G 98 0.83 91.10 62.36
N ASP G 99 0.38 90.68 63.56
CA ASP G 99 0.95 89.58 64.36
C ASP G 99 0.45 88.20 63.95
N MET G 100 -0.74 88.11 63.32
CA MET G 100 -1.34 86.84 62.88
C MET G 100 -1.56 86.78 61.36
N VAL H 1 -6.15 70.38 28.54
CA VAL H 1 -7.54 70.75 28.25
C VAL H 1 -8.52 70.00 29.17
N MET H 2 -9.74 70.55 29.32
CA MET H 2 -10.79 69.94 30.14
C MET H 2 -11.45 68.77 29.42
N ALA H 3 -12.25 67.96 30.16
CA ALA H 3 -12.97 66.83 29.59
C ALA H 3 -13.87 67.35 28.46
N PRO H 4 -13.72 66.81 27.22
CA PRO H 4 -14.51 67.36 26.09
C PRO H 4 -15.98 66.98 26.14
N ARG H 5 -16.35 66.06 27.07
CA ARG H 5 -17.71 65.57 27.26
C ARG H 5 -18.01 65.36 28.75
N THR H 6 -19.26 65.66 29.16
CA THR H 6 -19.75 65.44 30.52
C THR H 6 -20.88 64.40 30.51
N LEU H 7 -21.50 64.14 31.69
CA LEU H 7 -22.59 63.15 31.78
C LEU H 7 -23.96 63.78 31.84
N ILE H 8 -24.95 63.08 31.28
CA ILE H 8 -26.35 63.48 31.31
C ILE H 8 -27.02 62.70 32.44
N LEU H 9 -26.94 63.24 33.67
CA LEU H 9 -27.52 62.60 34.84
C LEU H 9 -29.05 62.59 34.74
N GLN I 2 -13.64 63.76 11.64
CA GLN I 2 -14.73 62.80 11.83
C GLN I 2 -15.48 62.68 10.55
N GLN I 3 -15.64 61.45 10.08
CA GLN I 3 -16.25 61.12 8.81
C GLN I 3 -16.31 59.61 8.72
N LEU I 4 -17.49 59.10 8.37
CA LEU I 4 -17.71 57.67 8.22
C LEU I 4 -17.78 57.32 6.74
N ASN I 5 -17.36 56.11 6.39
CA ASN I 5 -17.33 55.67 5.02
C ASN I 5 -18.03 54.33 4.85
N GLN I 6 -19.10 54.31 4.05
CA GLN I 6 -19.84 53.10 3.76
C GLN I 6 -19.54 52.67 2.34
N SER I 7 -18.90 51.51 2.21
CA SER I 7 -18.62 50.89 0.92
C SER I 7 -19.49 49.61 0.85
N PRO I 8 -19.99 49.20 -0.34
CA PRO I 8 -19.72 49.74 -1.68
C PRO I 8 -20.73 50.77 -2.18
N GLN I 9 -21.43 51.41 -1.26
CA GLN I 9 -22.38 52.42 -1.64
C GLN I 9 -23.62 51.99 -2.42
N SER I 10 -23.51 50.95 -3.22
CA SER I 10 -24.64 50.46 -3.96
C SER I 10 -24.54 48.98 -3.94
N MET I 11 -25.66 48.32 -3.75
CA MET I 11 -25.67 46.88 -3.60
C MET I 11 -26.88 46.30 -4.31
N PHE I 12 -26.62 45.36 -5.21
CA PHE I 12 -27.65 44.69 -5.99
C PHE I 12 -27.65 43.22 -5.62
N ILE I 13 -28.75 42.75 -5.07
CA ILE I 13 -28.87 41.38 -4.62
C ILE I 13 -30.18 40.77 -5.16
N GLN I 14 -30.23 39.44 -5.26
CA GLN I 14 -31.43 38.75 -5.74
C GLN I 14 -32.25 38.31 -4.53
N GLU I 15 -33.58 38.30 -4.67
CA GLU I 15 -34.50 37.91 -3.59
C GLU I 15 -34.08 36.58 -2.97
N GLY I 16 -34.19 36.49 -1.65
CA GLY I 16 -33.82 35.29 -0.89
C GLY I 16 -32.37 35.23 -0.46
N GLU I 17 -31.48 35.99 -1.14
CA GLU I 17 -30.04 36.00 -0.83
C GLU I 17 -29.73 36.76 0.47
N ASP I 18 -28.46 36.69 0.90
CA ASP I 18 -27.96 37.38 2.09
C ASP I 18 -27.08 38.53 1.66
N VAL I 19 -27.16 39.66 2.39
CA VAL I 19 -26.38 40.85 2.09
C VAL I 19 -25.69 41.38 3.35
N SER I 20 -24.52 42.02 3.18
CA SER I 20 -23.73 42.57 4.28
C SER I 20 -23.19 43.97 3.96
N MET I 21 -23.53 44.96 4.80
CA MET I 21 -23.10 46.34 4.61
C MET I 21 -21.99 46.76 5.57
N ASN I 22 -21.01 47.52 5.05
CA ASN I 22 -19.82 47.96 5.76
C ASN I 22 -19.85 49.43 6.18
N CYS I 23 -19.11 49.75 7.26
CA CYS I 23 -19.00 51.10 7.81
C CYS I 23 -17.60 51.26 8.43
N THR I 24 -16.77 52.13 7.83
CA THR I 24 -15.37 52.35 8.22
C THR I 24 -15.10 53.80 8.63
N SER I 25 -14.33 53.99 9.69
CA SER I 25 -13.88 55.30 10.15
C SER I 25 -12.38 55.33 10.34
N SER I 26 -11.78 56.53 10.26
CA SER I 26 -10.36 56.72 10.49
C SER I 26 -10.15 56.99 11.97
N SER I 27 -11.18 57.53 12.65
CA SER I 27 -11.19 57.85 14.08
C SER I 27 -11.96 56.80 14.88
N ILE I 28 -11.61 56.65 16.16
CA ILE I 28 -12.28 55.71 17.07
C ILE I 28 -13.68 56.23 17.43
N PHE I 29 -14.67 55.33 17.39
CA PHE I 29 -16.05 55.63 17.78
C PHE I 29 -16.43 54.81 19.02
N ASN I 30 -17.55 55.15 19.70
CA ASN I 30 -17.91 54.44 20.93
C ASN I 30 -19.27 53.74 20.87
N THR I 31 -20.22 54.24 20.06
CA THR I 31 -21.54 53.62 19.88
C THR I 31 -22.00 53.80 18.43
N TRP I 32 -22.58 52.74 17.82
CA TRP I 32 -23.04 52.80 16.43
C TRP I 32 -24.56 52.70 16.31
N LEU I 33 -25.13 53.29 15.25
CA LEU I 33 -26.58 53.25 14.96
C LEU I 33 -26.77 52.90 13.49
N TRP I 34 -27.78 52.09 13.18
CA TRP I 34 -28.06 51.72 11.79
C TRP I 34 -29.48 52.10 11.44
N TYR I 35 -29.64 53.02 10.49
CA TYR I 35 -30.95 53.52 10.03
C TYR I 35 -31.26 52.99 8.64
N LYS I 36 -32.55 52.87 8.32
CA LYS I 36 -32.98 52.55 6.97
C LYS I 36 -33.88 53.68 6.52
N GLN I 37 -33.82 54.06 5.25
CA GLN I 37 -34.65 55.13 4.75
C GLN I 37 -35.30 54.78 3.42
N ASP I 38 -36.62 55.03 3.34
CA ASP I 38 -37.39 54.85 2.12
C ASP I 38 -37.33 56.18 1.32
N PRO I 39 -37.51 56.16 -0.03
CA PRO I 39 -37.27 57.36 -0.86
C PRO I 39 -37.58 58.77 -0.27
N GLY I 40 -38.85 59.07 -0.01
CA GLY I 40 -39.23 60.41 0.44
C GLY I 40 -39.47 60.58 1.92
N GLU I 41 -39.18 59.55 2.72
CA GLU I 41 -39.42 59.56 4.16
C GLU I 41 -38.15 59.77 4.97
N GLY I 42 -38.31 59.96 6.27
CA GLY I 42 -37.20 60.17 7.20
C GLY I 42 -36.56 58.88 7.68
N PRO I 43 -35.22 58.85 7.88
CA PRO I 43 -34.57 57.61 8.33
C PRO I 43 -35.14 57.03 9.62
N VAL I 44 -35.12 55.69 9.72
CA VAL I 44 -35.65 54.96 10.88
C VAL I 44 -34.59 53.99 11.44
N LEU I 45 -34.28 54.12 12.74
CA LEU I 45 -33.27 53.30 13.43
C LEU I 45 -33.70 51.84 13.49
N LEU I 46 -32.83 50.95 12.98
CA LEU I 46 -33.06 49.51 12.97
C LEU I 46 -32.43 48.93 14.22
N ILE I 47 -31.10 49.17 14.43
CA ILE I 47 -30.31 48.62 15.52
C ILE I 47 -29.37 49.67 16.11
N ALA I 48 -29.21 49.64 17.46
CA ALA I 48 -28.30 50.51 18.23
C ALA I 48 -27.21 49.65 18.91
N LEU I 49 -25.93 50.05 18.75
CA LEU I 49 -24.76 49.34 19.30
C LEU I 49 -24.03 50.21 20.31
N TYR I 50 -23.57 49.63 21.45
CA TYR I 50 -22.90 50.38 22.53
C TYR I 50 -21.60 49.74 23.04
N LYS I 51 -21.57 48.40 23.13
CA LYS I 51 -20.40 47.68 23.66
C LYS I 51 -19.60 47.05 22.52
N ALA I 52 -18.26 47.24 22.54
CA ALA I 52 -17.36 46.70 21.54
C ALA I 52 -17.44 45.17 21.48
N GLY I 53 -17.58 44.64 20.27
CA GLY I 53 -17.69 43.22 20.03
C GLY I 53 -19.11 42.68 20.01
N GLU I 54 -20.01 43.29 20.82
CA GLU I 54 -21.41 42.88 20.95
C GLU I 54 -22.19 43.04 19.66
N LEU I 55 -23.01 42.04 19.33
CA LEU I 55 -23.84 42.05 18.12
C LEU I 55 -25.33 42.03 18.45
N THR I 56 -26.07 43.01 17.91
CA THR I 56 -27.50 43.18 18.14
C THR I 56 -28.28 42.77 16.90
N SER I 57 -29.42 42.08 17.11
CA SER I 57 -30.26 41.64 16.00
C SER I 57 -31.72 42.03 16.18
N ASN I 58 -32.30 42.63 15.13
CA ASN I 58 -33.71 43.02 15.06
C ASN I 58 -34.34 42.28 13.87
N GLY I 59 -34.72 41.02 14.11
CA GLY I 59 -35.31 40.15 13.09
C GLY I 59 -34.27 39.58 12.14
N ARG I 60 -34.52 39.67 10.83
CA ARG I 60 -33.61 39.18 9.79
C ARG I 60 -32.31 40.00 9.75
N LEU I 61 -32.32 41.17 10.42
CA LEU I 61 -31.22 42.11 10.51
C LEU I 61 -30.35 41.87 11.73
N THR I 62 -29.04 41.84 11.53
CA THR I 62 -28.05 41.71 12.61
C THR I 62 -26.92 42.70 12.35
N ALA I 63 -26.49 43.41 13.39
CA ALA I 63 -25.40 44.37 13.29
C ALA I 63 -24.35 44.02 14.33
N GLN I 64 -23.07 44.26 14.01
CA GLN I 64 -21.95 43.93 14.92
C GLN I 64 -21.07 45.15 15.16
N PHE I 65 -20.55 45.28 16.41
CA PHE I 65 -19.71 46.41 16.80
C PHE I 65 -18.29 46.35 16.24
N GLY I 66 -17.53 45.34 16.59
CA GLY I 66 -16.16 45.24 16.12
C GLY I 66 -15.16 45.78 17.11
N ILE I 67 -14.35 44.88 17.67
CA ILE I 67 -13.28 45.15 18.65
C ILE I 67 -12.27 46.21 18.16
N THR I 68 -12.28 46.50 16.86
CA THR I 68 -11.41 47.47 16.20
C THR I 68 -11.78 48.91 16.57
N ARG I 69 -13.12 49.19 16.76
CA ARG I 69 -13.70 50.50 17.13
C ARG I 69 -13.69 51.54 15.97
N LYS I 70 -13.40 51.08 14.75
CA LYS I 70 -13.40 51.91 13.56
C LYS I 70 -14.24 51.24 12.46
N ASP I 71 -14.78 50.04 12.78
CA ASP I 71 -15.58 49.27 11.84
C ASP I 71 -16.90 48.84 12.47
N SER I 72 -17.94 48.67 11.64
CA SER I 72 -19.26 48.18 12.04
C SER I 72 -19.94 47.53 10.84
N PHE I 73 -20.62 46.40 11.07
CA PHE I 73 -21.26 45.65 10.00
C PHE I 73 -22.74 45.48 10.21
N LEU I 74 -23.49 45.34 9.11
CA LEU I 74 -24.92 45.08 9.13
C LEU I 74 -25.25 44.00 8.13
N ASN I 75 -25.81 42.89 8.61
CA ASN I 75 -26.25 41.79 7.78
C ASN I 75 -27.75 41.80 7.66
N ILE I 76 -28.24 41.29 6.54
CA ILE I 76 -29.65 41.05 6.27
C ILE I 76 -29.70 39.60 5.78
N SER I 77 -30.49 38.76 6.47
CA SER I 77 -30.58 37.34 6.13
C SER I 77 -31.89 37.01 5.43
N ALA I 78 -31.82 36.26 4.30
CA ALA I 78 -32.94 35.87 3.45
C ALA I 78 -33.74 37.11 3.03
N SER I 79 -33.06 38.02 2.32
CA SER I 79 -33.60 39.30 1.90
C SER I 79 -34.87 39.20 1.04
N ILE I 80 -35.91 39.91 1.44
CA ILE I 80 -37.18 39.99 0.73
C ILE I 80 -37.11 41.26 -0.20
N PRO I 81 -38.06 41.54 -1.11
CA PRO I 81 -37.89 42.73 -1.97
C PRO I 81 -38.34 44.03 -1.30
N SER I 82 -38.70 43.95 -0.02
CA SER I 82 -39.15 45.10 0.78
C SER I 82 -37.97 45.83 1.38
N ASP I 83 -36.82 45.13 1.55
CA ASP I 83 -35.58 45.69 2.10
C ASP I 83 -35.00 46.81 1.23
N VAL I 84 -35.59 47.06 0.04
CA VAL I 84 -35.18 48.12 -0.87
C VAL I 84 -35.18 49.45 -0.11
N GLY I 85 -34.02 50.07 -0.07
CA GLY I 85 -33.82 51.35 0.58
C GLY I 85 -32.37 51.73 0.66
N ILE I 86 -32.09 52.73 1.48
CA ILE I 86 -30.75 53.22 1.71
C ILE I 86 -30.45 53.05 3.20
N TYR I 87 -29.34 52.41 3.52
CA TYR I 87 -29.00 52.13 4.90
C TYR I 87 -27.93 53.07 5.40
N PHE I 88 -28.26 53.87 6.42
CA PHE I 88 -27.36 54.85 6.99
C PHE I 88 -26.69 54.33 8.23
N CYS I 89 -25.36 54.48 8.29
CA CYS I 89 -24.55 54.12 9.43
C CYS I 89 -24.21 55.39 10.18
N ALA I 90 -24.65 55.49 11.42
CA ALA I 90 -24.43 56.66 12.27
C ALA I 90 -23.61 56.27 13.47
N GLY I 91 -22.75 57.17 13.92
CA GLY I 91 -21.92 56.92 15.08
C GLY I 91 -21.57 58.17 15.85
N GLN I 92 -21.31 58.01 17.16
CA GLN I 92 -20.88 59.13 17.99
C GLN I 92 -19.40 58.99 18.34
N PRO I 93 -18.55 59.91 17.84
CA PRO I 93 -17.10 59.77 18.04
C PRO I 93 -16.67 59.83 19.49
N LEU I 94 -15.50 59.23 19.79
CA LEU I 94 -14.93 59.24 21.13
C LEU I 94 -14.32 60.62 21.40
N GLY I 95 -14.77 61.24 22.50
CA GLY I 95 -14.30 62.56 22.90
C GLY I 95 -14.98 63.71 22.19
N GLY I 96 -16.23 63.49 21.79
CA GLY I 96 -17.04 64.52 21.15
C GLY I 96 -18.06 65.06 22.12
N SER I 97 -18.45 66.35 21.98
CA SER I 97 -19.46 66.99 22.84
C SER I 97 -20.75 66.18 22.83
N ASN I 98 -21.47 66.14 23.95
CA ASN I 98 -22.74 65.40 24.04
C ASN I 98 -23.63 65.71 22.84
N TYR I 99 -24.22 64.67 22.24
CA TYR I 99 -25.11 64.77 21.08
C TYR I 99 -24.39 65.20 19.80
N LYS I 100 -23.24 64.57 19.52
CA LYS I 100 -22.48 64.79 18.29
C LYS I 100 -22.55 63.50 17.49
N LEU I 101 -22.99 63.60 16.24
CA LEU I 101 -23.11 62.42 15.38
C LEU I 101 -22.56 62.65 14.00
N THR I 102 -22.14 61.57 13.35
CA THR I 102 -21.72 61.59 11.95
C THR I 102 -22.46 60.46 11.24
N PHE I 103 -23.01 60.77 10.08
CA PHE I 103 -23.72 59.79 9.27
C PHE I 103 -22.90 59.48 8.04
N GLY I 104 -22.92 58.22 7.62
CA GLY I 104 -22.29 57.82 6.38
C GLY I 104 -23.14 58.32 5.22
N LYS I 105 -22.56 58.40 4.02
CA LYS I 105 -23.30 58.84 2.83
C LYS I 105 -24.49 57.89 2.55
N GLY I 106 -24.41 56.70 3.12
CA GLY I 106 -25.43 55.68 2.97
C GLY I 106 -25.07 54.70 1.88
N THR I 107 -25.62 53.48 1.99
CA THR I 107 -25.40 52.43 1.01
C THR I 107 -26.77 51.99 0.49
N LEU I 108 -26.93 52.00 -0.83
CA LEU I 108 -28.18 51.77 -1.54
C LEU I 108 -28.45 50.28 -1.85
N LEU I 109 -29.40 49.67 -1.11
CA LEU I 109 -29.76 48.27 -1.33
C LEU I 109 -30.90 48.08 -2.32
N THR I 110 -30.68 47.20 -3.32
CA THR I 110 -31.66 46.84 -4.35
C THR I 110 -31.82 45.34 -4.36
N VAL I 111 -33.05 44.87 -4.15
CA VAL I 111 -33.38 43.45 -4.19
C VAL I 111 -34.22 43.20 -5.44
N ASN I 112 -33.74 42.32 -6.33
CA ASN I 112 -34.47 41.97 -7.55
C ASN I 112 -35.42 40.83 -7.20
N PRO I 113 -36.75 41.01 -7.40
CA PRO I 113 -37.70 39.97 -6.97
C PRO I 113 -37.74 38.78 -7.90
N ASN I 114 -37.81 37.58 -7.30
CA ASN I 114 -37.86 36.32 -8.03
C ASN I 114 -39.22 36.13 -8.66
N ILE I 115 -39.25 36.13 -10.01
CA ILE I 115 -40.48 35.89 -10.78
C ILE I 115 -40.52 34.40 -11.08
N GLN I 116 -41.55 33.71 -10.57
CA GLN I 116 -41.68 32.26 -10.64
C GLN I 116 -42.15 31.73 -11.99
N ASN I 117 -43.37 32.09 -12.43
CA ASN I 117 -43.90 31.60 -13.70
C ASN I 117 -43.95 32.69 -14.77
N PRO I 118 -42.89 32.80 -15.58
CA PRO I 118 -42.89 33.82 -16.62
C PRO I 118 -43.77 33.42 -17.75
N ASP I 119 -43.92 34.35 -18.61
CA ASP I 119 -44.79 34.33 -19.77
C ASP I 119 -44.74 35.72 -20.27
N PRO I 120 -43.78 36.06 -21.14
CA PRO I 120 -43.70 37.45 -21.61
C PRO I 120 -44.84 37.76 -22.58
N ALA I 121 -45.08 39.07 -22.86
CA ALA I 121 -46.13 39.49 -23.78
C ALA I 121 -46.22 40.99 -23.82
N VAL I 122 -46.45 41.54 -25.02
CA VAL I 122 -46.64 42.98 -25.17
C VAL I 122 -48.08 43.22 -25.64
N TYR I 123 -48.94 43.68 -24.73
CA TYR I 123 -50.36 43.93 -25.03
C TYR I 123 -50.62 45.42 -25.31
N GLN I 124 -51.69 45.73 -26.10
CA GLN I 124 -52.06 47.11 -26.40
C GLN I 124 -53.30 47.51 -25.61
N LEU I 125 -53.22 48.65 -24.91
CA LEU I 125 -54.31 49.15 -24.09
C LEU I 125 -54.98 50.36 -24.73
N ARG I 126 -56.33 50.32 -24.85
CA ARG I 126 -57.13 51.40 -25.45
C ARG I 126 -57.72 52.29 -24.36
N ASP I 127 -57.44 53.61 -24.47
CA ASP I 127 -57.88 54.64 -23.52
C ASP I 127 -59.38 54.57 -23.22
N SER I 128 -59.77 54.74 -21.93
CA SER I 128 -61.17 54.73 -21.49
C SER I 128 -61.97 55.83 -22.20
N LYS I 129 -61.34 56.99 -22.44
CA LYS I 129 -61.93 58.11 -23.18
C LYS I 129 -61.57 57.91 -24.66
N SER I 130 -62.60 57.80 -25.53
CA SER I 130 -62.38 57.57 -26.96
C SER I 130 -61.50 58.63 -27.61
N SER I 131 -60.26 58.22 -27.95
CA SER I 131 -59.23 59.06 -28.56
C SER I 131 -58.23 58.19 -29.34
N ASP I 132 -57.26 58.83 -30.02
CA ASP I 132 -56.22 58.12 -30.77
C ASP I 132 -55.07 57.68 -29.83
N LYS I 133 -55.23 57.96 -28.51
CA LYS I 133 -54.26 57.64 -27.45
C LYS I 133 -54.16 56.13 -27.21
N SER I 134 -52.92 55.61 -27.15
CA SER I 134 -52.66 54.18 -26.94
C SER I 134 -51.37 53.94 -26.15
N VAL I 135 -51.40 52.95 -25.25
CA VAL I 135 -50.22 52.57 -24.46
C VAL I 135 -49.88 51.08 -24.65
N CYS I 136 -48.60 50.77 -24.83
CA CYS I 136 -48.10 49.42 -25.02
C CYS I 136 -47.56 48.90 -23.70
N LEU I 137 -47.99 47.69 -23.30
CA LEU I 137 -47.56 47.12 -22.03
C LEU I 137 -46.82 45.79 -22.22
N PHE I 138 -45.52 45.78 -21.91
CA PHE I 138 -44.70 44.57 -21.94
C PHE I 138 -44.74 44.01 -20.52
N THR I 139 -45.42 42.86 -20.34
CA THR I 139 -45.60 42.32 -19.00
C THR I 139 -45.33 40.80 -18.89
N ASP I 140 -45.40 40.30 -17.64
CA ASP I 140 -45.26 38.90 -17.21
C ASP I 140 -43.87 38.26 -17.49
N PHE I 141 -42.86 39.09 -17.84
CA PHE I 141 -41.49 38.59 -18.08
C PHE I 141 -40.80 38.17 -16.77
N ASP I 142 -39.66 37.45 -16.89
CA ASP I 142 -38.92 36.93 -15.74
C ASP I 142 -38.06 37.99 -15.00
N SER I 143 -37.32 37.55 -13.97
CA SER I 143 -36.47 38.39 -13.13
C SER I 143 -35.25 38.97 -13.88
N GLN I 144 -34.58 38.15 -14.72
CA GLN I 144 -33.35 38.52 -15.42
C GLN I 144 -33.52 39.47 -16.64
N THR I 145 -34.75 39.64 -17.17
CA THR I 145 -34.97 40.54 -18.32
C THR I 145 -34.88 42.01 -17.90
N ASN I 146 -34.17 42.83 -18.72
CA ASN I 146 -33.99 44.27 -18.44
C ASN I 146 -34.67 45.14 -19.49
N VAL I 147 -35.45 46.14 -19.04
CA VAL I 147 -36.18 47.06 -19.94
C VAL I 147 -35.32 48.28 -20.27
N SER I 148 -34.83 48.34 -21.52
CA SER I 148 -33.96 49.41 -22.03
C SER I 148 -34.77 50.60 -22.58
N GLN I 149 -34.34 51.84 -22.26
CA GLN I 149 -34.99 53.08 -22.68
C GLN I 149 -34.96 53.30 -24.20
N SER I 150 -35.89 54.14 -24.72
CA SER I 150 -36.02 54.43 -26.15
C SER I 150 -35.08 55.52 -26.64
N LYS I 151 -34.71 55.45 -27.93
CA LYS I 151 -33.85 56.44 -28.58
C LYS I 151 -34.66 57.60 -29.16
N ASP I 152 -35.90 57.32 -29.63
CA ASP I 152 -36.81 58.35 -30.13
C ASP I 152 -37.43 59.05 -28.93
N SER I 153 -37.11 60.34 -28.74
CA SER I 153 -37.57 61.14 -27.59
C SER I 153 -39.09 61.40 -27.55
N ASP I 154 -39.80 61.08 -28.66
CA ASP I 154 -41.26 61.21 -28.73
C ASP I 154 -41.93 59.96 -28.14
N VAL I 155 -41.15 58.86 -28.00
CA VAL I 155 -41.58 57.59 -27.41
C VAL I 155 -41.09 57.51 -25.96
N TYR I 156 -42.01 57.22 -25.03
CA TYR I 156 -41.72 57.13 -23.60
C TYR I 156 -41.80 55.69 -23.11
N ILE I 157 -40.77 55.22 -22.38
CA ILE I 157 -40.71 53.85 -21.84
C ILE I 157 -40.40 53.86 -20.33
N THR I 158 -41.23 53.17 -19.53
CA THR I 158 -41.02 53.06 -18.08
C THR I 158 -40.21 51.82 -17.72
N ASP I 159 -39.55 51.85 -16.54
CA ASP I 159 -38.74 50.74 -16.05
C ASP I 159 -39.60 49.70 -15.34
N LYS I 160 -39.03 48.47 -15.13
CA LYS I 160 -39.61 47.31 -14.44
C LYS I 160 -40.43 47.72 -13.23
N CYS I 161 -41.54 47.00 -12.99
CA CYS I 161 -42.39 47.24 -11.83
C CYS I 161 -43.06 45.94 -11.43
N VAL I 162 -42.63 45.37 -10.29
CA VAL I 162 -43.18 44.11 -9.80
C VAL I 162 -44.42 44.35 -8.95
N LEU I 163 -45.57 43.89 -9.43
CA LEU I 163 -46.80 44.00 -8.65
C LEU I 163 -47.07 42.67 -7.97
N ASP I 164 -47.76 42.70 -6.83
CA ASP I 164 -48.08 41.49 -6.08
C ASP I 164 -49.58 41.34 -5.92
N MET I 165 -50.16 40.35 -6.60
CA MET I 165 -51.56 39.99 -6.47
C MET I 165 -51.61 38.98 -5.32
N ARG I 166 -51.44 39.52 -4.08
CA ARG I 166 -51.38 38.78 -2.81
C ARG I 166 -52.35 37.62 -2.71
N SER I 167 -53.61 37.84 -3.15
CA SER I 167 -54.68 36.84 -3.13
C SER I 167 -54.27 35.53 -3.80
N MET I 168 -53.73 35.60 -5.03
CA MET I 168 -53.35 34.40 -5.79
C MET I 168 -51.84 34.10 -5.76
N ASP I 169 -51.09 34.66 -4.78
CA ASP I 169 -49.62 34.50 -4.65
C ASP I 169 -48.93 34.69 -6.01
N PHE I 170 -49.37 35.69 -6.76
CA PHE I 170 -48.87 35.96 -8.09
C PHE I 170 -48.17 37.29 -8.14
N LYS I 171 -46.87 37.27 -8.45
CA LYS I 171 -46.07 38.47 -8.61
C LYS I 171 -45.67 38.55 -10.08
N SER I 172 -45.91 39.71 -10.73
CA SER I 172 -45.58 39.88 -12.14
C SER I 172 -44.88 41.18 -12.46
N ASN I 173 -43.86 41.12 -13.32
CA ASN I 173 -43.11 42.28 -13.78
C ASN I 173 -43.86 42.95 -14.94
N SER I 174 -43.82 44.30 -15.00
CA SER I 174 -44.53 45.06 -16.05
C SER I 174 -43.83 46.36 -16.44
N ALA I 175 -43.88 46.71 -17.75
CA ALA I 175 -43.29 47.93 -18.30
C ALA I 175 -44.22 48.58 -19.34
N VAL I 176 -44.35 49.91 -19.28
CA VAL I 176 -45.23 50.69 -20.15
C VAL I 176 -44.41 51.46 -21.21
N ALA I 177 -44.98 51.63 -22.42
CA ALA I 177 -44.41 52.39 -23.52
C ALA I 177 -45.53 53.17 -24.21
N TRP I 178 -45.34 54.48 -24.46
CA TRP I 178 -46.39 55.28 -25.09
C TRP I 178 -45.89 56.43 -25.95
N SER I 179 -46.71 56.80 -26.97
CA SER I 179 -46.46 57.91 -27.88
C SER I 179 -47.73 58.26 -28.67
N ASN I 180 -47.71 59.41 -29.36
CA ASN I 180 -48.81 59.89 -30.21
C ASN I 180 -48.42 59.88 -31.70
N LYS I 181 -47.15 59.52 -32.00
CA LYS I 181 -46.62 59.46 -33.36
C LYS I 181 -47.25 58.32 -34.18
N SER I 182 -47.33 58.51 -35.51
CA SER I 182 -47.93 57.55 -36.46
C SER I 182 -47.19 56.21 -36.53
N ASP I 183 -45.84 56.25 -36.52
CA ASP I 183 -44.98 55.08 -36.60
C ASP I 183 -44.98 54.23 -35.28
N PHE I 184 -45.72 54.67 -34.25
CA PHE I 184 -45.77 53.94 -32.98
C PHE I 184 -46.70 52.73 -33.04
N ALA I 185 -46.13 51.53 -32.86
CA ALA I 185 -46.85 50.25 -32.85
C ALA I 185 -46.27 49.33 -31.78
N CYS I 186 -47.14 48.57 -31.11
CA CYS I 186 -46.77 47.63 -30.04
C CYS I 186 -45.74 46.61 -30.49
N ALA I 187 -45.91 46.08 -31.73
CA ALA I 187 -45.04 45.08 -32.34
C ALA I 187 -43.55 45.38 -32.17
N ASN I 188 -43.11 46.60 -32.50
CA ASN I 188 -41.71 46.98 -32.35
C ASN I 188 -41.56 48.37 -31.72
N ALA I 189 -41.92 48.45 -30.42
CA ALA I 189 -41.79 49.65 -29.58
C ALA I 189 -40.63 49.43 -28.62
N PHE I 190 -40.49 48.19 -28.11
CA PHE I 190 -39.41 47.78 -27.21
C PHE I 190 -38.24 47.27 -28.07
N ASN I 191 -37.68 48.17 -28.89
CA ASN I 191 -36.62 47.85 -29.84
C ASN I 191 -35.28 47.57 -29.17
N ASN I 192 -34.68 48.58 -28.50
CA ASN I 192 -33.38 48.41 -27.84
C ASN I 192 -33.43 47.51 -26.58
N SER I 193 -34.63 46.99 -26.25
CA SER I 193 -34.84 46.10 -25.12
C SER I 193 -34.54 44.66 -25.53
N ILE I 194 -33.80 43.93 -24.67
CA ILE I 194 -33.45 42.52 -24.92
C ILE I 194 -34.66 41.62 -24.56
N ILE I 195 -35.75 41.76 -25.31
CA ILE I 195 -36.97 41.00 -25.04
C ILE I 195 -36.79 39.52 -25.45
N PRO I 196 -37.29 38.56 -24.63
CA PRO I 196 -37.12 37.13 -24.96
C PRO I 196 -37.59 36.74 -26.35
N GLU I 197 -37.00 35.66 -26.90
CA GLU I 197 -37.33 35.16 -28.24
C GLU I 197 -38.75 34.55 -28.33
N ASP I 198 -39.39 34.33 -27.18
CA ASP I 198 -40.72 33.73 -27.08
C ASP I 198 -41.79 34.72 -26.55
N THR I 199 -41.60 36.04 -26.79
CA THR I 199 -42.55 37.05 -26.35
C THR I 199 -43.82 36.98 -27.19
N PHE I 200 -44.98 36.77 -26.52
CA PHE I 200 -46.29 36.68 -27.17
C PHE I 200 -46.63 38.01 -27.84
N PHE I 201 -47.03 37.97 -29.12
CA PHE I 201 -47.39 39.17 -29.88
C PHE I 201 -48.76 39.03 -30.57
N PRO I 202 -49.83 39.60 -29.98
CA PRO I 202 -51.17 39.48 -30.60
C PRO I 202 -51.37 40.37 -31.84
N SER I 203 -52.54 40.24 -32.48
CA SER I 203 -52.87 41.00 -33.68
C SER I 203 -54.01 41.99 -33.43
N GLY J 3 -43.91 62.47 18.34
CA GLY J 3 -43.61 62.50 16.91
C GLY J 3 -43.17 63.85 16.42
N VAL J 4 -42.13 63.88 15.58
CA VAL J 4 -41.59 65.11 14.99
C VAL J 4 -42.54 65.57 13.88
N THR J 5 -42.93 66.87 13.91
CA THR J 5 -43.88 67.43 12.95
C THR J 5 -43.25 68.57 12.14
N GLN J 6 -42.96 68.32 10.85
CA GLN J 6 -42.40 69.35 9.97
C GLN J 6 -43.49 70.05 9.16
N THR J 7 -43.27 71.33 8.83
CA THR J 7 -44.22 72.16 8.08
C THR J 7 -43.47 73.05 7.07
N PRO J 8 -43.87 73.03 5.78
CA PRO J 8 -44.93 72.23 5.16
C PRO J 8 -44.42 70.87 4.66
N LYS J 9 -45.24 70.12 3.91
CA LYS J 9 -44.81 68.84 3.34
C LYS J 9 -43.97 69.11 2.08
N HIS J 10 -44.46 70.04 1.25
CA HIS J 10 -43.80 70.50 0.02
C HIS J 10 -43.80 72.01 0.03
N LEU J 11 -42.98 72.63 -0.84
CA LEU J 11 -42.90 74.09 -0.95
C LEU J 11 -42.28 74.47 -2.28
N ILE J 12 -42.99 75.32 -3.05
CA ILE J 12 -42.48 75.81 -4.33
C ILE J 12 -42.14 77.30 -4.18
N THR J 13 -40.96 77.69 -4.66
CA THR J 13 -40.48 79.07 -4.61
C THR J 13 -39.56 79.37 -5.80
N ALA J 14 -39.32 80.65 -6.08
CA ALA J 14 -38.44 81.07 -7.17
C ALA J 14 -37.14 81.68 -6.64
N THR J 15 -36.17 81.92 -7.54
CA THR J 15 -34.85 82.50 -7.26
C THR J 15 -34.96 83.83 -6.46
N GLY J 16 -34.00 84.05 -5.57
CA GLY J 16 -33.91 85.27 -4.77
C GLY J 16 -34.86 85.38 -3.60
N GLN J 17 -36.01 84.68 -3.65
CA GLN J 17 -37.06 84.72 -2.62
C GLN J 17 -36.61 84.21 -1.23
N ARG J 18 -37.45 84.47 -0.20
CA ARG J 18 -37.23 84.03 1.18
C ARG J 18 -38.20 82.88 1.51
N VAL J 19 -37.77 81.97 2.41
CA VAL J 19 -38.59 80.85 2.84
C VAL J 19 -38.30 80.47 4.30
N THR J 20 -39.31 79.97 5.02
CA THR J 20 -39.20 79.59 6.41
C THR J 20 -39.79 78.19 6.64
N LEU J 21 -38.92 77.23 6.96
CA LEU J 21 -39.33 75.84 7.24
C LEU J 21 -39.44 75.65 8.75
N ARG J 22 -40.62 75.27 9.22
CA ARG J 22 -40.89 75.11 10.65
C ARG J 22 -40.91 73.64 11.04
N CYS J 23 -40.47 73.32 12.27
CA CYS J 23 -40.42 71.96 12.78
C CYS J 23 -40.69 71.87 14.28
N SER J 24 -41.65 71.01 14.64
CA SER J 24 -42.02 70.75 16.02
C SER J 24 -41.43 69.40 16.46
N PRO J 25 -40.48 69.39 17.42
CA PRO J 25 -39.87 68.11 17.83
C PRO J 25 -40.80 67.24 18.68
N ARG J 26 -40.25 66.13 19.23
CA ARG J 26 -40.98 65.23 20.14
C ARG J 26 -41.15 65.93 21.49
N SER J 27 -41.69 65.21 22.47
CA SER J 27 -41.85 65.75 23.81
C SER J 27 -41.47 64.71 24.85
N GLY J 28 -40.58 65.07 25.78
CA GLY J 28 -39.96 66.38 25.85
C GLY J 28 -38.52 66.33 25.42
N ASP J 29 -38.28 66.25 24.10
CA ASP J 29 -36.92 66.19 23.57
C ASP J 29 -36.38 67.60 23.37
N LEU J 30 -35.18 67.85 23.91
CA LEU J 30 -34.57 69.17 23.93
C LEU J 30 -33.75 69.51 22.67
N SER J 31 -32.82 68.62 22.27
CA SER J 31 -32.01 68.85 21.07
C SER J 31 -32.82 68.77 19.78
N VAL J 32 -32.47 69.60 18.77
CA VAL J 32 -33.12 69.65 17.45
C VAL J 32 -32.03 69.73 16.37
N TYR J 33 -32.09 68.85 15.35
CA TYR J 33 -31.12 68.82 14.26
C TYR J 33 -31.77 69.25 12.95
N TRP J 34 -30.96 69.80 12.03
CA TRP J 34 -31.42 70.18 10.70
C TRP J 34 -30.52 69.57 9.66
N TYR J 35 -31.11 68.82 8.72
CA TYR J 35 -30.40 68.14 7.63
C TYR J 35 -30.94 68.52 6.27
N GLN J 36 -30.11 68.39 5.23
CA GLN J 36 -30.48 68.68 3.86
C GLN J 36 -30.15 67.47 3.00
N GLN J 37 -31.17 66.75 2.51
CA GLN J 37 -30.93 65.61 1.63
C GLN J 37 -31.13 66.07 0.18
N SER J 38 -30.02 66.39 -0.48
CA SER J 38 -29.98 66.90 -1.85
C SER J 38 -29.62 65.83 -2.86
N LEU J 39 -30.13 65.96 -4.11
CA LEU J 39 -29.88 65.02 -5.23
C LEU J 39 -30.19 63.57 -4.76
N ASP J 40 -29.27 62.64 -5.04
CA ASP J 40 -29.35 61.26 -4.55
C ASP J 40 -28.38 61.16 -3.37
N GLN J 41 -27.52 62.19 -3.21
CA GLN J 41 -26.54 62.38 -2.14
C GLN J 41 -27.22 62.18 -0.74
N GLY J 42 -26.43 61.69 0.23
CA GLY J 42 -26.92 61.41 1.59
C GLY J 42 -27.28 62.64 2.40
N LEU J 43 -27.56 62.43 3.70
CA LEU J 43 -27.92 63.50 4.62
C LEU J 43 -26.73 64.41 4.86
N GLN J 44 -26.93 65.72 4.74
CA GLN J 44 -25.88 66.72 5.01
C GLN J 44 -26.30 67.51 6.22
N PHE J 45 -25.40 67.67 7.20
CA PHE J 45 -25.71 68.41 8.41
C PHE J 45 -25.79 69.90 8.17
N LEU J 46 -26.76 70.57 8.83
CA LEU J 46 -26.91 72.01 8.72
C LEU J 46 -26.66 72.69 10.06
N ILE J 47 -27.51 72.38 11.08
CA ILE J 47 -27.41 73.02 12.40
C ILE J 47 -28.11 72.19 13.51
N GLN J 48 -27.58 72.29 14.74
CA GLN J 48 -28.09 71.60 15.93
C GLN J 48 -28.40 72.62 17.02
N TYR J 49 -29.46 72.38 17.80
CA TYR J 49 -29.93 73.26 18.87
C TYR J 49 -30.22 72.45 20.13
N TYR J 50 -29.73 72.87 21.30
CA TYR J 50 -29.97 72.12 22.54
C TYR J 50 -30.59 72.96 23.62
N ASN J 51 -31.86 72.66 23.95
CA ASN J 51 -32.62 73.29 25.02
C ASN J 51 -32.67 74.83 24.89
N GLY J 52 -32.90 75.28 23.67
CA GLY J 52 -33.01 76.70 23.36
C GLY J 52 -31.79 77.34 22.69
N GLU J 53 -30.59 77.00 23.17
CA GLU J 53 -29.36 77.59 22.65
C GLU J 53 -28.80 76.80 21.47
N GLU J 54 -28.18 77.50 20.48
CA GLU J 54 -27.51 76.87 19.34
C GLU J 54 -26.43 75.96 19.90
N ARG J 55 -26.53 74.65 19.63
CA ARG J 55 -25.59 73.64 20.14
C ARG J 55 -24.41 73.44 19.20
N ALA J 56 -24.69 73.28 17.89
CA ALA J 56 -23.65 73.05 16.89
C ALA J 56 -24.03 73.57 15.52
N LYS J 57 -23.06 74.21 14.83
CA LYS J 57 -23.23 74.70 13.46
C LYS J 57 -22.51 73.72 12.52
N GLY J 58 -23.04 73.51 11.33
CA GLY J 58 -22.45 72.56 10.39
C GLY J 58 -22.42 73.03 8.95
N ASN J 59 -21.64 74.08 8.67
CA ASN J 59 -21.47 74.65 7.32
C ASN J 59 -22.77 75.14 6.72
N ILE J 60 -23.47 76.03 7.45
CA ILE J 60 -24.64 76.71 6.91
C ILE J 60 -24.06 77.66 5.83
N LEU J 61 -24.86 78.57 5.29
CA LEU J 61 -24.32 79.44 4.27
C LEU J 61 -24.50 80.90 4.61
N GLU J 62 -25.40 81.20 5.59
CA GLU J 62 -25.76 82.53 6.12
C GLU J 62 -26.98 83.13 5.42
N ARG J 63 -27.25 82.64 4.24
CA ARG J 63 -28.51 82.99 3.68
C ARG J 63 -29.42 82.19 4.62
N PHE J 64 -29.10 80.91 4.77
CA PHE J 64 -29.38 80.04 5.90
C PHE J 64 -29.11 80.55 7.31
N SER J 65 -30.18 80.59 8.07
CA SER J 65 -30.28 80.99 9.47
C SER J 65 -31.40 80.21 10.14
N ALA J 66 -31.27 79.94 11.43
CA ALA J 66 -32.30 79.19 12.17
C ALA J 66 -32.35 79.65 13.62
N GLN J 67 -33.32 79.11 14.38
CA GLN J 67 -33.46 79.40 15.81
C GLN J 67 -34.41 78.41 16.49
N GLN J 68 -34.34 78.36 17.82
CA GLN J 68 -35.23 77.56 18.67
C GLN J 68 -36.01 78.54 19.56
N PHE J 69 -36.91 78.06 20.42
CA PHE J 69 -37.71 78.98 21.21
C PHE J 69 -37.83 78.57 22.70
N PRO J 70 -38.54 79.37 23.58
CA PRO J 70 -38.74 78.90 24.99
C PRO J 70 -39.25 77.45 25.01
N ASP J 71 -40.29 77.17 24.18
CA ASP J 71 -40.80 75.85 23.83
C ASP J 71 -39.77 75.31 22.84
N LEU J 72 -39.64 74.02 22.65
CA LEU J 72 -38.48 73.61 21.87
C LEU J 72 -38.69 73.46 20.34
N HIS J 73 -39.67 74.20 19.75
CA HIS J 73 -39.87 74.22 18.28
C HIS J 73 -38.71 74.95 17.60
N SER J 74 -38.46 74.64 16.32
CA SER J 74 -37.40 75.29 15.55
C SER J 74 -37.87 75.70 14.16
N GLU J 75 -37.21 76.70 13.56
CA GLU J 75 -37.53 77.13 12.20
C GLU J 75 -36.29 77.55 11.42
N LEU J 76 -36.04 76.86 10.30
CA LEU J 76 -34.89 77.07 9.42
C LEU J 76 -35.24 78.00 8.24
N ASN J 77 -34.70 79.23 8.29
CA ASN J 77 -34.88 80.31 7.31
C ASN J 77 -33.87 80.22 6.16
N LEU J 78 -34.35 80.25 4.91
CA LEU J 78 -33.51 80.18 3.72
C LEU J 78 -33.80 81.39 2.80
N SER J 79 -32.78 82.24 2.52
CA SER J 79 -32.89 83.44 1.66
C SER J 79 -31.57 84.20 1.53
N SER J 80 -31.13 84.60 0.30
CA SER J 80 -31.76 84.36 -1.00
C SER J 80 -31.79 82.88 -1.36
N LEU J 81 -32.62 82.50 -2.34
CA LEU J 81 -32.73 81.11 -2.72
C LEU J 81 -32.09 80.78 -4.05
N GLU J 82 -31.11 79.88 -4.01
CA GLU J 82 -30.40 79.38 -5.17
C GLU J 82 -31.18 78.19 -5.72
N LEU J 83 -31.11 77.95 -7.04
CA LEU J 83 -31.79 76.83 -7.69
C LEU J 83 -31.40 75.47 -7.06
N GLY J 84 -30.12 75.32 -6.71
CA GLY J 84 -29.56 74.12 -6.11
C GLY J 84 -30.01 73.83 -4.69
N ASP J 85 -30.72 74.78 -4.04
CA ASP J 85 -31.23 74.59 -2.67
C ASP J 85 -32.33 73.55 -2.62
N SER J 86 -32.99 73.29 -3.78
CA SER J 86 -34.03 72.28 -3.92
C SER J 86 -33.52 70.96 -3.34
N ALA J 87 -34.11 70.54 -2.21
CA ALA J 87 -33.71 69.33 -1.50
C ALA J 87 -34.78 68.94 -0.48
N LEU J 88 -34.51 67.88 0.29
CA LEU J 88 -35.41 67.41 1.33
C LEU J 88 -34.87 67.85 2.67
N TYR J 89 -35.49 68.85 3.27
CA TYR J 89 -35.03 69.35 4.55
C TYR J 89 -35.63 68.53 5.68
N PHE J 90 -34.77 67.88 6.46
CA PHE J 90 -35.17 66.98 7.53
C PHE J 90 -34.89 67.52 8.93
N CYS J 91 -35.69 67.05 9.89
CA CYS J 91 -35.61 67.42 11.30
C CYS J 91 -35.28 66.19 12.13
N ALA J 92 -34.73 66.39 13.34
CA ALA J 92 -34.42 65.28 14.24
C ALA J 92 -34.54 65.68 15.70
N SER J 93 -35.32 64.89 16.46
CA SER J 93 -35.56 65.14 17.87
C SER J 93 -34.84 64.12 18.73
N SER J 94 -34.01 64.61 19.67
CA SER J 94 -33.25 63.78 20.60
C SER J 94 -32.95 64.58 21.88
N ALA J 95 -32.38 63.91 22.91
CA ALA J 95 -31.97 64.47 24.20
C ALA J 95 -33.12 64.66 25.21
N ASN J 96 -33.98 63.65 25.38
CA ASN J 96 -35.00 63.69 26.42
C ASN J 96 -34.42 62.93 27.62
N PRO J 97 -33.94 63.63 28.69
CA PRO J 97 -33.35 62.90 29.84
C PRO J 97 -34.31 61.96 30.56
N GLY J 98 -35.59 62.00 30.19
CA GLY J 98 -36.60 61.10 30.71
C GLY J 98 -36.34 59.68 30.23
N ASP J 99 -36.04 59.56 28.92
CA ASP J 99 -35.68 58.30 28.25
C ASP J 99 -34.28 57.84 28.70
N SER J 100 -33.90 56.59 28.39
CA SER J 100 -32.59 56.05 28.77
C SER J 100 -31.57 56.13 27.62
N SER J 101 -32.00 55.82 26.38
CA SER J 101 -31.14 55.87 25.19
C SER J 101 -31.33 57.22 24.48
N ASN J 102 -30.94 58.33 25.17
CA ASN J 102 -31.11 59.70 24.70
C ASN J 102 -30.62 59.98 23.28
N GLU J 103 -29.33 59.68 23.02
CA GLU J 103 -28.60 59.94 21.77
C GLU J 103 -29.33 59.53 20.46
N LYS J 104 -30.31 58.61 20.53
CA LYS J 104 -31.08 58.16 19.36
C LYS J 104 -31.82 59.33 18.69
N LEU J 105 -31.54 59.56 17.40
CA LEU J 105 -32.17 60.62 16.61
C LEU J 105 -33.48 60.14 16.03
N PHE J 106 -34.57 60.88 16.27
CA PHE J 106 -35.89 60.53 15.74
C PHE J 106 -36.29 61.53 14.68
N PHE J 107 -36.50 61.05 13.45
CA PHE J 107 -36.77 61.87 12.27
C PHE J 107 -38.23 62.15 12.00
N GLY J 108 -38.48 63.23 11.28
CA GLY J 108 -39.82 63.62 10.86
C GLY J 108 -40.00 63.49 9.36
N SER J 109 -41.26 63.45 8.92
CA SER J 109 -41.61 63.42 7.49
C SER J 109 -41.04 64.71 6.90
N GLY J 110 -40.16 64.58 5.93
CA GLY J 110 -39.41 65.69 5.36
C GLY J 110 -40.19 66.90 4.84
N THR J 111 -39.44 67.87 4.30
CA THR J 111 -39.99 69.07 3.67
C THR J 111 -39.31 69.27 2.34
N GLN J 112 -40.05 69.11 1.24
CA GLN J 112 -39.50 69.25 -0.09
C GLN J 112 -39.46 70.69 -0.52
N LEU J 113 -38.26 71.26 -0.60
CA LEU J 113 -38.07 72.61 -1.10
C LEU J 113 -37.83 72.47 -2.60
N SER J 114 -38.54 73.28 -3.41
CA SER J 114 -38.41 73.22 -4.86
C SER J 114 -38.19 74.60 -5.46
N VAL J 115 -36.91 75.02 -5.49
CA VAL J 115 -36.53 76.32 -6.03
C VAL J 115 -36.51 76.26 -7.55
N LEU J 116 -37.36 77.08 -8.18
CA LEU J 116 -37.46 77.18 -9.64
C LEU J 116 -36.97 78.56 -10.09
N GLU J 117 -36.69 78.74 -11.38
CA GLU J 117 -36.28 80.03 -11.89
C GLU J 117 -37.50 80.95 -12.00
N ASP J 118 -38.60 80.40 -12.57
CA ASP J 118 -39.86 81.13 -12.73
C ASP J 118 -41.02 80.28 -12.20
N LEU J 119 -41.95 80.92 -11.46
CA LEU J 119 -43.12 80.26 -10.90
C LEU J 119 -44.13 79.77 -11.97
N ASN J 120 -43.99 80.22 -13.23
CA ASN J 120 -44.86 79.81 -14.33
C ASN J 120 -44.48 78.44 -14.91
N LYS J 121 -43.37 77.85 -14.41
CA LYS J 121 -42.89 76.54 -14.84
C LYS J 121 -43.61 75.42 -14.08
N VAL J 122 -44.51 75.80 -13.14
CA VAL J 122 -45.34 74.87 -12.38
C VAL J 122 -46.52 74.45 -13.24
N PHE J 123 -46.71 73.14 -13.44
CA PHE J 123 -47.79 72.62 -14.26
C PHE J 123 -48.52 71.46 -13.58
N PRO J 124 -49.87 71.46 -13.56
CA PRO J 124 -50.59 70.34 -12.93
C PRO J 124 -50.60 69.11 -13.85
N PRO J 125 -50.73 67.88 -13.31
CA PRO J 125 -50.72 66.71 -14.17
C PRO J 125 -52.03 66.49 -14.93
N GLU J 126 -51.95 65.73 -16.02
CA GLU J 126 -53.09 65.34 -16.84
C GLU J 126 -53.16 63.84 -16.76
N VAL J 127 -54.13 63.32 -16.00
CA VAL J 127 -54.28 61.88 -15.74
C VAL J 127 -55.17 61.18 -16.76
N ALA J 128 -54.76 59.96 -17.16
CA ALA J 128 -55.49 59.12 -18.11
C ALA J 128 -55.41 57.64 -17.73
N VAL J 129 -56.56 56.97 -17.67
CA VAL J 129 -56.62 55.55 -17.32
C VAL J 129 -56.87 54.71 -18.61
N PHE J 130 -56.13 53.62 -18.76
CA PHE J 130 -56.20 52.79 -19.95
C PHE J 130 -56.78 51.42 -19.65
N GLU J 131 -57.85 51.07 -20.37
CA GLU J 131 -58.57 49.81 -20.19
C GLU J 131 -57.72 48.59 -20.58
N PRO J 132 -57.83 47.46 -19.85
CA PRO J 132 -56.97 46.31 -20.12
C PRO J 132 -57.21 45.64 -21.47
N SER J 133 -56.18 44.94 -21.98
CA SER J 133 -56.21 44.23 -23.25
C SER J 133 -57.06 42.96 -23.17
N GLU J 134 -57.84 42.69 -24.24
CA GLU J 134 -58.62 41.46 -24.32
C GLU J 134 -57.69 40.29 -24.59
N ALA J 135 -56.58 40.55 -25.34
CA ALA J 135 -55.54 39.56 -25.59
C ALA J 135 -55.01 39.03 -24.25
N GLU J 136 -54.73 39.94 -23.29
CA GLU J 136 -54.29 39.60 -21.92
C GLU J 136 -55.37 38.79 -21.19
N ILE J 137 -56.64 39.28 -21.22
CA ILE J 137 -57.78 38.63 -20.58
C ILE J 137 -57.95 37.19 -21.08
N SER J 138 -57.83 36.96 -22.40
CA SER J 138 -57.97 35.63 -23.00
C SER J 138 -56.81 34.72 -22.68
N HIS J 139 -55.58 35.28 -22.61
CA HIS J 139 -54.35 34.52 -22.37
C HIS J 139 -54.09 34.24 -20.89
N THR J 140 -53.77 35.30 -20.11
CA THR J 140 -53.40 35.25 -18.71
C THR J 140 -54.58 35.06 -17.76
N GLN J 141 -55.82 35.37 -18.22
CA GLN J 141 -57.06 35.33 -17.41
C GLN J 141 -57.02 36.43 -16.33
N LYS J 142 -56.27 37.52 -16.62
CA LYS J 142 -56.09 38.68 -15.74
C LYS J 142 -56.29 39.97 -16.53
N ALA J 143 -56.34 41.11 -15.84
CA ALA J 143 -56.52 42.40 -16.48
C ALA J 143 -55.62 43.47 -15.87
N THR J 144 -54.68 44.02 -16.67
CA THR J 144 -53.78 45.07 -16.20
C THR J 144 -54.31 46.43 -16.67
N LEU J 145 -54.58 47.34 -15.72
CA LEU J 145 -55.07 48.69 -15.97
C LEU J 145 -53.92 49.68 -15.83
N VAL J 146 -53.37 50.17 -16.94
CA VAL J 146 -52.29 51.15 -16.90
C VAL J 146 -52.91 52.55 -16.63
N CYS J 147 -52.18 53.42 -15.89
CA CYS J 147 -52.58 54.81 -15.59
C CYS J 147 -51.40 55.72 -15.89
N LEU J 148 -51.66 56.83 -16.59
CA LEU J 148 -50.64 57.79 -16.96
C LEU J 148 -50.93 59.17 -16.39
N ALA J 149 -50.00 59.70 -15.59
CA ALA J 149 -50.08 61.04 -15.02
C ALA J 149 -48.99 61.83 -15.71
N THR J 150 -49.34 62.56 -16.77
CA THR J 150 -48.33 63.21 -17.61
C THR J 150 -48.31 64.73 -17.54
N GLY J 151 -47.16 65.30 -17.87
CA GLY J 151 -46.95 66.74 -17.93
C GLY J 151 -47.20 67.46 -16.64
N PHE J 152 -46.35 67.22 -15.64
CA PHE J 152 -46.44 67.88 -14.34
C PHE J 152 -45.08 68.37 -13.90
N TYR J 153 -45.04 69.52 -13.20
CA TYR J 153 -43.78 70.07 -12.71
C TYR J 153 -44.00 70.89 -11.45
N PRO J 154 -43.20 70.69 -10.37
CA PRO J 154 -42.15 69.67 -10.20
C PRO J 154 -42.75 68.31 -9.79
N ASP J 155 -41.92 67.33 -9.38
CA ASP J 155 -42.49 66.02 -9.03
C ASP J 155 -43.05 65.97 -7.59
N HIS J 156 -44.19 66.62 -7.40
CA HIS J 156 -44.92 66.67 -6.13
C HIS J 156 -46.25 65.93 -6.35
N VAL J 157 -46.20 64.61 -6.58
CA VAL J 157 -47.42 63.83 -6.86
C VAL J 157 -47.58 62.59 -5.95
N GLU J 158 -48.83 62.14 -5.76
CA GLU J 158 -49.18 60.95 -4.97
C GLU J 158 -50.26 60.14 -5.68
N LEU J 159 -49.85 59.30 -6.66
CA LEU J 159 -50.73 58.46 -7.46
C LEU J 159 -51.30 57.33 -6.60
N SER J 160 -52.63 57.21 -6.55
CA SER J 160 -53.33 56.20 -5.76
C SER J 160 -54.48 55.57 -6.54
N TRP J 161 -54.74 54.28 -6.30
CA TRP J 161 -55.83 53.55 -6.95
C TRP J 161 -57.02 53.39 -6.01
N TRP J 162 -58.23 53.47 -6.55
CA TRP J 162 -59.46 53.38 -5.75
C TRP J 162 -60.49 52.50 -6.45
N VAL J 163 -60.64 51.26 -5.99
CA VAL J 163 -61.63 50.34 -6.56
C VAL J 163 -62.88 50.40 -5.70
N ASN J 164 -64.03 50.68 -6.36
CA ASN J 164 -65.36 50.80 -5.77
C ASN J 164 -65.39 51.65 -4.50
N GLY J 165 -64.70 52.80 -4.57
CA GLY J 165 -64.68 53.78 -3.49
C GLY J 165 -63.51 53.70 -2.52
N LYS J 166 -63.02 52.48 -2.23
CA LYS J 166 -61.94 52.33 -1.25
C LYS J 166 -60.57 52.18 -1.89
N GLU J 167 -59.53 52.73 -1.22
CA GLU J 167 -58.15 52.67 -1.69
C GLU J 167 -57.68 51.24 -1.69
N VAL J 168 -57.03 50.83 -2.79
CA VAL J 168 -56.52 49.48 -3.00
C VAL J 168 -54.98 49.47 -3.13
N HIS J 169 -54.32 48.46 -2.55
CA HIS J 169 -52.87 48.33 -2.62
C HIS J 169 -52.43 47.05 -3.33
N SER J 170 -53.17 45.93 -3.10
CA SER J 170 -52.88 44.63 -3.71
C SER J 170 -53.08 44.67 -5.24
N GLY J 171 -52.06 44.26 -5.98
CA GLY J 171 -52.08 44.26 -7.44
C GLY J 171 -51.66 45.58 -8.04
N VAL J 172 -51.16 46.51 -7.21
CA VAL J 172 -50.70 47.83 -7.66
C VAL J 172 -49.18 47.87 -7.74
N CYS J 173 -48.67 48.63 -8.71
CA CYS J 173 -47.26 48.95 -8.87
C CYS J 173 -47.15 50.30 -9.51
N THR J 174 -46.75 51.30 -8.72
CA THR J 174 -46.53 52.63 -9.23
C THR J 174 -45.04 52.80 -9.39
N ASP J 175 -44.63 53.38 -10.53
CA ASP J 175 -43.25 53.67 -10.90
C ASP J 175 -42.49 54.31 -9.73
N PRO J 176 -41.29 53.80 -9.37
CA PRO J 176 -40.53 54.42 -8.26
C PRO J 176 -39.96 55.79 -8.63
N GLN J 177 -39.69 56.03 -9.93
CA GLN J 177 -39.12 57.29 -10.43
C GLN J 177 -39.89 57.81 -11.65
N PRO J 178 -40.10 59.14 -11.77
CA PRO J 178 -40.82 59.65 -12.96
C PRO J 178 -39.91 59.79 -14.18
N LEU J 179 -40.52 59.85 -15.37
CA LEU J 179 -39.80 60.03 -16.63
C LEU J 179 -39.67 61.51 -16.93
N LYS J 180 -38.68 61.88 -17.76
CA LYS J 180 -38.52 63.25 -18.23
C LYS J 180 -39.13 63.34 -19.63
N GLU J 181 -40.12 64.23 -19.83
CA GLU J 181 -40.78 64.38 -21.13
C GLU J 181 -39.81 64.93 -22.18
N GLN J 182 -38.88 65.81 -21.74
CA GLN J 182 -37.80 66.36 -22.54
C GLN J 182 -36.49 65.95 -21.80
N PRO J 183 -36.02 64.68 -22.00
CA PRO J 183 -34.89 64.17 -21.19
C PRO J 183 -33.56 64.91 -21.30
N ALA J 184 -33.34 65.68 -22.37
CA ALA J 184 -32.11 66.45 -22.53
C ALA J 184 -32.24 67.80 -21.83
N LEU J 185 -33.47 68.35 -21.83
CA LEU J 185 -33.78 69.65 -21.25
C LEU J 185 -33.89 69.60 -19.73
N ASN J 186 -33.44 70.67 -19.07
CA ASN J 186 -33.60 70.88 -17.63
C ASN J 186 -34.99 71.51 -17.44
N ASP J 187 -35.49 71.58 -16.17
CA ASP J 187 -36.83 72.10 -15.82
C ASP J 187 -37.99 71.39 -16.57
N SER J 188 -37.67 70.28 -17.27
CA SER J 188 -38.60 69.49 -18.06
C SER J 188 -39.69 68.83 -17.22
N ARG J 189 -40.94 68.90 -17.70
CA ARG J 189 -42.11 68.31 -17.05
C ARG J 189 -41.98 66.79 -16.95
N TYR J 190 -42.47 66.20 -15.86
CA TYR J 190 -42.40 64.76 -15.65
C TYR J 190 -43.71 64.06 -15.98
N ALA J 191 -43.63 62.73 -16.13
CA ALA J 191 -44.76 61.84 -16.36
C ALA J 191 -44.56 60.60 -15.49
N LEU J 192 -45.65 60.03 -14.97
CA LEU J 192 -45.60 58.87 -14.09
C LEU J 192 -46.64 57.84 -14.49
N SER J 193 -46.26 56.56 -14.50
CA SER J 193 -47.16 55.46 -14.84
C SER J 193 -47.47 54.59 -13.62
N SER J 194 -48.59 53.85 -13.66
CA SER J 194 -49.00 52.94 -12.58
C SER J 194 -49.94 51.86 -13.09
N ARG J 195 -49.69 50.61 -12.71
CA ARG J 195 -50.51 49.48 -13.13
C ARG J 195 -51.30 48.93 -11.97
N LEU J 196 -52.54 48.55 -12.24
CA LEU J 196 -53.41 47.86 -11.30
C LEU J 196 -53.88 46.61 -12.00
N ARG J 197 -53.51 45.45 -11.49
CA ARG J 197 -53.90 44.19 -12.09
C ARG J 197 -54.97 43.49 -11.27
N VAL J 198 -56.12 43.24 -11.91
CA VAL J 198 -57.26 42.57 -11.32
C VAL J 198 -57.47 41.26 -12.08
N SER J 199 -58.40 40.40 -11.62
CA SER J 199 -58.70 39.18 -12.36
C SER J 199 -59.58 39.55 -13.56
N ALA J 200 -59.54 38.75 -14.63
CA ALA J 200 -60.39 38.99 -15.81
C ALA J 200 -61.85 38.99 -15.38
N THR J 201 -62.22 38.03 -14.51
CA THR J 201 -63.57 37.90 -13.95
C THR J 201 -63.97 39.12 -13.10
N PHE J 202 -62.98 39.88 -12.56
CA PHE J 202 -63.26 41.09 -11.78
C PHE J 202 -63.46 42.29 -12.69
N TRP J 203 -62.60 42.45 -13.71
CA TRP J 203 -62.70 43.56 -14.68
C TRP J 203 -64.00 43.46 -15.47
N GLN J 204 -64.43 42.22 -15.77
CA GLN J 204 -65.64 41.97 -16.54
C GLN J 204 -66.92 42.48 -15.88
N ASN J 205 -67.02 42.49 -14.53
CA ASN J 205 -68.22 42.97 -13.84
C ASN J 205 -68.48 44.47 -14.09
N PRO J 206 -69.60 44.82 -14.77
CA PRO J 206 -69.88 46.25 -15.05
C PRO J 206 -70.29 47.10 -13.84
N ARG J 207 -70.26 46.52 -12.63
CA ARG J 207 -70.59 47.23 -11.38
C ARG J 207 -69.31 47.60 -10.62
N ASN J 208 -68.14 47.18 -11.15
CA ASN J 208 -66.85 47.47 -10.54
C ASN J 208 -66.26 48.76 -11.11
N HIS J 209 -66.12 49.76 -10.24
CA HIS J 209 -65.64 51.08 -10.63
C HIS J 209 -64.18 51.30 -10.24
N PHE J 210 -63.31 51.52 -11.24
CA PHE J 210 -61.88 51.75 -11.06
C PHE J 210 -61.57 53.23 -11.24
N ARG J 211 -60.93 53.86 -10.23
CA ARG J 211 -60.55 55.27 -10.29
C ARG J 211 -59.07 55.50 -9.91
N CYS J 212 -58.27 56.09 -10.85
CA CYS J 212 -56.87 56.47 -10.68
C CYS J 212 -56.89 57.93 -10.19
N GLN J 213 -56.33 58.21 -9.00
CA GLN J 213 -56.32 59.56 -8.40
C GLN J 213 -54.89 60.05 -8.24
N VAL J 214 -54.60 61.27 -8.71
CA VAL J 214 -53.23 61.84 -8.60
C VAL J 214 -53.25 63.16 -7.81
N GLN J 215 -52.69 63.12 -6.59
CA GLN J 215 -52.63 64.28 -5.70
C GLN J 215 -51.37 65.12 -5.99
N PHE J 216 -51.56 66.31 -6.59
CA PHE J 216 -50.48 67.24 -6.93
C PHE J 216 -50.32 68.29 -5.83
N TYR J 217 -49.07 68.53 -5.40
CA TYR J 217 -48.78 69.49 -4.34
C TYR J 217 -48.19 70.79 -4.93
N GLY J 218 -49.06 71.56 -5.58
CA GLY J 218 -48.70 72.80 -6.26
C GLY J 218 -48.51 74.02 -5.38
N LEU J 219 -49.05 75.15 -5.85
CA LEU J 219 -48.90 76.48 -5.26
C LEU J 219 -49.85 76.80 -4.12
N SER J 220 -49.38 77.64 -3.20
CA SER J 220 -50.16 78.14 -2.05
C SER J 220 -51.10 79.24 -2.52
N GLU J 221 -52.14 79.53 -1.71
CA GLU J 221 -53.13 80.57 -2.01
C GLU J 221 -52.52 81.98 -2.04
N ASN J 222 -51.39 82.17 -1.33
CA ASN J 222 -50.71 83.47 -1.24
C ASN J 222 -49.63 83.69 -2.31
N ASP J 223 -49.66 82.92 -3.41
CA ASP J 223 -48.71 83.07 -4.52
C ASP J 223 -49.31 83.91 -5.63
N GLU J 224 -48.53 84.85 -6.19
CA GLU J 224 -48.98 85.71 -7.27
C GLU J 224 -49.04 84.95 -8.61
N TRP J 225 -50.22 84.87 -9.22
CA TRP J 225 -50.38 84.22 -10.52
C TRP J 225 -50.67 85.23 -11.62
N THR J 226 -49.74 85.32 -12.59
CA THR J 226 -49.79 86.29 -13.69
C THR J 226 -50.39 85.71 -14.98
N GLN J 227 -50.00 84.47 -15.34
CA GLN J 227 -50.37 83.77 -16.58
C GLN J 227 -51.88 83.70 -16.90
N ASP J 228 -52.20 83.52 -18.20
CA ASP J 228 -53.56 83.38 -18.72
C ASP J 228 -54.14 82.02 -18.28
N ARG J 229 -53.31 80.96 -18.35
CA ARG J 229 -53.66 79.61 -17.91
C ARG J 229 -54.06 79.61 -16.41
N ALA J 230 -54.80 78.58 -15.96
CA ALA J 230 -55.26 78.48 -14.58
C ALA J 230 -54.11 78.40 -13.57
N LYS J 231 -54.32 78.96 -12.36
CA LYS J 231 -53.35 78.94 -11.27
C LYS J 231 -53.07 77.47 -10.90
N PRO J 232 -51.80 76.98 -11.00
CA PRO J 232 -51.53 75.58 -10.67
C PRO J 232 -51.42 75.37 -9.16
N VAL J 233 -52.58 75.37 -8.49
CA VAL J 233 -52.71 75.19 -7.04
C VAL J 233 -52.63 73.70 -6.67
N THR J 234 -52.54 73.39 -5.35
CA THR J 234 -52.53 72.02 -4.87
C THR J 234 -53.90 71.40 -5.23
N GLN J 235 -53.89 70.44 -6.16
CA GLN J 235 -55.11 69.84 -6.68
C GLN J 235 -55.06 68.32 -6.77
N ILE J 236 -56.24 67.71 -6.88
CA ILE J 236 -56.44 66.27 -6.97
C ILE J 236 -57.03 66.00 -8.36
N VAL J 237 -56.37 65.15 -9.17
CA VAL J 237 -56.78 64.88 -10.56
C VAL J 237 -57.07 63.40 -10.80
N SER J 238 -58.35 63.02 -10.83
CA SER J 238 -58.75 61.63 -11.04
C SER J 238 -58.89 61.25 -12.52
N ALA J 239 -59.25 59.98 -12.77
CA ALA J 239 -59.51 59.38 -14.10
C ALA J 239 -60.22 58.06 -13.83
N GLU J 240 -61.43 57.89 -14.36
CA GLU J 240 -62.23 56.72 -14.05
C GLU J 240 -62.43 55.76 -15.20
N ALA J 241 -62.84 54.53 -14.86
CA ALA J 241 -63.15 53.46 -15.78
C ALA J 241 -64.06 52.47 -15.08
N TRP J 242 -64.95 51.81 -15.83
CA TRP J 242 -65.88 50.82 -15.29
C TRP J 242 -65.64 49.49 -15.93
N GLY J 243 -65.97 48.42 -15.21
CA GLY J 243 -65.86 47.07 -15.70
C GLY J 243 -66.69 46.85 -16.95
N ARG J 244 -66.07 46.32 -18.00
CA ARG J 244 -66.76 46.11 -19.27
C ARG J 244 -67.33 44.70 -19.34
N ALA J 245 -68.67 44.60 -19.48
CA ALA J 245 -69.43 43.33 -19.54
C ALA J 245 -68.80 42.25 -20.45
N SER K 2 42.53 -44.36 20.39
CA SER K 2 42.52 -44.68 18.97
C SER K 2 42.85 -46.16 18.71
N HIS K 3 42.09 -46.78 17.79
CA HIS K 3 42.25 -48.19 17.42
C HIS K 3 42.50 -48.34 15.92
N SER K 4 42.92 -49.54 15.45
CA SER K 4 43.20 -49.78 14.02
C SER K 4 43.11 -51.25 13.61
N LEU K 5 42.52 -51.51 12.42
CA LEU K 5 42.41 -52.85 11.82
C LEU K 5 43.20 -52.85 10.51
N LYS K 6 44.37 -53.52 10.50
CA LYS K 6 45.25 -53.54 9.31
C LYS K 6 45.56 -54.95 8.81
N TYR K 7 45.77 -55.06 7.49
CA TYR K 7 46.14 -56.33 6.84
C TYR K 7 47.38 -56.15 5.97
N PHE K 8 48.27 -57.16 5.95
CA PHE K 8 49.53 -57.11 5.20
C PHE K 8 49.64 -58.27 4.21
N HIS K 9 49.51 -57.95 2.90
CA HIS K 9 49.50 -58.91 1.80
C HIS K 9 50.81 -58.89 1.02
N THR K 10 51.43 -60.08 0.82
CA THR K 10 52.72 -60.21 0.14
C THR K 10 52.69 -61.32 -0.92
N SER K 11 53.07 -60.98 -2.17
CA SER K 11 53.15 -61.93 -3.28
C SER K 11 54.61 -62.11 -3.71
N VAL K 12 55.15 -63.33 -3.53
CA VAL K 12 56.54 -63.66 -3.88
C VAL K 12 56.56 -64.67 -5.03
N SER K 13 56.96 -64.22 -6.23
CA SER K 13 57.02 -65.05 -7.44
C SER K 13 58.18 -66.06 -7.39
N ARG K 14 57.93 -67.31 -7.85
CA ARG K 14 58.95 -68.37 -7.90
C ARG K 14 58.95 -69.15 -9.24
N PRO K 15 59.67 -68.65 -10.26
CA PRO K 15 59.66 -69.33 -11.57
C PRO K 15 60.40 -70.67 -11.58
N GLY K 16 59.78 -71.67 -12.20
CA GLY K 16 60.33 -73.02 -12.30
C GLY K 16 60.00 -73.91 -11.13
N ARG K 17 60.02 -73.34 -9.91
CA ARG K 17 59.73 -74.06 -8.66
C ARG K 17 58.25 -74.47 -8.57
N GLY K 18 57.35 -73.54 -8.87
CA GLY K 18 55.91 -73.80 -8.85
C GLY K 18 55.05 -72.55 -8.97
N GLU K 19 54.20 -72.32 -7.95
CA GLU K 19 53.27 -71.19 -7.89
C GLU K 19 53.80 -70.13 -6.91
N PRO K 20 53.51 -68.81 -7.11
CA PRO K 20 54.00 -67.80 -6.16
C PRO K 20 53.42 -67.94 -4.74
N ARG K 21 54.12 -67.36 -3.74
CA ARG K 21 53.66 -67.42 -2.34
C ARG K 21 52.91 -66.16 -1.95
N PHE K 22 51.76 -66.34 -1.28
CA PHE K 22 50.89 -65.25 -0.84
C PHE K 22 50.64 -65.36 0.67
N ILE K 23 50.94 -64.28 1.41
CA ILE K 23 50.75 -64.27 2.86
C ILE K 23 49.91 -63.05 3.29
N SER K 24 48.81 -63.32 4.01
CA SER K 24 47.92 -62.29 4.57
C SER K 24 48.04 -62.29 6.09
N VAL K 25 48.19 -61.11 6.70
CA VAL K 25 48.33 -60.96 8.15
C VAL K 25 47.36 -59.92 8.70
N GLY K 26 46.55 -60.34 9.68
CA GLY K 26 45.59 -59.47 10.35
C GLY K 26 46.19 -58.80 11.56
N TYR K 27 45.80 -57.53 11.83
CA TYR K 27 46.37 -56.76 12.93
C TYR K 27 45.36 -55.82 13.59
N VAL K 28 45.07 -56.03 14.88
CA VAL K 28 44.21 -55.14 15.67
C VAL K 28 45.15 -54.38 16.57
N ASP K 29 45.40 -53.09 16.24
CA ASP K 29 46.42 -52.25 16.88
C ASP K 29 47.74 -53.02 16.69
N ASP K 30 48.35 -53.54 17.78
CA ASP K 30 49.59 -54.32 17.66
C ASP K 30 49.38 -55.85 17.70
N THR K 31 48.21 -56.31 18.18
CA THR K 31 47.91 -57.74 18.30
C THR K 31 47.56 -58.41 16.97
N GLN K 32 48.29 -59.49 16.61
CA GLN K 32 48.01 -60.27 15.40
C GLN K 32 46.83 -61.19 15.71
N PHE K 33 45.92 -61.39 14.73
CA PHE K 33 44.74 -62.23 14.99
C PHE K 33 44.41 -63.24 13.88
N VAL K 34 44.74 -62.93 12.60
CA VAL K 34 44.49 -63.87 11.49
C VAL K 34 45.69 -64.01 10.55
N ARG K 35 45.84 -65.19 9.92
CA ARG K 35 46.93 -65.47 8.98
C ARG K 35 46.49 -66.32 7.79
N PHE K 36 47.17 -66.17 6.64
CA PHE K 36 46.89 -66.94 5.43
C PHE K 36 48.18 -67.24 4.68
N ASP K 37 48.37 -68.52 4.30
CA ASP K 37 49.53 -68.97 3.52
C ASP K 37 49.11 -70.13 2.63
N ASN K 38 49.22 -69.92 1.30
CA ASN K 38 48.84 -70.92 0.29
C ASN K 38 49.93 -71.99 0.11
N ASP K 39 51.10 -71.83 0.77
CA ASP K 39 52.22 -72.77 0.71
C ASP K 39 51.86 -74.16 1.31
N ALA K 40 50.76 -74.23 2.08
CA ALA K 40 50.27 -75.47 2.67
C ALA K 40 49.18 -76.11 1.78
N ALA K 41 48.86 -77.41 2.04
CA ALA K 41 47.80 -78.14 1.32
C ALA K 41 46.42 -77.75 1.85
N SER K 42 46.40 -77.04 3.01
CA SER K 42 45.22 -76.48 3.66
C SER K 42 45.34 -74.93 3.55
N PRO K 43 45.03 -74.33 2.36
CA PRO K 43 45.18 -72.87 2.23
C PRO K 43 43.98 -72.18 2.84
N ARG K 44 44.02 -71.98 4.16
CA ARG K 44 42.89 -71.44 4.89
C ARG K 44 43.26 -70.30 5.83
N MET K 45 42.31 -69.39 6.06
CA MET K 45 42.45 -68.30 7.02
C MET K 45 42.25 -68.94 8.39
N VAL K 46 43.30 -68.91 9.22
CA VAL K 46 43.28 -69.55 10.54
C VAL K 46 43.50 -68.54 11.68
N PRO K 47 42.96 -68.79 12.90
CA PRO K 47 43.14 -67.82 13.99
C PRO K 47 44.55 -67.83 14.58
N ARG K 48 44.97 -66.69 15.14
CA ARG K 48 46.27 -66.52 15.79
C ARG K 48 46.07 -65.79 17.15
N ALA K 49 44.86 -65.95 17.73
CA ALA K 49 44.45 -65.36 19.00
C ALA K 49 43.37 -66.23 19.69
N PRO K 50 43.42 -66.40 21.05
CA PRO K 50 42.44 -67.27 21.72
C PRO K 50 40.97 -66.89 21.52
N TRP K 51 40.65 -65.59 21.50
CA TRP K 51 39.29 -65.08 21.29
C TRP K 51 38.83 -65.37 19.86
N MET K 52 39.76 -65.30 18.89
CA MET K 52 39.47 -65.58 17.48
C MET K 52 39.24 -67.06 17.23
N GLU K 53 39.82 -67.94 18.08
CA GLU K 53 39.74 -69.41 17.96
C GLU K 53 38.29 -69.94 17.85
N GLN K 54 37.32 -69.22 18.46
CA GLN K 54 35.90 -69.60 18.35
C GLN K 54 35.11 -68.56 17.54
N GLU K 55 35.04 -68.77 16.20
CA GLU K 55 34.36 -67.85 15.30
C GLU K 55 33.39 -68.54 14.33
N GLY K 56 33.49 -69.86 14.20
CA GLY K 56 32.59 -70.64 13.34
C GLY K 56 32.95 -70.61 11.87
N SER K 57 32.74 -71.77 11.20
CA SER K 57 33.05 -72.04 9.79
C SER K 57 32.60 -70.96 8.78
N GLU K 58 31.39 -70.38 8.97
CA GLU K 58 30.81 -69.37 8.06
C GLU K 58 31.72 -68.13 7.89
N TYR K 59 32.41 -67.73 8.97
CA TYR K 59 33.34 -66.61 8.96
C TYR K 59 34.62 -67.03 8.23
N TRP K 60 35.16 -68.22 8.59
CA TRP K 60 36.40 -68.75 8.03
C TRP K 60 36.34 -69.02 6.53
N ASP K 61 35.20 -69.56 6.02
CA ASP K 61 35.00 -69.82 4.58
C ASP K 61 34.91 -68.54 3.75
N ARG K 62 34.34 -67.48 4.35
CA ARG K 62 34.19 -66.16 3.72
C ARG K 62 35.57 -65.52 3.58
N GLU K 63 36.35 -65.48 4.70
CA GLU K 63 37.68 -64.88 4.75
C GLU K 63 38.75 -65.72 4.02
N THR K 64 38.41 -66.94 3.58
CA THR K 64 39.31 -67.77 2.79
C THR K 64 39.10 -67.45 1.33
N ARG K 65 37.84 -67.52 0.85
CA ARG K 65 37.49 -67.20 -0.55
C ARG K 65 37.68 -65.70 -0.87
N SER K 66 38.28 -64.96 0.07
CA SER K 66 38.65 -63.55 -0.09
C SER K 66 40.16 -63.47 -0.29
N ALA K 67 40.93 -64.19 0.56
CA ALA K 67 42.38 -64.25 0.48
C ALA K 67 42.82 -65.12 -0.71
N ARG K 68 42.15 -66.28 -0.91
CA ARG K 68 42.41 -67.22 -2.02
C ARG K 68 42.17 -66.54 -3.36
N ASP K 69 41.20 -65.62 -3.40
CA ASP K 69 40.87 -64.87 -4.60
C ASP K 69 41.90 -63.78 -4.89
N THR K 70 42.30 -63.01 -3.83
CA THR K 70 43.33 -61.96 -3.94
C THR K 70 44.64 -62.57 -4.46
N ALA K 71 44.85 -63.87 -4.17
CA ALA K 71 46.01 -64.62 -4.63
C ALA K 71 45.95 -64.77 -6.16
N GLN K 72 44.83 -65.35 -6.68
CA GLN K 72 44.59 -65.54 -8.13
C GLN K 72 44.87 -64.24 -8.93
N ILE K 73 44.45 -63.09 -8.37
CA ILE K 73 44.64 -61.76 -8.96
C ILE K 73 46.10 -61.31 -8.89
N PHE K 74 46.72 -61.42 -7.69
CA PHE K 74 48.12 -61.01 -7.47
C PHE K 74 49.09 -61.80 -8.34
N ARG K 75 48.80 -63.10 -8.53
CA ARG K 75 49.57 -64.00 -9.41
C ARG K 75 49.64 -63.40 -10.83
N VAL K 76 48.47 -62.93 -11.33
CA VAL K 76 48.33 -62.29 -12.65
C VAL K 76 48.93 -60.89 -12.64
N ASN K 77 48.76 -60.16 -11.51
CA ASN K 77 49.30 -58.82 -11.34
C ASN K 77 50.82 -58.82 -11.43
N LEU K 78 51.46 -59.96 -11.06
CA LEU K 78 52.91 -60.12 -11.12
C LEU K 78 53.39 -60.09 -12.57
N ARG K 79 52.79 -60.93 -13.45
CA ARG K 79 53.14 -61.00 -14.88
C ARG K 79 52.82 -59.70 -15.62
N THR K 80 51.81 -58.94 -15.13
CA THR K 80 51.42 -57.65 -15.72
C THR K 80 52.37 -56.54 -15.24
N LEU K 81 52.79 -56.60 -13.96
CA LEU K 81 53.74 -55.64 -13.40
C LEU K 81 55.15 -55.90 -13.91
N ARG K 82 55.43 -57.16 -14.30
CA ARG K 82 56.71 -57.58 -14.87
C ARG K 82 56.89 -56.89 -16.23
N GLY K 83 55.79 -56.85 -17.01
CA GLY K 83 55.77 -56.20 -18.31
C GLY K 83 55.91 -54.69 -18.25
N TYR K 84 55.44 -54.07 -17.13
CA TYR K 84 55.52 -52.62 -16.92
C TYR K 84 56.98 -52.15 -16.74
N TYR K 85 57.69 -52.72 -15.75
CA TYR K 85 59.09 -52.36 -15.47
C TYR K 85 60.07 -53.16 -16.34
N ASN K 86 59.55 -54.12 -17.15
CA ASN K 86 60.29 -55.00 -18.08
C ASN K 86 61.37 -55.85 -17.39
N GLN K 87 60.95 -56.94 -16.74
CA GLN K 87 61.84 -57.87 -16.04
C GLN K 87 61.80 -59.27 -16.68
N SER K 88 62.78 -60.15 -16.33
CA SER K 88 62.92 -61.50 -16.90
C SER K 88 61.84 -62.47 -16.43
N GLU K 89 61.67 -63.58 -17.19
CA GLU K 89 60.73 -64.66 -16.87
C GLU K 89 61.18 -65.46 -15.64
N ALA K 90 62.45 -65.28 -15.21
CA ALA K 90 63.03 -65.99 -14.06
C ALA K 90 63.40 -65.06 -12.88
N GLY K 91 62.95 -63.81 -12.92
CA GLY K 91 63.23 -62.82 -11.88
C GLY K 91 62.18 -62.77 -10.78
N SER K 92 62.56 -63.23 -9.57
CA SER K 92 61.68 -63.24 -8.39
C SER K 92 61.45 -61.83 -7.84
N HIS K 93 60.17 -61.40 -7.76
CA HIS K 93 59.79 -60.06 -7.29
C HIS K 93 58.82 -60.08 -6.10
N THR K 94 58.52 -58.88 -5.56
CA THR K 94 57.65 -58.72 -4.40
C THR K 94 56.52 -57.71 -4.67
N LEU K 95 55.27 -58.15 -4.46
CA LEU K 95 54.08 -57.31 -4.58
C LEU K 95 53.43 -57.21 -3.21
N GLN K 96 53.44 -56.00 -2.63
CA GLN K 96 52.91 -55.78 -1.28
C GLN K 96 51.67 -54.90 -1.27
N TRP K 97 50.71 -55.24 -0.42
CA TRP K 97 49.48 -54.48 -0.28
C TRP K 97 49.09 -54.36 1.18
N MET K 98 48.75 -53.14 1.61
CA MET K 98 48.33 -52.87 2.97
C MET K 98 47.17 -51.91 3.02
N HIS K 99 46.13 -52.30 3.77
CA HIS K 99 44.93 -51.51 3.97
C HIS K 99 44.58 -51.51 5.44
N GLY K 100 43.99 -50.42 5.90
CA GLY K 100 43.60 -50.29 7.30
C GLY K 100 42.78 -49.07 7.63
N CYS K 101 41.90 -49.21 8.62
CA CYS K 101 41.05 -48.10 9.08
C CYS K 101 41.35 -47.78 10.54
N GLU K 102 41.34 -46.48 10.87
CA GLU K 102 41.63 -45.99 12.21
C GLU K 102 40.41 -45.43 12.91
N LEU K 103 40.11 -45.98 14.11
CA LEU K 103 39.00 -45.54 14.95
C LEU K 103 39.41 -44.32 15.76
N GLY K 104 38.51 -43.36 15.88
CA GLY K 104 38.74 -42.17 16.67
C GLY K 104 38.54 -42.43 18.15
N PRO K 105 38.93 -41.49 19.04
CA PRO K 105 38.70 -41.70 20.49
C PRO K 105 37.21 -41.68 20.83
N ASP K 106 36.42 -41.02 19.97
CA ASP K 106 34.96 -40.87 20.06
C ASP K 106 34.19 -42.19 19.86
N ARG K 107 34.86 -43.22 19.36
CA ARG K 107 34.27 -44.54 19.11
C ARG K 107 33.79 -44.72 17.68
N ARG K 108 33.92 -43.66 16.85
CA ARG K 108 33.52 -43.66 15.43
C ARG K 108 34.75 -43.46 14.52
N PHE K 109 34.55 -43.61 13.18
CA PHE K 109 35.57 -43.48 12.14
C PHE K 109 36.41 -42.19 12.23
N LEU K 110 37.69 -42.26 11.80
CA LEU K 110 38.60 -41.12 11.77
C LEU K 110 39.29 -41.01 10.42
N ARG K 111 40.07 -42.04 10.03
CA ARG K 111 40.77 -42.09 8.73
C ARG K 111 41.03 -43.52 8.25
N GLY K 112 41.34 -43.66 6.96
CA GLY K 112 41.64 -44.94 6.34
C GLY K 112 42.77 -44.84 5.33
N TYR K 113 43.37 -45.99 4.97
CA TYR K 113 44.49 -46.02 4.03
C TYR K 113 44.50 -47.30 3.18
N GLU K 114 45.00 -47.20 1.93
CA GLU K 114 45.15 -48.32 0.99
C GLU K 114 46.39 -48.05 0.15
N GLN K 115 47.40 -48.93 0.24
CA GLN K 115 48.66 -48.74 -0.49
C GLN K 115 49.19 -49.97 -1.17
N PHE K 116 49.76 -49.79 -2.37
CA PHE K 116 50.38 -50.85 -3.17
C PHE K 116 51.87 -50.59 -3.35
N ALA K 117 52.66 -51.66 -3.50
CA ALA K 117 54.11 -51.56 -3.69
C ALA K 117 54.65 -52.73 -4.50
N TYR K 118 55.59 -52.42 -5.40
CA TYR K 118 56.28 -53.41 -6.22
C TYR K 118 57.77 -53.28 -5.93
N ASP K 119 58.32 -54.27 -5.20
CA ASP K 119 59.72 -54.34 -4.75
C ASP K 119 60.10 -53.18 -3.82
N GLY K 120 59.39 -53.08 -2.69
CA GLY K 120 59.64 -52.07 -1.65
C GLY K 120 59.27 -50.64 -1.99
N LYS K 121 59.37 -50.25 -3.28
CA LYS K 121 59.09 -48.88 -3.71
C LYS K 121 57.58 -48.59 -3.73
N ASP K 122 57.20 -47.37 -3.23
CA ASP K 122 55.81 -46.89 -3.21
C ASP K 122 55.27 -46.87 -4.62
N TYR K 123 54.21 -47.65 -4.89
CA TYR K 123 53.64 -47.78 -6.23
C TYR K 123 52.32 -47.04 -6.42
N LEU K 124 51.27 -47.39 -5.66
CA LEU K 124 49.96 -46.75 -5.80
C LEU K 124 49.33 -46.44 -4.45
N THR K 125 48.81 -45.21 -4.30
CA THR K 125 48.19 -44.74 -3.06
C THR K 125 46.77 -44.26 -3.31
N LEU K 126 45.85 -44.58 -2.40
CA LEU K 126 44.47 -44.13 -2.43
C LEU K 126 44.41 -42.75 -1.77
N ASN K 127 43.75 -41.78 -2.43
CA ASN K 127 43.61 -40.40 -1.90
C ASN K 127 42.89 -40.43 -0.55
N GLU K 128 43.14 -39.44 0.33
CA GLU K 128 42.49 -39.39 1.65
C GLU K 128 40.97 -39.19 1.54
N ASP K 129 40.51 -38.55 0.45
CA ASP K 129 39.07 -38.40 0.20
C ASP K 129 38.45 -39.77 -0.14
N LEU K 130 39.34 -40.75 -0.47
CA LEU K 130 39.02 -42.15 -0.83
C LEU K 130 38.19 -42.25 -2.12
N ARG K 131 38.30 -41.22 -2.98
CA ARG K 131 37.54 -41.11 -4.23
C ARG K 131 38.35 -41.50 -5.47
N SER K 132 39.67 -41.24 -5.46
CA SER K 132 40.53 -41.56 -6.61
C SER K 132 41.90 -42.13 -6.20
N TRP K 133 42.79 -42.36 -7.20
CA TRP K 133 44.13 -42.90 -6.99
C TRP K 133 45.20 -41.96 -7.54
N THR K 134 46.41 -42.00 -6.95
CA THR K 134 47.55 -41.19 -7.39
C THR K 134 48.77 -42.07 -7.56
N ALA K 135 49.30 -42.14 -8.79
CA ALA K 135 50.46 -42.96 -9.14
C ALA K 135 51.74 -42.37 -8.54
N VAL K 136 52.42 -43.14 -7.67
CA VAL K 136 53.66 -42.71 -7.01
C VAL K 136 54.89 -42.96 -7.94
N ASP K 137 54.67 -43.66 -9.07
CA ASP K 137 55.70 -43.94 -10.06
C ASP K 137 55.15 -43.80 -11.48
N THR K 138 56.04 -43.64 -12.48
CA THR K 138 55.70 -43.48 -13.90
C THR K 138 54.99 -44.72 -14.48
N ALA K 139 55.42 -45.94 -14.08
CA ALA K 139 54.82 -47.19 -14.56
C ALA K 139 53.41 -47.42 -13.97
N ALA K 140 53.10 -46.74 -12.84
CA ALA K 140 51.82 -46.83 -12.15
C ALA K 140 50.75 -45.94 -12.81
N GLN K 141 51.16 -45.00 -13.68
CA GLN K 141 50.29 -44.06 -14.40
C GLN K 141 49.18 -44.78 -15.19
N ILE K 142 49.51 -45.94 -15.81
CA ILE K 142 48.54 -46.74 -16.59
C ILE K 142 47.55 -47.43 -15.64
N SER K 143 48.05 -48.15 -14.62
CA SER K 143 47.24 -48.86 -13.63
C SER K 143 46.34 -47.92 -12.82
N GLU K 144 46.76 -46.64 -12.71
CA GLU K 144 46.02 -45.60 -11.99
C GLU K 144 44.77 -45.17 -12.77
N GLN K 145 44.92 -44.88 -14.09
CA GLN K 145 43.78 -44.45 -14.91
C GLN K 145 42.75 -45.57 -15.09
N LYS K 146 43.19 -46.86 -15.01
CA LYS K 146 42.30 -48.02 -15.11
C LYS K 146 41.33 -48.05 -13.92
N SER K 147 41.88 -47.89 -12.69
CA SER K 147 41.10 -47.88 -11.46
C SER K 147 40.23 -46.62 -11.34
N ASN K 148 40.73 -45.49 -11.89
CA ASN K 148 40.00 -44.21 -11.88
C ASN K 148 38.85 -44.19 -12.89
N ASP K 149 39.08 -44.76 -14.10
CA ASP K 149 38.08 -44.82 -15.16
C ASP K 149 36.93 -45.76 -14.83
N ALA K 150 37.25 -46.97 -14.31
CA ALA K 150 36.26 -47.98 -13.98
C ALA K 150 35.74 -47.88 -12.53
N SER K 151 36.13 -46.80 -11.82
CA SER K 151 35.71 -46.48 -10.44
C SER K 151 35.86 -47.66 -9.46
N GLU K 152 37.10 -47.92 -9.02
CA GLU K 152 37.43 -49.01 -8.09
C GLU K 152 37.53 -48.50 -6.67
N ALA K 153 37.86 -47.20 -6.52
CA ALA K 153 38.04 -46.52 -5.24
C ALA K 153 36.77 -46.49 -4.38
N GLU K 154 35.59 -46.69 -4.99
CA GLU K 154 34.32 -46.71 -4.26
C GLU K 154 34.13 -48.01 -3.49
N HIS K 155 34.67 -49.14 -4.03
CA HIS K 155 34.63 -50.44 -3.38
C HIS K 155 35.49 -50.41 -2.14
N GLN K 156 36.64 -49.71 -2.23
CA GLN K 156 37.60 -49.58 -1.14
C GLN K 156 37.11 -48.59 -0.08
N ARG K 157 36.55 -47.43 -0.53
CA ARG K 157 35.98 -46.43 0.39
C ARG K 157 34.86 -47.05 1.21
N ALA K 158 34.00 -47.87 0.56
CA ALA K 158 32.88 -48.57 1.20
C ALA K 158 33.37 -49.45 2.34
N TYR K 159 34.35 -50.34 2.06
CA TYR K 159 34.95 -51.24 3.04
C TYR K 159 35.59 -50.46 4.20
N LEU K 160 36.56 -49.58 3.89
CA LEU K 160 37.33 -48.80 4.87
C LEU K 160 36.46 -48.06 5.88
N GLU K 161 35.41 -47.38 5.40
CA GLU K 161 34.52 -46.59 6.26
C GLU K 161 33.41 -47.41 6.92
N ASP K 162 32.96 -48.50 6.27
CA ASP K 162 31.87 -49.33 6.77
C ASP K 162 32.36 -50.68 7.33
N THR K 163 32.58 -51.68 6.45
CA THR K 163 32.98 -53.06 6.77
C THR K 163 34.15 -53.13 7.76
N CYS K 164 35.24 -52.38 7.49
CA CYS K 164 36.44 -52.32 8.31
C CYS K 164 36.14 -51.83 9.74
N VAL K 165 35.40 -50.71 9.87
CA VAL K 165 35.04 -50.11 11.16
C VAL K 165 34.07 -50.99 11.95
N GLU K 166 32.99 -51.49 11.29
CA GLU K 166 31.98 -52.37 11.90
C GLU K 166 32.66 -53.59 12.54
N TRP K 167 33.54 -54.26 11.77
CA TRP K 167 34.26 -55.45 12.21
C TRP K 167 35.31 -55.17 13.27
N LEU K 168 36.02 -54.02 13.17
CA LEU K 168 37.02 -53.62 14.16
C LEU K 168 36.40 -53.67 15.57
N HIS K 169 35.19 -53.07 15.74
CA HIS K 169 34.43 -53.09 17.00
C HIS K 169 34.12 -54.54 17.42
N LYS K 170 33.58 -55.35 16.48
CA LYS K 170 33.24 -56.77 16.70
C LYS K 170 34.43 -57.57 17.20
N TYR K 171 35.64 -57.30 16.66
CA TYR K 171 36.88 -57.96 17.08
C TYR K 171 37.29 -57.49 18.48
N LEU K 172 37.12 -56.18 18.78
CA LEU K 172 37.46 -55.59 20.08
C LEU K 172 36.57 -56.12 21.21
N GLU K 173 35.26 -56.30 20.93
CA GLU K 173 34.30 -56.83 21.90
C GLU K 173 34.54 -58.32 22.16
N LYS K 174 35.01 -59.06 21.13
CA LYS K 174 35.30 -60.49 21.24
C LYS K 174 36.56 -60.77 22.08
N GLY K 175 37.55 -59.89 21.97
CA GLY K 175 38.80 -59.99 22.72
C GLY K 175 39.06 -58.79 23.61
N LYS K 176 38.09 -58.48 24.49
CA LYS K 176 38.14 -57.36 25.43
C LYS K 176 39.28 -57.47 26.42
N GLU K 177 39.41 -58.65 27.07
CA GLU K 177 40.43 -58.93 28.10
C GLU K 177 41.86 -58.68 27.62
N THR K 178 42.23 -59.23 26.44
CA THR K 178 43.58 -59.10 25.88
C THR K 178 43.87 -57.69 25.36
N LEU K 179 42.94 -57.10 24.59
CA LEU K 179 43.13 -55.80 23.94
C LEU K 179 42.99 -54.60 24.85
N LEU K 180 41.86 -54.49 25.57
CA LEU K 180 41.62 -53.34 26.48
C LEU K 180 42.58 -53.33 27.68
N HIS K 181 43.34 -54.44 27.87
CA HIS K 181 44.34 -54.57 28.92
C HIS K 181 45.62 -53.85 28.49
N LEU K 182 46.07 -52.85 29.28
CA LEU K 182 47.29 -52.11 28.97
C LEU K 182 48.34 -52.36 30.06
N GLU K 183 49.29 -53.28 29.78
CA GLU K 183 50.35 -53.60 30.72
C GLU K 183 51.48 -52.56 30.60
N PRO K 184 51.81 -51.82 31.69
CA PRO K 184 52.85 -50.80 31.59
C PRO K 184 54.27 -51.38 31.63
N PRO K 185 55.32 -50.61 31.20
CA PRO K 185 56.68 -51.17 31.21
C PRO K 185 57.30 -51.35 32.60
N LYS K 186 58.07 -52.44 32.78
CA LYS K 186 58.76 -52.75 34.03
C LYS K 186 60.08 -51.98 34.07
N THR K 187 60.31 -51.23 35.16
CA THR K 187 61.50 -50.37 35.31
C THR K 187 62.65 -51.04 36.07
N HIS K 188 63.80 -51.23 35.39
CA HIS K 188 65.02 -51.80 35.97
C HIS K 188 66.28 -51.36 35.22
N VAL K 189 67.19 -50.67 35.94
CA VAL K 189 68.44 -50.12 35.40
C VAL K 189 69.62 -51.07 35.69
N THR K 190 70.42 -51.38 34.66
CA THR K 190 71.61 -52.25 34.80
C THR K 190 72.90 -51.45 34.51
N HIS K 191 74.07 -52.03 34.86
CA HIS K 191 75.38 -51.38 34.66
C HIS K 191 76.34 -52.29 33.87
N HIS K 192 76.98 -51.72 32.82
CA HIS K 192 77.92 -52.48 31.98
C HIS K 192 79.28 -51.76 31.85
N PRO K 193 80.31 -52.20 32.62
CA PRO K 193 81.62 -51.53 32.54
C PRO K 193 82.57 -52.16 31.52
N ILE K 194 83.09 -51.32 30.58
CA ILE K 194 84.07 -51.74 29.57
C ILE K 194 85.43 -51.87 30.27
N SER K 195 85.84 -50.78 30.96
CA SER K 195 87.05 -50.69 31.76
C SER K 195 86.74 -49.84 33.01
N ASP K 196 87.75 -49.21 33.62
CA ASP K 196 87.56 -48.39 34.83
C ASP K 196 86.79 -47.08 34.59
N HIS K 197 87.31 -46.20 33.70
CA HIS K 197 86.75 -44.86 33.49
C HIS K 197 85.77 -44.70 32.30
N GLU K 198 85.25 -45.82 31.75
CA GLU K 198 84.27 -45.79 30.65
C GLU K 198 83.26 -46.93 30.78
N ALA K 199 81.95 -46.61 30.82
CA ALA K 199 80.88 -47.61 30.96
C ALA K 199 79.63 -47.27 30.14
N THR K 200 78.88 -48.31 29.71
CA THR K 200 77.65 -48.16 28.94
C THR K 200 76.44 -48.15 29.90
N LEU K 201 75.70 -47.02 29.92
CA LEU K 201 74.52 -46.84 30.79
C LEU K 201 73.28 -47.48 30.17
N ARG K 202 72.79 -48.55 30.80
CA ARG K 202 71.65 -49.33 30.29
C ARG K 202 70.29 -49.02 30.99
N CYS K 203 69.18 -48.80 30.19
CA CYS K 203 67.79 -48.44 30.61
C CYS K 203 66.97 -49.73 29.99
N TRP K 204 66.33 -50.62 30.85
CA TRP K 204 65.50 -51.75 30.34
C TRP K 204 64.01 -51.49 30.62
N ALA K 205 63.15 -51.81 29.63
CA ALA K 205 61.70 -51.64 29.73
C ALA K 205 60.98 -52.85 29.11
N LEU K 206 60.95 -53.97 29.86
CA LEU K 206 60.32 -55.23 29.45
C LEU K 206 58.82 -55.23 29.75
N GLY K 207 58.07 -56.03 28.99
CA GLY K 207 56.65 -56.28 29.18
C GLY K 207 55.74 -55.07 29.13
N PHE K 208 55.50 -54.54 27.92
CA PHE K 208 54.62 -53.37 27.76
C PHE K 208 53.75 -53.44 26.52
N TYR K 209 52.49 -53.00 26.66
CA TYR K 209 51.51 -52.92 25.58
C TYR K 209 50.61 -51.70 25.82
N PRO K 210 50.34 -50.82 24.81
CA PRO K 210 50.76 -50.89 23.40
C PRO K 210 52.25 -50.62 23.14
N ALA K 211 52.68 -50.83 21.87
CA ALA K 211 54.07 -50.65 21.42
C ALA K 211 54.55 -49.19 21.46
N GLU K 212 53.60 -48.23 21.58
CA GLU K 212 53.91 -46.79 21.65
C GLU K 212 54.65 -46.46 22.96
N ILE K 213 55.93 -46.08 22.86
CA ILE K 213 56.76 -45.77 24.02
C ILE K 213 57.71 -44.58 23.77
N THR K 214 58.04 -43.84 24.84
CA THR K 214 58.95 -42.70 24.80
C THR K 214 59.87 -42.75 26.02
N LEU K 215 61.20 -42.77 25.77
CA LEU K 215 62.23 -42.73 26.80
C LEU K 215 63.45 -41.95 26.33
N THR K 216 63.91 -40.99 27.15
CA THR K 216 65.05 -40.12 26.82
C THR K 216 65.89 -39.87 28.08
N TRP K 217 67.23 -39.72 27.93
CA TRP K 217 68.14 -39.47 29.04
C TRP K 217 68.40 -37.94 29.22
N GLN K 218 67.41 -37.21 29.76
CA GLN K 218 67.47 -35.75 29.98
C GLN K 218 68.58 -35.31 30.95
N GLN K 219 69.32 -34.24 30.57
CA GLN K 219 70.44 -33.60 31.30
C GLN K 219 71.23 -34.55 32.21
N GLY K 223 69.94 -30.71 28.98
CA GLY K 223 69.48 -31.74 28.05
C GLY K 223 70.62 -32.39 27.28
N HIS K 224 70.71 -33.73 27.37
CA HIS K 224 71.75 -34.51 26.68
C HIS K 224 71.15 -35.70 25.92
N THR K 225 71.52 -35.86 24.64
CA THR K 225 71.04 -36.96 23.79
C THR K 225 72.11 -37.39 22.75
N GLN K 226 73.33 -36.82 22.85
CA GLN K 226 74.44 -37.12 21.96
C GLN K 226 75.11 -38.45 22.33
N ASP K 227 75.71 -39.14 21.32
CA ASP K 227 76.40 -40.45 21.46
C ASP K 227 75.48 -41.60 21.93
N THR K 228 74.17 -41.49 21.63
CA THR K 228 73.17 -42.50 22.03
C THR K 228 73.03 -43.67 21.05
N GLU K 229 72.64 -44.85 21.57
CA GLU K 229 72.39 -46.07 20.81
C GLU K 229 70.90 -46.45 21.00
N LEU K 230 70.15 -46.55 19.90
CA LEU K 230 68.71 -46.84 19.91
C LEU K 230 68.40 -48.17 19.21
N VAL K 231 67.58 -49.03 19.86
CA VAL K 231 67.20 -50.35 19.32
C VAL K 231 65.69 -50.46 19.08
N GLU K 232 65.29 -51.28 18.08
CA GLU K 232 63.91 -51.52 17.67
C GLU K 232 63.04 -52.16 18.75
N THR K 233 61.74 -51.80 18.80
CA THR K 233 60.77 -52.38 19.73
C THR K 233 60.58 -53.84 19.37
N ARG K 234 61.18 -54.74 20.16
CA ARG K 234 61.15 -56.18 19.93
C ARG K 234 60.00 -56.87 20.70
N PRO K 235 59.32 -57.87 20.09
CA PRO K 235 58.23 -58.54 20.80
C PRO K 235 58.72 -59.61 21.77
N ALA K 236 58.04 -59.75 22.92
CA ALA K 236 58.37 -60.75 23.93
C ALA K 236 57.91 -62.15 23.47
N GLY K 237 56.94 -62.19 22.56
CA GLY K 237 56.38 -63.42 22.03
C GLY K 237 54.99 -63.70 22.56
N ASP K 238 54.77 -63.37 23.85
CA ASP K 238 53.49 -63.53 24.55
C ASP K 238 52.50 -62.41 24.22
N GLY K 239 53.01 -61.29 23.69
CA GLY K 239 52.21 -60.14 23.34
C GLY K 239 52.79 -58.81 23.77
N THR K 240 53.66 -58.83 24.80
CA THR K 240 54.31 -57.62 25.32
C THR K 240 55.57 -57.27 24.51
N PHE K 241 56.18 -56.11 24.80
CA PHE K 241 57.37 -55.66 24.07
C PHE K 241 58.57 -55.33 24.99
N GLN K 242 59.77 -55.14 24.40
CA GLN K 242 61.01 -54.83 25.11
C GLN K 242 61.83 -53.79 24.34
N LYS K 243 62.76 -53.08 25.04
CA LYS K 243 63.67 -52.05 24.48
C LYS K 243 64.85 -51.78 25.43
N TRP K 244 66.11 -51.75 24.89
CA TRP K 244 67.31 -51.49 25.70
C TRP K 244 68.10 -50.25 25.23
N ALA K 245 67.91 -49.12 25.93
CA ALA K 245 68.59 -47.87 25.61
C ALA K 245 70.02 -47.86 26.12
N ALA K 246 70.95 -47.35 25.29
CA ALA K 246 72.38 -47.24 25.63
C ALA K 246 72.93 -45.87 25.25
N VAL K 247 73.98 -45.41 25.97
CA VAL K 247 74.61 -44.11 25.72
C VAL K 247 76.14 -44.19 25.91
N VAL K 248 76.91 -43.67 24.92
CA VAL K 248 78.37 -43.66 24.94
C VAL K 248 78.89 -42.41 25.71
N VAL K 249 78.84 -42.48 27.05
CA VAL K 249 79.29 -41.42 27.95
C VAL K 249 80.28 -42.01 28.97
N PRO K 250 81.51 -41.43 29.11
CA PRO K 250 82.51 -42.01 30.05
C PRO K 250 82.07 -42.02 31.52
N SER K 251 82.65 -42.94 32.31
CA SER K 251 82.35 -43.09 33.74
C SER K 251 82.92 -41.94 34.58
N GLY K 252 82.25 -40.80 34.53
CA GLY K 252 82.61 -39.60 35.27
C GLY K 252 81.47 -39.15 36.16
N GLU K 253 80.25 -39.12 35.59
CA GLU K 253 79.02 -38.76 36.29
C GLU K 253 77.93 -39.77 35.92
N GLU K 254 77.12 -40.20 36.90
CA GLU K 254 76.06 -41.19 36.68
C GLU K 254 74.71 -40.75 37.26
N GLN K 255 74.72 -40.17 38.47
CA GLN K 255 73.52 -39.79 39.22
C GLN K 255 72.80 -38.51 38.75
N ARG K 256 73.46 -37.60 38.01
CA ARG K 256 72.81 -36.36 37.55
C ARG K 256 71.99 -36.57 36.26
N TYR K 257 72.50 -37.38 35.30
CA TYR K 257 71.77 -37.68 34.06
C TYR K 257 70.49 -38.46 34.43
N THR K 258 69.31 -37.90 34.07
CA THR K 258 68.00 -38.48 34.40
C THR K 258 67.39 -39.28 33.20
N CYS K 259 66.93 -40.58 33.40
CA CYS K 259 66.31 -41.55 32.36
C CYS K 259 64.77 -41.51 32.83
N HIS K 260 63.85 -41.25 31.90
CA HIS K 260 62.40 -41.28 32.15
C HIS K 260 61.73 -42.24 31.16
N VAL K 261 60.41 -42.48 31.35
CA VAL K 261 59.57 -43.30 30.46
C VAL K 261 58.17 -42.64 30.34
N GLN K 262 57.46 -42.90 29.23
CA GLN K 262 56.10 -42.39 29.01
C GLN K 262 55.27 -43.45 28.28
N HIS K 263 54.11 -43.81 28.86
CA HIS K 263 53.25 -44.86 28.33
C HIS K 263 51.76 -44.62 28.65
N GLU K 264 50.85 -45.28 27.90
CA GLU K 264 49.39 -45.19 28.11
C GLU K 264 48.97 -45.93 29.39
N GLY K 265 49.66 -47.04 29.69
CA GLY K 265 49.40 -47.87 30.86
C GLY K 265 49.70 -47.19 32.19
N LEU K 266 50.44 -46.06 32.15
CA LEU K 266 50.79 -45.28 33.33
C LEU K 266 50.06 -43.93 33.30
N PRO K 267 49.41 -43.50 34.40
CA PRO K 267 48.71 -42.20 34.38
C PRO K 267 49.68 -41.01 34.36
N GLU K 268 50.91 -41.20 34.87
CA GLU K 268 51.96 -40.17 34.91
C GLU K 268 53.34 -40.76 34.51
N PRO K 269 54.28 -39.95 33.94
CA PRO K 269 55.59 -40.50 33.55
C PRO K 269 56.46 -40.95 34.74
N VAL K 270 57.26 -42.03 34.54
CA VAL K 270 58.12 -42.61 35.59
C VAL K 270 59.60 -42.24 35.38
N THR K 271 60.25 -41.67 36.42
CA THR K 271 61.67 -41.28 36.40
C THR K 271 62.53 -42.28 37.19
N LEU K 272 63.67 -42.72 36.59
CA LEU K 272 64.57 -43.68 37.22
C LEU K 272 66.01 -43.14 37.28
N ARG K 273 66.66 -43.27 38.45
CA ARG K 273 68.05 -42.84 38.64
C ARG K 273 68.96 -44.08 38.70
N TRP K 274 70.18 -43.96 38.13
CA TRP K 274 71.16 -45.05 38.05
C TRP K 274 71.51 -45.68 39.41
N LYS K 275 71.60 -47.02 39.43
CA LYS K 275 71.98 -47.80 40.60
C LYS K 275 72.89 -48.98 40.16
N PRO K 276 73.91 -49.38 40.97
CA PRO K 276 74.83 -50.43 40.52
C PRO K 276 74.22 -51.84 40.51
N MET L 1 66.80 -51.05 -7.65
CA MET L 1 65.86 -51.88 -6.91
C MET L 1 66.02 -51.69 -5.39
N ILE L 2 65.18 -52.39 -4.58
CA ILE L 2 65.22 -52.30 -3.13
C ILE L 2 65.72 -53.61 -2.49
N GLN L 3 66.91 -53.54 -1.86
CA GLN L 3 67.52 -54.65 -1.13
C GLN L 3 67.92 -54.10 0.24
N ARG L 4 67.46 -54.76 1.32
CA ARG L 4 67.76 -54.28 2.67
C ARG L 4 68.39 -55.36 3.56
N THR L 5 69.34 -54.93 4.40
CA THR L 5 70.07 -55.79 5.33
C THR L 5 69.23 -56.08 6.59
N PRO L 6 69.15 -57.37 7.04
CA PRO L 6 68.34 -57.68 8.23
C PRO L 6 68.95 -57.18 9.54
N LYS L 7 68.11 -56.59 10.42
CA LYS L 7 68.53 -56.10 11.74
C LYS L 7 68.35 -57.21 12.77
N ILE L 8 69.26 -58.21 12.75
CA ILE L 8 69.26 -59.38 13.64
C ILE L 8 69.46 -58.99 15.09
N GLN L 9 68.72 -59.65 16.02
CA GLN L 9 68.78 -59.42 17.46
C GLN L 9 68.31 -60.66 18.23
N VAL L 10 69.24 -61.35 18.92
CA VAL L 10 68.91 -62.54 19.71
C VAL L 10 68.73 -62.12 21.17
N TYR L 11 67.66 -62.62 21.83
CA TYR L 11 67.33 -62.29 23.22
C TYR L 11 66.45 -63.37 23.87
N SER L 12 65.88 -63.05 25.05
CA SER L 12 65.00 -63.96 25.80
C SER L 12 63.64 -63.32 26.10
N ARG L 13 62.62 -64.15 26.40
CA ARG L 13 61.27 -63.68 26.74
C ARG L 13 61.31 -62.97 28.11
N HIS L 14 61.75 -63.70 29.15
CA HIS L 14 61.91 -63.19 30.52
C HIS L 14 63.41 -63.20 30.88
N PRO L 15 63.87 -62.45 31.93
CA PRO L 15 65.32 -62.46 32.25
C PRO L 15 65.89 -63.86 32.49
N ALA L 16 67.13 -64.10 32.04
CA ALA L 16 67.80 -65.40 32.13
C ALA L 16 68.15 -65.85 33.55
N GLU L 17 67.69 -67.06 33.91
CA GLU L 17 67.95 -67.70 35.20
C GLU L 17 68.28 -69.17 34.97
N ASN L 18 69.46 -69.61 35.43
CA ASN L 18 69.94 -70.98 35.26
C ASN L 18 69.03 -72.02 35.94
N GLY L 19 68.86 -73.17 35.28
CA GLY L 19 68.04 -74.27 35.78
C GLY L 19 66.55 -74.09 35.54
N LYS L 20 66.10 -72.83 35.37
CA LYS L 20 64.70 -72.47 35.15
C LYS L 20 64.42 -72.27 33.65
N SER L 21 63.35 -72.91 33.13
CA SER L 21 63.00 -72.86 31.70
C SER L 21 62.54 -71.48 31.23
N ASN L 22 63.03 -71.05 30.05
CA ASN L 22 62.75 -69.76 29.43
C ASN L 22 62.60 -69.91 27.89
N PHE L 23 62.40 -68.79 27.16
CA PHE L 23 62.25 -68.78 25.70
C PHE L 23 63.30 -67.87 25.04
N LEU L 24 64.03 -68.39 24.03
CA LEU L 24 65.04 -67.65 23.28
C LEU L 24 64.43 -67.09 21.98
N ASN L 25 64.37 -65.75 21.85
CA ASN L 25 63.77 -65.07 20.70
C ASN L 25 64.73 -64.30 19.80
N CYS L 26 64.83 -64.72 18.53
CA CYS L 26 65.63 -63.99 17.53
C CYS L 26 64.69 -63.16 16.68
N TYR L 27 64.90 -61.83 16.64
CA TYR L 27 64.00 -60.91 15.93
C TYR L 27 64.69 -60.14 14.79
N VAL L 28 64.50 -60.62 13.54
CA VAL L 28 65.02 -59.99 12.32
C VAL L 28 63.97 -58.96 11.84
N SER L 29 64.38 -57.68 11.62
CA SER L 29 63.42 -56.63 11.23
C SER L 29 63.99 -55.52 10.33
N GLY L 30 63.62 -55.55 9.06
CA GLY L 30 64.02 -54.53 8.09
C GLY L 30 64.82 -55.07 6.92
N PHE L 31 64.35 -56.16 6.31
CA PHE L 31 65.02 -56.80 5.17
C PHE L 31 64.09 -56.96 3.96
N HIS L 32 64.67 -56.96 2.75
CA HIS L 32 63.95 -57.13 1.49
C HIS L 32 64.86 -57.90 0.51
N PRO L 33 64.41 -59.03 -0.10
CA PRO L 33 63.06 -59.61 -0.04
C PRO L 33 62.79 -60.46 1.22
N SER L 34 61.62 -61.11 1.24
CA SER L 34 61.10 -61.90 2.36
C SER L 34 61.88 -63.19 2.64
N ASP L 35 62.19 -63.98 1.59
CA ASP L 35 62.89 -65.26 1.76
C ASP L 35 64.21 -65.11 2.51
N ILE L 36 64.32 -65.81 3.63
CA ILE L 36 65.46 -65.74 4.54
C ILE L 36 65.63 -67.13 5.19
N GLU L 37 66.86 -67.44 5.66
CA GLU L 37 67.12 -68.70 6.35
C GLU L 37 67.74 -68.41 7.71
N VAL L 38 66.95 -68.61 8.78
CA VAL L 38 67.36 -68.33 10.16
C VAL L 38 67.39 -69.62 10.99
N ASP L 39 68.53 -69.91 11.65
CA ASP L 39 68.72 -71.11 12.47
C ASP L 39 69.19 -70.77 13.89
N LEU L 40 68.43 -71.23 14.92
CA LEU L 40 68.81 -71.00 16.31
C LEU L 40 69.83 -72.05 16.75
N LEU L 41 70.95 -71.61 17.38
CA LEU L 41 72.05 -72.49 17.73
C LEU L 41 72.56 -72.39 19.17
N LYS L 42 72.77 -73.55 19.82
CA LYS L 42 73.42 -73.63 21.13
C LYS L 42 74.85 -74.09 20.85
N ASN L 43 75.82 -73.16 20.99
CA ASN L 43 77.28 -73.33 20.77
C ASN L 43 77.65 -73.97 19.39
N GLY L 44 76.86 -73.71 18.36
CA GLY L 44 77.13 -74.19 17.01
C GLY L 44 76.58 -75.57 16.66
N GLU L 45 75.35 -75.88 17.12
CA GLU L 45 74.66 -77.13 16.78
C GLU L 45 73.17 -76.87 16.54
N ARG L 46 72.71 -77.17 15.30
CA ARG L 46 71.35 -76.93 14.80
C ARG L 46 70.24 -77.52 15.68
N ILE L 47 69.13 -76.77 15.79
CA ILE L 47 67.93 -77.19 16.55
C ILE L 47 66.78 -77.36 15.56
N GLU L 48 66.17 -78.56 15.52
CA GLU L 48 65.07 -78.85 14.61
C GLU L 48 63.73 -78.27 15.08
N LYS L 49 63.60 -77.97 16.38
CA LYS L 49 62.38 -77.38 16.93
C LYS L 49 62.50 -75.86 17.06
N VAL L 50 62.49 -75.16 15.92
CA VAL L 50 62.56 -73.69 15.85
C VAL L 50 61.26 -73.18 15.21
N GLU L 51 60.36 -72.64 16.03
CA GLU L 51 59.06 -72.12 15.59
C GLU L 51 59.20 -70.66 15.19
N HIS L 52 58.44 -70.20 14.18
CA HIS L 52 58.52 -68.82 13.72
C HIS L 52 57.15 -68.17 13.46
N SER L 53 57.10 -66.82 13.55
CA SER L 53 55.89 -66.03 13.32
C SER L 53 55.59 -65.93 11.82
N ASP L 54 54.40 -65.39 11.48
CA ASP L 54 53.98 -65.21 10.09
C ASP L 54 54.68 -64.02 9.47
N LEU L 55 54.88 -64.05 8.14
CA LEU L 55 55.56 -62.99 7.42
C LEU L 55 54.73 -61.71 7.33
N SER L 56 55.23 -60.62 7.92
CA SER L 56 54.58 -59.32 7.94
C SER L 56 55.60 -58.22 7.56
N PHE L 57 55.13 -56.97 7.38
CA PHE L 57 56.01 -55.86 7.04
C PHE L 57 55.60 -54.54 7.69
N SER L 58 56.60 -53.70 8.02
CA SER L 58 56.39 -52.38 8.61
C SER L 58 55.87 -51.38 7.57
N LYS L 59 55.42 -50.18 8.01
CA LYS L 59 54.86 -49.14 7.13
C LYS L 59 55.80 -48.75 5.98
N ASP L 60 57.13 -48.82 6.19
CA ASP L 60 58.13 -48.50 5.17
C ASP L 60 58.34 -49.66 4.17
N TRP L 61 57.48 -50.72 4.25
CA TRP L 61 57.44 -51.93 3.40
C TRP L 61 58.50 -52.99 3.77
N SER L 62 59.45 -52.67 4.68
CA SER L 62 60.48 -53.62 5.10
C SER L 62 59.90 -54.73 5.97
N PHE L 63 60.25 -55.99 5.67
CA PHE L 63 59.75 -57.18 6.35
C PHE L 63 60.25 -57.34 7.80
N TYR L 64 59.57 -58.22 8.60
CA TYR L 64 59.96 -58.54 9.99
C TYR L 64 59.47 -59.94 10.41
N LEU L 65 60.38 -60.75 10.99
CA LEU L 65 60.09 -62.13 11.42
C LEU L 65 60.59 -62.38 12.85
N LEU L 66 60.27 -63.56 13.43
CA LEU L 66 60.69 -63.94 14.78
C LEU L 66 60.81 -65.46 14.90
N TYR L 67 61.96 -65.96 15.39
CA TYR L 67 62.22 -67.38 15.57
C TYR L 67 62.42 -67.69 17.06
N TYR L 68 61.69 -68.70 17.61
CA TYR L 68 61.75 -69.00 19.03
C TYR L 68 61.82 -70.50 19.39
N THR L 69 62.24 -70.79 20.66
CA THR L 69 62.37 -72.15 21.23
C THR L 69 62.22 -72.12 22.78
N GLU L 70 61.73 -73.22 23.37
CA GLU L 70 61.58 -73.37 24.81
C GLU L 70 62.84 -74.04 25.38
N PHE L 71 63.73 -73.23 26.00
CA PHE L 71 65.03 -73.70 26.50
C PHE L 71 65.24 -73.47 28.02
N THR L 72 66.50 -73.64 28.50
CA THR L 72 66.92 -73.41 29.88
C THR L 72 68.36 -72.83 29.85
N PRO L 73 68.61 -71.63 30.44
CA PRO L 73 69.95 -71.02 30.34
C PRO L 73 71.04 -71.62 31.22
N THR L 74 72.31 -71.44 30.78
CA THR L 74 73.55 -71.87 31.45
C THR L 74 74.67 -70.90 31.01
N GLU L 75 75.58 -70.53 31.93
CA GLU L 75 76.69 -69.61 31.66
C GLU L 75 77.75 -70.22 30.72
N LYS L 76 78.03 -71.53 30.87
CA LYS L 76 78.98 -72.27 30.03
C LYS L 76 78.41 -72.42 28.63
N ASP L 77 77.08 -72.69 28.54
CA ASP L 77 76.38 -72.83 27.27
C ASP L 77 76.18 -71.47 26.60
N GLU L 78 76.65 -71.34 25.35
CA GLU L 78 76.53 -70.10 24.59
C GLU L 78 75.39 -70.19 23.56
N TYR L 79 74.75 -69.06 23.26
CA TYR L 79 73.64 -69.02 22.32
C TYR L 79 73.85 -68.01 21.20
N ALA L 80 73.89 -68.51 19.95
CA ALA L 80 74.10 -67.70 18.74
C ALA L 80 73.08 -68.06 17.66
N CYS L 81 73.00 -67.25 16.59
CA CYS L 81 72.04 -67.48 15.50
C CYS L 81 72.66 -67.39 14.10
N ARG L 82 72.37 -68.40 13.26
CA ARG L 82 72.85 -68.46 11.87
C ARG L 82 71.84 -67.80 10.93
N VAL L 83 72.17 -66.61 10.40
CA VAL L 83 71.29 -65.86 9.50
C VAL L 83 71.87 -65.82 8.08
N ASN L 84 71.16 -66.46 7.13
CA ASN L 84 71.54 -66.51 5.71
C ASN L 84 70.60 -65.63 4.90
N HIS L 85 71.15 -64.76 4.05
CA HIS L 85 70.38 -63.82 3.22
C HIS L 85 71.10 -63.54 1.89
N VAL L 86 70.39 -62.90 0.93
CA VAL L 86 70.94 -62.52 -0.37
C VAL L 86 71.70 -61.16 -0.28
N THR L 87 71.39 -60.35 0.76
CA THR L 87 72.03 -59.05 1.00
C THR L 87 73.32 -59.20 1.83
N LEU L 88 73.70 -60.46 2.16
CA LEU L 88 74.89 -60.77 2.95
C LEU L 88 75.96 -61.49 2.13
N SER L 89 77.24 -61.11 2.33
CA SER L 89 78.39 -61.73 1.67
C SER L 89 78.62 -63.12 2.24
N GLN L 90 78.65 -63.23 3.58
CA GLN L 90 78.80 -64.48 4.32
C GLN L 90 77.68 -64.59 5.38
N PRO L 91 77.20 -65.82 5.72
CA PRO L 91 76.12 -65.91 6.73
C PRO L 91 76.56 -65.39 8.11
N LYS L 92 76.21 -64.12 8.41
CA LYS L 92 76.58 -63.44 9.65
C LYS L 92 75.91 -64.08 10.86
N ILE L 93 76.70 -64.27 11.94
CA ILE L 93 76.23 -64.86 13.20
C ILE L 93 76.47 -63.88 14.35
N VAL L 94 75.43 -63.65 15.17
CA VAL L 94 75.52 -62.76 16.32
C VAL L 94 75.34 -63.58 17.63
N LYS L 95 76.09 -63.22 18.69
CA LYS L 95 76.07 -63.92 19.98
C LYS L 95 75.15 -63.26 21.01
N TRP L 96 74.49 -64.07 21.85
CA TRP L 96 73.58 -63.57 22.89
C TRP L 96 74.25 -63.47 24.26
N ASP L 97 74.01 -62.36 24.96
CA ASP L 97 74.50 -62.12 26.32
C ASP L 97 73.31 -61.82 27.22
N ARG L 98 73.34 -62.31 28.48
CA ARG L 98 72.30 -62.11 29.49
C ARG L 98 71.95 -60.62 29.67
N ASP L 99 72.93 -59.73 29.39
CA ASP L 99 72.83 -58.27 29.54
C ASP L 99 72.71 -57.51 28.19
N MET L 100 72.56 -58.25 27.06
CA MET L 100 72.44 -57.64 25.73
C MET L 100 71.03 -57.87 25.14
N VAL M 1 37.21 -57.80 9.11
CA VAL M 1 37.45 -58.67 7.95
C VAL M 1 38.34 -57.97 6.90
N MET M 2 39.07 -58.77 6.08
CA MET M 2 39.96 -58.23 5.04
C MET M 2 39.19 -57.68 3.84
N ALA M 3 39.81 -56.76 3.08
CA ALA M 3 39.22 -56.14 1.89
C ALA M 3 38.73 -57.23 0.93
N PRO M 4 37.44 -57.23 0.54
CA PRO M 4 36.93 -58.32 -0.32
C PRO M 4 37.35 -58.20 -1.78
N ARG M 5 37.65 -56.97 -2.22
CA ARG M 5 38.06 -56.68 -3.59
C ARG M 5 39.43 -56.04 -3.64
N THR M 6 40.19 -56.35 -4.70
CA THR M 6 41.52 -55.79 -4.94
C THR M 6 41.57 -55.06 -6.29
N LEU M 7 42.76 -54.54 -6.68
CA LEU M 7 42.95 -53.87 -7.96
C LEU M 7 43.58 -54.82 -8.97
N ILE M 8 43.28 -54.62 -10.26
CA ILE M 8 43.90 -55.38 -11.36
C ILE M 8 44.87 -54.42 -12.07
N LEU M 9 46.07 -54.31 -11.50
CA LEU M 9 47.13 -53.45 -12.02
C LEU M 9 47.72 -54.04 -13.30
N GLN N 2 22.79 -60.05 -3.15
CA GLN N 2 23.04 -59.77 -4.56
C GLN N 2 21.86 -60.26 -5.41
N GLN N 3 21.06 -59.34 -5.92
CA GLN N 3 19.92 -59.71 -6.74
C GLN N 3 19.42 -58.55 -7.51
N LEU N 4 19.61 -58.59 -8.82
CA LEU N 4 19.12 -57.51 -9.63
C LEU N 4 18.03 -58.03 -10.56
N ASN N 5 16.84 -57.47 -10.41
CA ASN N 5 15.67 -57.84 -11.19
C ASN N 5 15.20 -56.69 -12.04
N GLN N 6 14.74 -57.01 -13.24
CA GLN N 6 14.27 -56.03 -14.17
C GLN N 6 12.85 -56.34 -14.59
N SER N 7 11.93 -55.47 -14.17
CA SER N 7 10.54 -55.56 -14.58
C SER N 7 10.38 -54.46 -15.65
N PRO N 8 9.47 -54.60 -16.64
CA PRO N 8 8.57 -55.73 -16.88
C PRO N 8 9.35 -56.90 -17.49
N GLN N 9 8.65 -57.86 -18.05
CA GLN N 9 9.35 -59.03 -18.58
C GLN N 9 9.10 -59.17 -20.07
N SER N 10 7.97 -58.59 -20.54
CA SER N 10 7.58 -58.56 -21.94
C SER N 10 7.13 -57.13 -22.29
N MET N 11 7.77 -56.54 -23.29
CA MET N 11 7.55 -55.15 -23.73
C MET N 11 6.87 -55.08 -25.07
N PHE N 12 5.63 -54.61 -25.12
CA PHE N 12 4.92 -54.47 -26.39
C PHE N 12 4.74 -53.01 -26.73
N ILE N 13 5.36 -52.57 -27.84
CA ILE N 13 5.26 -51.19 -28.31
C ILE N 13 5.04 -51.16 -29.83
N GLN N 14 4.29 -50.17 -30.32
CA GLN N 14 4.08 -49.99 -31.76
C GLN N 14 5.32 -49.31 -32.34
N GLU N 15 5.81 -49.77 -33.50
CA GLU N 15 7.04 -49.23 -34.11
C GLU N 15 7.01 -47.71 -34.24
N GLY N 16 8.16 -47.09 -33.99
CA GLY N 16 8.32 -45.64 -34.04
C GLY N 16 8.20 -44.98 -32.68
N GLU N 17 7.56 -45.66 -31.71
CA GLU N 17 7.38 -45.15 -30.35
C GLU N 17 8.64 -45.28 -29.50
N ASP N 18 8.77 -44.44 -28.46
CA ASP N 18 9.88 -44.47 -27.51
C ASP N 18 9.61 -45.56 -26.48
N VAL N 19 10.65 -46.21 -25.94
CA VAL N 19 10.47 -47.32 -25.00
C VAL N 19 11.57 -47.37 -23.91
N SER N 20 11.17 -47.34 -22.62
CA SER N 20 12.09 -47.39 -21.48
C SER N 20 12.13 -48.76 -20.81
N MET N 21 13.25 -49.10 -20.16
CA MET N 21 13.45 -50.37 -19.46
C MET N 21 14.15 -50.10 -18.15
N ASN N 22 13.50 -50.44 -17.03
CA ASN N 22 14.10 -50.20 -15.71
C ASN N 22 14.84 -51.42 -15.19
N CYS N 23 15.78 -51.18 -14.26
CA CYS N 23 16.58 -52.23 -13.64
C CYS N 23 16.92 -51.84 -12.20
N THR N 24 16.51 -52.67 -11.23
CA THR N 24 16.68 -52.38 -9.81
C THR N 24 17.23 -53.55 -8.99
N SER N 25 18.06 -53.24 -7.99
CA SER N 25 18.63 -54.24 -7.08
C SER N 25 18.40 -53.82 -5.63
N SER N 26 18.28 -54.81 -4.72
CA SER N 26 18.13 -54.56 -3.28
C SER N 26 19.46 -54.03 -2.73
N SER N 27 20.59 -54.55 -3.26
CA SER N 27 21.96 -54.16 -2.90
C SER N 27 22.45 -52.98 -3.77
N ILE N 28 23.48 -52.26 -3.28
CA ILE N 28 24.12 -51.13 -3.98
C ILE N 28 25.10 -51.66 -5.06
N PHE N 29 25.12 -51.02 -6.24
CA PHE N 29 25.97 -51.41 -7.38
C PHE N 29 26.92 -50.30 -7.82
N ASN N 30 28.03 -50.67 -8.51
CA ASN N 30 29.04 -49.73 -9.01
C ASN N 30 29.11 -49.66 -10.54
N THR N 31 28.73 -50.74 -11.23
CA THR N 31 28.80 -50.73 -12.70
C THR N 31 27.56 -51.38 -13.29
N TRP N 32 27.01 -50.75 -14.34
CA TRP N 32 25.86 -51.27 -15.07
C TRP N 32 26.27 -51.57 -16.50
N LEU N 33 25.73 -52.67 -17.06
CA LEU N 33 26.02 -53.11 -18.42
C LEU N 33 24.74 -53.59 -19.06
N TRP N 34 24.41 -53.02 -20.22
CA TRP N 34 23.22 -53.42 -20.97
C TRP N 34 23.63 -54.24 -22.18
N TYR N 35 22.93 -55.38 -22.40
CA TYR N 35 23.22 -56.32 -23.48
C TYR N 35 21.96 -56.55 -24.33
N LYS N 36 22.11 -57.20 -25.50
CA LYS N 36 21.00 -57.56 -26.38
C LYS N 36 21.18 -59.00 -26.87
N GLN N 37 20.15 -59.85 -26.70
CA GLN N 37 20.22 -61.23 -27.17
C GLN N 37 19.31 -61.49 -28.35
N ASP N 38 19.92 -61.69 -29.53
CA ASP N 38 19.18 -61.93 -30.78
C ASP N 38 18.59 -63.37 -30.85
N PRO N 39 17.71 -63.69 -31.86
CA PRO N 39 17.07 -65.03 -31.94
C PRO N 39 17.62 -66.13 -31.03
N GLY N 40 18.69 -66.81 -31.46
CA GLY N 40 19.34 -67.86 -30.69
C GLY N 40 20.82 -67.59 -30.55
N GLU N 41 21.18 -66.29 -30.54
CA GLU N 41 22.55 -65.80 -30.49
C GLU N 41 23.05 -65.59 -29.06
N GLY N 42 24.33 -65.23 -28.94
CA GLY N 42 24.94 -64.89 -27.67
C GLY N 42 24.76 -63.41 -27.38
N PRO N 43 24.48 -63.00 -26.12
CA PRO N 43 24.28 -61.56 -25.85
C PRO N 43 25.48 -60.70 -26.22
N VAL N 44 25.21 -59.52 -26.77
CA VAL N 44 26.24 -58.57 -27.17
C VAL N 44 26.07 -57.28 -26.35
N LEU N 45 27.17 -56.78 -25.76
CA LEU N 45 27.11 -55.54 -24.99
C LEU N 45 26.62 -54.37 -25.85
N LEU N 46 25.66 -53.61 -25.30
CA LEU N 46 25.10 -52.43 -25.93
C LEU N 46 25.75 -51.17 -25.34
N ILE N 47 25.62 -50.98 -24.00
CA ILE N 47 26.14 -49.81 -23.27
C ILE N 47 26.58 -50.18 -21.85
N ALA N 48 27.78 -49.71 -21.45
CA ALA N 48 28.29 -49.88 -20.09
C ALA N 48 28.34 -48.52 -19.38
N LEU N 49 28.07 -48.49 -18.06
CA LEU N 49 28.02 -47.28 -17.25
C LEU N 49 28.91 -47.42 -16.01
N TYR N 50 29.65 -46.33 -15.63
CA TYR N 50 30.64 -46.40 -14.54
C TYR N 50 30.49 -45.34 -13.43
N LYS N 51 29.79 -44.21 -13.69
CA LYS N 51 29.68 -43.14 -12.70
C LYS N 51 28.23 -42.77 -12.36
N ALA N 52 27.95 -42.57 -11.05
CA ALA N 52 26.65 -42.27 -10.42
C ALA N 52 25.64 -41.45 -11.25
N GLY N 53 26.11 -40.43 -11.97
CA GLY N 53 25.23 -39.58 -12.76
C GLY N 53 25.41 -39.71 -14.26
N GLU N 54 26.41 -40.49 -14.69
CA GLU N 54 26.78 -40.69 -16.10
C GLU N 54 25.62 -41.19 -16.96
N LEU N 55 25.53 -40.60 -18.16
CA LEU N 55 24.54 -40.89 -19.18
C LEU N 55 25.30 -41.23 -20.47
N THR N 56 25.47 -42.53 -20.74
CA THR N 56 26.16 -43.02 -21.94
C THR N 56 25.10 -43.37 -23.01
N SER N 57 25.53 -43.55 -24.29
CA SER N 57 24.63 -43.87 -25.41
C SER N 57 25.34 -44.49 -26.62
N ASN N 58 24.63 -45.39 -27.34
CA ASN N 58 25.10 -46.06 -28.56
C ASN N 58 24.02 -45.89 -29.65
N GLY N 59 23.88 -44.65 -30.12
CA GLY N 59 22.88 -44.31 -31.13
C GLY N 59 21.51 -44.12 -30.51
N ARG N 60 20.52 -44.90 -30.98
CA ARG N 60 19.15 -44.84 -30.47
C ARG N 60 19.04 -45.30 -29.01
N LEU N 61 20.03 -46.07 -28.54
CA LEU N 61 20.06 -46.56 -27.17
C LEU N 61 20.75 -45.59 -26.26
N THR N 62 20.14 -45.33 -25.10
CA THR N 62 20.68 -44.45 -24.05
C THR N 62 20.44 -45.13 -22.72
N ALA N 63 21.45 -45.13 -21.85
CA ALA N 63 21.32 -45.72 -20.54
C ALA N 63 21.81 -44.77 -19.47
N GLN N 64 21.20 -44.83 -18.28
CA GLN N 64 21.57 -43.96 -17.17
C GLN N 64 22.08 -44.76 -15.98
N PHE N 65 22.82 -44.09 -15.08
CA PHE N 65 23.34 -44.75 -13.88
C PHE N 65 22.36 -44.62 -12.72
N GLY N 66 21.84 -43.42 -12.48
CA GLY N 66 20.94 -43.17 -11.36
C GLY N 66 21.70 -43.01 -10.05
N ILE N 67 21.75 -41.75 -9.55
CA ILE N 67 22.44 -41.35 -8.31
C ILE N 67 22.03 -42.22 -7.08
N THR N 68 20.96 -43.01 -7.23
CA THR N 68 20.48 -43.92 -6.19
C THR N 68 21.42 -45.14 -6.02
N ARG N 69 22.28 -45.42 -7.05
CA ARG N 69 23.26 -46.52 -7.09
C ARG N 69 22.61 -47.91 -7.04
N LYS N 70 21.30 -47.97 -7.29
CA LYS N 70 20.54 -49.22 -7.27
C LYS N 70 19.67 -49.35 -8.52
N ASP N 71 19.45 -48.24 -9.25
CA ASP N 71 18.61 -48.22 -10.45
C ASP N 71 19.42 -47.81 -11.68
N SER N 72 19.05 -48.35 -12.86
CA SER N 72 19.64 -48.00 -14.15
C SER N 72 18.57 -48.17 -15.23
N PHE N 73 18.58 -47.31 -16.24
CA PHE N 73 17.54 -47.34 -17.27
C PHE N 73 18.08 -47.38 -18.68
N LEU N 74 17.44 -48.19 -19.54
CA LEU N 74 17.76 -48.25 -20.96
C LEU N 74 16.58 -47.63 -21.71
N ASN N 75 16.87 -46.81 -22.73
CA ASN N 75 15.83 -46.13 -23.48
C ASN N 75 16.10 -46.15 -25.00
N ILE N 76 15.14 -46.67 -25.77
CA ILE N 76 15.19 -46.72 -27.24
C ILE N 76 14.33 -45.57 -27.77
N SER N 77 14.93 -44.70 -28.62
CA SER N 77 14.30 -43.49 -29.16
C SER N 77 13.23 -43.76 -30.20
N ALA N 78 13.63 -44.02 -31.46
CA ALA N 78 12.72 -44.33 -32.53
C ALA N 78 12.90 -45.81 -32.81
N SER N 79 11.87 -46.59 -32.53
CA SER N 79 11.97 -48.03 -32.68
C SER N 79 11.65 -48.50 -34.10
N ILE N 80 12.45 -49.46 -34.58
CA ILE N 80 12.29 -50.16 -35.85
C ILE N 80 12.10 -51.65 -35.48
N PRO N 81 11.24 -52.45 -36.16
CA PRO N 81 11.02 -53.85 -35.73
C PRO N 81 12.27 -54.75 -35.70
N SER N 82 13.47 -54.20 -35.98
CA SER N 82 14.73 -54.93 -35.91
C SER N 82 15.23 -54.98 -34.44
N ASP N 83 14.72 -54.07 -33.59
CA ASP N 83 15.08 -53.97 -32.17
C ASP N 83 14.20 -54.89 -31.34
N VAL N 84 14.13 -56.15 -31.73
CA VAL N 84 13.33 -57.14 -31.05
C VAL N 84 14.28 -58.12 -30.39
N GLY N 85 13.97 -58.50 -29.15
CA GLY N 85 14.77 -59.45 -28.42
C GLY N 85 14.80 -59.21 -26.92
N ILE N 86 15.60 -60.01 -26.23
CA ILE N 86 15.77 -59.93 -24.79
C ILE N 86 16.90 -58.95 -24.49
N TYR N 87 16.64 -58.03 -23.56
CA TYR N 87 17.60 -57.02 -23.14
C TYR N 87 18.04 -57.36 -21.74
N PHE N 88 19.35 -57.35 -21.51
CA PHE N 88 19.88 -57.72 -20.21
C PHE N 88 20.51 -56.60 -19.45
N CYS N 89 20.33 -56.65 -18.15
CA CYS N 89 20.93 -55.74 -17.21
C CYS N 89 22.03 -56.55 -16.58
N ALA N 90 23.09 -55.90 -16.10
CA ALA N 90 24.22 -56.59 -15.47
C ALA N 90 24.99 -55.60 -14.65
N GLY N 91 25.49 -56.05 -13.50
CA GLY N 91 26.24 -55.15 -12.64
C GLY N 91 27.29 -55.79 -11.77
N GLN N 92 28.22 -54.95 -11.28
CA GLN N 92 29.28 -55.36 -10.38
C GLN N 92 28.82 -55.08 -8.94
N PRO N 93 28.40 -56.12 -8.17
CA PRO N 93 27.96 -55.86 -6.79
C PRO N 93 29.08 -55.28 -5.94
N LEU N 94 28.80 -54.14 -5.29
CA LEU N 94 29.71 -53.40 -4.42
C LEU N 94 30.32 -54.29 -3.34
N GLY N 95 31.62 -54.55 -3.44
CA GLY N 95 32.35 -55.38 -2.50
C GLY N 95 32.50 -56.84 -2.90
N GLY N 96 32.04 -57.17 -4.11
CA GLY N 96 32.18 -58.53 -4.64
C GLY N 96 33.59 -58.71 -5.15
N SER N 97 34.09 -59.97 -5.21
CA SER N 97 35.46 -60.21 -5.71
C SER N 97 35.62 -59.78 -7.19
N ASN N 98 36.86 -59.69 -7.67
CA ASN N 98 37.11 -59.28 -9.06
C ASN N 98 36.50 -60.28 -10.03
N TYR N 99 35.80 -59.75 -11.06
CA TYR N 99 35.13 -60.50 -12.13
C TYR N 99 33.90 -61.28 -11.63
N LYS N 100 33.22 -60.73 -10.61
CA LYS N 100 31.99 -61.26 -10.06
C LYS N 100 30.86 -60.33 -10.51
N LEU N 101 30.02 -60.77 -11.45
CA LEU N 101 28.92 -59.91 -11.93
C LEU N 101 27.59 -60.64 -12.05
N THR N 102 26.53 -60.03 -11.50
CA THR N 102 25.17 -60.57 -11.46
C THR N 102 24.36 -60.13 -12.70
N PHE N 103 23.53 -61.04 -13.24
CA PHE N 103 22.64 -60.78 -14.40
C PHE N 103 21.17 -60.79 -13.96
N GLY N 104 20.29 -60.39 -14.88
CA GLY N 104 18.85 -60.40 -14.69
C GLY N 104 18.19 -61.37 -15.65
N LYS N 105 16.92 -61.77 -15.36
CA LYS N 105 16.16 -62.69 -16.23
C LYS N 105 15.94 -62.09 -17.64
N GLY N 106 16.10 -60.76 -17.75
CA GLY N 106 16.00 -60.04 -19.00
C GLY N 106 14.63 -59.50 -19.30
N THR N 107 14.57 -58.49 -20.18
CA THR N 107 13.33 -57.87 -20.63
C THR N 107 13.16 -58.14 -22.13
N LEU N 108 12.14 -58.94 -22.48
CA LEU N 108 11.84 -59.30 -23.87
C LEU N 108 11.03 -58.18 -24.54
N LEU N 109 11.52 -57.63 -25.67
CA LEU N 109 10.86 -56.52 -26.36
C LEU N 109 10.31 -56.90 -27.73
N THR N 110 9.01 -56.61 -27.96
CA THR N 110 8.29 -56.85 -29.21
C THR N 110 7.85 -55.52 -29.83
N VAL N 111 8.32 -55.25 -31.06
CA VAL N 111 8.03 -54.03 -31.80
C VAL N 111 7.15 -54.36 -33.03
N ASN N 112 5.79 -54.31 -32.88
CA ASN N 112 4.92 -54.59 -34.03
C ASN N 112 4.88 -53.39 -35.00
N PRO N 113 4.87 -53.63 -36.33
CA PRO N 113 5.09 -52.53 -37.28
C PRO N 113 3.87 -51.76 -37.79
N ASN N 114 4.15 -50.72 -38.62
CA ASN N 114 3.15 -49.85 -39.24
C ASN N 114 2.63 -50.46 -40.54
N ILE N 115 1.31 -50.71 -40.61
CA ILE N 115 0.66 -51.20 -41.82
C ILE N 115 -0.20 -50.02 -42.33
N GLN N 116 0.37 -49.23 -43.27
CA GLN N 116 -0.25 -48.00 -43.78
C GLN N 116 -1.53 -48.24 -44.57
N ASN N 117 -1.53 -49.23 -45.47
CA ASN N 117 -2.70 -49.55 -46.28
C ASN N 117 -3.08 -51.03 -46.13
N PRO N 118 -3.80 -51.39 -45.05
CA PRO N 118 -4.15 -52.80 -44.86
C PRO N 118 -5.22 -53.26 -45.84
N ASP N 119 -4.93 -54.34 -46.57
CA ASP N 119 -5.85 -54.92 -47.56
C ASP N 119 -6.10 -56.39 -47.16
N PRO N 120 -6.90 -56.63 -46.08
CA PRO N 120 -7.08 -58.02 -45.61
C PRO N 120 -7.65 -58.97 -46.64
N ALA N 121 -7.15 -60.22 -46.63
CA ALA N 121 -7.55 -61.28 -47.54
C ALA N 121 -7.02 -62.65 -47.12
N VAL N 122 -7.62 -63.72 -47.66
CA VAL N 122 -7.20 -65.11 -47.43
C VAL N 122 -7.00 -65.76 -48.81
N TYR N 123 -5.76 -66.16 -49.13
CA TYR N 123 -5.43 -66.75 -50.43
C TYR N 123 -5.08 -68.24 -50.36
N GLN N 124 -5.31 -68.95 -51.47
CA GLN N 124 -5.02 -70.38 -51.59
C GLN N 124 -3.79 -70.58 -52.48
N LEU N 125 -2.86 -71.46 -52.07
CA LEU N 125 -1.62 -71.71 -52.79
C LEU N 125 -1.47 -73.19 -53.16
N ARG N 126 -1.09 -73.48 -54.41
CA ARG N 126 -0.88 -74.86 -54.87
C ARG N 126 0.60 -75.23 -54.75
N ASP N 127 0.92 -76.51 -54.46
CA ASP N 127 2.31 -77.00 -54.32
C ASP N 127 3.04 -76.95 -55.66
N SER N 128 4.35 -76.60 -55.63
CA SER N 128 5.21 -76.52 -56.83
C SER N 128 5.31 -77.87 -57.54
N LYS N 129 5.43 -78.97 -56.76
CA LYS N 129 5.44 -80.33 -57.27
C LYS N 129 3.99 -80.79 -57.39
N SER N 130 3.65 -81.51 -58.47
CA SER N 130 2.27 -81.97 -58.74
C SER N 130 1.72 -82.84 -57.62
N SER N 131 0.83 -82.25 -56.79
CA SER N 131 0.18 -82.90 -55.65
C SER N 131 -1.03 -82.09 -55.17
N ASP N 132 -2.00 -82.76 -54.53
CA ASP N 132 -3.21 -82.13 -53.96
C ASP N 132 -2.84 -81.14 -52.83
N LYS N 133 -1.57 -81.20 -52.35
CA LYS N 133 -1.00 -80.35 -51.30
C LYS N 133 -1.28 -78.87 -51.57
N SER N 134 -1.93 -78.19 -50.63
CA SER N 134 -2.29 -76.78 -50.75
C SER N 134 -2.31 -76.08 -49.39
N VAL N 135 -1.97 -74.78 -49.37
CA VAL N 135 -1.95 -73.99 -48.14
C VAL N 135 -2.83 -72.74 -48.23
N CYS N 136 -3.11 -72.16 -47.06
CA CYS N 136 -3.93 -70.97 -46.91
C CYS N 136 -3.06 -69.83 -46.39
N LEU N 137 -3.31 -68.60 -46.87
CA LEU N 137 -2.50 -67.46 -46.48
C LEU N 137 -3.33 -66.22 -46.17
N PHE N 138 -3.46 -65.90 -44.87
CA PHE N 138 -4.15 -64.72 -44.40
C PHE N 138 -3.12 -63.60 -44.33
N THR N 139 -3.26 -62.57 -45.20
CA THR N 139 -2.26 -61.51 -45.31
C THR N 139 -2.84 -60.09 -45.42
N ASP N 140 -1.99 -59.07 -45.13
CA ASP N 140 -2.20 -57.62 -45.24
C ASP N 140 -3.25 -57.05 -44.26
N PHE N 141 -2.93 -57.03 -42.96
CA PHE N 141 -3.83 -56.51 -41.92
C PHE N 141 -3.06 -55.66 -40.89
N ASP N 142 -3.72 -54.59 -40.34
CA ASP N 142 -3.08 -53.73 -39.33
C ASP N 142 -2.62 -54.51 -38.09
N SER N 143 -1.58 -54.02 -37.41
CA SER N 143 -0.95 -54.72 -36.29
C SER N 143 -1.84 -54.93 -35.03
N GLN N 144 -3.15 -54.65 -35.12
CA GLN N 144 -4.07 -54.88 -34.01
C GLN N 144 -4.90 -56.17 -34.18
N THR N 145 -4.79 -56.83 -35.35
CA THR N 145 -5.50 -58.10 -35.63
C THR N 145 -4.80 -59.27 -34.91
N ASN N 146 -5.59 -60.25 -34.42
CA ASN N 146 -5.07 -61.41 -33.68
C ASN N 146 -5.30 -62.74 -34.41
N VAL N 147 -4.24 -63.57 -34.48
CA VAL N 147 -4.28 -64.89 -35.13
C VAL N 147 -4.50 -65.99 -34.09
N SER N 148 -5.65 -66.68 -34.17
CA SER N 148 -6.03 -67.75 -33.25
C SER N 148 -5.65 -69.14 -33.80
N GLN N 149 -5.03 -69.97 -32.94
CA GLN N 149 -4.59 -71.34 -33.29
C GLN N 149 -5.75 -72.29 -33.61
N SER N 150 -5.44 -73.38 -34.35
CA SER N 150 -6.40 -74.39 -34.80
C SER N 150 -7.09 -75.17 -33.66
N LYS N 151 -8.26 -75.77 -33.98
CA LYS N 151 -9.06 -76.55 -33.05
C LYS N 151 -8.51 -77.99 -32.90
N ASP N 152 -8.50 -78.77 -34.01
CA ASP N 152 -8.03 -80.16 -34.02
C ASP N 152 -6.59 -80.30 -34.52
N SER N 153 -5.92 -81.42 -34.17
CA SER N 153 -4.54 -81.73 -34.54
C SER N 153 -4.35 -82.03 -36.04
N ASP N 154 -5.44 -82.14 -36.79
CA ASP N 154 -5.38 -82.38 -38.24
C ASP N 154 -5.15 -81.07 -39.01
N VAL N 155 -5.49 -79.92 -38.37
CA VAL N 155 -5.31 -78.56 -38.92
C VAL N 155 -4.13 -77.87 -38.19
N TYR N 156 -3.30 -77.13 -38.94
CA TYR N 156 -2.13 -76.44 -38.41
C TYR N 156 -2.19 -74.94 -38.74
N ILE N 157 -2.06 -74.07 -37.71
CA ILE N 157 -2.10 -72.61 -37.89
C ILE N 157 -0.87 -71.94 -37.27
N THR N 158 -0.04 -71.28 -38.11
CA THR N 158 1.16 -70.56 -37.66
C THR N 158 0.77 -69.21 -37.08
N ASP N 159 1.68 -68.59 -36.29
CA ASP N 159 1.42 -67.28 -35.70
C ASP N 159 1.85 -66.16 -36.62
N LYS N 160 1.28 -64.95 -36.40
CA LYS N 160 1.53 -63.71 -37.13
C LYS N 160 3.03 -63.45 -37.35
N CYS N 161 3.39 -63.02 -38.56
CA CYS N 161 4.77 -62.71 -38.94
C CYS N 161 4.78 -61.62 -40.05
N VAL N 162 5.77 -60.70 -40.00
CA VAL N 162 5.83 -59.57 -40.94
C VAL N 162 7.04 -59.63 -41.88
N LEU N 163 6.79 -59.39 -43.18
CA LEU N 163 7.83 -59.28 -44.19
C LEU N 163 7.95 -57.82 -44.63
N ASP N 164 9.15 -57.39 -44.99
CA ASP N 164 9.37 -56.01 -45.43
C ASP N 164 10.02 -55.97 -46.80
N MET N 165 9.25 -55.56 -47.83
CA MET N 165 9.76 -55.40 -49.19
C MET N 165 10.51 -54.06 -49.22
N ARG N 166 11.68 -54.06 -48.53
CA ARG N 166 12.59 -52.94 -48.26
C ARG N 166 12.78 -51.97 -49.44
N SER N 167 12.94 -52.51 -50.67
CA SER N 167 13.17 -51.74 -51.89
C SER N 167 11.98 -50.82 -52.22
N MET N 168 10.77 -51.40 -52.31
CA MET N 168 9.53 -50.66 -52.61
C MET N 168 8.89 -50.10 -51.32
N ASP N 169 9.64 -50.17 -50.19
CA ASP N 169 9.26 -49.77 -48.83
C ASP N 169 7.78 -50.05 -48.52
N PHE N 170 7.50 -51.32 -48.29
CA PHE N 170 6.19 -51.86 -48.00
C PHE N 170 6.35 -52.95 -46.94
N LYS N 171 5.35 -53.08 -46.06
CA LYS N 171 5.33 -54.11 -45.02
C LYS N 171 4.00 -54.84 -45.06
N SER N 172 3.99 -56.13 -44.72
CA SER N 172 2.75 -56.90 -44.67
C SER N 172 2.78 -58.01 -43.65
N ASN N 173 1.71 -58.09 -42.86
CA ASN N 173 1.54 -59.14 -41.87
C ASN N 173 0.91 -60.35 -42.56
N SER N 174 1.26 -61.57 -42.10
CA SER N 174 0.75 -62.81 -42.70
C SER N 174 0.69 -64.00 -41.74
N ALA N 175 -0.17 -64.99 -42.06
CA ALA N 175 -0.34 -66.22 -41.29
C ALA N 175 -0.63 -67.41 -42.22
N VAL N 176 -0.04 -68.59 -41.93
CA VAL N 176 -0.14 -69.79 -42.76
C VAL N 176 -1.00 -70.89 -42.09
N ALA N 177 -1.89 -71.54 -42.88
CA ALA N 177 -2.73 -72.64 -42.43
C ALA N 177 -2.77 -73.79 -43.44
N TRP N 178 -2.70 -75.05 -42.96
CA TRP N 178 -2.72 -76.25 -43.81
C TRP N 178 -3.25 -77.48 -43.06
N SER N 179 -3.96 -78.39 -43.77
CA SER N 179 -4.53 -79.61 -43.17
C SER N 179 -4.48 -80.85 -44.07
N ASN N 180 -4.40 -82.03 -43.43
CA ASN N 180 -4.32 -83.34 -44.09
C ASN N 180 -5.53 -83.63 -45.00
N LYS N 181 -6.76 -83.53 -44.44
CA LYS N 181 -8.03 -83.80 -45.13
C LYS N 181 -8.38 -82.82 -46.25
N SER N 182 -9.05 -83.33 -47.32
CA SER N 182 -9.46 -82.53 -48.50
C SER N 182 -10.83 -81.81 -48.33
N ASP N 183 -11.53 -82.05 -47.19
CA ASP N 183 -12.80 -81.37 -46.87
C ASP N 183 -12.51 -79.96 -46.39
N PHE N 184 -11.31 -79.77 -45.84
CA PHE N 184 -10.80 -78.52 -45.31
C PHE N 184 -10.56 -77.51 -46.43
N ALA N 185 -10.93 -76.24 -46.16
CA ALA N 185 -10.70 -75.15 -47.09
C ALA N 185 -10.57 -73.82 -46.34
N CYS N 186 -10.32 -72.73 -47.10
CA CYS N 186 -10.10 -71.38 -46.60
C CYS N 186 -11.34 -70.74 -45.99
N ALA N 187 -12.51 -70.94 -46.62
CA ALA N 187 -13.80 -70.38 -46.16
C ALA N 187 -13.99 -70.56 -44.66
N ASN N 188 -13.40 -71.63 -44.09
CA ASN N 188 -13.47 -71.92 -42.66
C ASN N 188 -12.08 -72.21 -42.03
N ALA N 189 -10.97 -71.76 -42.67
CA ALA N 189 -9.61 -71.98 -42.17
C ALA N 189 -9.28 -71.15 -40.92
N PHE N 190 -9.23 -69.81 -41.05
CA PHE N 190 -8.94 -68.91 -39.92
C PHE N 190 -10.24 -68.47 -39.23
N ASN N 191 -11.18 -69.42 -39.06
CA ASN N 191 -12.51 -69.20 -38.47
C ASN N 191 -12.51 -68.86 -36.98
N ASN N 192 -11.66 -69.54 -36.16
CA ASN N 192 -11.55 -69.29 -34.71
C ASN N 192 -10.98 -67.89 -34.42
N SER N 193 -10.38 -67.24 -35.44
CA SER N 193 -9.78 -65.91 -35.31
C SER N 193 -10.78 -64.79 -35.61
N ILE N 194 -10.64 -63.65 -34.91
CA ILE N 194 -11.50 -62.47 -35.14
C ILE N 194 -10.92 -61.69 -36.33
N ILE N 195 -11.15 -62.19 -37.55
CA ILE N 195 -10.67 -61.59 -38.80
C ILE N 195 -11.42 -60.28 -39.12
N PRO N 196 -10.79 -59.32 -39.85
CA PRO N 196 -11.49 -58.05 -40.15
C PRO N 196 -12.81 -58.21 -40.91
N GLU N 197 -13.66 -57.18 -40.82
CA GLU N 197 -15.00 -57.12 -41.43
C GLU N 197 -14.96 -57.27 -42.97
N ASP N 198 -14.02 -56.58 -43.63
CA ASP N 198 -13.90 -56.56 -45.09
C ASP N 198 -12.79 -57.47 -45.63
N THR N 199 -12.59 -58.65 -44.99
CA THR N 199 -11.59 -59.63 -45.44
C THR N 199 -12.03 -60.19 -46.80
N PHE N 200 -11.14 -60.15 -47.79
CA PHE N 200 -11.43 -60.60 -49.15
C PHE N 200 -11.21 -62.10 -49.33
N PHE N 201 -12.24 -62.81 -49.82
CA PHE N 201 -12.18 -64.26 -50.04
C PHE N 201 -12.45 -64.61 -51.51
N PRO N 202 -11.40 -64.79 -52.34
CA PRO N 202 -11.65 -65.13 -53.76
C PRO N 202 -12.14 -66.56 -53.96
N SER N 203 -12.67 -66.86 -55.16
CA SER N 203 -13.19 -68.19 -55.51
C SER N 203 -12.33 -68.91 -56.55
N GLY O 3 39.25 -64.55 -31.21
CA GLY O 3 37.80 -64.53 -31.07
C GLY O 3 37.23 -65.70 -30.29
N VAL O 4 36.02 -65.52 -29.71
CA VAL O 4 35.35 -66.54 -28.90
C VAL O 4 34.55 -67.54 -29.75
N THR O 5 34.90 -68.84 -29.65
CA THR O 5 34.19 -69.90 -30.36
C THR O 5 33.77 -71.02 -29.41
N GLN O 6 32.64 -71.68 -29.71
CA GLN O 6 32.09 -72.77 -28.92
C GLN O 6 31.82 -73.99 -29.79
N THR O 7 32.25 -75.17 -29.33
CA THR O 7 32.11 -76.42 -30.06
C THR O 7 31.42 -77.50 -29.20
N PRO O 8 30.42 -78.23 -29.75
CA PRO O 8 29.87 -78.12 -31.11
C PRO O 8 28.76 -77.07 -31.20
N LYS O 9 28.34 -76.73 -32.43
CA LYS O 9 27.24 -75.76 -32.64
C LYS O 9 25.90 -76.33 -32.13
N HIS O 10 25.70 -77.64 -32.34
CA HIS O 10 24.50 -78.39 -31.93
C HIS O 10 24.91 -79.76 -31.37
N LEU O 11 24.07 -80.35 -30.49
CA LEU O 11 24.34 -81.67 -29.90
C LEU O 11 23.07 -82.44 -29.52
N ILE O 12 22.76 -83.48 -30.32
CA ILE O 12 21.64 -84.40 -30.09
C ILE O 12 22.18 -85.56 -29.26
N THR O 13 21.63 -85.77 -28.04
CA THR O 13 22.12 -86.81 -27.13
C THR O 13 21.00 -87.59 -26.42
N ALA O 14 21.34 -88.77 -25.88
CA ALA O 14 20.43 -89.64 -25.14
C ALA O 14 20.60 -89.48 -23.62
N THR O 15 19.62 -89.99 -22.84
CA THR O 15 19.62 -89.95 -21.36
C THR O 15 20.79 -90.76 -20.79
N GLY O 16 21.35 -90.30 -19.67
CA GLY O 16 22.45 -90.92 -18.97
C GLY O 16 23.67 -91.12 -19.84
N GLN O 17 24.24 -90.01 -20.37
CA GLN O 17 25.36 -90.11 -21.29
C GLN O 17 26.51 -89.15 -21.01
N ARG O 18 27.68 -89.44 -21.63
CA ARG O 18 28.90 -88.63 -21.54
C ARG O 18 28.78 -87.48 -22.54
N VAL O 19 28.90 -86.22 -22.06
CA VAL O 19 28.79 -85.02 -22.91
C VAL O 19 29.78 -83.93 -22.46
N THR O 20 30.73 -83.57 -23.35
CA THR O 20 31.72 -82.50 -23.08
C THR O 20 31.45 -81.32 -24.01
N LEU O 21 31.34 -80.10 -23.46
CA LEU O 21 31.15 -78.89 -24.26
C LEU O 21 32.40 -78.02 -24.14
N ARG O 22 33.17 -77.90 -25.23
CA ARG O 22 34.41 -77.12 -25.22
C ARG O 22 34.21 -75.64 -25.58
N CYS O 23 35.15 -74.78 -25.16
CA CYS O 23 35.13 -73.34 -25.44
C CYS O 23 36.54 -72.77 -25.52
N SER O 24 36.82 -72.05 -26.62
CA SER O 24 38.09 -71.38 -26.85
C SER O 24 37.91 -69.87 -26.66
N PRO O 25 38.24 -69.36 -25.45
CA PRO O 25 38.03 -67.92 -25.18
C PRO O 25 38.92 -67.00 -26.00
N ARG O 26 38.55 -65.72 -26.05
CA ARG O 26 39.29 -64.69 -26.78
C ARG O 26 40.64 -64.39 -26.10
N SER O 27 41.64 -63.98 -26.90
CA SER O 27 42.96 -63.61 -26.42
C SER O 27 42.97 -62.13 -26.01
N GLY O 28 43.58 -61.81 -24.87
CA GLY O 28 44.17 -62.76 -23.94
C GLY O 28 43.36 -62.79 -22.66
N ASP O 29 42.01 -62.88 -22.80
CA ASP O 29 41.05 -62.90 -21.70
C ASP O 29 41.28 -64.15 -20.86
N LEU O 30 41.60 -63.96 -19.57
CA LEU O 30 41.93 -65.07 -18.67
C LEU O 30 40.84 -65.38 -17.64
N SER O 31 39.58 -65.47 -18.10
CA SER O 31 38.45 -65.86 -17.26
C SER O 31 37.30 -66.33 -18.11
N VAL O 32 36.80 -67.53 -17.83
CA VAL O 32 35.73 -68.14 -18.58
C VAL O 32 34.51 -68.40 -17.71
N TYR O 33 33.33 -68.00 -18.20
CA TYR O 33 32.07 -68.19 -17.51
C TYR O 33 31.23 -69.20 -18.27
N TRP O 34 30.41 -69.97 -17.55
CA TRP O 34 29.50 -70.93 -18.17
C TRP O 34 28.05 -70.61 -17.81
N TYR O 35 27.17 -70.57 -18.81
CA TYR O 35 25.77 -70.21 -18.62
C TYR O 35 24.82 -71.19 -19.24
N GLN O 36 23.76 -71.54 -18.51
CA GLN O 36 22.70 -72.40 -19.01
C GLN O 36 21.51 -71.52 -19.36
N GLN O 37 21.11 -71.54 -20.64
CA GLN O 37 19.94 -70.79 -21.06
C GLN O 37 18.81 -71.77 -21.34
N SER O 38 17.89 -71.89 -20.38
CA SER O 38 16.73 -72.75 -20.53
C SER O 38 15.66 -72.03 -21.39
N LEU O 39 14.45 -72.62 -21.55
CA LEU O 39 13.33 -72.14 -22.39
C LEU O 39 13.17 -70.62 -22.49
N ASP O 40 12.67 -69.99 -21.40
CA ASP O 40 12.45 -68.55 -21.27
C ASP O 40 12.98 -68.16 -19.89
N GLN O 41 13.58 -69.16 -19.20
CA GLN O 41 14.16 -69.04 -17.87
C GLN O 41 15.52 -68.30 -17.94
N GLY O 42 15.56 -67.28 -18.81
CA GLY O 42 16.71 -66.40 -19.05
C GLY O 42 18.07 -67.06 -19.07
N LEU O 43 19.04 -66.40 -18.43
CA LEU O 43 20.43 -66.85 -18.37
C LEU O 43 20.74 -67.28 -16.94
N GLN O 44 21.12 -68.56 -16.77
CA GLN O 44 21.42 -69.14 -15.46
C GLN O 44 22.91 -69.46 -15.33
N PHE O 45 23.59 -68.77 -14.40
CA PHE O 45 25.02 -68.96 -14.16
C PHE O 45 25.35 -70.33 -13.58
N LEU O 46 26.44 -70.95 -14.05
CA LEU O 46 26.90 -72.25 -13.58
C LEU O 46 28.24 -72.11 -12.85
N ILE O 47 29.36 -71.98 -13.58
CA ILE O 47 30.68 -71.80 -12.94
C ILE O 47 31.56 -70.81 -13.71
N GLN O 48 32.58 -70.26 -13.03
CA GLN O 48 33.53 -69.29 -13.56
C GLN O 48 34.95 -69.74 -13.25
N TYR O 49 35.89 -69.44 -14.17
CA TYR O 49 37.30 -69.78 -14.02
C TYR O 49 38.16 -68.54 -14.18
N TYR O 50 39.43 -68.59 -13.73
CA TYR O 50 40.36 -67.46 -13.82
C TYR O 50 41.81 -67.92 -13.93
N ASN O 51 42.45 -67.63 -15.08
CA ASN O 51 43.87 -67.92 -15.39
C ASN O 51 44.27 -69.39 -15.14
N GLY O 52 43.32 -70.31 -15.37
CA GLY O 52 43.57 -71.74 -15.22
C GLY O 52 42.93 -72.37 -13.99
N GLU O 53 42.73 -71.59 -12.91
CA GLU O 53 42.12 -72.09 -11.67
C GLU O 53 40.62 -71.81 -11.61
N GLU O 54 39.91 -72.53 -10.72
CA GLU O 54 38.47 -72.31 -10.50
C GLU O 54 38.28 -71.02 -9.70
N ARG O 55 37.44 -70.11 -10.20
CA ARG O 55 37.20 -68.83 -9.53
C ARG O 55 35.91 -68.84 -8.71
N ALA O 56 34.75 -69.10 -9.36
CA ALA O 56 33.47 -69.07 -8.65
C ALA O 56 32.50 -70.15 -9.10
N LYS O 57 32.02 -70.96 -8.14
CA LYS O 57 31.00 -71.99 -8.37
C LYS O 57 29.63 -71.39 -8.08
N GLY O 58 28.61 -71.85 -8.79
CA GLY O 58 27.25 -71.34 -8.63
C GLY O 58 26.17 -72.37 -8.79
N ASN O 59 26.12 -73.34 -7.85
CA ASN O 59 25.15 -74.45 -7.79
C ASN O 59 25.27 -75.44 -8.97
N ILE O 60 26.37 -76.22 -8.99
CA ILE O 60 26.59 -77.26 -10.01
C ILE O 60 26.35 -78.65 -9.40
N LEU O 61 25.49 -79.42 -10.08
CA LEU O 61 24.92 -80.71 -9.67
C LEU O 61 25.88 -81.87 -9.33
N GLU O 62 27.23 -81.66 -9.38
CA GLU O 62 28.25 -82.72 -9.08
C GLU O 62 28.32 -83.78 -10.19
N ARG O 63 27.41 -83.59 -11.13
CA ARG O 63 27.32 -84.36 -12.34
C ARG O 63 27.86 -83.47 -13.45
N PHE O 64 27.66 -82.17 -13.28
CA PHE O 64 28.44 -81.13 -13.91
C PHE O 64 29.82 -80.94 -13.31
N SER O 65 30.77 -80.68 -14.20
CA SER O 65 32.20 -80.55 -13.87
C SER O 65 33.05 -80.02 -15.03
N ALA O 66 33.32 -78.70 -15.00
CA ALA O 66 34.12 -78.00 -15.99
C ALA O 66 35.60 -77.88 -15.55
N GLN O 67 36.51 -77.38 -16.44
CA GLN O 67 37.94 -77.23 -16.13
C GLN O 67 38.64 -76.30 -17.15
N GLN O 68 39.60 -75.46 -16.67
CA GLN O 68 40.40 -74.56 -17.53
C GLN O 68 41.87 -75.06 -17.66
N PHE O 69 42.45 -74.97 -18.89
CA PHE O 69 43.80 -75.48 -19.24
C PHE O 69 44.96 -74.42 -19.15
N PRO O 70 46.26 -74.78 -19.47
CA PRO O 70 47.35 -73.77 -19.41
C PRO O 70 47.07 -72.61 -20.37
N ASP O 71 46.67 -72.95 -21.60
CA ASP O 71 46.14 -71.97 -22.53
C ASP O 71 44.72 -71.79 -22.05
N LEU O 72 44.25 -70.54 -21.98
CA LEU O 72 42.89 -70.09 -21.63
C LEU O 72 41.74 -71.14 -21.69
N HIS O 73 41.74 -72.00 -22.76
CA HIS O 73 40.75 -73.04 -23.10
C HIS O 73 40.07 -73.73 -21.91
N SER O 74 38.85 -74.23 -22.15
CA SER O 74 38.08 -74.92 -21.12
C SER O 74 37.11 -75.96 -21.69
N GLU O 75 36.61 -76.85 -20.82
CA GLU O 75 35.65 -77.90 -21.16
C GLU O 75 34.57 -77.94 -20.08
N LEU O 76 33.32 -78.22 -20.46
CA LEU O 76 32.18 -78.32 -19.54
C LEU O 76 31.53 -79.71 -19.71
N ASN O 77 31.86 -80.65 -18.81
CA ASN O 77 31.36 -82.03 -18.84
C ASN O 77 30.05 -82.21 -18.07
N LEU O 78 29.04 -82.83 -18.72
CA LEU O 78 27.73 -83.06 -18.15
C LEU O 78 27.40 -84.57 -18.09
N SER O 79 27.96 -85.26 -17.09
CA SER O 79 27.81 -86.71 -16.90
C SER O 79 27.03 -87.00 -15.60
N SER O 80 25.76 -87.48 -15.66
CA SER O 80 25.03 -87.89 -16.85
C SER O 80 23.70 -87.15 -17.03
N LEU O 81 23.39 -86.77 -18.28
CA LEU O 81 22.19 -86.00 -18.67
C LEU O 81 20.86 -86.73 -18.56
N GLU O 82 19.77 -85.96 -18.45
CA GLU O 82 18.39 -86.42 -18.52
C GLU O 82 17.60 -85.37 -19.34
N LEU O 83 16.35 -85.69 -19.73
CA LEU O 83 15.53 -84.83 -20.59
C LEU O 83 15.43 -83.35 -20.16
N GLY O 84 15.39 -83.09 -18.85
CA GLY O 84 15.32 -81.74 -18.31
C GLY O 84 16.66 -81.03 -18.26
N ASP O 85 17.50 -81.23 -19.30
CA ASP O 85 18.82 -80.62 -19.40
C ASP O 85 19.02 -79.97 -20.78
N SER O 86 18.06 -80.19 -21.71
CA SER O 86 18.08 -79.62 -23.06
C SER O 86 18.05 -78.10 -22.99
N ALA O 87 19.22 -77.46 -23.26
CA ALA O 87 19.36 -76.01 -23.18
C ALA O 87 20.49 -75.49 -24.07
N LEU O 88 20.67 -74.16 -24.08
CA LEU O 88 21.73 -73.49 -24.80
C LEU O 88 22.80 -73.16 -23.80
N TYR O 89 24.03 -73.54 -24.08
CA TYR O 89 25.11 -73.26 -23.15
C TYR O 89 26.01 -72.20 -23.70
N PHE O 90 26.29 -71.17 -22.90
CA PHE O 90 27.09 -70.05 -23.33
C PHE O 90 28.39 -69.96 -22.60
N CYS O 91 29.40 -69.47 -23.29
CA CYS O 91 30.73 -69.28 -22.77
C CYS O 91 31.03 -67.80 -22.83
N ALA O 92 31.45 -67.23 -21.70
CA ALA O 92 31.74 -65.81 -21.63
C ALA O 92 33.21 -65.60 -21.37
N SER O 93 33.79 -64.55 -21.95
CA SER O 93 35.22 -64.30 -21.81
C SER O 93 35.54 -62.86 -21.44
N SER O 94 36.27 -62.67 -20.34
CA SER O 94 36.72 -61.37 -19.86
C SER O 94 38.02 -61.51 -19.08
N ALA O 95 38.42 -60.46 -18.34
CA ALA O 95 39.61 -60.41 -17.50
C ALA O 95 40.93 -60.38 -18.26
N ASN O 96 41.03 -59.56 -19.31
CA ASN O 96 42.29 -59.37 -20.02
C ASN O 96 42.93 -58.13 -19.40
N PRO O 97 44.02 -58.26 -18.61
CA PRO O 97 44.62 -57.07 -17.96
C PRO O 97 45.07 -55.95 -18.90
N GLY O 98 45.17 -56.26 -20.20
CA GLY O 98 45.53 -55.29 -21.23
C GLY O 98 44.49 -54.22 -21.43
N ASP O 99 43.20 -54.63 -21.53
CA ASP O 99 42.05 -53.73 -21.72
C ASP O 99 41.82 -52.86 -20.48
N SER O 100 41.07 -51.75 -20.63
CA SER O 100 40.77 -50.86 -19.51
C SER O 100 39.50 -51.30 -18.78
N SER O 101 38.48 -51.72 -19.55
CA SER O 101 37.22 -52.21 -19.01
C SER O 101 37.18 -53.73 -19.19
N ASN O 102 37.74 -54.46 -18.20
CA ASN O 102 37.89 -55.91 -18.22
C ASN O 102 36.62 -56.62 -17.85
N GLU O 103 35.92 -56.12 -16.81
CA GLU O 103 34.66 -56.67 -16.28
C GLU O 103 33.65 -56.97 -17.39
N LYS O 104 33.81 -56.30 -18.56
CA LYS O 104 33.02 -56.48 -19.77
C LYS O 104 33.33 -57.86 -20.36
N LEU O 105 32.39 -58.80 -20.22
CA LEU O 105 32.59 -60.12 -20.81
C LEU O 105 31.94 -60.23 -22.18
N PHE O 106 32.50 -61.09 -23.05
CA PHE O 106 32.00 -61.27 -24.40
C PHE O 106 31.49 -62.68 -24.60
N PHE O 107 30.25 -62.80 -25.07
CA PHE O 107 29.59 -64.10 -25.24
C PHE O 107 29.90 -64.80 -26.54
N GLY O 108 29.83 -66.13 -26.50
CA GLY O 108 29.99 -66.98 -27.66
C GLY O 108 28.64 -67.28 -28.29
N SER O 109 28.63 -67.81 -29.52
CA SER O 109 27.42 -68.13 -30.27
C SER O 109 26.60 -69.31 -29.67
N GLY O 110 27.09 -69.85 -28.55
CA GLY O 110 26.43 -70.91 -27.80
C GLY O 110 26.50 -72.30 -28.39
N THR O 111 26.11 -73.29 -27.56
CA THR O 111 26.05 -74.71 -27.91
C THR O 111 24.64 -75.20 -27.56
N GLN O 112 23.83 -75.55 -28.58
CA GLN O 112 22.48 -76.04 -28.29
C GLN O 112 22.48 -77.54 -28.03
N LEU O 113 22.20 -77.90 -26.78
CA LEU O 113 22.14 -79.28 -26.33
C LEU O 113 20.69 -79.71 -26.25
N SER O 114 20.37 -80.88 -26.82
CA SER O 114 19.01 -81.43 -26.79
C SER O 114 19.02 -82.90 -26.37
N VAL O 115 18.55 -83.17 -25.14
CA VAL O 115 18.50 -84.52 -24.56
C VAL O 115 17.21 -85.22 -24.97
N LEU O 116 17.32 -86.49 -25.38
CA LEU O 116 16.18 -87.28 -25.86
C LEU O 116 16.05 -88.61 -25.14
N GLU O 117 14.81 -89.09 -25.00
CA GLU O 117 14.49 -90.37 -24.37
C GLU O 117 14.93 -91.52 -25.27
N ASP O 118 14.83 -91.33 -26.60
CA ASP O 118 15.19 -92.33 -27.60
C ASP O 118 15.62 -91.66 -28.90
N LEU O 119 16.79 -92.08 -29.44
CA LEU O 119 17.34 -91.57 -30.70
C LEU O 119 16.45 -91.88 -31.89
N ASN O 120 15.71 -93.02 -31.84
CA ASN O 120 14.80 -93.44 -32.91
C ASN O 120 13.61 -92.48 -33.12
N LYS O 121 13.55 -91.39 -32.33
CA LYS O 121 12.50 -90.37 -32.42
C LYS O 121 12.97 -89.17 -33.28
N VAL O 122 14.31 -89.03 -33.48
CA VAL O 122 14.92 -87.97 -34.28
C VAL O 122 14.47 -88.14 -35.75
N PHE O 123 13.99 -87.07 -36.37
CA PHE O 123 13.44 -87.10 -37.74
C PHE O 123 13.87 -85.86 -38.54
N PRO O 124 14.35 -86.02 -39.80
CA PRO O 124 14.74 -84.85 -40.60
C PRO O 124 13.52 -84.12 -41.16
N PRO O 125 13.66 -82.89 -41.71
CA PRO O 125 12.47 -82.18 -42.20
C PRO O 125 12.09 -82.49 -43.62
N GLU O 126 10.80 -82.38 -43.92
CA GLU O 126 10.21 -82.51 -45.26
C GLU O 126 10.01 -81.08 -45.72
N VAL O 127 10.32 -80.76 -46.98
CA VAL O 127 10.20 -79.38 -47.45
C VAL O 127 9.30 -79.26 -48.68
N ALA O 128 8.35 -78.31 -48.64
CA ALA O 128 7.41 -78.05 -49.72
C ALA O 128 7.31 -76.55 -49.98
N VAL O 129 7.17 -76.17 -51.25
CA VAL O 129 7.06 -74.76 -51.66
C VAL O 129 5.77 -74.56 -52.41
N PHE O 130 4.99 -73.58 -51.97
CA PHE O 130 3.69 -73.29 -52.54
C PHE O 130 3.71 -72.02 -53.35
N GLU O 131 3.35 -72.16 -54.63
CA GLU O 131 3.36 -71.07 -55.64
C GLU O 131 2.30 -70.00 -55.34
N PRO O 132 2.53 -68.73 -55.76
CA PRO O 132 1.58 -67.67 -55.40
C PRO O 132 0.20 -67.75 -56.03
N SER O 133 -0.83 -67.28 -55.27
CA SER O 133 -2.22 -67.24 -55.69
C SER O 133 -2.43 -66.20 -56.80
N GLU O 134 -3.05 -66.63 -57.91
CA GLU O 134 -3.36 -65.76 -59.06
C GLU O 134 -4.27 -64.62 -58.65
N ALA O 135 -5.15 -64.88 -57.65
CA ALA O 135 -6.07 -63.90 -57.07
C ALA O 135 -5.31 -62.80 -56.36
N GLU O 136 -4.28 -63.16 -55.55
CA GLU O 136 -3.40 -62.23 -54.85
C GLU O 136 -2.64 -61.39 -55.86
N ILE O 137 -2.16 -62.03 -56.95
CA ILE O 137 -1.45 -61.33 -58.01
C ILE O 137 -2.34 -60.24 -58.64
N SER O 138 -3.51 -60.65 -59.17
CA SER O 138 -4.47 -59.73 -59.81
C SER O 138 -5.00 -58.62 -58.89
N HIS O 139 -5.07 -58.88 -57.57
CA HIS O 139 -5.62 -57.94 -56.60
C HIS O 139 -4.59 -57.00 -55.96
N THR O 140 -3.47 -57.56 -55.45
CA THR O 140 -2.42 -56.80 -54.74
C THR O 140 -1.26 -56.34 -55.62
N GLN O 141 -1.11 -56.92 -56.82
CA GLN O 141 0.00 -56.65 -57.75
C GLN O 141 1.33 -57.15 -57.15
N LYS O 142 1.25 -58.22 -56.34
CA LYS O 142 2.40 -58.86 -55.67
C LYS O 142 2.34 -60.38 -55.86
N ALA O 143 3.21 -61.14 -55.15
CA ALA O 143 3.27 -62.60 -55.23
C ALA O 143 3.94 -63.18 -53.99
N THR O 144 3.23 -64.05 -53.25
CA THR O 144 3.79 -64.65 -52.03
C THR O 144 4.03 -66.16 -52.19
N LEU O 145 5.24 -66.60 -51.84
CA LEU O 145 5.65 -68.00 -51.87
C LEU O 145 5.76 -68.52 -50.44
N VAL O 146 5.06 -69.61 -50.14
CA VAL O 146 5.08 -70.19 -48.80
C VAL O 146 5.89 -71.47 -48.77
N CYS O 147 6.86 -71.54 -47.85
CA CYS O 147 7.63 -72.74 -47.68
C CYS O 147 7.21 -73.43 -46.41
N LEU O 148 7.13 -74.76 -46.43
CA LEU O 148 6.73 -75.53 -45.26
C LEU O 148 7.71 -76.63 -44.93
N ALA O 149 8.47 -76.44 -43.84
CA ALA O 149 9.37 -77.45 -43.32
C ALA O 149 8.53 -78.23 -42.33
N THR O 150 8.20 -79.49 -42.66
CA THR O 150 7.30 -80.29 -41.84
C THR O 150 7.91 -81.55 -41.26
N GLY O 151 7.41 -81.92 -40.07
CA GLY O 151 7.78 -83.14 -39.35
C GLY O 151 9.27 -83.32 -39.12
N PHE O 152 9.83 -82.60 -38.15
CA PHE O 152 11.24 -82.71 -37.79
C PHE O 152 11.41 -82.67 -36.27
N TYR O 153 12.41 -83.40 -35.76
CA TYR O 153 12.69 -83.42 -34.32
C TYR O 153 14.17 -83.68 -34.01
N PRO O 154 14.84 -82.82 -33.18
CA PRO O 154 14.33 -81.61 -32.51
C PRO O 154 14.33 -80.39 -33.44
N ASP O 155 14.10 -79.17 -32.91
CA ASP O 155 14.14 -78.00 -33.78
C ASP O 155 15.59 -77.52 -33.96
N HIS O 156 16.25 -78.10 -34.95
CA HIS O 156 17.62 -77.82 -35.33
C HIS O 156 17.62 -77.38 -36.80
N VAL O 157 16.55 -76.67 -37.21
CA VAL O 157 16.38 -76.20 -38.59
C VAL O 157 16.99 -74.82 -38.82
N GLU O 158 17.38 -74.55 -40.08
CA GLU O 158 17.93 -73.28 -40.55
C GLU O 158 17.34 -73.00 -41.93
N LEU O 159 16.16 -72.36 -41.96
CA LEU O 159 15.45 -72.06 -43.20
C LEU O 159 16.02 -70.81 -43.89
N SER O 160 16.24 -70.89 -45.23
CA SER O 160 16.77 -69.80 -46.05
C SER O 160 16.21 -69.83 -47.48
N TRP O 161 15.91 -68.64 -48.03
CA TRP O 161 15.40 -68.50 -49.40
C TRP O 161 16.53 -68.20 -50.39
N TRP O 162 16.40 -68.66 -51.65
CA TRP O 162 17.49 -68.52 -52.63
C TRP O 162 17.04 -68.17 -54.04
N VAL O 163 16.83 -66.87 -54.34
CA VAL O 163 16.41 -66.45 -55.68
C VAL O 163 17.59 -66.39 -56.64
N ASN O 164 17.53 -67.23 -57.71
CA ASN O 164 18.53 -67.36 -58.76
C ASN O 164 19.94 -67.68 -58.22
N GLY O 165 20.00 -68.59 -57.25
CA GLY O 165 21.25 -69.06 -56.67
C GLY O 165 21.80 -68.20 -55.55
N LYS O 166 21.30 -66.96 -55.42
CA LYS O 166 21.73 -66.03 -54.38
C LYS O 166 20.73 -66.06 -53.21
N GLU O 167 21.22 -65.95 -51.96
CA GLU O 167 20.34 -65.93 -50.78
C GLU O 167 19.66 -64.57 -50.68
N VAL O 168 18.34 -64.56 -50.47
CA VAL O 168 17.53 -63.33 -50.39
C VAL O 168 17.13 -63.00 -48.93
N HIS O 169 16.84 -61.71 -48.64
CA HIS O 169 16.43 -61.24 -47.31
C HIS O 169 15.21 -60.33 -47.33
N SER O 170 15.08 -59.46 -48.37
CA SER O 170 13.95 -58.55 -48.51
C SER O 170 12.70 -59.33 -48.86
N GLY O 171 11.59 -59.00 -48.20
CA GLY O 171 10.32 -59.67 -48.39
C GLY O 171 10.29 -61.08 -47.86
N VAL O 172 11.17 -61.39 -46.89
CA VAL O 172 11.28 -62.72 -46.29
C VAL O 172 10.84 -62.68 -44.84
N CYS O 173 10.09 -63.70 -44.42
CA CYS O 173 9.64 -63.84 -43.03
C CYS O 173 9.45 -65.30 -42.66
N THR O 174 10.36 -65.83 -41.84
CA THR O 174 10.32 -67.21 -41.36
C THR O 174 9.81 -67.23 -39.94
N ASP O 175 9.12 -68.33 -39.54
CA ASP O 175 8.54 -68.47 -38.20
C ASP O 175 9.61 -68.42 -37.10
N PRO O 176 9.34 -67.68 -36.00
CA PRO O 176 10.32 -67.60 -34.90
C PRO O 176 10.35 -68.90 -34.10
N GLN O 177 9.19 -69.36 -33.62
CA GLN O 177 9.07 -70.61 -32.87
C GLN O 177 8.33 -71.64 -33.74
N PRO O 178 8.82 -72.90 -33.82
CA PRO O 178 8.13 -73.88 -34.68
C PRO O 178 6.84 -74.41 -34.09
N LEU O 179 5.88 -74.72 -34.97
CA LEU O 179 4.57 -75.25 -34.60
C LEU O 179 4.66 -76.73 -34.26
N LYS O 180 4.21 -77.10 -33.04
CA LYS O 180 4.19 -78.50 -32.58
C LYS O 180 3.10 -79.23 -33.34
N GLU O 181 3.48 -80.27 -34.12
CA GLU O 181 2.54 -81.07 -34.92
C GLU O 181 1.45 -81.71 -34.04
N GLN O 182 1.85 -82.31 -32.90
CA GLN O 182 0.92 -82.91 -31.95
C GLN O 182 0.98 -82.13 -30.61
N PRO O 183 0.01 -81.21 -30.36
CA PRO O 183 0.09 -80.34 -29.17
C PRO O 183 0.27 -81.05 -27.82
N ALA O 184 -0.62 -82.00 -27.47
CA ALA O 184 -0.51 -82.71 -26.20
C ALA O 184 0.25 -84.03 -26.38
N LEU O 185 1.56 -83.93 -26.69
CA LEU O 185 2.41 -85.08 -26.92
C LEU O 185 3.86 -84.77 -26.53
N ASN O 186 4.54 -85.75 -25.93
CA ASN O 186 5.94 -85.63 -25.55
C ASN O 186 6.81 -86.12 -26.70
N ASP O 187 7.97 -85.45 -26.92
CA ASP O 187 8.90 -85.71 -28.04
C ASP O 187 8.22 -85.39 -29.39
N SER O 188 7.22 -84.47 -29.36
CA SER O 188 6.41 -84.08 -30.52
C SER O 188 7.21 -83.40 -31.62
N ARG O 189 6.97 -83.83 -32.88
CA ARG O 189 7.64 -83.29 -34.07
C ARG O 189 7.18 -81.87 -34.37
N TYR O 190 8.07 -81.07 -34.98
CA TYR O 190 7.79 -79.66 -35.29
C TYR O 190 7.50 -79.41 -36.76
N ALA O 191 7.01 -78.19 -37.06
CA ALA O 191 6.71 -77.69 -38.39
C ALA O 191 7.00 -76.19 -38.45
N LEU O 192 7.84 -75.77 -39.38
CA LEU O 192 8.21 -74.37 -39.55
C LEU O 192 7.71 -73.84 -40.90
N SER O 193 7.28 -72.57 -40.94
CA SER O 193 6.76 -71.94 -42.15
C SER O 193 7.49 -70.66 -42.49
N SER O 194 7.66 -70.40 -43.79
CA SER O 194 8.33 -69.20 -44.26
C SER O 194 7.56 -68.56 -45.40
N ARG O 195 7.81 -67.26 -45.64
CA ARG O 195 7.17 -66.51 -46.71
C ARG O 195 8.18 -65.69 -47.48
N LEU O 196 8.07 -65.69 -48.81
CA LEU O 196 8.87 -64.82 -49.67
C LEU O 196 7.94 -64.08 -50.61
N ARG O 197 7.85 -62.75 -50.43
CA ARG O 197 6.99 -61.93 -51.28
C ARG O 197 7.81 -61.18 -52.29
N VAL O 198 7.33 -61.17 -53.54
CA VAL O 198 7.98 -60.49 -54.65
C VAL O 198 6.92 -59.64 -55.38
N SER O 199 7.34 -58.87 -56.39
CA SER O 199 6.40 -58.11 -57.20
C SER O 199 5.72 -59.06 -58.17
N ALA O 200 4.48 -58.72 -58.62
CA ALA O 200 3.73 -59.54 -59.58
C ALA O 200 4.57 -59.78 -60.83
N THR O 201 5.29 -58.73 -61.26
CA THR O 201 6.19 -58.77 -62.42
C THR O 201 7.35 -59.77 -62.19
N PHE O 202 8.05 -59.66 -61.03
CA PHE O 202 9.18 -60.54 -60.69
C PHE O 202 8.83 -62.02 -60.78
N TRP O 203 7.67 -62.42 -60.21
CA TRP O 203 7.22 -63.81 -60.26
C TRP O 203 6.89 -64.24 -61.69
N GLN O 204 6.35 -63.30 -62.50
CA GLN O 204 5.95 -63.61 -63.89
C GLN O 204 7.11 -63.89 -64.83
N ASN O 205 8.33 -63.37 -64.53
CA ASN O 205 9.51 -63.66 -65.35
C ASN O 205 9.94 -65.11 -65.11
N PRO O 206 9.90 -65.99 -66.15
CA PRO O 206 10.24 -67.40 -65.93
C PRO O 206 11.71 -67.68 -65.71
N ARG O 207 12.57 -66.65 -65.84
CA ARG O 207 14.01 -66.78 -65.65
C ARG O 207 14.38 -66.66 -64.17
N ASN O 208 13.38 -66.38 -63.32
CA ASN O 208 13.58 -66.26 -61.88
C ASN O 208 13.33 -67.58 -61.18
N HIS O 209 14.39 -68.21 -60.72
CA HIS O 209 14.34 -69.50 -60.03
C HIS O 209 14.28 -69.26 -58.54
N PHE O 210 13.30 -69.87 -57.87
CA PHE O 210 13.11 -69.74 -56.44
C PHE O 210 13.39 -71.06 -55.77
N ARG O 211 14.20 -71.05 -54.70
CA ARG O 211 14.54 -72.25 -53.96
C ARG O 211 14.48 -72.01 -52.47
N CYS O 212 13.58 -72.71 -51.78
CA CYS O 212 13.53 -72.67 -50.32
C CYS O 212 14.46 -73.74 -49.82
N GLN O 213 15.25 -73.42 -48.81
CA GLN O 213 16.23 -74.34 -48.31
C GLN O 213 16.14 -74.49 -46.80
N VAL O 214 16.05 -75.73 -46.32
CA VAL O 214 15.98 -76.03 -44.90
C VAL O 214 17.23 -76.79 -44.52
N GLN O 215 17.90 -76.37 -43.44
CA GLN O 215 19.12 -77.03 -43.00
C GLN O 215 18.84 -77.70 -41.68
N PHE O 216 19.10 -79.00 -41.61
CA PHE O 216 18.89 -79.76 -40.38
C PHE O 216 20.20 -80.11 -39.74
N TYR O 217 20.23 -80.10 -38.40
CA TYR O 217 21.42 -80.45 -37.63
C TYR O 217 21.17 -81.73 -36.82
N GLY O 218 21.33 -82.87 -37.50
CA GLY O 218 21.08 -84.20 -36.95
C GLY O 218 22.24 -84.89 -36.26
N LEU O 219 22.29 -86.24 -36.37
CA LEU O 219 23.28 -87.13 -35.74
C LEU O 219 24.72 -86.97 -36.28
N SER O 220 25.68 -87.69 -35.66
CA SER O 220 27.11 -87.62 -35.97
C SER O 220 27.71 -88.96 -36.46
N GLU O 221 29.06 -89.04 -36.56
CA GLU O 221 29.83 -90.21 -36.95
C GLU O 221 29.69 -91.32 -35.89
N ASN O 222 29.90 -90.94 -34.60
CA ASN O 222 29.82 -91.81 -33.42
C ASN O 222 28.43 -92.45 -33.30
N ASP O 223 27.37 -91.69 -33.66
CA ASP O 223 25.97 -92.11 -33.57
C ASP O 223 25.68 -93.34 -34.44
N GLU O 224 24.94 -94.31 -33.88
CA GLU O 224 24.59 -95.55 -34.56
C GLU O 224 23.08 -95.68 -34.76
N TRP O 225 22.67 -95.98 -36.01
CA TRP O 225 21.26 -96.14 -36.40
C TRP O 225 20.88 -97.63 -36.46
N THR O 226 20.00 -98.06 -35.53
CA THR O 226 19.56 -99.46 -35.43
C THR O 226 18.36 -99.77 -36.33
N GLN O 227 17.53 -98.74 -36.62
CA GLN O 227 16.33 -98.89 -37.45
C GLN O 227 16.69 -99.01 -38.95
N ASP O 228 15.70 -99.39 -39.78
CA ASP O 228 15.92 -99.58 -41.22
C ASP O 228 15.55 -98.37 -42.07
N ARG O 229 15.09 -97.28 -41.45
CA ARG O 229 14.80 -96.02 -42.16
C ARG O 229 16.09 -95.21 -42.32
N ALA O 230 16.01 -94.01 -42.94
CA ALA O 230 17.18 -93.15 -43.17
C ALA O 230 17.75 -92.60 -41.86
N LYS O 231 19.09 -92.56 -41.74
CA LYS O 231 19.78 -92.04 -40.56
C LYS O 231 19.65 -90.50 -40.53
N PRO O 232 18.88 -89.92 -39.57
CA PRO O 232 18.71 -88.46 -39.55
C PRO O 232 19.98 -87.70 -39.18
N VAL O 233 20.82 -87.42 -40.19
CA VAL O 233 22.09 -86.73 -39.98
C VAL O 233 22.05 -85.26 -40.42
N THR O 234 23.09 -84.49 -40.05
CA THR O 234 23.26 -83.09 -40.42
C THR O 234 23.19 -83.00 -41.95
N GLN O 235 22.08 -82.45 -42.48
CA GLN O 235 21.82 -82.40 -43.91
C GLN O 235 21.09 -81.12 -44.34
N ILE O 236 20.88 -80.97 -45.66
CA ILE O 236 20.16 -79.86 -46.26
C ILE O 236 19.01 -80.41 -47.11
N VAL O 237 17.79 -79.91 -46.89
CA VAL O 237 16.61 -80.32 -47.65
C VAL O 237 16.05 -79.10 -48.39
N SER O 238 16.07 -79.15 -49.72
CA SER O 238 15.60 -78.05 -50.56
C SER O 238 14.15 -78.23 -51.01
N ALA O 239 13.71 -77.37 -51.95
CA ALA O 239 12.40 -77.31 -52.60
C ALA O 239 12.46 -76.12 -53.54
N GLU O 240 11.99 -76.29 -54.78
CA GLU O 240 12.08 -75.23 -55.76
C GLU O 240 10.72 -74.69 -56.21
N ALA O 241 10.75 -73.80 -57.22
CA ALA O 241 9.61 -73.16 -57.89
C ALA O 241 10.19 -72.19 -58.90
N TRP O 242 9.56 -72.08 -60.07
CA TRP O 242 10.03 -71.17 -61.11
C TRP O 242 8.98 -70.11 -61.40
N GLY O 243 9.41 -69.03 -62.05
CA GLY O 243 8.52 -67.96 -62.46
C GLY O 243 7.58 -68.43 -63.56
N ARG O 244 6.33 -67.96 -63.54
CA ARG O 244 5.35 -68.41 -64.52
C ARG O 244 4.60 -67.26 -65.17
N ALA O 245 4.67 -67.19 -66.50
CA ALA O 245 4.06 -66.13 -67.32
C ALA O 245 2.53 -66.09 -67.23
N SER P 2 -1.89 -36.74 -49.21
CA SER P 2 -1.67 -35.76 -48.14
C SER P 2 -2.95 -35.44 -47.37
N HIS P 3 -2.80 -35.21 -46.04
CA HIS P 3 -3.90 -34.86 -45.14
C HIS P 3 -3.48 -33.82 -44.11
N SER P 4 -4.45 -33.13 -43.47
CA SER P 4 -4.12 -32.07 -42.50
C SER P 4 -5.14 -31.88 -41.36
N LEU P 5 -4.63 -31.62 -40.14
CA LEU P 5 -5.42 -31.34 -38.93
C LEU P 5 -5.11 -29.91 -38.47
N LYS P 6 -6.01 -28.97 -38.74
CA LYS P 6 -5.78 -27.56 -38.41
C LYS P 6 -6.80 -26.98 -37.46
N TYR P 7 -6.34 -26.13 -36.52
CA TYR P 7 -7.19 -25.44 -35.56
C TYR P 7 -7.02 -23.94 -35.68
N PHE P 8 -8.14 -23.19 -35.65
CA PHE P 8 -8.16 -21.74 -35.78
C PHE P 8 -8.77 -21.09 -34.54
N HIS P 9 -7.91 -20.51 -33.68
CA HIS P 9 -8.31 -19.87 -32.42
C HIS P 9 -8.37 -18.35 -32.56
N THR P 10 -9.43 -17.75 -32.00
CA THR P 10 -9.67 -16.30 -32.06
C THR P 10 -10.10 -15.75 -30.70
N SER P 11 -9.60 -14.56 -30.33
CA SER P 11 -9.97 -13.89 -29.09
C SER P 11 -10.15 -12.39 -29.32
N VAL P 12 -11.37 -11.88 -29.06
CA VAL P 12 -11.69 -10.45 -29.26
C VAL P 12 -12.09 -9.77 -27.93
N SER P 13 -11.33 -8.73 -27.54
CA SER P 13 -11.58 -7.98 -26.31
C SER P 13 -12.82 -7.10 -26.40
N ARG P 14 -13.63 -7.06 -25.32
CA ARG P 14 -14.86 -6.27 -25.26
C ARG P 14 -14.74 -5.09 -24.29
N PRO P 15 -14.57 -3.85 -24.83
CA PRO P 15 -14.42 -2.67 -23.95
C PRO P 15 -15.67 -2.34 -23.14
N GLY P 16 -15.62 -2.65 -21.84
CA GLY P 16 -16.72 -2.39 -20.92
C GLY P 16 -17.44 -3.63 -20.44
N ARG P 17 -17.74 -4.56 -21.37
CA ARG P 17 -18.48 -5.80 -21.09
C ARG P 17 -17.76 -6.72 -20.09
N GLY P 18 -16.44 -6.76 -20.13
CA GLY P 18 -15.65 -7.55 -19.19
C GLY P 18 -14.62 -8.49 -19.77
N GLU P 19 -15.03 -9.75 -20.03
CA GLU P 19 -14.12 -10.80 -20.50
C GLU P 19 -14.26 -11.09 -22.01
N PRO P 20 -13.12 -11.11 -22.74
CA PRO P 20 -13.17 -11.30 -24.21
C PRO P 20 -13.87 -12.56 -24.72
N ARG P 21 -14.42 -12.46 -25.95
CA ARG P 21 -15.06 -13.55 -26.67
C ARG P 21 -13.98 -14.45 -27.27
N PHE P 22 -14.17 -15.77 -27.20
CA PHE P 22 -13.25 -16.75 -27.74
C PHE P 22 -13.94 -17.69 -28.70
N ILE P 23 -13.28 -18.01 -29.82
CA ILE P 23 -13.80 -18.95 -30.81
C ILE P 23 -12.67 -19.83 -31.36
N SER P 24 -12.78 -21.16 -31.13
CA SER P 24 -11.82 -22.14 -31.62
C SER P 24 -12.53 -23.02 -32.65
N VAL P 25 -11.92 -23.19 -33.84
CA VAL P 25 -12.49 -23.94 -34.94
C VAL P 25 -11.53 -25.06 -35.37
N GLY P 26 -12.06 -26.26 -35.53
CA GLY P 26 -11.27 -27.43 -35.95
C GLY P 26 -11.59 -27.90 -37.35
N TYR P 27 -10.55 -28.16 -38.16
CA TYR P 27 -10.68 -28.61 -39.54
C TYR P 27 -9.77 -29.79 -39.87
N VAL P 28 -10.34 -30.84 -40.49
CA VAL P 28 -9.59 -31.97 -41.06
C VAL P 28 -9.72 -31.76 -42.56
N ASP P 29 -8.59 -31.37 -43.21
CA ASP P 29 -8.56 -30.98 -44.63
C ASP P 29 -9.51 -29.78 -44.78
N ASP P 30 -10.62 -29.93 -45.53
CA ASP P 30 -11.59 -28.84 -45.68
C ASP P 30 -12.88 -29.07 -44.87
N THR P 31 -12.96 -30.18 -44.11
CA THR P 31 -14.13 -30.50 -43.30
C THR P 31 -13.99 -30.00 -41.85
N GLN P 32 -14.98 -29.19 -41.39
CA GLN P 32 -15.05 -28.69 -40.01
C GLN P 32 -15.60 -29.82 -39.13
N PHE P 33 -14.98 -30.06 -37.96
CA PHE P 33 -15.39 -31.18 -37.12
C PHE P 33 -15.71 -30.78 -35.67
N VAL P 34 -15.06 -29.73 -35.14
CA VAL P 34 -15.30 -29.24 -33.77
C VAL P 34 -15.38 -27.72 -33.74
N ARG P 35 -16.04 -27.17 -32.69
CA ARG P 35 -16.14 -25.71 -32.48
C ARG P 35 -16.22 -25.35 -31.00
N PHE P 36 -15.92 -24.08 -30.68
CA PHE P 36 -15.99 -23.58 -29.31
C PHE P 36 -16.34 -22.09 -29.33
N ASP P 37 -17.32 -21.69 -28.50
CA ASP P 37 -17.75 -20.30 -28.40
C ASP P 37 -18.30 -20.02 -27.01
N ASN P 38 -17.72 -19.01 -26.34
CA ASN P 38 -18.15 -18.61 -24.99
C ASN P 38 -19.42 -17.77 -24.99
N ASP P 39 -19.57 -16.86 -25.98
CA ASP P 39 -20.75 -16.02 -26.14
C ASP P 39 -22.01 -16.83 -26.42
N ALA P 40 -21.86 -17.95 -27.15
CA ALA P 40 -22.93 -18.87 -27.56
C ALA P 40 -23.73 -19.48 -26.40
N ALA P 41 -24.92 -20.03 -26.72
CA ALA P 41 -25.85 -20.69 -25.79
C ALA P 41 -25.25 -21.97 -25.18
N SER P 42 -24.08 -22.41 -25.69
CA SER P 42 -23.36 -23.58 -25.19
C SER P 42 -21.86 -23.22 -24.99
N PRO P 43 -21.38 -23.08 -23.73
CA PRO P 43 -19.95 -22.74 -23.52
C PRO P 43 -19.06 -23.98 -23.51
N ARG P 44 -19.26 -24.89 -24.48
CA ARG P 44 -18.53 -26.16 -24.58
C ARG P 44 -18.02 -26.44 -26.00
N MET P 45 -17.17 -27.48 -26.14
CA MET P 45 -16.66 -27.95 -27.43
C MET P 45 -17.75 -28.84 -28.03
N VAL P 46 -18.34 -28.42 -29.16
CA VAL P 46 -19.43 -29.18 -29.80
C VAL P 46 -19.05 -29.68 -31.21
N PRO P 47 -19.62 -30.82 -31.67
CA PRO P 47 -19.29 -31.32 -33.02
C PRO P 47 -19.82 -30.44 -34.15
N ARG P 48 -19.17 -30.49 -35.32
CA ARG P 48 -19.57 -29.75 -36.51
C ARG P 48 -19.56 -30.65 -37.75
N ALA P 49 -19.42 -31.97 -37.51
CA ALA P 49 -19.42 -33.00 -38.54
C ALA P 49 -20.16 -34.24 -38.02
N PRO P 50 -21.07 -34.85 -38.83
CA PRO P 50 -21.84 -36.01 -38.33
C PRO P 50 -21.01 -37.23 -37.95
N TRP P 51 -19.71 -37.25 -38.29
CA TRP P 51 -18.81 -38.34 -37.93
C TRP P 51 -18.11 -38.11 -36.57
N MET P 52 -18.43 -36.98 -35.91
CA MET P 52 -17.92 -36.62 -34.59
C MET P 52 -19.02 -36.75 -33.54
N GLU P 53 -20.28 -37.00 -34.00
CA GLU P 53 -21.49 -37.13 -33.17
C GLU P 53 -21.26 -37.93 -31.90
N GLN P 54 -21.15 -39.26 -32.00
CA GLN P 54 -20.90 -40.07 -30.83
C GLN P 54 -19.52 -40.70 -30.87
N GLU P 55 -18.55 -39.97 -30.30
CA GLU P 55 -17.16 -40.40 -30.17
C GLU P 55 -16.95 -40.90 -28.73
N GLY P 56 -17.40 -40.09 -27.77
CA GLY P 56 -17.32 -40.39 -26.34
C GLY P 56 -17.54 -39.17 -25.47
N SER P 57 -17.66 -39.38 -24.15
CA SER P 57 -17.83 -38.30 -23.16
C SER P 57 -16.48 -37.79 -22.65
N GLU P 58 -15.48 -38.69 -22.54
N GLU P 58 -15.49 -38.70 -22.57
CA GLU P 58 -14.12 -38.34 -22.09
CA GLU P 58 -14.10 -38.46 -22.15
C GLU P 58 -13.51 -37.29 -23.03
C GLU P 58 -13.46 -37.38 -23.05
N TYR P 59 -13.83 -37.37 -24.34
CA TYR P 59 -13.34 -36.44 -25.36
C TYR P 59 -13.82 -35.00 -25.16
N TRP P 60 -15.16 -34.75 -25.24
CA TRP P 60 -15.75 -33.42 -25.14
C TRP P 60 -15.40 -32.66 -23.87
N ASP P 61 -15.27 -33.37 -22.73
CA ASP P 61 -14.91 -32.74 -21.47
C ASP P 61 -13.46 -32.29 -21.49
N ARG P 62 -12.53 -33.18 -21.90
CA ARG P 62 -11.10 -32.89 -22.04
C ARG P 62 -10.86 -31.70 -22.97
N GLU P 63 -11.60 -31.66 -24.10
CA GLU P 63 -11.49 -30.63 -25.14
C GLU P 63 -11.99 -29.27 -24.69
N THR P 64 -13.15 -29.22 -24.02
CA THR P 64 -13.71 -27.97 -23.48
C THR P 64 -12.72 -27.41 -22.45
N ARG P 65 -12.21 -28.29 -21.56
CA ARG P 65 -11.21 -27.95 -20.54
C ARG P 65 -9.99 -27.26 -21.15
N SER P 66 -9.42 -27.84 -22.24
CA SER P 66 -8.25 -27.29 -22.92
C SER P 66 -8.53 -25.95 -23.59
N ALA P 67 -9.68 -25.82 -24.28
CA ALA P 67 -10.08 -24.58 -24.94
C ALA P 67 -10.37 -23.45 -23.92
N ARG P 68 -11.03 -23.80 -22.79
CA ARG P 68 -11.37 -22.87 -21.69
C ARG P 68 -10.10 -22.26 -21.11
N ASP P 69 -9.08 -23.11 -20.87
CA ASP P 69 -7.80 -22.68 -20.32
C ASP P 69 -7.00 -21.84 -21.30
N THR P 70 -7.14 -22.12 -22.63
CA THR P 70 -6.49 -21.34 -23.68
C THR P 70 -7.06 -19.92 -23.66
N ALA P 71 -8.40 -19.81 -23.59
CA ALA P 71 -9.11 -18.53 -23.54
C ALA P 71 -8.70 -17.71 -22.32
N GLN P 72 -8.55 -18.38 -21.16
CA GLN P 72 -8.14 -17.75 -19.89
C GLN P 72 -6.78 -17.07 -20.02
N ILE P 73 -5.83 -17.75 -20.68
CA ILE P 73 -4.48 -17.24 -20.93
C ILE P 73 -4.54 -16.06 -21.91
N PHE P 74 -5.32 -16.22 -22.99
CA PHE P 74 -5.49 -15.20 -24.03
C PHE P 74 -6.01 -13.85 -23.49
N ARG P 75 -6.87 -13.88 -22.45
CA ARG P 75 -7.39 -12.66 -21.81
C ARG P 75 -6.24 -11.86 -21.19
N VAL P 76 -5.31 -12.57 -20.51
CA VAL P 76 -4.13 -11.98 -19.89
C VAL P 76 -3.17 -11.48 -20.98
N ASN P 77 -2.97 -12.31 -22.02
CA ASN P 77 -2.09 -12.00 -23.14
C ASN P 77 -2.47 -10.71 -23.85
N LEU P 78 -3.78 -10.42 -23.95
CA LEU P 78 -4.27 -9.19 -24.58
C LEU P 78 -3.80 -7.95 -23.81
N ARG P 79 -3.89 -7.97 -22.46
CA ARG P 79 -3.42 -6.87 -21.60
C ARG P 79 -1.89 -6.70 -21.72
N THR P 80 -1.17 -7.83 -21.91
CA THR P 80 0.28 -7.84 -22.10
C THR P 80 0.62 -7.20 -23.45
N LEU P 81 -0.19 -7.49 -24.49
CA LEU P 81 -0.03 -6.92 -25.83
C LEU P 81 -0.37 -5.44 -25.86
N ARG P 82 -1.36 -5.03 -25.03
CA ARG P 82 -1.80 -3.65 -24.87
C ARG P 82 -0.67 -2.80 -24.27
N GLY P 83 0.11 -3.41 -23.37
CA GLY P 83 1.26 -2.77 -22.73
C GLY P 83 2.46 -2.68 -23.65
N TYR P 84 2.56 -3.61 -24.63
CA TYR P 84 3.64 -3.62 -25.62
C TYR P 84 3.45 -2.49 -26.62
N TYR P 85 2.18 -2.17 -26.96
CA TYR P 85 1.82 -1.14 -27.93
C TYR P 85 1.14 0.09 -27.31
N ASN P 86 1.32 0.29 -25.98
CA ASN P 86 0.80 1.44 -25.20
C ASN P 86 -0.66 1.82 -25.52
N GLN P 87 -1.47 0.83 -25.95
CA GLN P 87 -2.86 1.04 -26.35
C GLN P 87 -3.79 1.40 -25.19
N SER P 88 -4.93 2.05 -25.50
CA SER P 88 -5.96 2.50 -24.56
C SER P 88 -6.51 1.35 -23.72
N GLU P 89 -6.82 1.62 -22.43
CA GLU P 89 -7.37 0.63 -21.48
C GLU P 89 -8.74 0.08 -21.94
N ALA P 90 -9.29 0.64 -23.04
CA ALA P 90 -10.55 0.22 -23.68
C ALA P 90 -10.39 0.27 -25.21
N GLY P 91 -10.42 -0.91 -25.83
CA GLY P 91 -10.29 -1.06 -27.28
C GLY P 91 -10.48 -2.51 -27.72
N SER P 92 -11.27 -2.72 -28.78
CA SER P 92 -11.55 -4.07 -29.29
C SER P 92 -10.41 -4.59 -30.16
N HIS P 93 -9.51 -5.38 -29.56
CA HIS P 93 -8.34 -5.94 -30.21
C HIS P 93 -8.45 -7.45 -30.37
N THR P 94 -8.08 -7.96 -31.56
CA THR P 94 -8.19 -9.38 -31.88
C THR P 94 -6.83 -10.10 -31.90
N LEU P 95 -6.70 -11.16 -31.08
CA LEU P 95 -5.51 -12.02 -31.05
C LEU P 95 -5.90 -13.38 -31.64
N GLN P 96 -5.18 -13.82 -32.68
CA GLN P 96 -5.48 -15.09 -33.34
C GLN P 96 -4.32 -16.07 -33.23
N TRP P 97 -4.64 -17.37 -33.18
CA TRP P 97 -3.64 -18.43 -33.07
C TRP P 97 -4.04 -19.59 -33.97
N MET P 98 -3.15 -19.95 -34.91
CA MET P 98 -3.40 -21.04 -35.83
C MET P 98 -2.31 -22.10 -35.78
N HIS P 99 -2.70 -23.36 -35.55
CA HIS P 99 -1.80 -24.50 -35.50
C HIS P 99 -2.34 -25.65 -36.35
N GLY P 100 -1.42 -26.45 -36.89
CA GLY P 100 -1.79 -27.58 -37.72
C GLY P 100 -0.62 -28.46 -38.13
N CYS P 101 -0.91 -29.75 -38.35
CA CYS P 101 0.09 -30.72 -38.81
C CYS P 101 -0.39 -31.39 -40.10
N GLU P 102 0.55 -31.71 -41.00
CA GLU P 102 0.26 -32.33 -42.30
C GLU P 102 0.87 -33.73 -42.44
N LEU P 103 0.20 -34.63 -43.19
CA LEU P 103 0.67 -35.98 -43.46
C LEU P 103 1.14 -36.12 -44.91
N GLY P 104 2.23 -36.87 -45.10
CA GLY P 104 2.77 -37.16 -46.43
C GLY P 104 1.96 -38.21 -47.17
N PRO P 105 2.36 -38.60 -48.41
CA PRO P 105 1.58 -39.63 -49.13
C PRO P 105 1.71 -41.02 -48.49
N ASP P 106 2.77 -41.20 -47.68
CA ASP P 106 3.11 -42.41 -46.96
C ASP P 106 2.49 -42.41 -45.54
N ARG P 107 1.62 -41.43 -45.26
CA ARG P 107 0.93 -41.30 -43.98
C ARG P 107 1.84 -40.97 -42.82
N ARG P 108 2.94 -40.24 -43.08
CA ARG P 108 3.90 -39.83 -42.05
C ARG P 108 4.04 -38.31 -42.00
N PHE P 109 4.27 -37.77 -40.78
CA PHE P 109 4.40 -36.33 -40.50
C PHE P 109 5.24 -35.57 -41.55
N LEU P 110 4.57 -34.76 -42.38
CA LEU P 110 5.22 -33.94 -43.39
C LEU P 110 5.75 -32.68 -42.73
N ARG P 111 4.87 -31.71 -42.45
CA ARG P 111 5.26 -30.45 -41.82
C ARG P 111 4.27 -30.00 -40.73
N GLY P 112 4.77 -29.17 -39.83
CA GLY P 112 3.99 -28.59 -38.75
C GLY P 112 4.15 -27.09 -38.74
N TYR P 113 3.05 -26.38 -38.51
CA TYR P 113 3.10 -24.93 -38.44
C TYR P 113 2.31 -24.36 -37.28
N GLU P 114 2.74 -23.20 -36.79
CA GLU P 114 2.14 -22.50 -35.67
C GLU P 114 2.43 -21.01 -35.80
N GLN P 115 1.41 -20.16 -35.62
CA GLN P 115 1.55 -18.71 -35.76
C GLN P 115 0.63 -17.92 -34.83
N PHE P 116 1.06 -16.71 -34.44
CA PHE P 116 0.32 -15.77 -33.60
C PHE P 116 0.18 -14.44 -34.33
N ALA P 117 -0.92 -13.71 -34.12
CA ALA P 117 -1.14 -12.40 -34.75
C ALA P 117 -2.00 -11.47 -33.93
N TYR P 118 -1.53 -10.22 -33.79
CA TYR P 118 -2.24 -9.18 -33.06
C TYR P 118 -2.86 -8.20 -34.05
N ASP P 119 -4.18 -7.96 -33.90
CA ASP P 119 -4.98 -7.06 -34.75
C ASP P 119 -4.84 -7.37 -36.26
N GLY P 120 -4.87 -8.67 -36.60
CA GLY P 120 -4.76 -9.14 -37.97
C GLY P 120 -3.40 -8.92 -38.61
N LYS P 121 -2.34 -8.86 -37.78
CA LYS P 121 -0.98 -8.65 -38.26
C LYS P 121 -0.01 -9.62 -37.59
N ASP P 122 0.81 -10.33 -38.41
CA ASP P 122 1.82 -11.32 -37.98
C ASP P 122 2.56 -10.87 -36.71
N TYR P 123 2.50 -11.69 -35.65
CA TYR P 123 3.16 -11.38 -34.38
C TYR P 123 4.29 -12.37 -34.10
N LEU P 124 3.95 -13.65 -33.91
CA LEU P 124 4.94 -14.69 -33.62
C LEU P 124 4.76 -15.89 -34.56
N THR P 125 5.86 -16.63 -34.81
CA THR P 125 5.86 -17.77 -35.74
C THR P 125 6.84 -18.84 -35.28
N LEU P 126 6.42 -20.12 -35.34
CA LEU P 126 7.31 -21.25 -35.03
C LEU P 126 8.09 -21.62 -36.28
N ASN P 127 9.41 -21.76 -36.16
CA ASN P 127 10.28 -22.09 -37.28
C ASN P 127 10.15 -23.55 -37.72
N GLU P 128 10.58 -23.85 -38.97
CA GLU P 128 10.52 -25.18 -39.58
C GLU P 128 11.26 -26.26 -38.79
N ASP P 129 12.32 -25.86 -38.06
CA ASP P 129 13.11 -26.76 -37.21
C ASP P 129 12.32 -27.20 -35.95
N LEU P 130 11.16 -26.52 -35.67
CA LEU P 130 10.26 -26.78 -34.54
C LEU P 130 10.96 -26.65 -33.18
N ARG P 131 12.01 -25.82 -33.11
CA ARG P 131 12.81 -25.64 -31.89
C ARG P 131 12.92 -24.17 -31.46
N SER P 132 12.65 -23.22 -32.38
CA SER P 132 12.76 -21.79 -32.07
C SER P 132 11.57 -20.96 -32.57
N TRP P 133 11.34 -19.80 -31.91
CA TRP P 133 10.29 -18.85 -32.27
C TRP P 133 10.93 -17.61 -32.90
N THR P 134 10.30 -17.05 -33.95
CA THR P 134 10.82 -15.85 -34.63
C THR P 134 9.78 -14.73 -34.62
N ALA P 135 10.15 -13.59 -34.02
CA ALA P 135 9.29 -12.42 -33.91
C ALA P 135 9.20 -11.65 -35.21
N VAL P 136 8.07 -10.97 -35.43
CA VAL P 136 7.81 -10.20 -36.65
C VAL P 136 8.03 -8.68 -36.41
N ASP P 137 7.45 -8.12 -35.33
CA ASP P 137 7.58 -6.69 -35.00
C ASP P 137 8.63 -6.44 -33.89
N THR P 138 8.86 -5.15 -33.55
CA THR P 138 9.80 -4.69 -32.52
C THR P 138 9.36 -5.11 -31.11
N ALA P 139 8.04 -5.01 -30.82
CA ALA P 139 7.47 -5.37 -29.52
C ALA P 139 7.21 -6.89 -29.41
N ALA P 140 7.25 -7.59 -30.56
CA ALA P 140 7.03 -9.04 -30.62
C ALA P 140 8.22 -9.86 -30.13
N GLN P 141 9.43 -9.24 -30.09
CA GLN P 141 10.68 -9.90 -29.67
C GLN P 141 10.78 -10.13 -28.16
N ILE P 142 9.98 -9.41 -27.36
CA ILE P 142 9.95 -9.57 -25.91
C ILE P 142 9.40 -10.96 -25.58
N SER P 143 8.25 -11.31 -26.17
CA SER P 143 7.59 -12.61 -26.03
C SER P 143 8.42 -13.72 -26.70
N GLU P 144 9.20 -13.35 -27.74
CA GLU P 144 10.06 -14.27 -28.50
C GLU P 144 11.14 -14.92 -27.62
N GLN P 145 11.80 -14.12 -26.77
CA GLN P 145 12.82 -14.66 -25.87
C GLN P 145 12.22 -15.34 -24.65
N LYS P 146 11.09 -14.81 -24.13
CA LYS P 146 10.38 -15.41 -22.99
C LYS P 146 9.97 -16.87 -23.30
N SER P 147 9.52 -17.13 -24.55
CA SER P 147 9.10 -18.45 -25.02
C SER P 147 10.30 -19.37 -25.26
N ASN P 148 11.38 -18.84 -25.87
CA ASN P 148 12.61 -19.60 -26.18
C ASN P 148 13.41 -19.96 -24.93
N ASP P 149 13.54 -19.02 -23.97
CA ASP P 149 14.28 -19.24 -22.71
C ASP P 149 13.56 -20.25 -21.82
N ALA P 150 12.21 -20.20 -21.81
CA ALA P 150 11.38 -21.15 -21.05
C ALA P 150 11.22 -22.48 -21.82
N SER P 151 11.84 -22.57 -23.03
CA SER P 151 11.82 -23.74 -23.93
C SER P 151 10.39 -24.24 -24.22
N GLU P 152 9.50 -23.28 -24.56
CA GLU P 152 8.10 -23.53 -24.88
C GLU P 152 7.94 -24.29 -26.19
N ALA P 153 8.90 -24.10 -27.12
CA ALA P 153 8.90 -24.72 -28.44
C ALA P 153 8.85 -26.25 -28.38
N GLU P 154 9.55 -26.86 -27.40
CA GLU P 154 9.60 -28.32 -27.20
C GLU P 154 8.21 -28.92 -26.88
N HIS P 155 7.32 -28.13 -26.24
CA HIS P 155 5.97 -28.55 -25.90
C HIS P 155 5.08 -28.64 -27.15
N GLN P 156 5.18 -27.63 -28.04
CA GLN P 156 4.40 -27.56 -29.28
C GLN P 156 4.93 -28.57 -30.29
N ARG P 157 6.27 -28.77 -30.31
CA ARG P 157 6.95 -29.73 -31.18
C ARG P 157 6.37 -31.11 -30.90
N ALA P 158 6.34 -31.50 -29.62
CA ALA P 158 5.78 -32.75 -29.13
C ALA P 158 4.31 -32.89 -29.51
N TYR P 159 3.56 -31.77 -29.53
CA TYR P 159 2.16 -31.79 -29.93
C TYR P 159 2.02 -32.05 -31.44
N LEU P 160 2.81 -31.36 -32.27
CA LEU P 160 2.69 -31.52 -33.73
C LEU P 160 3.29 -32.82 -34.25
N GLU P 161 4.56 -33.11 -33.91
CA GLU P 161 5.29 -34.31 -34.35
C GLU P 161 4.70 -35.63 -33.86
N ASP P 162 3.98 -35.61 -32.71
CA ASP P 162 3.45 -36.84 -32.10
C ASP P 162 1.93 -36.84 -31.89
N THR P 163 1.40 -35.90 -31.06
CA THR P 163 -0.02 -35.82 -30.68
C THR P 163 -0.97 -35.60 -31.88
N CYS P 164 -0.81 -34.46 -32.59
CA CYS P 164 -1.60 -34.02 -33.74
C CYS P 164 -1.69 -35.13 -34.80
N VAL P 165 -0.52 -35.70 -35.16
CA VAL P 165 -0.36 -36.78 -36.15
C VAL P 165 -1.19 -38.01 -35.75
N GLU P 166 -0.99 -38.51 -34.50
CA GLU P 166 -1.71 -39.66 -33.94
C GLU P 166 -3.22 -39.46 -34.06
N TRP P 167 -3.70 -38.28 -33.63
CA TRP P 167 -5.11 -37.92 -33.66
C TRP P 167 -5.64 -37.72 -35.08
N LEU P 168 -4.79 -37.28 -36.01
CA LEU P 168 -5.18 -37.08 -37.40
C LEU P 168 -5.57 -38.40 -38.06
N HIS P 169 -4.74 -39.46 -37.87
CA HIS P 169 -5.04 -40.81 -38.40
C HIS P 169 -6.37 -41.27 -37.81
N LYS P 170 -6.53 -41.10 -36.47
CA LYS P 170 -7.73 -41.45 -35.71
C LYS P 170 -8.97 -40.80 -36.31
N TYR P 171 -9.01 -39.44 -36.35
CA TYR P 171 -10.13 -38.67 -36.92
C TYR P 171 -10.46 -39.14 -38.32
N LEU P 172 -9.43 -39.39 -39.14
CA LEU P 172 -9.60 -39.85 -40.51
C LEU P 172 -10.26 -41.21 -40.57
N GLU P 173 -9.89 -42.13 -39.64
CA GLU P 173 -10.49 -43.48 -39.55
C GLU P 173 -11.95 -43.40 -39.08
N LYS P 174 -12.23 -42.53 -38.08
CA LYS P 174 -13.57 -42.31 -37.53
C LYS P 174 -14.56 -41.88 -38.62
N GLY P 175 -14.12 -40.97 -39.49
CA GLY P 175 -14.94 -40.47 -40.60
C GLY P 175 -14.37 -40.82 -41.96
N LYS P 176 -13.79 -42.04 -42.10
CA LYS P 176 -13.17 -42.55 -43.33
C LYS P 176 -14.08 -42.54 -44.55
N GLU P 177 -15.40 -42.74 -44.34
CA GLU P 177 -16.40 -42.79 -45.41
C GLU P 177 -16.48 -41.48 -46.22
N THR P 178 -16.55 -40.33 -45.54
CA THR P 178 -16.66 -39.02 -46.19
C THR P 178 -15.31 -38.34 -46.45
N LEU P 179 -14.35 -38.47 -45.51
CA LEU P 179 -13.03 -37.83 -45.60
C LEU P 179 -12.19 -38.32 -46.77
N LEU P 180 -12.19 -39.64 -47.03
CA LEU P 180 -11.42 -40.21 -48.13
C LEU P 180 -12.14 -40.15 -49.49
N HIS P 181 -13.47 -39.94 -49.47
CA HIS P 181 -14.27 -39.85 -50.70
C HIS P 181 -14.04 -38.52 -51.42
N LEU P 182 -13.72 -38.59 -52.72
CA LEU P 182 -13.51 -37.41 -53.57
C LEU P 182 -14.75 -37.18 -54.43
N GLU P 183 -15.23 -35.93 -54.48
CA GLU P 183 -16.41 -35.58 -55.27
C GLU P 183 -16.03 -34.60 -56.39
N PRO P 184 -15.91 -35.09 -57.66
CA PRO P 184 -15.59 -34.16 -58.76
C PRO P 184 -16.73 -33.18 -59.03
N PRO P 185 -16.44 -31.94 -59.50
CA PRO P 185 -17.51 -30.95 -59.67
C PRO P 185 -18.51 -31.17 -60.80
N LYS P 186 -19.50 -30.27 -60.91
CA LYS P 186 -20.54 -30.22 -61.95
C LYS P 186 -20.08 -29.19 -62.99
N THR P 187 -20.01 -29.58 -64.28
CA THR P 187 -19.50 -28.69 -65.33
C THR P 187 -20.55 -28.33 -66.39
N HIS P 188 -20.68 -27.03 -66.67
CA HIS P 188 -21.57 -26.43 -67.69
C HIS P 188 -21.21 -24.96 -67.92
N VAL P 189 -21.39 -24.47 -69.15
CA VAL P 189 -21.09 -23.07 -69.50
C VAL P 189 -22.41 -22.36 -69.89
N THR P 190 -22.66 -21.17 -69.30
CA THR P 190 -23.88 -20.40 -69.53
C THR P 190 -23.65 -19.14 -70.38
N HIS P 191 -24.67 -18.74 -71.17
CA HIS P 191 -24.64 -17.55 -72.02
C HIS P 191 -24.90 -16.29 -71.20
N HIS P 192 -24.03 -15.28 -71.33
CA HIS P 192 -24.18 -14.02 -70.60
C HIS P 192 -23.97 -12.78 -71.49
N PRO P 193 -25.07 -12.12 -71.94
CA PRO P 193 -24.90 -10.91 -72.77
C PRO P 193 -24.78 -9.63 -71.94
N ILE P 194 -24.06 -8.62 -72.47
CA ILE P 194 -23.87 -7.32 -71.80
C ILE P 194 -24.49 -6.20 -72.65
N SER P 195 -23.97 -6.04 -73.88
CA SER P 195 -24.42 -5.05 -74.85
C SER P 195 -24.29 -5.63 -76.27
N ASP P 196 -24.19 -4.77 -77.30
CA ASP P 196 -24.08 -5.21 -78.69
C ASP P 196 -22.66 -5.56 -79.13
N HIS P 197 -21.64 -4.83 -78.61
CA HIS P 197 -20.25 -5.03 -79.00
C HIS P 197 -19.42 -5.90 -78.04
N GLU P 198 -19.82 -6.00 -76.76
CA GLU P 198 -19.09 -6.82 -75.77
C GLU P 198 -20.01 -7.73 -74.93
N ALA P 199 -19.48 -8.91 -74.53
CA ALA P 199 -20.21 -9.91 -73.72
C ALA P 199 -19.24 -10.69 -72.79
N THR P 200 -19.80 -11.62 -71.96
CA THR P 200 -19.00 -12.45 -71.02
C THR P 200 -19.37 -13.93 -71.10
N LEU P 201 -18.37 -14.80 -70.89
CA LEU P 201 -18.55 -16.26 -70.88
C LEU P 201 -18.32 -16.78 -69.46
N ARG P 202 -19.37 -17.35 -68.83
CA ARG P 202 -19.29 -17.85 -67.45
C ARG P 202 -19.10 -19.36 -67.38
N CYS P 203 -17.93 -19.80 -66.88
CA CYS P 203 -17.57 -21.20 -66.69
C CYS P 203 -18.02 -21.62 -65.29
N TRP P 204 -18.78 -22.73 -65.17
CA TRP P 204 -19.31 -23.15 -63.86
C TRP P 204 -18.77 -24.48 -63.35
N ALA P 205 -18.16 -24.46 -62.15
CA ALA P 205 -17.65 -25.64 -61.43
C ALA P 205 -18.28 -25.63 -60.03
N LEU P 206 -19.25 -26.52 -59.79
CA LEU P 206 -20.00 -26.55 -58.53
C LEU P 206 -20.01 -27.92 -57.83
N GLY P 207 -20.00 -27.89 -56.50
CA GLY P 207 -20.05 -29.09 -55.66
C GLY P 207 -18.83 -29.97 -55.71
N PHE P 208 -17.68 -29.48 -55.21
CA PHE P 208 -16.44 -30.25 -55.24
C PHE P 208 -15.72 -30.34 -53.88
N TYR P 209 -15.08 -31.50 -53.62
CA TYR P 209 -14.30 -31.77 -52.42
C TYR P 209 -13.10 -32.68 -52.78
N PRO P 210 -11.83 -32.27 -52.52
CA PRO P 210 -11.37 -31.03 -51.85
C PRO P 210 -11.61 -29.74 -52.65
N ALA P 211 -11.37 -28.58 -52.00
CA ALA P 211 -11.59 -27.26 -52.58
C ALA P 211 -10.55 -26.82 -53.62
N GLU P 212 -9.33 -27.43 -53.61
CA GLU P 212 -8.24 -27.08 -54.54
C GLU P 212 -8.62 -27.35 -56.00
N ILE P 213 -8.87 -26.27 -56.75
CA ILE P 213 -9.28 -26.30 -58.15
C ILE P 213 -8.62 -25.14 -58.91
N THR P 214 -8.65 -25.18 -60.26
CA THR P 214 -8.16 -24.13 -61.15
C THR P 214 -8.88 -24.21 -62.51
N LEU P 215 -9.46 -23.09 -62.95
CA LEU P 215 -10.19 -22.98 -64.22
C LEU P 215 -9.46 -21.97 -65.10
N THR P 216 -9.05 -22.40 -66.32
CA THR P 216 -8.29 -21.55 -67.25
C THR P 216 -9.00 -21.29 -68.58
N TRP P 217 -8.77 -20.09 -69.15
CA TRP P 217 -9.32 -19.67 -70.45
C TRP P 217 -8.20 -19.67 -71.51
N GLN P 218 -8.40 -20.40 -72.61
CA GLN P 218 -7.40 -20.49 -73.69
C GLN P 218 -8.01 -20.23 -75.07
N GLN P 219 -7.26 -19.50 -75.93
CA GLN P 219 -7.60 -19.13 -77.33
C GLN P 219 -9.06 -18.73 -77.53
N GLY P 223 -3.63 -19.89 -75.83
CA GLY P 223 -2.96 -19.10 -74.80
C GLY P 223 -3.36 -17.65 -74.80
N HIS P 224 -4.26 -17.27 -73.86
CA HIS P 224 -4.76 -15.89 -73.72
C HIS P 224 -5.18 -15.59 -72.27
N THR P 225 -4.26 -15.00 -71.48
CA THR P 225 -4.49 -14.65 -70.07
C THR P 225 -5.27 -13.32 -69.93
N GLN P 226 -5.40 -12.57 -71.04
CA GLN P 226 -6.12 -11.29 -71.10
C GLN P 226 -7.64 -11.52 -71.04
N ASP P 227 -8.41 -10.46 -70.65
CA ASP P 227 -9.89 -10.42 -70.55
C ASP P 227 -10.47 -11.27 -69.38
N THR P 228 -9.63 -12.11 -68.73
CA THR P 228 -10.05 -13.01 -67.64
C THR P 228 -10.49 -12.28 -66.36
N GLU P 229 -11.52 -12.83 -65.68
CA GLU P 229 -12.09 -12.30 -64.43
C GLU P 229 -12.47 -13.50 -63.53
N LEU P 230 -11.87 -13.58 -62.32
CA LEU P 230 -12.07 -14.70 -61.38
C LEU P 230 -12.62 -14.26 -60.01
N VAL P 231 -13.35 -15.17 -59.32
CA VAL P 231 -13.93 -14.94 -57.98
C VAL P 231 -13.48 -15.99 -56.95
N GLU P 232 -13.68 -15.69 -55.64
CA GLU P 232 -13.32 -16.56 -54.51
C GLU P 232 -14.10 -17.89 -54.50
N THR P 233 -13.47 -18.96 -53.97
CA THR P 233 -14.09 -20.30 -53.87
C THR P 233 -15.12 -20.30 -52.73
N ARG P 234 -16.39 -20.08 -53.08
CA ARG P 234 -17.50 -20.02 -52.11
C ARG P 234 -18.02 -21.40 -51.71
N PRO P 235 -18.30 -21.64 -50.40
CA PRO P 235 -18.83 -22.94 -50.00
C PRO P 235 -20.34 -23.04 -50.22
N ALA P 236 -20.84 -24.23 -50.57
CA ALA P 236 -22.27 -24.45 -50.78
C ALA P 236 -23.01 -24.46 -49.45
N GLY P 237 -22.58 -25.32 -48.53
CA GLY P 237 -23.17 -25.46 -47.20
C GLY P 237 -23.24 -26.89 -46.73
N ASP P 238 -23.47 -27.82 -47.67
CA ASP P 238 -23.56 -29.27 -47.38
C ASP P 238 -22.17 -29.93 -47.23
N GLY P 239 -21.11 -29.17 -47.49
CA GLY P 239 -19.74 -29.63 -47.41
C GLY P 239 -18.99 -29.44 -48.71
N THR P 240 -19.74 -29.18 -49.80
CA THR P 240 -19.21 -28.98 -51.15
C THR P 240 -18.85 -27.51 -51.40
N PHE P 241 -17.95 -27.26 -52.38
CA PHE P 241 -17.51 -25.90 -52.72
C PHE P 241 -17.88 -25.54 -54.17
N GLN P 242 -17.95 -24.22 -54.46
CA GLN P 242 -18.31 -23.67 -55.77
C GLN P 242 -17.34 -22.54 -56.17
N LYS P 243 -17.01 -22.46 -57.48
CA LYS P 243 -16.12 -21.43 -58.02
C LYS P 243 -16.36 -21.24 -59.52
N TRP P 244 -16.66 -20.00 -59.95
CA TRP P 244 -16.87 -19.72 -61.36
C TRP P 244 -15.81 -18.79 -61.95
N ALA P 245 -15.63 -18.83 -63.28
CA ALA P 245 -14.65 -18.01 -64.00
C ALA P 245 -15.28 -17.32 -65.21
N ALA P 246 -15.02 -16.02 -65.35
CA ALA P 246 -15.54 -15.22 -66.47
C ALA P 246 -14.43 -14.66 -67.36
N VAL P 247 -14.78 -14.27 -68.59
CA VAL P 247 -13.86 -13.70 -69.57
C VAL P 247 -14.59 -12.65 -70.44
N VAL P 248 -14.07 -11.40 -70.46
CA VAL P 248 -14.71 -10.29 -71.19
C VAL P 248 -14.26 -10.24 -72.65
N VAL P 249 -14.82 -11.15 -73.48
CA VAL P 249 -14.51 -11.24 -74.91
C VAL P 249 -15.57 -10.43 -75.69
N PRO P 250 -15.18 -9.57 -76.67
CA PRO P 250 -16.19 -8.81 -77.44
C PRO P 250 -17.19 -9.70 -78.17
N SER P 251 -18.47 -9.27 -78.21
CA SER P 251 -19.60 -10.00 -78.81
C SER P 251 -19.37 -10.32 -80.30
N GLY P 252 -19.25 -11.61 -80.60
CA GLY P 252 -19.01 -12.12 -81.95
C GLY P 252 -18.08 -13.32 -81.96
N GLU P 253 -16.76 -13.06 -82.08
CA GLU P 253 -15.73 -14.10 -82.07
C GLU P 253 -15.52 -14.57 -80.62
N GLU P 254 -16.30 -15.59 -80.19
CA GLU P 254 -16.25 -16.10 -78.81
C GLU P 254 -16.24 -17.63 -78.70
N GLN P 255 -16.76 -18.35 -79.73
CA GLN P 255 -16.83 -19.82 -79.72
C GLN P 255 -15.48 -20.53 -79.89
N ARG P 256 -14.42 -19.79 -80.26
CA ARG P 256 -13.07 -20.33 -80.43
C ARG P 256 -12.35 -20.55 -79.08
N TYR P 257 -12.82 -19.86 -78.02
CA TYR P 257 -12.27 -19.95 -76.65
C TYR P 257 -12.64 -21.27 -75.96
N THR P 258 -11.78 -21.72 -75.02
CA THR P 258 -11.97 -22.98 -74.28
C THR P 258 -11.70 -22.80 -72.78
N CYS P 259 -12.52 -23.48 -71.93
CA CYS P 259 -12.39 -23.41 -70.48
C CYS P 259 -11.89 -24.75 -69.89
N HIS P 260 -10.56 -24.84 -69.65
CA HIS P 260 -9.92 -26.05 -69.10
C HIS P 260 -9.96 -26.02 -67.56
N VAL P 261 -10.48 -27.10 -66.94
CA VAL P 261 -10.54 -27.20 -65.48
C VAL P 261 -9.67 -28.36 -64.96
N GLN P 262 -9.04 -28.16 -63.78
CA GLN P 262 -8.21 -29.16 -63.10
C GLN P 262 -8.66 -29.36 -61.66
N HIS P 263 -8.95 -30.61 -61.28
CA HIS P 263 -9.40 -30.97 -59.93
C HIS P 263 -8.80 -32.31 -59.50
N GLU P 264 -8.62 -32.50 -58.17
CA GLU P 264 -8.06 -33.74 -57.59
C GLU P 264 -8.97 -34.96 -57.77
N GLY P 265 -10.25 -34.74 -58.00
CA GLY P 265 -11.23 -35.79 -58.21
C GLY P 265 -11.38 -36.22 -59.65
N LEU P 266 -10.88 -35.41 -60.60
CA LEU P 266 -10.94 -35.71 -62.04
C LEU P 266 -9.74 -36.56 -62.47
N PRO P 267 -9.96 -37.77 -63.07
CA PRO P 267 -8.82 -38.59 -63.51
C PRO P 267 -8.10 -37.97 -64.72
N GLU P 268 -8.86 -37.31 -65.60
CA GLU P 268 -8.34 -36.61 -66.78
C GLU P 268 -8.99 -35.22 -66.87
N PRO P 269 -8.19 -34.13 -66.97
CA PRO P 269 -8.79 -32.77 -67.02
C PRO P 269 -9.83 -32.59 -68.14
N VAL P 270 -10.99 -32.01 -67.81
CA VAL P 270 -12.09 -31.84 -68.75
C VAL P 270 -12.26 -30.35 -69.19
N THR P 271 -12.64 -30.15 -70.46
CA THR P 271 -12.88 -28.84 -71.07
C THR P 271 -14.27 -28.85 -71.71
N LEU P 272 -15.09 -27.82 -71.42
CA LEU P 272 -16.45 -27.73 -71.96
C LEU P 272 -16.72 -26.40 -72.67
N ARG P 273 -17.41 -26.47 -73.82
CA ARG P 273 -17.76 -25.30 -74.65
C ARG P 273 -19.26 -24.98 -74.51
N TRP P 274 -19.67 -23.75 -74.89
CA TRP P 274 -21.07 -23.35 -74.83
C TRP P 274 -21.91 -24.03 -75.91
N LYS P 275 -23.06 -24.60 -75.51
CA LYS P 275 -23.97 -25.34 -76.39
C LYS P 275 -25.04 -24.42 -77.03
N PRO P 276 -25.00 -24.22 -78.37
CA PRO P 276 -26.01 -23.35 -79.01
C PRO P 276 -27.36 -24.04 -79.19
N MET Q 1 -2.95 0.52 -39.18
CA MET Q 1 -3.39 -0.78 -38.68
C MET Q 1 -4.13 -1.58 -39.75
N ILE Q 2 -4.01 -2.93 -39.69
CA ILE Q 2 -4.63 -3.84 -40.65
C ILE Q 2 -6.16 -3.97 -40.41
N GLN Q 3 -6.93 -3.01 -40.95
CA GLN Q 3 -8.39 -3.02 -40.87
C GLN Q 3 -8.97 -3.42 -42.23
N ARG Q 4 -9.06 -4.74 -42.48
CA ARG Q 4 -9.53 -5.33 -43.75
C ARG Q 4 -11.02 -5.05 -44.01
N THR Q 5 -11.40 -4.89 -45.29
CA THR Q 5 -12.78 -4.62 -45.70
C THR Q 5 -13.42 -5.88 -46.36
N PRO Q 6 -14.66 -6.26 -45.96
CA PRO Q 6 -15.28 -7.50 -46.47
C PRO Q 6 -15.55 -7.56 -47.97
N LYS Q 7 -15.67 -8.80 -48.50
CA LYS Q 7 -15.98 -9.10 -49.90
C LYS Q 7 -17.27 -9.94 -49.93
N ILE Q 8 -18.39 -9.29 -50.26
CA ILE Q 8 -19.72 -9.90 -50.24
C ILE Q 8 -20.05 -10.69 -51.52
N GLN Q 9 -20.65 -11.88 -51.36
CA GLN Q 9 -21.08 -12.76 -52.43
C GLN Q 9 -22.38 -13.48 -52.02
N VAL Q 10 -23.50 -13.15 -52.68
CA VAL Q 10 -24.81 -13.79 -52.40
C VAL Q 10 -25.10 -14.81 -53.49
N TYR Q 11 -25.63 -16.00 -53.10
CA TYR Q 11 -25.88 -17.10 -54.03
C TYR Q 11 -26.84 -18.17 -53.48
N SER Q 12 -26.98 -19.28 -54.23
CA SER Q 12 -27.81 -20.42 -53.86
C SER Q 12 -26.92 -21.66 -53.69
N ARG Q 13 -27.38 -22.63 -52.88
CA ARG Q 13 -26.63 -23.87 -52.63
C ARG Q 13 -26.72 -24.80 -53.85
N HIS Q 14 -27.95 -25.11 -54.29
CA HIS Q 14 -28.21 -25.99 -55.43
C HIS Q 14 -28.70 -25.16 -56.66
N PRO Q 15 -28.98 -25.78 -57.85
CA PRO Q 15 -29.40 -24.96 -59.02
C PRO Q 15 -30.69 -24.16 -58.80
N ALA Q 16 -30.77 -22.96 -59.43
CA ALA Q 16 -31.92 -22.06 -59.32
C ALA Q 16 -33.19 -22.64 -59.93
N GLU Q 17 -34.14 -23.03 -59.05
CA GLU Q 17 -35.44 -23.60 -59.45
C GLU Q 17 -36.56 -22.70 -58.91
N ASN Q 18 -37.04 -21.75 -59.75
CA ASN Q 18 -38.08 -20.79 -59.37
C ASN Q 18 -39.46 -21.46 -59.17
N GLY Q 19 -39.62 -22.09 -58.00
CA GLY Q 19 -40.82 -22.81 -57.62
C GLY Q 19 -40.53 -24.00 -56.72
N LYS Q 20 -39.37 -24.66 -56.94
CA LYS Q 20 -38.93 -25.82 -56.14
C LYS Q 20 -37.93 -25.41 -55.07
N SER Q 21 -38.14 -25.92 -53.83
CA SER Q 21 -37.34 -25.64 -52.61
C SER Q 21 -35.81 -25.71 -52.80
N ASN Q 22 -35.09 -24.73 -52.24
CA ASN Q 22 -33.62 -24.63 -52.31
C ASN Q 22 -33.05 -23.88 -51.07
N PHE Q 23 -31.78 -23.40 -51.15
CA PHE Q 23 -31.15 -22.68 -50.03
C PHE Q 23 -30.51 -21.38 -50.48
N LEU Q 24 -30.69 -20.30 -49.71
CA LEU Q 24 -30.06 -19.01 -49.99
C LEU Q 24 -28.83 -18.86 -49.10
N ASN Q 25 -27.67 -18.57 -49.69
CA ASN Q 25 -26.42 -18.43 -48.95
C ASN Q 25 -25.69 -17.13 -49.26
N CYS Q 26 -24.98 -16.59 -48.25
CA CYS Q 26 -24.17 -15.38 -48.39
C CYS Q 26 -22.80 -15.55 -47.76
N TYR Q 27 -21.75 -15.33 -48.57
CA TYR Q 27 -20.36 -15.47 -48.14
C TYR Q 27 -19.65 -14.13 -48.09
N VAL Q 28 -19.10 -13.81 -46.92
CA VAL Q 28 -18.33 -12.58 -46.69
C VAL Q 28 -16.92 -12.98 -46.24
N SER Q 29 -15.89 -12.56 -46.99
CA SER Q 29 -14.53 -12.96 -46.68
C SER Q 29 -13.54 -11.82 -46.77
N GLY Q 30 -12.50 -11.91 -45.96
CA GLY Q 30 -11.43 -10.92 -45.92
C GLY Q 30 -11.76 -9.67 -45.13
N PHE Q 31 -12.22 -9.84 -43.90
CA PHE Q 31 -12.58 -8.70 -43.07
C PHE Q 31 -11.90 -8.74 -41.71
N HIS Q 32 -11.69 -7.56 -41.12
CA HIS Q 32 -11.08 -7.35 -39.81
C HIS Q 32 -11.48 -5.95 -39.31
N PRO Q 33 -12.13 -5.80 -38.13
CA PRO Q 33 -12.45 -6.80 -37.09
C PRO Q 33 -13.52 -7.84 -37.43
N SER Q 34 -13.72 -8.79 -36.50
CA SER Q 34 -14.65 -9.91 -36.59
C SER Q 34 -16.12 -9.51 -36.41
N ASP Q 35 -16.38 -8.51 -35.54
CA ASP Q 35 -17.74 -8.03 -35.26
C ASP Q 35 -18.37 -7.35 -36.47
N ILE Q 36 -19.36 -8.02 -37.07
CA ILE Q 36 -20.06 -7.54 -38.25
C ILE Q 36 -21.58 -7.78 -38.13
N GLU Q 37 -22.39 -6.85 -38.66
CA GLU Q 37 -23.85 -6.96 -38.64
C GLU Q 37 -24.35 -7.27 -40.06
N VAL Q 38 -24.51 -8.57 -40.37
CA VAL Q 38 -24.94 -9.03 -41.69
C VAL Q 38 -26.27 -9.77 -41.61
N ASP Q 39 -27.23 -9.40 -42.48
CA ASP Q 39 -28.55 -10.03 -42.56
C ASP Q 39 -29.05 -10.06 -44.01
N LEU Q 40 -29.95 -11.00 -44.32
CA LEU Q 40 -30.51 -11.14 -45.68
C LEU Q 40 -31.88 -10.47 -45.81
N LEU Q 41 -32.25 -10.05 -47.04
CA LEU Q 41 -33.51 -9.35 -47.29
C LEU Q 41 -34.48 -10.08 -48.22
N LYS Q 42 -35.77 -10.06 -47.86
CA LYS Q 42 -36.87 -10.59 -48.67
C LYS Q 42 -37.64 -9.36 -49.18
N ASN Q 43 -37.03 -8.65 -50.17
CA ASN Q 43 -37.52 -7.40 -50.76
C ASN Q 43 -37.51 -6.25 -49.74
N GLY Q 44 -36.33 -5.99 -49.16
CA GLY Q 44 -36.12 -4.95 -48.15
C GLY Q 44 -36.81 -5.26 -46.84
N GLU Q 45 -36.62 -6.49 -46.33
CA GLU Q 45 -37.25 -6.98 -45.09
C GLU Q 45 -36.30 -7.97 -44.38
N ARG Q 46 -36.12 -7.81 -43.05
CA ARG Q 46 -35.25 -8.68 -42.26
C ARG Q 46 -35.78 -10.14 -42.20
N ILE Q 47 -35.01 -11.09 -42.76
CA ILE Q 47 -35.35 -12.51 -42.77
C ILE Q 47 -35.10 -13.13 -41.38
N GLU Q 48 -35.93 -14.11 -40.97
CA GLU Q 48 -35.86 -14.75 -39.66
C GLU Q 48 -35.03 -16.03 -39.62
N LYS Q 49 -35.18 -16.91 -40.65
CA LYS Q 49 -34.51 -18.22 -40.74
C LYS Q 49 -32.96 -18.14 -40.86
N VAL Q 50 -32.38 -16.93 -40.69
CA VAL Q 50 -30.93 -16.69 -40.78
C VAL Q 50 -30.14 -17.42 -39.69
N GLU Q 51 -29.10 -18.17 -40.11
CA GLU Q 51 -28.20 -18.92 -39.24
C GLU Q 51 -26.76 -18.78 -39.75
N HIS Q 52 -25.85 -18.31 -38.89
CA HIS Q 52 -24.45 -18.04 -39.23
C HIS Q 52 -23.54 -19.26 -39.03
N SER Q 53 -22.32 -19.21 -39.62
CA SER Q 53 -21.30 -20.25 -39.50
C SER Q 53 -20.25 -19.87 -38.44
N ASP Q 54 -19.40 -20.83 -38.04
CA ASP Q 54 -18.35 -20.57 -37.05
C ASP Q 54 -17.26 -19.68 -37.61
N LEU Q 55 -17.05 -18.51 -36.98
CA LEU Q 55 -16.04 -17.53 -37.40
C LEU Q 55 -14.64 -18.12 -37.43
N SER Q 56 -14.10 -18.27 -38.64
CA SER Q 56 -12.74 -18.77 -38.87
C SER Q 56 -11.98 -17.72 -39.67
N PHE Q 57 -10.71 -17.99 -40.00
CA PHE Q 57 -9.87 -17.04 -40.75
C PHE Q 57 -8.90 -17.76 -41.69
N SER Q 58 -8.47 -17.07 -42.76
CA SER Q 58 -7.51 -17.60 -43.71
C SER Q 58 -6.08 -17.31 -43.25
N LYS Q 59 -5.06 -17.83 -43.98
CA LYS Q 59 -3.64 -17.64 -43.65
C LYS Q 59 -3.21 -16.16 -43.60
N ASP Q 60 -3.94 -15.29 -44.32
CA ASP Q 60 -3.68 -13.84 -44.31
C ASP Q 60 -4.26 -13.16 -43.04
N TRP Q 61 -4.89 -13.98 -42.14
CA TRP Q 61 -5.52 -13.61 -40.85
C TRP Q 61 -6.91 -12.96 -41.00
N SER Q 62 -7.37 -12.78 -42.24
CA SER Q 62 -8.68 -12.20 -42.52
C SER Q 62 -9.78 -13.25 -42.40
N PHE Q 63 -10.86 -12.90 -41.66
CA PHE Q 63 -11.97 -13.80 -41.37
C PHE Q 63 -12.88 -14.16 -42.55
N TYR Q 64 -13.76 -15.15 -42.34
CA TYR Q 64 -14.77 -15.60 -43.30
C TYR Q 64 -15.98 -16.19 -42.60
N LEU Q 65 -17.18 -15.73 -42.98
CA LEU Q 65 -18.44 -16.18 -42.38
C LEU Q 65 -19.46 -16.54 -43.47
N LEU Q 66 -20.38 -17.48 -43.15
CA LEU Q 66 -21.43 -17.93 -44.04
C LEU Q 66 -22.80 -17.91 -43.36
N TYR Q 67 -23.83 -17.46 -44.09
CA TYR Q 67 -25.20 -17.39 -43.60
C TYR Q 67 -26.11 -18.29 -44.44
N TYR Q 68 -26.82 -19.22 -43.79
CA TYR Q 68 -27.69 -20.16 -44.50
C TYR Q 68 -29.14 -20.11 -44.04
N THR Q 69 -30.07 -19.95 -45.00
CA THR Q 69 -31.52 -19.86 -44.75
C THR Q 69 -32.31 -20.79 -45.68
N GLU Q 70 -33.24 -21.58 -45.10
CA GLU Q 70 -34.12 -22.49 -45.83
C GLU Q 70 -35.26 -21.69 -46.47
N PHE Q 71 -35.46 -21.84 -47.81
CA PHE Q 71 -36.51 -21.12 -48.54
C PHE Q 71 -36.92 -21.81 -49.85
N THR Q 72 -38.13 -21.50 -50.35
CA THR Q 72 -38.61 -22.01 -51.63
C THR Q 72 -38.54 -20.84 -52.63
N PRO Q 73 -37.50 -20.83 -53.52
CA PRO Q 73 -37.31 -19.67 -54.41
C PRO Q 73 -38.47 -19.34 -55.35
N THR Q 74 -38.86 -18.06 -55.35
CA THR Q 74 -39.93 -17.53 -56.20
C THR Q 74 -39.36 -16.37 -57.04
N GLU Q 75 -39.52 -16.48 -58.38
CA GLU Q 75 -39.01 -15.51 -59.37
C GLU Q 75 -39.48 -14.08 -59.13
N LYS Q 76 -40.72 -13.91 -58.62
CA LYS Q 76 -41.35 -12.61 -58.37
C LYS Q 76 -40.68 -11.81 -57.23
N ASP Q 77 -40.05 -12.51 -56.26
CA ASP Q 77 -39.41 -11.87 -55.10
C ASP Q 77 -37.97 -11.42 -55.41
N GLU Q 78 -37.61 -10.19 -55.01
CA GLU Q 78 -36.27 -9.62 -55.20
C GLU Q 78 -35.46 -9.67 -53.90
N TYR Q 79 -34.59 -10.70 -53.77
CA TYR Q 79 -33.76 -10.91 -52.57
C TYR Q 79 -32.48 -10.08 -52.56
N ALA Q 80 -32.03 -9.67 -51.34
CA ALA Q 80 -30.84 -8.85 -51.14
C ALA Q 80 -30.09 -9.21 -49.83
N CYS Q 81 -29.05 -8.43 -49.45
CA CYS Q 81 -28.26 -8.66 -48.23
C CYS Q 81 -27.62 -7.38 -47.68
N ARG Q 82 -27.92 -7.04 -46.41
CA ARG Q 82 -27.38 -5.87 -45.71
C ARG Q 82 -26.10 -6.21 -44.96
N VAL Q 83 -25.02 -5.45 -45.19
CA VAL Q 83 -23.73 -5.66 -44.52
C VAL Q 83 -23.29 -4.38 -43.80
N ASN Q 84 -23.21 -4.43 -42.46
CA ASN Q 84 -22.80 -3.29 -41.64
C ASN Q 84 -21.48 -3.58 -40.93
N HIS Q 85 -20.46 -2.72 -41.15
CA HIS Q 85 -19.12 -2.87 -40.58
C HIS Q 85 -18.50 -1.50 -40.24
N VAL Q 86 -17.33 -1.50 -39.57
CA VAL Q 86 -16.60 -0.28 -39.24
C VAL Q 86 -15.93 0.32 -40.50
N THR Q 87 -15.60 -0.56 -41.48
CA THR Q 87 -15.00 -0.16 -42.76
C THR Q 87 -16.04 0.54 -43.62
N LEU Q 88 -17.27 -0.04 -43.67
CA LEU Q 88 -18.38 0.52 -44.43
C LEU Q 88 -19.04 1.66 -43.65
N SER Q 89 -18.81 2.92 -44.09
CA SER Q 89 -19.33 4.13 -43.47
C SER Q 89 -20.89 4.18 -43.45
N GLN Q 90 -21.53 3.38 -44.32
CA GLN Q 90 -22.99 3.27 -44.43
C GLN Q 90 -23.39 1.84 -44.86
N PRO Q 91 -24.53 1.28 -44.34
CA PRO Q 91 -24.91 -0.10 -44.72
C PRO Q 91 -24.92 -0.38 -46.24
N LYS Q 92 -24.16 -1.41 -46.66
CA LYS Q 92 -24.04 -1.82 -48.05
C LYS Q 92 -24.98 -2.98 -48.36
N ILE Q 93 -25.74 -2.85 -49.47
CA ILE Q 93 -26.70 -3.86 -49.94
C ILE Q 93 -26.28 -4.36 -51.33
N VAL Q 94 -26.44 -5.67 -51.58
CA VAL Q 94 -26.14 -6.27 -52.87
C VAL Q 94 -27.30 -7.16 -53.36
N LYS Q 95 -27.77 -6.91 -54.58
CA LYS Q 95 -28.89 -7.62 -55.20
C LYS Q 95 -28.48 -9.06 -55.53
N TRP Q 96 -29.36 -10.05 -55.20
CA TRP Q 96 -29.10 -11.44 -55.54
C TRP Q 96 -29.20 -11.63 -57.05
N ASP Q 97 -28.05 -11.78 -57.70
CA ASP Q 97 -27.99 -12.04 -59.13
C ASP Q 97 -28.17 -13.53 -59.30
N ARG Q 98 -29.37 -13.95 -59.78
CA ARG Q 98 -29.71 -15.35 -60.00
C ARG Q 98 -28.82 -16.03 -61.05
N ASP Q 99 -28.22 -15.24 -61.96
CA ASP Q 99 -27.28 -15.72 -62.98
C ASP Q 99 -25.86 -15.86 -62.40
N MET Q 100 -25.67 -15.48 -61.12
CA MET Q 100 -24.39 -15.56 -60.42
C MET Q 100 -24.43 -16.52 -59.22
N VAL R 1 -7.17 -33.64 -31.55
CA VAL R 1 -7.34 -32.77 -30.40
C VAL R 1 -6.58 -31.47 -30.59
N MET R 2 -7.06 -30.36 -30.01
CA MET R 2 -6.37 -29.08 -30.11
C MET R 2 -5.17 -29.05 -29.18
N ALA R 3 -4.21 -28.11 -29.41
CA ALA R 3 -3.02 -27.97 -28.57
C ALA R 3 -3.44 -27.85 -27.10
N PRO R 4 -2.87 -28.67 -26.20
CA PRO R 4 -3.32 -28.63 -24.81
C PRO R 4 -2.70 -27.50 -23.99
N ARG R 5 -1.67 -26.86 -24.56
CA ARG R 5 -0.93 -25.77 -23.98
C ARG R 5 -0.89 -24.62 -24.98
N THR R 6 -0.47 -23.44 -24.51
CA THR R 6 -0.30 -22.28 -25.36
C THR R 6 0.92 -21.46 -24.93
N LEU R 7 1.25 -20.43 -25.70
CA LEU R 7 2.36 -19.55 -25.36
C LEU R 7 1.88 -18.44 -24.43
N ILE R 8 2.68 -18.12 -23.41
CA ILE R 8 2.36 -17.01 -22.52
C ILE R 8 3.10 -15.80 -23.05
N LEU R 9 2.41 -15.03 -23.91
CA LEU R 9 2.95 -13.84 -24.56
C LEU R 9 3.41 -12.81 -23.51
N GLN S 3 -0.70 -38.32 -10.82
CA GLN S 3 -0.33 -38.98 -9.57
C GLN S 3 1.17 -39.25 -9.52
N LEU S 4 1.79 -38.92 -8.37
CA LEU S 4 3.20 -39.13 -8.10
C LEU S 4 3.37 -40.02 -6.89
N ASN S 5 4.37 -40.92 -6.92
CA ASN S 5 4.63 -41.76 -5.76
C ASN S 5 6.03 -41.63 -5.22
N GLN S 6 6.14 -41.14 -3.98
CA GLN S 6 7.39 -40.98 -3.28
C GLN S 6 7.57 -42.13 -2.30
N SER S 7 8.58 -42.96 -2.55
CA SER S 7 8.92 -44.08 -1.67
C SER S 7 10.25 -43.76 -0.96
N PRO S 8 10.45 -44.19 0.30
CA PRO S 8 9.63 -45.08 1.13
C PRO S 8 8.67 -44.38 2.11
N GLN S 9 8.33 -43.07 1.86
CA GLN S 9 7.36 -42.29 2.66
C GLN S 9 7.82 -41.98 4.13
N SER S 10 8.87 -42.67 4.59
CA SER S 10 9.41 -42.50 5.93
C SER S 10 10.81 -43.07 5.93
N MET S 11 11.78 -42.23 6.30
CA MET S 11 13.18 -42.64 6.33
C MET S 11 13.85 -42.19 7.60
N PHE S 12 14.42 -43.14 8.32
CA PHE S 12 15.13 -42.91 9.57
C PHE S 12 16.59 -43.24 9.31
N ILE S 13 17.48 -42.28 9.60
CA ILE S 13 18.95 -42.44 9.46
C ILE S 13 19.70 -41.72 10.62
N GLN S 14 21.02 -41.98 10.80
CA GLN S 14 21.84 -41.43 11.91
C GLN S 14 23.06 -40.58 11.45
N GLU S 15 22.84 -39.27 11.17
CA GLU S 15 23.87 -38.30 10.73
C GLU S 15 24.70 -38.82 9.52
N GLY S 16 26.03 -38.81 9.64
CA GLY S 16 27.02 -39.26 8.65
C GLY S 16 26.60 -39.72 7.26
N GLU S 17 25.98 -40.92 7.17
CA GLU S 17 25.57 -41.55 5.90
C GLU S 17 24.65 -40.70 5.03
N ASP S 18 24.83 -40.81 3.70
CA ASP S 18 23.99 -40.11 2.74
C ASP S 18 22.68 -40.87 2.51
N VAL S 19 21.64 -40.18 2.00
CA VAL S 19 20.34 -40.82 1.73
C VAL S 19 19.81 -40.49 0.34
N SER S 20 19.05 -41.43 -0.24
CA SER S 20 18.44 -41.28 -1.55
C SER S 20 16.92 -41.34 -1.44
N MET S 21 16.22 -40.51 -2.22
CA MET S 21 14.76 -40.46 -2.23
C MET S 21 14.24 -40.58 -3.66
N ASN S 22 13.34 -41.55 -3.91
CA ASN S 22 12.78 -41.80 -5.23
C ASN S 22 11.34 -41.28 -5.36
N CYS S 23 10.96 -40.92 -6.61
CA CYS S 23 9.65 -40.36 -6.95
C CYS S 23 9.30 -40.79 -8.38
N THR S 24 8.10 -41.40 -8.57
CA THR S 24 7.63 -41.92 -9.86
C THR S 24 6.35 -41.24 -10.36
N SER S 25 6.29 -40.92 -11.67
CA SER S 25 5.13 -40.30 -12.30
C SER S 25 4.28 -41.31 -13.08
N SER S 26 2.95 -41.10 -13.06
CA SER S 26 1.98 -41.94 -13.77
C SER S 26 1.85 -41.53 -15.26
N SER S 27 2.28 -40.30 -15.59
CA SER S 27 2.29 -39.76 -16.96
C SER S 27 3.78 -39.55 -17.36
N ILE S 28 4.05 -38.70 -18.37
CA ILE S 28 5.42 -38.38 -18.80
C ILE S 28 5.65 -36.93 -18.48
N PHE S 29 6.61 -36.64 -17.60
CA PHE S 29 6.85 -35.26 -17.14
C PHE S 29 7.95 -34.54 -17.91
N ASN S 30 7.85 -33.21 -18.00
CA ASN S 30 8.84 -32.37 -18.68
C ASN S 30 9.70 -31.64 -17.65
N THR S 31 9.15 -31.38 -16.44
CA THR S 31 9.89 -30.72 -15.37
C THR S 31 9.70 -31.46 -14.05
N TRP S 32 10.74 -31.49 -13.21
CA TRP S 32 10.68 -32.07 -11.88
C TRP S 32 11.10 -31.01 -10.87
N LEU S 33 10.31 -30.85 -9.81
CA LEU S 33 10.58 -29.86 -8.77
C LEU S 33 10.67 -30.56 -7.42
N TRP S 34 11.81 -30.43 -6.72
CA TRP S 34 11.95 -31.02 -5.39
C TRP S 34 11.84 -29.94 -4.32
N TYR S 35 10.88 -30.11 -3.39
CA TYR S 35 10.59 -29.13 -2.34
C TYR S 35 10.87 -29.70 -0.94
N LYS S 36 11.01 -28.81 0.06
CA LYS S 36 11.17 -29.22 1.47
C LYS S 36 10.28 -28.39 2.39
N GLN S 37 9.67 -29.06 3.38
CA GLN S 37 8.82 -28.41 4.36
C GLN S 37 9.40 -28.56 5.75
N ASP S 38 9.81 -27.43 6.36
CA ASP S 38 10.36 -27.42 7.72
C ASP S 38 9.22 -27.47 8.76
N PRO S 39 9.48 -27.96 10.00
CA PRO S 39 8.42 -28.11 11.01
C PRO S 39 7.06 -27.43 10.77
N GLY S 40 6.97 -26.11 10.94
CA GLY S 40 5.72 -25.38 10.80
C GLY S 40 5.38 -24.91 9.41
N GLU S 41 6.35 -24.22 8.76
CA GLU S 41 6.29 -23.57 7.44
C GLU S 41 5.67 -24.37 6.28
N GLY S 42 5.39 -23.67 5.19
CA GLY S 42 4.93 -24.24 3.93
C GLY S 42 6.12 -24.66 3.10
N PRO S 43 5.92 -25.47 2.03
CA PRO S 43 7.07 -25.94 1.23
C PRO S 43 7.86 -24.83 0.54
N VAL S 44 9.18 -25.01 0.51
CA VAL S 44 10.13 -24.09 -0.14
C VAL S 44 10.97 -24.90 -1.14
N LEU S 45 11.17 -24.36 -2.36
CA LEU S 45 11.90 -25.05 -3.42
C LEU S 45 13.37 -25.28 -3.09
N LEU S 46 13.86 -26.48 -3.45
CA LEU S 46 15.24 -26.90 -3.26
C LEU S 46 15.94 -26.91 -4.62
N ILE S 47 15.56 -27.86 -5.50
CA ILE S 47 16.13 -28.02 -6.85
C ILE S 47 15.01 -28.14 -7.88
N ALA S 48 15.26 -27.63 -9.10
CA ALA S 48 14.36 -27.73 -10.25
C ALA S 48 15.11 -28.39 -11.42
N LEU S 49 14.43 -29.30 -12.15
CA LEU S 49 15.01 -30.01 -13.29
C LEU S 49 14.16 -29.78 -14.54
N TYR S 50 14.80 -29.55 -15.71
CA TYR S 50 14.07 -29.24 -16.94
C TYR S 50 14.35 -30.18 -18.10
N LYS S 51 15.61 -30.62 -18.27
CA LYS S 51 15.97 -31.53 -19.36
C LYS S 51 16.04 -32.94 -18.80
N ALA S 52 15.86 -33.97 -19.67
CA ALA S 52 16.01 -35.38 -19.29
C ALA S 52 17.45 -35.62 -18.87
N GLY S 53 17.73 -36.79 -18.28
CA GLY S 53 19.07 -37.23 -17.86
C GLY S 53 19.89 -36.31 -16.96
N GLU S 54 20.02 -35.04 -17.37
CA GLU S 54 20.72 -33.95 -16.71
C GLU S 54 20.41 -33.88 -15.24
N LEU S 55 21.46 -33.79 -14.43
CA LEU S 55 21.33 -33.71 -12.99
C LEU S 55 21.95 -32.42 -12.46
N THR S 56 21.23 -31.78 -11.53
CA THR S 56 21.63 -30.51 -10.93
C THR S 56 22.09 -30.78 -9.51
N SER S 57 22.90 -29.86 -8.96
CA SER S 57 23.41 -29.99 -7.61
C SER S 57 23.35 -28.69 -6.84
N ASN S 58 22.72 -28.76 -5.66
CA ASN S 58 22.70 -27.72 -4.64
C ASN S 58 23.87 -28.15 -3.74
N GLY S 59 24.32 -27.30 -2.82
CA GLY S 59 25.44 -27.62 -1.94
C GLY S 59 25.63 -29.10 -1.65
N ARG S 60 24.79 -29.67 -0.78
CA ARG S 60 24.84 -31.08 -0.38
C ARG S 60 23.85 -31.97 -1.14
N LEU S 61 22.90 -31.35 -1.84
CA LEU S 61 21.82 -32.05 -2.53
C LEU S 61 22.10 -32.30 -4.01
N THR S 62 21.64 -33.45 -4.53
CA THR S 62 21.75 -33.80 -5.95
C THR S 62 20.45 -34.43 -6.43
N ALA S 63 19.83 -33.80 -7.44
CA ALA S 63 18.58 -34.29 -8.03
C ALA S 63 18.80 -34.67 -9.49
N GLN S 64 18.39 -35.89 -9.87
CA GLN S 64 18.55 -36.42 -11.22
C GLN S 64 17.19 -36.55 -11.93
N PHE S 65 17.14 -36.21 -13.24
CA PHE S 65 15.89 -36.27 -14.00
C PHE S 65 15.47 -37.68 -14.38
N GLY S 66 16.37 -38.47 -14.93
CA GLY S 66 16.03 -39.82 -15.36
C GLY S 66 15.43 -39.86 -16.75
N ILE S 67 16.12 -40.57 -17.66
CA ILE S 67 15.76 -40.72 -19.08
C ILE S 67 14.42 -41.45 -19.27
N THR S 68 13.92 -42.10 -18.22
CA THR S 68 12.63 -42.80 -18.19
C THR S 68 11.47 -41.81 -18.33
N ARG S 69 11.61 -40.61 -17.70
CA ARG S 69 10.64 -39.49 -17.66
C ARG S 69 9.48 -39.78 -16.72
N LYS S 70 9.64 -40.81 -15.89
CA LYS S 70 8.67 -41.21 -14.90
C LYS S 70 9.40 -41.39 -13.57
N ASP S 71 10.66 -40.92 -13.47
CA ASP S 71 11.45 -41.07 -12.25
C ASP S 71 12.41 -39.94 -11.99
N SER S 72 12.41 -39.41 -10.75
CA SER S 72 13.33 -38.38 -10.31
C SER S 72 13.90 -38.79 -8.97
N PHE S 73 15.21 -38.62 -8.78
CA PHE S 73 15.84 -39.02 -7.53
C PHE S 73 16.50 -37.85 -6.84
N LEU S 74 16.30 -37.72 -5.51
CA LEU S 74 16.93 -36.67 -4.71
C LEU S 74 17.82 -37.28 -3.64
N ASN S 75 19.12 -36.95 -3.69
CA ASN S 75 20.11 -37.46 -2.75
C ASN S 75 20.63 -36.37 -1.82
N ILE S 76 21.06 -36.75 -0.61
CA ILE S 76 21.65 -35.84 0.38
C ILE S 76 23.02 -36.42 0.75
N SER S 77 24.13 -35.74 0.36
CA SER S 77 25.54 -36.18 0.52
C SER S 77 25.96 -36.61 1.93
N ALA S 78 25.74 -35.76 2.93
CA ALA S 78 26.07 -36.06 4.32
C ALA S 78 24.99 -35.43 5.17
N SER S 79 24.21 -36.27 5.85
CA SER S 79 23.10 -35.73 6.60
C SER S 79 23.49 -35.16 7.95
N ILE S 80 23.05 -33.92 8.18
CA ILE S 80 23.20 -33.15 9.41
C ILE S 80 21.77 -33.02 9.99
N PRO S 81 21.54 -32.97 11.34
CA PRO S 81 20.15 -32.91 11.85
C PRO S 81 19.25 -31.84 11.23
N SER S 82 19.83 -30.72 10.73
CA SER S 82 19.09 -29.61 10.09
C SER S 82 18.16 -30.07 8.94
N ASP S 83 18.41 -31.29 8.38
CA ASP S 83 17.66 -31.89 7.27
C ASP S 83 16.27 -32.40 7.62
N VAL S 84 15.93 -32.47 8.93
CA VAL S 84 14.61 -32.95 9.33
C VAL S 84 13.52 -32.12 8.65
N GLY S 85 12.62 -32.82 7.98
CA GLY S 85 11.51 -32.21 7.27
C GLY S 85 10.82 -33.15 6.31
N ILE S 86 9.75 -32.67 5.67
CA ILE S 86 9.01 -33.43 4.68
C ILE S 86 9.52 -33.01 3.31
N TYR S 87 9.92 -33.99 2.49
CA TYR S 87 10.43 -33.70 1.17
C TYR S 87 9.36 -33.98 0.13
N PHE S 88 8.92 -32.93 -0.58
CA PHE S 88 7.91 -33.07 -1.61
C PHE S 88 8.52 -33.17 -2.99
N CYS S 89 7.83 -33.88 -3.87
CA CYS S 89 8.22 -34.10 -5.26
C CYS S 89 7.10 -33.55 -6.14
N ALA S 90 7.45 -32.67 -7.05
CA ALA S 90 6.50 -32.03 -7.95
C ALA S 90 6.98 -32.12 -9.38
N GLY S 91 6.12 -31.73 -10.32
CA GLY S 91 6.47 -31.77 -11.72
C GLY S 91 5.37 -31.37 -12.69
N GLN S 92 5.75 -31.23 -13.96
CA GLN S 92 4.85 -30.85 -15.03
C GLN S 92 4.42 -32.07 -15.84
N PRO S 93 3.12 -32.46 -15.78
CA PRO S 93 2.68 -33.53 -16.68
C PRO S 93 2.73 -33.00 -18.12
N LEU S 94 3.51 -33.66 -19.01
CA LEU S 94 3.61 -33.20 -20.41
C LEU S 94 2.28 -33.44 -21.09
N GLY S 95 1.86 -32.44 -21.85
CA GLY S 95 0.54 -32.43 -22.45
C GLY S 95 -0.38 -31.59 -21.58
N GLY S 96 -0.09 -31.58 -20.28
CA GLY S 96 -0.81 -30.79 -19.29
C GLY S 96 -0.77 -29.32 -19.62
N SER S 97 -1.90 -28.62 -19.40
CA SER S 97 -2.09 -27.20 -19.69
C SER S 97 -1.11 -26.29 -18.93
N ASN S 98 -1.15 -24.98 -19.26
CA ASN S 98 -0.29 -23.98 -18.62
C ASN S 98 -0.60 -23.87 -17.13
N TYR S 99 0.46 -23.67 -16.32
CA TYR S 99 0.39 -23.52 -14.87
C TYR S 99 -0.28 -24.72 -14.17
N LYS S 100 0.27 -25.95 -14.40
CA LYS S 100 -0.21 -27.18 -13.76
C LYS S 100 0.94 -27.93 -13.11
N LEU S 101 0.77 -28.35 -11.84
CA LEU S 101 1.80 -29.06 -11.09
C LEU S 101 1.21 -30.11 -10.13
N THR S 102 1.72 -31.36 -10.21
CA THR S 102 1.31 -32.45 -9.33
C THR S 102 2.29 -32.53 -8.15
N PHE S 103 1.79 -32.90 -6.95
CA PHE S 103 2.62 -33.02 -5.75
C PHE S 103 2.47 -34.40 -5.15
N GLY S 104 3.54 -34.90 -4.52
CA GLY S 104 3.51 -36.17 -3.83
C GLY S 104 3.11 -35.98 -2.38
N LYS S 105 2.68 -37.07 -1.70
CA LYS S 105 2.29 -37.02 -0.28
C LYS S 105 3.50 -36.57 0.59
N GLY S 106 4.70 -36.79 0.06
CA GLY S 106 5.95 -36.43 0.72
C GLY S 106 6.69 -37.62 1.30
N THR S 107 7.88 -37.35 1.84
CA THR S 107 8.74 -38.31 2.52
C THR S 107 9.24 -37.65 3.79
N LEU S 108 8.96 -38.25 4.94
CA LEU S 108 9.39 -37.71 6.23
C LEU S 108 10.81 -38.18 6.54
N LEU S 109 11.79 -37.27 6.48
CA LEU S 109 13.15 -37.63 6.82
C LEU S 109 13.42 -37.34 8.29
N THR S 110 14.03 -38.32 8.99
CA THR S 110 14.39 -38.21 10.39
C THR S 110 15.87 -38.55 10.56
N VAL S 111 16.68 -37.52 10.89
CA VAL S 111 18.12 -37.68 11.10
C VAL S 111 18.41 -37.75 12.59
N ASN S 112 19.01 -38.87 13.02
CA ASN S 112 19.38 -39.13 14.39
C ASN S 112 20.78 -38.59 14.63
N PRO S 113 20.94 -37.63 15.56
CA PRO S 113 22.28 -37.09 15.82
C PRO S 113 23.14 -38.04 16.65
N ASN S 114 24.43 -38.12 16.34
CA ASN S 114 25.35 -38.91 17.16
C ASN S 114 25.90 -37.99 18.26
N ILE S 115 26.14 -38.54 19.45
CA ILE S 115 26.60 -37.76 20.61
C ILE S 115 28.10 -37.92 20.84
N GLN S 116 28.80 -36.80 21.15
CA GLN S 116 30.24 -36.80 21.39
C GLN S 116 30.58 -37.36 22.78
N ASN S 117 30.00 -36.79 23.87
CA ASN S 117 30.27 -37.23 25.23
C ASN S 117 29.02 -37.74 25.96
N PRO S 118 28.79 -39.08 25.99
CA PRO S 118 27.60 -39.60 26.67
C PRO S 118 27.78 -39.81 28.17
N ASP S 119 27.02 -39.05 28.98
CA ASP S 119 27.04 -39.15 30.44
C ASP S 119 25.60 -39.23 30.98
N PRO S 120 24.96 -40.44 30.95
CA PRO S 120 23.55 -40.55 31.39
C PRO S 120 23.34 -40.20 32.86
N ALA S 121 22.30 -39.39 33.14
CA ALA S 121 21.95 -38.95 34.50
C ALA S 121 20.51 -38.47 34.58
N VAL S 122 19.85 -38.73 35.73
CA VAL S 122 18.48 -38.27 36.00
C VAL S 122 18.56 -37.26 37.15
N TYR S 123 18.23 -36.00 36.87
CA TYR S 123 18.28 -34.93 37.86
C TYR S 123 16.85 -34.55 38.29
N GLN S 124 16.70 -34.01 39.52
CA GLN S 124 15.40 -33.51 40.02
C GLN S 124 15.47 -32.00 40.16
N LEU S 125 14.46 -31.31 39.59
CA LEU S 125 14.40 -29.85 39.58
C LEU S 125 13.39 -29.32 40.61
N ARG S 126 13.51 -28.03 40.96
CA ARG S 126 12.60 -27.40 41.93
C ARG S 126 11.71 -26.32 41.31
N ASP S 127 10.47 -26.21 41.83
CA ASP S 127 9.45 -25.26 41.36
C ASP S 127 9.85 -23.81 41.58
N SER S 128 9.32 -22.90 40.72
CA SER S 128 9.56 -21.46 40.80
C SER S 128 8.80 -20.88 42.01
N LYS S 129 7.56 -21.36 42.24
CA LYS S 129 6.71 -20.94 43.36
C LYS S 129 6.86 -21.90 44.54
N SER S 130 6.67 -21.38 45.77
CA SER S 130 6.78 -22.16 47.01
C SER S 130 5.66 -23.21 47.14
N SER S 131 5.88 -24.37 46.50
CA SER S 131 4.99 -25.53 46.50
C SER S 131 5.88 -26.79 46.48
N ASP S 132 5.30 -27.97 46.19
CA ASP S 132 6.08 -29.20 46.09
C ASP S 132 6.02 -29.81 44.68
N LYS S 133 6.00 -28.94 43.65
CA LYS S 133 6.04 -29.39 42.27
C LYS S 133 7.50 -29.65 41.88
N SER S 134 7.75 -30.77 41.18
CA SER S 134 9.10 -31.17 40.77
C SER S 134 9.08 -31.95 39.46
N VAL S 135 10.20 -31.91 38.70
CA VAL S 135 10.35 -32.61 37.41
C VAL S 135 11.65 -33.44 37.34
N CYS S 136 11.60 -34.58 36.65
CA CYS S 136 12.74 -35.48 36.44
C CYS S 136 13.35 -35.20 35.08
N LEU S 137 14.65 -34.86 35.04
CA LEU S 137 15.34 -34.58 33.80
C LEU S 137 16.43 -35.61 33.48
N PHE S 138 16.09 -36.58 32.62
CA PHE S 138 17.07 -37.56 32.14
C PHE S 138 17.71 -36.92 30.92
N THR S 139 18.95 -36.47 31.05
CA THR S 139 19.61 -35.72 29.98
C THR S 139 20.97 -36.32 29.53
N ASP S 140 21.53 -35.75 28.44
CA ASP S 140 22.76 -36.04 27.70
C ASP S 140 23.16 -37.53 27.63
N PHE S 141 22.33 -38.32 26.95
CA PHE S 141 22.55 -39.76 26.78
C PHE S 141 22.99 -40.09 25.36
N ASP S 142 23.45 -41.33 25.13
CA ASP S 142 23.94 -41.84 23.84
C ASP S 142 22.88 -41.84 22.70
N SER S 143 23.32 -42.16 21.48
CA SER S 143 22.46 -42.21 20.29
C SER S 143 21.52 -43.42 20.31
N GLN S 144 22.08 -44.63 20.61
CA GLN S 144 21.33 -45.90 20.59
C GLN S 144 20.17 -45.98 21.61
N THR S 145 20.17 -45.13 22.66
CA THR S 145 19.09 -45.12 23.67
C THR S 145 17.76 -44.62 23.07
N ASN S 146 16.74 -45.49 23.09
CA ASN S 146 15.38 -45.18 22.60
C ASN S 146 14.43 -45.11 23.80
N VAL S 147 13.59 -44.06 23.84
CA VAL S 147 12.66 -43.84 24.96
C VAL S 147 11.21 -44.19 24.60
N SER S 148 10.56 -45.00 25.47
CA SER S 148 9.16 -45.39 25.31
C SER S 148 8.24 -44.50 26.14
N GLN S 149 6.98 -44.32 25.66
CA GLN S 149 5.92 -43.50 26.24
C GLN S 149 5.63 -43.74 27.72
N SER S 150 4.89 -42.80 28.36
CA SER S 150 4.47 -42.88 29.77
C SER S 150 3.75 -44.20 30.08
N LYS S 151 3.96 -44.71 31.30
CA LYS S 151 3.40 -45.99 31.75
C LYS S 151 2.11 -45.81 32.56
N ASP S 152 2.09 -44.81 33.46
CA ASP S 152 0.97 -44.55 34.36
C ASP S 152 0.11 -43.35 33.93
N SER S 153 -1.09 -43.22 34.53
CA SER S 153 -2.06 -42.15 34.27
C SER S 153 -1.56 -40.78 34.76
N ASP S 154 -0.90 -40.74 35.94
CA ASP S 154 -0.38 -39.51 36.54
C ASP S 154 1.06 -39.20 36.09
N VAL S 155 1.84 -40.25 35.76
CA VAL S 155 3.24 -40.12 35.31
C VAL S 155 3.30 -39.80 33.81
N TYR S 156 4.21 -38.89 33.40
CA TYR S 156 4.38 -38.49 32.00
C TYR S 156 5.84 -38.54 31.57
N ILE S 157 6.13 -39.14 30.39
CA ILE S 157 7.51 -39.24 29.86
C ILE S 157 7.55 -38.72 28.39
N THR S 158 8.35 -37.67 28.14
CA THR S 158 8.52 -37.09 26.79
C THR S 158 9.68 -37.76 26.05
N ASP S 159 9.63 -37.74 24.70
CA ASP S 159 10.67 -38.32 23.83
C ASP S 159 11.95 -37.43 23.87
N LYS S 160 13.11 -37.99 23.45
CA LYS S 160 14.39 -37.33 23.36
C LYS S 160 14.35 -36.10 22.44
N CYS S 161 15.07 -35.09 22.86
CA CYS S 161 15.24 -33.79 22.09
C CYS S 161 16.63 -33.70 21.55
N VAL S 162 16.96 -32.66 20.76
CA VAL S 162 18.32 -32.43 20.26
C VAL S 162 18.67 -30.95 20.42
N LEU S 163 19.29 -30.59 21.57
CA LEU S 163 19.70 -29.21 21.81
C LEU S 163 21.08 -28.94 21.20
N ASP S 164 21.11 -28.22 20.08
CA ASP S 164 22.37 -27.88 19.44
C ASP S 164 22.96 -26.65 20.10
N MET S 165 23.71 -26.86 21.20
CA MET S 165 24.35 -25.79 21.92
C MET S 165 25.61 -25.42 21.14
N ARG S 166 25.54 -24.32 20.31
CA ARG S 166 26.66 -23.85 19.47
C ARG S 166 28.00 -23.65 20.30
N SER S 167 27.86 -23.49 21.65
CA SER S 167 28.74 -23.30 22.83
C SER S 167 30.24 -23.78 22.85
N MET S 168 30.43 -25.04 22.63
CA MET S 168 31.72 -25.76 22.62
C MET S 168 31.27 -26.77 21.64
N ASP S 169 30.08 -26.41 21.09
CA ASP S 169 29.19 -27.18 20.26
C ASP S 169 28.98 -28.53 20.95
N PHE S 170 28.41 -28.43 22.15
CA PHE S 170 28.17 -29.52 23.06
C PHE S 170 26.71 -29.96 22.90
N LYS S 171 26.46 -30.76 21.85
CA LYS S 171 25.14 -31.31 21.53
C LYS S 171 24.75 -32.35 22.58
N SER S 172 23.51 -32.28 23.07
CA SER S 172 23.02 -33.19 24.10
C SER S 172 21.55 -33.57 23.92
N ASN S 173 21.17 -34.79 24.33
CA ASN S 173 19.79 -35.27 24.24
C ASN S 173 19.11 -35.15 25.60
N SER S 174 17.81 -34.87 25.64
CA SER S 174 17.12 -34.71 26.93
C SER S 174 15.69 -35.21 26.91
N ALA S 175 15.20 -35.69 28.08
CA ALA S 175 13.83 -36.18 28.28
C ALA S 175 13.36 -35.84 29.69
N VAL S 176 12.13 -35.32 29.82
CA VAL S 176 11.57 -34.92 31.11
C VAL S 176 10.41 -35.85 31.57
N ALA S 177 10.15 -35.88 32.90
CA ALA S 177 9.08 -36.65 33.53
C ALA S 177 8.46 -35.84 34.68
N TRP S 178 7.13 -35.88 34.85
CA TRP S 178 6.48 -35.09 35.90
C TRP S 178 5.22 -35.71 36.50
N SER S 179 4.99 -35.44 37.81
CA SER S 179 3.83 -35.88 38.59
C SER S 179 3.67 -35.00 39.84
N ASN S 180 2.40 -34.72 40.22
CA ASN S 180 2.07 -33.88 41.39
C ASN S 180 2.20 -34.61 42.72
N LYS S 181 1.88 -35.92 42.73
CA LYS S 181 1.82 -36.77 43.93
C LYS S 181 3.14 -36.92 44.68
N SER S 182 3.05 -37.33 45.96
CA SER S 182 4.19 -37.55 46.85
C SER S 182 5.03 -38.76 46.40
N ASP S 183 4.40 -39.73 45.71
CA ASP S 183 5.08 -40.92 45.19
C ASP S 183 5.79 -40.59 43.86
N PHE S 184 6.69 -39.59 43.89
CA PHE S 184 7.44 -39.12 42.74
C PHE S 184 8.95 -39.17 43.03
N ALA S 185 9.64 -40.17 42.45
CA ALA S 185 11.08 -40.37 42.65
C ALA S 185 11.84 -40.42 41.33
N CYS S 186 13.10 -39.92 41.33
CA CYS S 186 13.98 -39.87 40.16
C CYS S 186 14.36 -41.24 39.64
N ALA S 187 14.78 -42.14 40.55
CA ALA S 187 15.16 -43.50 40.20
C ALA S 187 13.95 -44.36 39.84
N ASN S 188 12.76 -43.98 40.33
CA ASN S 188 11.50 -44.69 40.08
C ASN S 188 10.64 -43.99 39.01
N ALA S 189 11.29 -43.42 37.97
CA ALA S 189 10.56 -42.72 36.89
C ALA S 189 10.83 -43.34 35.50
N PHE S 190 12.09 -43.30 35.04
CA PHE S 190 12.49 -43.83 33.73
C PHE S 190 12.73 -45.36 33.77
N ASN S 191 11.80 -46.09 34.39
CA ASN S 191 11.85 -47.55 34.54
C ASN S 191 11.46 -48.27 33.25
N ASN S 192 10.50 -47.70 32.50
CA ASN S 192 10.00 -48.25 31.23
C ASN S 192 11.09 -48.37 30.16
N SER S 193 12.03 -47.40 30.11
CA SER S 193 13.13 -47.41 29.15
C SER S 193 14.37 -48.09 29.71
N ILE S 194 15.07 -48.87 28.85
CA ILE S 194 16.28 -49.60 29.25
C ILE S 194 17.51 -48.67 29.21
N ILE S 195 17.89 -48.16 30.39
CA ILE S 195 19.03 -47.24 30.56
C ILE S 195 20.35 -48.01 30.83
N PRO S 196 21.55 -47.42 30.54
CA PRO S 196 22.81 -48.14 30.83
C PRO S 196 23.02 -48.41 32.32
N GLU S 197 23.79 -49.46 32.67
CA GLU S 197 24.06 -49.85 34.07
C GLU S 197 24.78 -48.76 34.89
N ASP S 198 25.49 -47.83 34.22
CA ASP S 198 26.20 -46.73 34.86
C ASP S 198 25.53 -45.39 34.55
N THR S 199 24.73 -44.89 35.52
CA THR S 199 23.98 -43.63 35.42
C THR S 199 24.05 -42.90 36.77
N PHE S 200 24.17 -41.56 36.76
CA PHE S 200 24.26 -40.76 37.98
C PHE S 200 22.88 -40.56 38.64
N PHE S 201 22.83 -40.60 39.98
CA PHE S 201 21.60 -40.40 40.76
C PHE S 201 21.87 -39.56 42.02
N PRO S 202 21.30 -38.33 42.10
CA PRO S 202 21.54 -37.50 43.29
C PRO S 202 20.45 -37.62 44.37
N SER S 203 20.47 -36.73 45.38
CA SER S 203 19.49 -36.70 46.45
C SER S 203 18.80 -35.33 46.52
N GLY T 3 5.76 -11.48 -0.98
CA GLY T 3 5.51 -12.73 -0.27
C GLY T 3 4.04 -13.09 -0.16
N VAL T 4 3.76 -14.40 0.02
CA VAL T 4 2.38 -14.90 0.13
C VAL T 4 1.87 -14.81 1.59
N THR T 5 0.97 -13.84 1.85
CA THR T 5 0.39 -13.57 3.18
C THR T 5 -0.95 -14.31 3.38
N GLN T 6 -0.99 -15.27 4.31
CA GLN T 6 -2.23 -16.01 4.59
C GLN T 6 -2.87 -15.59 5.93
N THR T 7 -4.21 -15.58 5.99
CA THR T 7 -4.95 -15.16 7.20
C THR T 7 -6.21 -16.02 7.51
N PRO T 8 -6.49 -16.34 8.80
CA PRO T 8 -5.70 -16.06 10.00
C PRO T 8 -4.61 -17.10 10.23
N LYS T 9 -3.66 -16.84 11.14
CA LYS T 9 -2.57 -17.76 11.45
C LYS T 9 -3.11 -19.09 11.97
N HIS T 10 -4.23 -19.05 12.72
CA HIS T 10 -4.94 -20.19 13.29
C HIS T 10 -6.45 -19.92 13.23
N LEU T 11 -7.28 -20.97 13.43
CA LEU T 11 -8.73 -20.84 13.41
C LEU T 11 -9.44 -22.02 14.05
N ILE T 12 -10.43 -21.74 14.92
CA ILE T 12 -11.23 -22.74 15.64
C ILE T 12 -12.72 -22.49 15.39
N THR T 13 -13.49 -23.56 15.10
CA THR T 13 -14.94 -23.49 14.87
C THR T 13 -15.62 -24.77 15.37
N ALA T 14 -16.96 -24.77 15.39
CA ALA T 14 -17.79 -25.90 15.79
C ALA T 14 -18.15 -26.75 14.56
N THR T 15 -18.29 -28.07 14.77
CA THR T 15 -18.67 -29.02 13.71
C THR T 15 -20.04 -28.66 13.15
N GLY T 16 -20.09 -28.48 11.84
CA GLY T 16 -21.30 -28.11 11.11
C GLY T 16 -21.54 -26.62 11.07
N GLN T 17 -20.60 -25.87 10.45
CA GLN T 17 -20.67 -24.41 10.28
C GLN T 17 -19.77 -23.92 9.14
N ARG T 18 -19.85 -22.63 8.77
CA ARG T 18 -19.04 -22.01 7.72
C ARG T 18 -17.77 -21.37 8.29
N VAL T 19 -16.71 -21.22 7.44
CA VAL T 19 -15.43 -20.56 7.75
C VAL T 19 -14.79 -20.00 6.47
N THR T 20 -13.99 -18.95 6.62
CA THR T 20 -13.27 -18.34 5.50
C THR T 20 -11.78 -18.24 5.81
N LEU T 21 -10.94 -18.69 4.87
CA LEU T 21 -9.49 -18.57 4.95
C LEU T 21 -9.08 -17.59 3.87
N ARG T 22 -8.08 -16.76 4.14
CA ARG T 22 -7.67 -15.73 3.19
C ARG T 22 -6.25 -15.89 2.74
N CYS T 23 -5.92 -15.38 1.53
CA CYS T 23 -4.59 -15.48 0.97
C CYS T 23 -4.23 -14.29 0.10
N SER T 24 -3.04 -13.74 0.35
CA SER T 24 -2.45 -12.62 -0.36
C SER T 24 -1.26 -13.13 -1.15
N PRO T 25 -1.43 -13.42 -2.44
CA PRO T 25 -0.28 -13.92 -3.21
C PRO T 25 0.76 -12.83 -3.46
N ARG T 26 1.85 -13.20 -4.17
CA ARG T 26 2.92 -12.28 -4.57
C ARG T 26 2.34 -11.26 -5.56
N SER T 27 3.13 -10.25 -5.93
CA SER T 27 2.66 -9.28 -6.91
C SER T 27 3.07 -9.66 -8.32
N GLY T 28 2.10 -9.66 -9.22
CA GLY T 28 2.28 -10.07 -10.60
C GLY T 28 1.75 -11.47 -10.84
N ASP T 29 1.65 -12.26 -9.76
CA ASP T 29 1.16 -13.63 -9.79
C ASP T 29 -0.37 -13.65 -9.91
N LEU T 30 -0.88 -14.27 -10.99
CA LEU T 30 -2.30 -14.32 -11.29
C LEU T 30 -2.99 -15.60 -10.79
N SER T 31 -2.20 -16.66 -10.54
CA SER T 31 -2.70 -17.97 -10.09
C SER T 31 -2.53 -18.20 -8.60
N VAL T 32 -3.55 -18.80 -7.99
CA VAL T 32 -3.59 -19.15 -6.57
C VAL T 32 -4.00 -20.62 -6.45
N TYR T 33 -3.25 -21.41 -5.67
CA TYR T 33 -3.54 -22.84 -5.48
C TYR T 33 -3.82 -23.11 -4.02
N TRP T 34 -5.00 -23.64 -3.70
CA TRP T 34 -5.32 -24.01 -2.33
C TRP T 34 -5.02 -25.50 -2.10
N TYR T 35 -4.31 -25.81 -1.01
CA TYR T 35 -3.93 -27.18 -0.66
C TYR T 35 -4.40 -27.53 0.75
N GLN T 36 -4.30 -28.80 1.12
CA GLN T 36 -4.70 -29.28 2.44
C GLN T 36 -3.71 -30.34 2.93
N GLN T 37 -2.78 -29.96 3.84
CA GLN T 37 -1.81 -30.91 4.39
C GLN T 37 -2.48 -31.81 5.40
N SER T 38 -3.00 -32.93 4.89
CA SER T 38 -3.62 -33.98 5.66
C SER T 38 -2.53 -34.76 6.41
N LEU T 39 -2.92 -35.69 7.27
CA LEU T 39 -1.95 -36.52 8.01
C LEU T 39 -1.97 -37.91 7.39
N ASP T 40 -0.79 -38.37 6.94
CA ASP T 40 -0.60 -39.66 6.23
C ASP T 40 -1.29 -39.68 4.83
N GLN T 41 -1.89 -38.54 4.46
CA GLN T 41 -2.50 -38.32 3.16
C GLN T 41 -1.73 -37.15 2.51
N GLY T 42 -0.73 -36.64 3.24
CA GLY T 42 0.16 -35.56 2.84
C GLY T 42 -0.55 -34.34 2.29
N LEU T 43 0.03 -33.72 1.25
CA LEU T 43 -0.61 -32.58 0.59
C LEU T 43 -1.63 -33.06 -0.44
N GLN T 44 -2.88 -32.63 -0.28
CA GLN T 44 -3.97 -32.96 -1.21
C GLN T 44 -4.43 -31.65 -1.85
N PHE T 45 -4.38 -31.58 -3.19
CA PHE T 45 -4.79 -30.39 -3.94
C PHE T 45 -6.28 -30.13 -3.80
N LEU T 46 -6.67 -28.84 -3.74
CA LEU T 46 -8.07 -28.46 -3.60
C LEU T 46 -8.60 -27.75 -4.83
N ILE T 47 -8.27 -26.45 -4.99
CA ILE T 47 -8.72 -25.68 -6.15
C ILE T 47 -7.65 -24.68 -6.59
N GLN T 48 -7.52 -24.50 -7.91
CA GLN T 48 -6.63 -23.54 -8.50
C GLN T 48 -7.49 -22.46 -9.10
N TYR T 49 -7.20 -21.22 -8.73
CA TYR T 49 -7.89 -20.06 -9.28
C TYR T 49 -6.90 -19.28 -10.13
N TYR T 50 -7.37 -18.68 -11.20
CA TYR T 50 -6.51 -17.93 -12.10
C TYR T 50 -7.19 -16.66 -12.61
N ASN T 51 -6.67 -15.49 -12.17
CA ASN T 51 -7.13 -14.17 -12.60
C ASN T 51 -8.68 -14.03 -12.55
N GLY T 52 -9.26 -14.26 -11.37
CA GLY T 52 -10.69 -14.12 -11.13
C GLY T 52 -11.54 -15.36 -11.38
N GLU T 53 -11.11 -16.23 -12.32
CA GLU T 53 -11.87 -17.44 -12.66
C GLU T 53 -11.25 -18.72 -12.16
N GLU T 54 -12.06 -19.80 -12.12
CA GLU T 54 -11.59 -21.12 -11.75
C GLU T 54 -10.80 -21.69 -12.93
N ARG T 55 -9.70 -22.38 -12.64
CA ARG T 55 -8.89 -22.98 -13.69
C ARG T 55 -8.97 -24.50 -13.63
N ALA T 56 -8.68 -25.07 -12.46
CA ALA T 56 -8.73 -26.51 -12.24
C ALA T 56 -9.14 -26.85 -10.82
N LYS T 57 -10.06 -27.80 -10.71
CA LYS T 57 -10.60 -28.33 -9.46
C LYS T 57 -9.88 -29.68 -9.19
N GLY T 58 -10.03 -30.24 -8.00
CA GLY T 58 -9.37 -31.51 -7.69
C GLY T 58 -9.86 -32.30 -6.49
N ASN T 59 -10.91 -33.14 -6.72
CA ASN T 59 -11.48 -34.09 -5.73
C ASN T 59 -11.99 -33.48 -4.43
N ILE T 60 -12.40 -32.19 -4.46
CA ILE T 60 -12.96 -31.53 -3.28
C ILE T 60 -14.41 -31.96 -3.05
N LEU T 61 -15.10 -31.23 -2.19
CA LEU T 61 -16.51 -31.43 -1.92
C LEU T 61 -17.16 -30.08 -2.14
N GLU T 62 -18.45 -30.06 -2.54
CA GLU T 62 -19.18 -28.79 -2.67
C GLU T 62 -19.60 -28.36 -1.24
N ARG T 63 -18.57 -28.28 -0.45
CA ARG T 63 -18.41 -27.92 0.93
C ARG T 63 -17.30 -26.87 0.79
N PHE T 64 -16.20 -27.31 0.13
CA PHE T 64 -15.03 -26.51 -0.18
C PHE T 64 -15.30 -25.60 -1.37
N SER T 65 -15.43 -24.30 -1.10
CA SER T 65 -15.69 -23.22 -2.05
C SER T 65 -14.54 -22.22 -2.04
N ALA T 66 -14.41 -21.41 -3.12
CA ALA T 66 -13.35 -20.39 -3.22
C ALA T 66 -13.69 -19.28 -4.21
N GLN T 67 -13.08 -18.10 -4.00
CA GLN T 67 -13.25 -16.92 -4.85
C GLN T 67 -11.90 -16.23 -5.06
N GLN T 68 -11.83 -15.40 -6.10
CA GLN T 68 -10.71 -14.52 -6.43
C GLN T 68 -11.34 -13.26 -7.00
N PHE T 69 -10.85 -12.08 -6.63
CA PHE T 69 -11.45 -10.82 -7.04
C PHE T 69 -10.72 -10.20 -8.24
N PRO T 70 -11.20 -9.09 -8.88
CA PRO T 70 -10.47 -8.52 -10.03
C PRO T 70 -8.95 -8.46 -9.81
N ASP T 71 -8.52 -8.21 -8.55
CA ASP T 71 -7.12 -8.22 -8.13
C ASP T 71 -6.66 -9.67 -7.86
N LEU T 72 -5.34 -9.89 -7.81
CA LEU T 72 -4.75 -11.23 -7.61
C LEU T 72 -5.19 -12.01 -6.32
N HIS T 73 -5.71 -11.28 -5.30
CA HIS T 73 -6.15 -11.84 -3.99
C HIS T 73 -7.28 -12.86 -4.03
N SER T 74 -7.31 -13.81 -3.05
CA SER T 74 -8.33 -14.86 -2.98
C SER T 74 -8.68 -15.35 -1.56
N GLU T 75 -9.86 -16.00 -1.42
CA GLU T 75 -10.36 -16.58 -0.18
C GLU T 75 -10.84 -18.04 -0.40
N LEU T 76 -10.93 -18.83 0.68
CA LEU T 76 -11.37 -20.23 0.63
C LEU T 76 -12.49 -20.47 1.65
N ASN T 77 -13.73 -20.63 1.16
CA ASN T 77 -14.90 -20.87 1.99
C ASN T 77 -15.06 -22.35 2.28
N LEU T 78 -14.99 -22.72 3.57
CA LEU T 78 -15.17 -24.11 3.98
C LEU T 78 -16.46 -24.21 4.79
N SER T 79 -17.53 -24.70 4.15
CA SER T 79 -18.87 -24.77 4.72
C SER T 79 -19.69 -25.91 4.12
N SER T 80 -20.26 -26.82 4.95
CA SER T 80 -20.17 -26.84 6.41
C SER T 80 -19.07 -27.76 6.94
N LEU T 81 -18.22 -27.20 7.81
CA LEU T 81 -17.06 -27.85 8.43
C LEU T 81 -17.36 -29.13 9.17
N GLU T 82 -16.44 -30.10 9.11
CA GLU T 82 -16.55 -31.36 9.84
C GLU T 82 -15.25 -31.65 10.59
N LEU T 83 -15.28 -32.64 11.51
CA LEU T 83 -14.11 -33.03 12.34
C LEU T 83 -12.91 -33.48 11.50
N GLY T 84 -13.19 -34.13 10.36
CA GLY T 84 -12.18 -34.62 9.44
C GLY T 84 -11.66 -33.56 8.47
N ASP T 85 -11.99 -32.28 8.73
CA ASP T 85 -11.53 -31.14 7.92
C ASP T 85 -10.44 -30.36 8.67
N SER T 86 -9.97 -30.92 9.79
CA SER T 86 -8.94 -30.31 10.61
C SER T 86 -7.54 -30.65 10.08
N ALA T 87 -6.89 -29.66 9.44
CA ALA T 87 -5.55 -29.78 8.84
C ALA T 87 -4.93 -28.40 8.62
N LEU T 88 -3.75 -28.35 7.96
CA LEU T 88 -3.10 -27.10 7.58
C LEU T 88 -3.50 -26.81 6.14
N TYR T 89 -4.01 -25.60 5.89
CA TYR T 89 -4.47 -25.23 4.56
C TYR T 89 -3.53 -24.21 3.97
N PHE T 90 -2.74 -24.63 2.99
CA PHE T 90 -1.74 -23.76 2.36
C PHE T 90 -2.27 -23.03 1.14
N CYS T 91 -1.52 -22.04 0.70
CA CYS T 91 -1.86 -21.23 -0.45
C CYS T 91 -0.61 -21.04 -1.30
N ALA T 92 -0.70 -21.34 -2.59
CA ALA T 92 0.44 -21.21 -3.49
C ALA T 92 0.23 -20.07 -4.47
N SER T 93 1.31 -19.68 -5.17
CA SER T 93 1.25 -18.57 -6.12
C SER T 93 2.23 -18.73 -7.27
N SER T 94 1.80 -18.26 -8.45
CA SER T 94 2.57 -18.19 -9.70
C SER T 94 1.72 -17.47 -10.74
N ALA T 95 2.16 -17.49 -12.01
CA ALA T 95 1.50 -16.87 -13.17
C ALA T 95 1.84 -15.40 -13.37
N ASN T 96 3.05 -14.98 -12.95
CA ASN T 96 3.52 -13.64 -13.21
C ASN T 96 3.95 -13.59 -14.67
N PRO T 97 3.25 -12.82 -15.55
CA PRO T 97 3.64 -12.80 -16.97
C PRO T 97 4.94 -12.03 -17.22
N GLY T 98 5.76 -11.89 -16.18
CA GLY T 98 7.06 -11.24 -16.26
C GLY T 98 8.21 -12.22 -16.10
N ASP T 99 8.14 -13.07 -15.04
CA ASP T 99 9.15 -14.08 -14.70
C ASP T 99 9.42 -15.07 -15.87
N SER T 100 10.53 -15.83 -15.78
CA SER T 100 10.90 -16.81 -16.82
C SER T 100 10.63 -18.27 -16.39
N SER T 101 10.55 -18.52 -15.06
CA SER T 101 10.29 -19.86 -14.50
C SER T 101 8.85 -20.30 -14.82
N ASN T 102 7.85 -19.45 -14.48
CA ASN T 102 6.40 -19.58 -14.77
C ASN T 102 5.73 -20.90 -14.34
N GLU T 103 6.45 -21.86 -13.77
CA GLU T 103 5.79 -23.08 -13.33
C GLU T 103 6.11 -23.26 -11.87
N LYS T 104 7.24 -22.66 -11.46
CA LYS T 104 7.75 -22.61 -10.11
C LYS T 104 6.66 -22.01 -9.19
N LEU T 105 6.13 -22.83 -8.26
CA LEU T 105 5.09 -22.40 -7.34
C LEU T 105 5.69 -21.88 -6.04
N PHE T 106 4.97 -21.00 -5.34
CA PHE T 106 5.44 -20.37 -4.11
C PHE T 106 4.39 -20.44 -3.03
N PHE T 107 4.72 -21.12 -1.93
CA PHE T 107 3.79 -21.35 -0.81
C PHE T 107 3.90 -20.34 0.29
N GLY T 108 2.77 -20.08 0.94
CA GLY T 108 2.69 -19.26 2.13
C GLY T 108 2.45 -20.15 3.32
N SER T 109 2.89 -19.73 4.53
CA SER T 109 2.67 -20.53 5.74
C SER T 109 1.16 -20.52 6.06
N GLY T 110 0.49 -21.54 5.56
CA GLY T 110 -0.96 -21.70 5.62
C GLY T 110 -1.64 -21.71 6.96
N THR T 111 -2.96 -21.41 6.96
CA THR T 111 -3.84 -21.42 8.13
C THR T 111 -3.96 -22.84 8.70
N GLN T 112 -4.24 -22.94 10.01
CA GLN T 112 -4.42 -24.21 10.70
C GLN T 112 -5.84 -24.30 11.23
N LEU T 113 -6.73 -24.96 10.48
CA LEU T 113 -8.11 -25.10 10.91
C LEU T 113 -8.27 -26.28 11.84
N SER T 114 -8.88 -26.04 13.00
CA SER T 114 -9.12 -27.08 14.00
C SER T 114 -10.59 -27.06 14.40
N VAL T 115 -11.40 -27.83 13.66
CA VAL T 115 -12.84 -27.93 13.89
C VAL T 115 -13.08 -28.86 15.07
N LEU T 116 -13.78 -28.36 16.09
CA LEU T 116 -14.07 -29.14 17.28
C LEU T 116 -15.58 -29.25 17.47
N GLU T 117 -16.08 -30.47 17.76
CA GLU T 117 -17.51 -30.75 17.93
C GLU T 117 -18.17 -29.79 18.92
N ASP T 118 -17.58 -29.65 20.11
CA ASP T 118 -18.06 -28.73 21.14
C ASP T 118 -16.95 -27.75 21.48
N LEU T 119 -17.28 -26.44 21.46
CA LEU T 119 -16.32 -25.39 21.84
C LEU T 119 -16.18 -25.37 23.37
N ASN T 120 -16.89 -26.31 24.03
CA ASN T 120 -16.91 -26.50 25.48
C ASN T 120 -15.63 -27.16 26.01
N LYS T 121 -14.70 -27.56 25.10
CA LYS T 121 -13.44 -28.21 25.48
C LYS T 121 -12.18 -27.38 25.12
N VAL T 122 -12.37 -26.11 24.69
CA VAL T 122 -11.28 -25.20 24.34
C VAL T 122 -10.65 -24.66 25.64
N PHE T 123 -9.39 -25.05 25.93
CA PHE T 123 -8.73 -24.63 27.18
C PHE T 123 -7.27 -24.15 27.01
N PRO T 124 -6.92 -22.95 27.53
CA PRO T 124 -5.52 -22.49 27.46
C PRO T 124 -4.65 -23.25 28.49
N PRO T 125 -3.29 -23.25 28.38
CA PRO T 125 -2.50 -24.04 29.33
C PRO T 125 -1.97 -23.30 30.56
N GLU T 126 -1.59 -24.06 31.60
CA GLU T 126 -0.95 -23.52 32.80
C GLU T 126 0.57 -23.69 32.66
N VAL T 127 1.28 -22.56 32.62
CA VAL T 127 2.72 -22.51 32.38
C VAL T 127 3.53 -22.53 33.68
N ALA T 128 4.40 -23.54 33.83
CA ALA T 128 5.24 -23.69 35.01
C ALA T 128 6.73 -23.88 34.68
N VAL T 129 7.57 -22.92 35.08
CA VAL T 129 9.03 -22.96 34.88
C VAL T 129 9.69 -23.65 36.08
N PHE T 130 10.70 -24.49 35.82
CA PHE T 130 11.40 -25.25 36.86
C PHE T 130 12.90 -24.93 36.88
N GLU T 131 13.41 -24.61 38.09
CA GLU T 131 14.81 -24.24 38.33
C GLU T 131 15.77 -25.44 38.23
N PRO T 132 17.00 -25.24 37.67
CA PRO T 132 17.92 -26.37 37.49
C PRO T 132 18.37 -27.10 38.75
N SER T 133 19.08 -28.24 38.54
CA SER T 133 19.61 -29.08 39.62
C SER T 133 21.07 -28.73 39.89
N GLU T 134 21.44 -28.63 41.18
CA GLU T 134 22.81 -28.33 41.59
C GLU T 134 23.74 -29.51 41.30
N ALA T 135 23.16 -30.73 41.17
CA ALA T 135 23.88 -31.95 40.81
C ALA T 135 24.35 -31.86 39.37
N GLU T 136 23.53 -31.24 38.49
CA GLU T 136 23.85 -31.01 37.08
C GLU T 136 24.91 -29.91 36.96
N ILE T 137 24.74 -28.81 37.73
CA ILE T 137 25.66 -27.67 37.77
C ILE T 137 27.06 -28.11 38.23
N SER T 138 27.13 -28.99 39.25
CA SER T 138 28.38 -29.52 39.76
C SER T 138 29.03 -30.55 38.83
N HIS T 139 28.20 -31.39 38.17
CA HIS T 139 28.69 -32.45 37.29
C HIS T 139 29.09 -31.93 35.90
N THR T 140 28.12 -31.36 35.15
CA THR T 140 28.32 -30.93 33.77
C THR T 140 29.00 -29.56 33.60
N GLN T 141 28.75 -28.62 34.54
CA GLN T 141 29.18 -27.20 34.52
C GLN T 141 28.21 -26.36 33.68
N LYS T 142 26.98 -26.89 33.51
CA LYS T 142 25.88 -26.27 32.77
C LYS T 142 24.59 -26.41 33.56
N ALA T 143 23.57 -25.59 33.24
CA ALA T 143 22.28 -25.63 33.93
C ALA T 143 21.09 -25.64 32.97
N THR T 144 20.28 -26.72 33.01
CA THR T 144 19.11 -26.86 32.14
C THR T 144 17.83 -26.37 32.83
N LEU T 145 17.25 -25.28 32.30
CA LEU T 145 16.00 -24.72 32.77
C LEU T 145 14.86 -25.41 32.03
N VAL T 146 14.00 -26.14 32.76
CA VAL T 146 12.88 -26.88 32.17
C VAL T 146 11.57 -26.06 32.29
N CYS T 147 10.73 -26.07 31.22
CA CYS T 147 9.40 -25.39 31.19
C CYS T 147 8.33 -26.44 30.85
N LEU T 148 7.13 -26.27 31.43
CA LEU T 148 6.00 -27.18 31.21
C LEU T 148 4.71 -26.40 31.04
N ALA T 149 4.09 -26.53 29.86
CA ALA T 149 2.80 -25.92 29.56
C ALA T 149 1.82 -27.08 29.50
N THR T 150 0.95 -27.19 30.52
CA THR T 150 0.04 -28.33 30.63
C THR T 150 -1.44 -27.97 30.51
N GLY T 151 -2.20 -28.88 29.90
CA GLY T 151 -3.64 -28.77 29.72
C GLY T 151 -4.09 -27.74 28.71
N PHE T 152 -3.93 -28.06 27.41
CA PHE T 152 -4.37 -27.16 26.34
C PHE T 152 -5.05 -27.87 25.18
N TYR T 153 -6.10 -27.22 24.62
CA TYR T 153 -6.84 -27.74 23.49
C TYR T 153 -7.43 -26.59 22.66
N PRO T 154 -7.15 -26.52 21.34
CA PRO T 154 -6.32 -27.44 20.55
C PRO T 154 -4.83 -27.07 20.59
N ASP T 155 -3.98 -27.86 19.90
CA ASP T 155 -2.54 -27.61 19.83
C ASP T 155 -2.26 -26.37 18.96
N HIS T 156 -2.39 -25.18 19.57
CA HIS T 156 -2.20 -23.87 18.94
C HIS T 156 -1.21 -23.06 19.79
N VAL T 157 -0.16 -23.73 20.33
CA VAL T 157 0.79 -23.06 21.23
C VAL T 157 2.16 -22.80 20.60
N GLU T 158 2.73 -21.62 20.89
CA GLU T 158 4.04 -21.21 20.41
C GLU T 158 4.92 -20.90 21.61
N LEU T 159 5.65 -21.92 22.11
CA LEU T 159 6.52 -21.75 23.26
C LEU T 159 7.85 -21.10 22.84
N SER T 160 8.21 -20.00 23.51
CA SER T 160 9.43 -19.25 23.21
C SER T 160 10.17 -18.83 24.48
N TRP T 161 11.48 -19.12 24.53
CA TRP T 161 12.33 -18.75 25.67
C TRP T 161 12.84 -17.31 25.51
N TRP T 162 12.74 -16.53 26.59
CA TRP T 162 13.20 -15.15 26.62
C TRP T 162 14.21 -14.96 27.75
N VAL T 163 15.38 -14.41 27.41
CA VAL T 163 16.42 -14.11 28.39
C VAL T 163 16.70 -12.61 28.32
N ASN T 164 16.20 -11.85 29.31
CA ASN T 164 16.32 -10.39 29.43
C ASN T 164 15.61 -9.65 28.28
N GLY T 165 14.33 -9.98 28.08
CA GLY T 165 13.46 -9.34 27.08
C GLY T 165 13.83 -9.57 25.63
N LYS T 166 14.64 -10.61 25.34
CA LYS T 166 15.04 -10.95 23.99
C LYS T 166 14.79 -12.43 23.72
N GLU T 167 14.14 -12.73 22.58
CA GLU T 167 13.84 -14.11 22.16
C GLU T 167 15.15 -14.83 21.86
N VAL T 168 15.43 -15.91 22.61
CA VAL T 168 16.65 -16.71 22.43
C VAL T 168 16.36 -17.99 21.62
N HIS T 169 17.32 -18.41 20.78
CA HIS T 169 17.15 -19.59 19.93
C HIS T 169 18.14 -20.71 20.29
N SER T 170 19.40 -20.35 20.61
CA SER T 170 20.42 -21.33 20.98
C SER T 170 20.19 -21.82 22.40
N GLY T 171 20.41 -23.12 22.63
CA GLY T 171 20.20 -23.76 23.93
C GLY T 171 18.78 -24.26 24.14
N VAL T 172 17.80 -23.61 23.48
CA VAL T 172 16.37 -23.91 23.52
C VAL T 172 16.09 -25.28 22.89
N CYS T 173 15.22 -26.10 23.57
CA CYS T 173 14.85 -27.46 23.12
C CYS T 173 13.41 -27.75 23.39
N THR T 174 12.53 -27.51 22.41
CA THR T 174 11.11 -27.81 22.53
C THR T 174 10.86 -29.20 21.93
N ASP T 175 9.91 -29.96 22.52
CA ASP T 175 9.53 -31.29 22.02
C ASP T 175 8.68 -31.09 20.73
N PRO T 176 8.85 -31.94 19.68
CA PRO T 176 8.05 -31.75 18.46
C PRO T 176 6.56 -32.07 18.63
N GLN T 177 6.23 -33.20 19.29
CA GLN T 177 4.84 -33.62 19.49
C GLN T 177 4.34 -33.37 20.92
N PRO T 178 3.20 -32.67 21.09
CA PRO T 178 2.68 -32.45 22.46
C PRO T 178 1.95 -33.67 23.00
N LEU T 179 2.47 -34.21 24.12
CA LEU T 179 1.94 -35.39 24.81
C LEU T 179 0.51 -35.16 25.29
N LYS T 180 -0.39 -36.12 25.04
CA LYS T 180 -1.78 -36.00 25.48
C LYS T 180 -1.89 -36.28 26.97
N GLU T 181 -2.68 -35.45 27.70
CA GLU T 181 -2.90 -35.58 29.15
C GLU T 181 -3.59 -36.91 29.47
N GLN T 182 -4.57 -37.31 28.63
CA GLN T 182 -5.26 -38.60 28.75
C GLN T 182 -4.90 -39.41 27.49
N PRO T 183 -4.25 -40.60 27.64
CA PRO T 183 -3.79 -41.36 26.45
C PRO T 183 -4.90 -41.75 25.46
N ALA T 184 -5.61 -42.86 25.72
CA ALA T 184 -6.68 -43.33 24.83
C ALA T 184 -7.98 -42.54 25.08
N LEU T 185 -7.99 -41.28 24.62
CA LEU T 185 -9.14 -40.38 24.75
C LEU T 185 -9.15 -39.33 23.64
N ASN T 186 -10.30 -39.17 22.97
CA ASN T 186 -10.50 -38.18 21.92
C ASN T 186 -10.99 -36.89 22.57
N ASP T 187 -10.42 -35.73 22.15
CA ASP T 187 -10.71 -34.38 22.67
C ASP T 187 -9.96 -34.12 24.01
N SER T 188 -8.87 -34.89 24.27
CA SER T 188 -8.03 -34.75 25.46
C SER T 188 -7.05 -33.61 25.32
N ARG T 189 -6.77 -32.91 26.45
CA ARG T 189 -5.81 -31.80 26.50
C ARG T 189 -4.38 -32.26 26.21
N TYR T 190 -3.52 -31.33 25.74
CA TYR T 190 -2.11 -31.63 25.43
C TYR T 190 -1.18 -31.01 26.49
N ALA T 191 0.11 -31.41 26.47
CA ALA T 191 1.13 -30.92 27.41
C ALA T 191 2.53 -30.90 26.76
N LEU T 192 2.95 -29.72 26.29
CA LEU T 192 4.25 -29.52 25.64
C LEU T 192 5.34 -29.16 26.66
N SER T 193 6.55 -29.73 26.49
CA SER T 193 7.68 -29.48 27.40
C SER T 193 8.87 -28.84 26.68
N SER T 194 9.56 -27.91 27.36
CA SER T 194 10.72 -27.19 26.82
C SER T 194 11.93 -27.22 27.75
N ARG T 195 13.12 -27.06 27.18
CA ARG T 195 14.38 -27.03 27.91
C ARG T 195 15.27 -25.87 27.44
N LEU T 196 16.09 -25.32 28.35
CA LEU T 196 17.02 -24.23 28.05
C LEU T 196 18.31 -24.39 28.86
N ARG T 197 19.34 -24.99 28.24
CA ARG T 197 20.62 -25.19 28.89
C ARG T 197 21.47 -23.92 28.78
N VAL T 198 22.07 -23.50 29.90
CA VAL T 198 22.93 -22.30 29.99
C VAL T 198 24.21 -22.62 30.79
N SER T 199 25.16 -21.66 30.84
CA SER T 199 26.41 -21.82 31.59
C SER T 199 26.13 -21.75 33.10
N ALA T 200 26.93 -22.47 33.90
CA ALA T 200 26.82 -22.44 35.36
C ALA T 200 27.12 -21.01 35.83
N THR T 201 28.15 -20.38 35.22
CA THR T 201 28.56 -18.98 35.46
C THR T 201 27.40 -18.01 35.15
N PHE T 202 26.70 -18.23 34.01
CA PHE T 202 25.58 -17.42 33.55
C PHE T 202 24.34 -17.59 34.44
N TRP T 203 24.05 -18.84 34.89
CA TRP T 203 22.89 -19.13 35.75
C TRP T 203 23.07 -18.52 37.14
N GLN T 204 24.28 -18.64 37.73
CA GLN T 204 24.62 -18.11 39.07
C GLN T 204 24.43 -16.59 39.14
N ASN T 205 24.73 -15.88 38.03
CA ASN T 205 24.58 -14.43 37.93
C ASN T 205 23.09 -14.01 38.04
N PRO T 206 22.70 -13.27 39.10
CA PRO T 206 21.29 -12.85 39.22
C PRO T 206 20.88 -11.72 38.27
N ARG T 207 21.87 -11.15 37.55
CA ARG T 207 21.67 -10.07 36.56
C ARG T 207 20.91 -10.57 35.31
N ASN T 208 20.74 -11.91 35.17
CA ASN T 208 20.06 -12.52 34.04
C ASN T 208 18.65 -13.01 34.43
N HIS T 209 17.63 -12.60 33.64
CA HIS T 209 16.21 -12.93 33.88
C HIS T 209 15.64 -13.89 32.83
N PHE T 210 15.07 -15.03 33.29
CA PHE T 210 14.52 -16.08 32.43
C PHE T 210 12.99 -16.14 32.43
N ARG T 211 12.35 -15.86 31.27
CA ARG T 211 10.90 -15.94 31.13
C ARG T 211 10.47 -16.84 29.93
N CYS T 212 9.76 -17.99 30.22
CA CYS T 212 9.21 -18.98 29.28
C CYS T 212 7.83 -18.39 28.79
N GLN T 213 7.68 -18.16 27.46
CA GLN T 213 6.46 -17.56 26.87
C GLN T 213 5.64 -18.60 26.11
N VAL T 214 4.30 -18.54 26.26
CA VAL T 214 3.38 -19.44 25.56
C VAL T 214 2.23 -18.62 24.97
N GLN T 215 2.28 -18.40 23.65
CA GLN T 215 1.23 -17.68 22.92
C GLN T 215 0.20 -18.70 22.47
N PHE T 216 -1.00 -18.64 23.04
CA PHE T 216 -2.09 -19.56 22.72
C PHE T 216 -3.07 -18.89 21.78
N TYR T 217 -3.41 -19.56 20.67
CA TYR T 217 -4.35 -19.06 19.68
C TYR T 217 -5.73 -19.65 19.96
N GLY T 218 -6.64 -18.80 20.43
CA GLY T 218 -7.98 -19.20 20.81
C GLY T 218 -9.11 -18.61 20.00
N LEU T 219 -10.13 -18.09 20.69
CA LEU T 219 -11.35 -17.52 20.10
C LEU T 219 -11.19 -16.09 19.57
N SER T 220 -12.13 -15.68 18.69
CA SER T 220 -12.15 -14.36 18.04
C SER T 220 -13.23 -13.43 18.64
N GLU T 221 -13.30 -12.19 18.11
CA GLU T 221 -14.25 -11.14 18.50
C GLU T 221 -15.71 -11.52 18.16
N ASN T 222 -15.92 -12.19 17.00
CA ASN T 222 -17.24 -12.62 16.54
C ASN T 222 -17.78 -13.80 17.34
N ASP T 223 -16.88 -14.71 17.77
CA ASP T 223 -17.23 -15.87 18.59
C ASP T 223 -17.72 -15.38 19.95
N GLU T 224 -18.92 -15.81 20.36
CA GLU T 224 -19.44 -15.45 21.68
C GLU T 224 -19.41 -16.69 22.57
N TRP T 225 -18.98 -16.51 23.82
CA TRP T 225 -18.80 -17.60 24.78
C TRP T 225 -20.07 -17.90 25.57
N THR T 226 -20.47 -19.20 25.59
CA THR T 226 -21.69 -19.67 26.27
C THR T 226 -21.47 -20.02 27.74
N GLN T 227 -20.39 -20.78 28.05
CA GLN T 227 -20.07 -21.22 29.43
C GLN T 227 -19.76 -20.08 30.40
N ASP T 228 -19.95 -20.32 31.70
CA ASP T 228 -19.71 -19.35 32.78
C ASP T 228 -18.23 -19.04 32.99
N ARG T 229 -17.34 -19.99 32.61
CA ARG T 229 -15.89 -19.86 32.72
C ARG T 229 -15.33 -18.73 31.82
N ALA T 230 -14.04 -18.37 32.01
CA ALA T 230 -13.37 -17.32 31.24
C ALA T 230 -13.26 -17.69 29.76
N LYS T 231 -13.41 -16.68 28.86
CA LYS T 231 -13.34 -16.88 27.41
C LYS T 231 -11.90 -17.22 26.97
N PRO T 232 -11.71 -18.34 26.25
CA PRO T 232 -10.35 -18.71 25.83
C PRO T 232 -9.93 -18.03 24.52
N VAL T 233 -9.67 -16.71 24.59
CA VAL T 233 -9.24 -15.91 23.43
C VAL T 233 -7.74 -16.08 23.16
N THR T 234 -7.24 -15.51 22.04
CA THR T 234 -5.82 -15.57 21.69
C THR T 234 -5.02 -14.75 22.72
N GLN T 235 -4.54 -15.45 23.76
CA GLN T 235 -3.85 -14.88 24.91
C GLN T 235 -2.39 -15.34 25.00
N ILE T 236 -1.62 -14.71 25.92
CA ILE T 236 -0.23 -15.07 26.18
C ILE T 236 -0.06 -15.43 27.67
N VAL T 237 0.20 -16.72 27.94
CA VAL T 237 0.40 -17.22 29.30
C VAL T 237 1.90 -17.43 29.51
N SER T 238 2.51 -16.66 30.41
CA SER T 238 3.95 -16.71 30.65
C SER T 238 4.33 -16.89 32.11
N ALA T 239 5.47 -17.57 32.36
CA ALA T 239 6.04 -17.79 33.69
C ALA T 239 7.51 -17.41 33.66
N GLU T 240 8.01 -16.80 34.75
CA GLU T 240 9.40 -16.32 34.82
C GLU T 240 10.21 -16.86 36.00
N ALA T 241 11.54 -16.58 35.99
CA ALA T 241 12.54 -17.01 36.99
C ALA T 241 13.79 -16.10 36.94
N TRP T 242 14.59 -16.12 38.04
CA TRP T 242 15.84 -15.33 38.17
C TRP T 242 17.04 -16.26 38.47
N GLY T 243 18.24 -15.68 38.46
CA GLY T 243 19.48 -16.41 38.73
C GLY T 243 19.85 -16.50 40.19
N ARG T 244 20.25 -17.70 40.66
CA ARG T 244 20.65 -17.94 42.04
C ARG T 244 22.16 -18.14 42.18
N ALA T 245 22.82 -17.23 42.93
CA ALA T 245 24.27 -17.25 43.16
C ALA T 245 24.70 -18.41 44.07
#